data_6TU5
#
_entry.id   6TU5
#
_cell.length_a   75.512
_cell.length_b   143.173
_cell.length_c   335.372
_cell.angle_alpha   90.000
_cell.angle_beta   90.000
_cell.angle_gamma   90.000
#
_symmetry.space_group_name_H-M   'P 21 21 21'
#
loop_
_entity.id
_entity.type
_entity.pdbx_description
1 polymer 'Polymerase acidic protein'
2 polymer 'RNA-directed RNA polymerase catalytic subunit'
3 polymer 'Polymerase basic protein 2'
4 non-polymer 'MAGNESIUM ION'
#
loop_
_entity_poly.entity_id
_entity_poly.type
_entity_poly.pdbx_seq_one_letter_code
_entity_poly.pdbx_strand_id
1 'polypeptide(L)'
;MIEERFEITGTMRRLADQSLPPNFSSLENFRAYVDGFEPNGCIEGKLSQMSKEVNARIEPFLRTTPRPLRLPDGPPCSQR
SKFLLMDALKLSIEDPSHEGEGIPLYDAIKCMKTFFGWKEPNIIKPHEKGINPNYLLTWKQVLAELQDIENEEKIPRTKN
MKKTSQLKWALGENMAPEKVDFEDCKDVNDLKQYDSDEPEPRSLACWIQSEFNKACELTDSSWVELDEIGEDVAPIEHIA
SMRRNYFTAEVSHCRATEYIMKGVYINTALLNASCAAMDDFQLIPMISKCRTKEGRRKTNLYGFIIKGRSHLRNDTDVVN
FVSMEFSLTDPRLEPHKWEKYCVLEIGDMLLRTAVGQVSRPMFLYVRTNGTSKIKMKWGMEMRRCLLQSLQQIESMIEAE
SSVKEKDLTKEFFENKSETWPIGESPKGVEEGSIGKVCRTLLAKSVFNSLYASPQLEGFSAESRKLLLIVQALRDNLEPG
TFDLEGLYEAIEECLINDPWVLLNASWFNSFLTHALR
;
AAA,DDD
2 'polypeptide(L)'
;MDVNPTLLFLKVPVQNAISTTFPYTGDPPYSHGTGTGYTMDTVNRTHKYSEKGKWTTNTETGAPQLNPIDGPLPEDNEPS
GYAQTDCVLEAMAFLEESHPGIFENSCLETMEIVQQTRVDKLTQGRQTYDWTLNRNQPAATALANTIEVFRSNGLTANES
GRLIDFLKDVMDSMDKEEMEITTHFQRKRRVRDNMTKKMVTQRTIGKKKQRLNKRSYLIRALTLNTMTKDAERGKLKRRA
IATPGMQIRGFVYFVEALARSICEKLEQSGLPVGGNEKKAKLANVVRKMMTNSQDTELSFTITGDNTKWNENQNPRMFLA
MITYITRNQPEWFRNVLSIAPIMFSNKMARLGKGYMFESKSMKLRTQVPAEMLANIDLKYFNKSTREKIEKIRPLLIDGT
ASLSPGMMMGMFNMLSTVLGVSILNLGQKKYTKTTYWWDGLQSSDDFALIVNAPNHEGIQAGVDRFYRTCKLVGINMSKK
KSYINRTGTFEFTSFFYRYGFVANFSMELPSFGVSGINESADMSVGVTVIKNNMINNDLGPATAQMALQLFIKDYRYTYR
CHRGDTQIQTRRAFELKKLWEQTRSKAGLLVSDGGPNLYNIRNLHIPEVCLKWELMDEDYQGRLCNPMNPFVSHKEIDSV
NNAVVMPAHGPAKSMEYDAVATTHSWIPKRNRSILNTSQRGILEDEQMYQKCCNLFEKFFPSSSYRRPVGISSMVEAMVS
RARIDARIDFESGRIKKEEFAEIMKICSTIEELRRQK
;
BBB,EEE
3 'polypeptide(L)'
;MERIKELRDLMSQSRTREILTKTTVDHMAIIKKYTSGRQEKNPALRMKWMMAMKYPITADKRIMEMIPERNEQGQTLWSK
TNDAGSDRVMVSPLAVTWWNRNGPTTSTVHYPKVYKTYFEKVERLKHGSGSENLYFQ
;
CCC,FFF
#
# COMPACT_ATOMS: atom_id res chain seq x y z
N GLU A 3 -68.32 -32.52 -28.12
CA GLU A 3 -68.71 -33.38 -26.97
C GLU A 3 -67.47 -33.78 -26.17
N GLU A 4 -67.19 -33.08 -25.07
CA GLU A 4 -66.15 -33.47 -24.06
C GLU A 4 -66.69 -34.69 -23.28
N ARG A 5 -65.82 -35.66 -22.99
CA ARG A 5 -66.21 -36.96 -22.37
C ARG A 5 -65.04 -37.47 -21.52
N PHE A 6 -65.17 -37.37 -20.20
CA PHE A 6 -64.14 -37.75 -19.19
C PHE A 6 -64.67 -38.92 -18.36
N GLU A 7 -63.83 -39.92 -18.11
CA GLU A 7 -64.24 -41.28 -17.66
C GLU A 7 -63.47 -41.65 -16.38
N ILE A 8 -64.19 -42.12 -15.35
CA ILE A 8 -63.61 -42.76 -14.12
C ILE A 8 -63.88 -44.26 -14.21
N THR A 9 -62.84 -45.06 -14.41
CA THR A 9 -62.91 -46.54 -14.55
C THR A 9 -61.64 -47.18 -13.96
N GLY A 10 -61.61 -48.50 -13.91
CA GLY A 10 -60.46 -49.30 -13.45
C GLY A 10 -59.99 -48.84 -12.08
N THR A 11 -58.68 -48.60 -11.96
CA THR A 11 -57.97 -48.27 -10.68
C THR A 11 -58.64 -47.06 -10.01
N MET A 12 -59.08 -46.08 -10.81
CA MET A 12 -59.63 -44.79 -10.31
C MET A 12 -61.01 -45.00 -9.69
N ARG A 13 -61.89 -45.79 -10.34
CA ARG A 13 -63.27 -46.04 -9.86
C ARG A 13 -63.23 -46.76 -8.50
N ARG A 14 -62.27 -47.68 -8.31
CA ARG A 14 -62.12 -48.46 -7.05
C ARG A 14 -61.62 -47.53 -5.94
N LEU A 15 -60.82 -46.53 -6.28
CA LEU A 15 -60.37 -45.46 -5.34
C LEU A 15 -61.55 -44.52 -5.07
N ALA A 16 -62.28 -44.13 -6.12
CA ALA A 16 -63.49 -43.28 -6.04
C ALA A 16 -64.49 -43.90 -5.06
N ASP A 17 -64.67 -45.22 -5.13
CA ASP A 17 -65.65 -45.99 -4.32
C ASP A 17 -65.15 -46.12 -2.88
N GLN A 18 -63.83 -46.07 -2.67
CA GLN A 18 -63.20 -46.22 -1.33
C GLN A 18 -62.98 -44.85 -0.67
N SER A 19 -63.18 -43.76 -1.42
CA SER A 19 -62.93 -42.36 -0.97
C SER A 19 -64.26 -41.66 -0.70
N LEU A 20 -65.20 -42.35 -0.05
CA LEU A 20 -66.55 -41.84 0.29
C LEU A 20 -66.72 -41.86 1.80
N PRO A 21 -67.85 -41.34 2.33
CA PRO A 21 -68.25 -41.61 3.72
C PRO A 21 -68.40 -43.11 4.00
N PRO A 22 -68.35 -43.56 5.27
CA PRO A 22 -68.64 -44.95 5.59
C PRO A 22 -70.13 -45.20 5.32
N ASN A 23 -70.52 -46.44 4.99
CA ASN A 23 -71.90 -46.85 4.62
C ASN A 23 -72.05 -46.83 3.10
N PHE A 24 -71.48 -45.84 2.42
CA PHE A 24 -71.52 -45.68 0.94
C PHE A 24 -70.38 -46.51 0.32
N SER A 25 -70.73 -47.44 -0.56
CA SER A 25 -69.79 -48.43 -1.15
C SER A 25 -69.56 -48.18 -2.64
N SER A 26 -70.10 -47.07 -3.16
CA SER A 26 -70.24 -46.81 -4.63
C SER A 26 -70.40 -45.31 -4.89
N LEU A 27 -69.48 -44.71 -5.66
CA LEU A 27 -69.50 -43.26 -6.02
C LEU A 27 -70.87 -42.91 -6.61
N GLU A 28 -71.39 -43.75 -7.51
CA GLU A 28 -72.68 -43.54 -8.21
C GLU A 28 -73.85 -43.54 -7.20
N ASN A 29 -73.83 -44.47 -6.23
CA ASN A 29 -74.81 -44.54 -5.12
C ASN A 29 -74.81 -43.22 -4.35
N PHE A 30 -73.63 -42.77 -3.92
CA PHE A 30 -73.38 -41.52 -3.15
C PHE A 30 -73.84 -40.32 -3.98
N ARG A 31 -73.31 -40.20 -5.20
CA ARG A 31 -73.71 -39.16 -6.18
C ARG A 31 -75.24 -38.96 -6.11
N ALA A 32 -76.00 -40.06 -6.14
CA ALA A 32 -77.49 -40.07 -6.13
C ALA A 32 -78.02 -39.50 -4.81
N TYR A 33 -77.40 -39.82 -3.67
CA TYR A 33 -77.79 -39.31 -2.32
C TYR A 33 -77.72 -37.78 -2.31
N VAL A 34 -76.60 -37.24 -2.78
CA VAL A 34 -76.29 -35.78 -2.82
C VAL A 34 -77.22 -35.11 -3.84
N ASP A 35 -77.22 -35.63 -5.08
CA ASP A 35 -78.08 -35.11 -6.18
C ASP A 35 -79.49 -34.85 -5.63
N GLY A 36 -80.05 -35.80 -4.89
CA GLY A 36 -81.41 -35.71 -4.32
C GLY A 36 -81.41 -35.42 -2.83
N PHE A 37 -80.41 -34.67 -2.34
CA PHE A 37 -80.34 -34.21 -0.93
C PHE A 37 -81.13 -32.91 -0.79
N GLU A 38 -81.95 -32.80 0.25
CA GLU A 38 -82.69 -31.57 0.61
C GLU A 38 -82.54 -31.35 2.11
N PRO A 39 -82.25 -30.10 2.56
CA PRO A 39 -81.97 -29.85 3.98
C PRO A 39 -83.19 -30.06 4.90
N ASN A 40 -82.95 -30.64 6.08
CA ASN A 40 -83.99 -31.04 7.06
C ASN A 40 -83.47 -30.80 8.48
N GLY A 41 -82.98 -29.58 8.75
CA GLY A 41 -82.42 -29.18 10.05
C GLY A 41 -81.45 -30.21 10.60
N CYS A 42 -80.61 -30.77 9.73
CA CYS A 42 -79.57 -31.79 10.07
C CYS A 42 -78.59 -31.19 11.08
N ILE A 43 -78.16 -29.94 10.84
CA ILE A 43 -77.26 -29.16 11.75
C ILE A 43 -77.99 -28.95 13.09
N GLU A 44 -79.11 -28.23 13.06
CA GLU A 44 -79.92 -27.89 14.26
C GLU A 44 -80.14 -29.17 15.09
N GLY A 45 -80.34 -30.30 14.43
CA GLY A 45 -80.49 -31.63 15.06
C GLY A 45 -79.21 -32.06 15.76
N LYS A 46 -78.11 -32.21 15.00
CA LYS A 46 -76.82 -32.78 15.50
C LYS A 46 -76.21 -31.82 16.54
N LEU A 47 -76.64 -30.56 16.56
CA LEU A 47 -76.27 -29.57 17.62
C LEU A 47 -76.80 -30.08 18.97
N SER A 48 -78.09 -30.39 19.03
CA SER A 48 -78.78 -30.91 20.25
C SER A 48 -78.24 -32.29 20.63
N GLN A 49 -77.82 -33.10 19.65
CA GLN A 49 -77.21 -34.44 19.90
C GLN A 49 -75.85 -34.29 20.57
N MET A 50 -75.10 -33.22 20.24
CA MET A 50 -73.70 -33.02 20.69
C MET A 50 -73.67 -32.61 22.17
N SER A 51 -72.61 -33.02 22.87
CA SER A 51 -72.29 -32.70 24.30
C SER A 51 -72.25 -31.19 24.52
N LYS A 52 -72.75 -30.72 25.66
CA LYS A 52 -72.71 -29.30 26.10
C LYS A 52 -71.34 -28.97 26.67
N GLU A 53 -70.51 -29.99 26.94
CA GLU A 53 -69.11 -29.83 27.39
C GLU A 53 -68.27 -29.35 26.21
N VAL A 54 -68.75 -29.56 24.97
CA VAL A 54 -68.19 -28.95 23.73
C VAL A 54 -68.77 -27.54 23.58
N ASN A 55 -68.03 -26.52 24.02
CA ASN A 55 -68.46 -25.10 24.05
C ASN A 55 -67.24 -24.19 23.87
N ALA A 56 -67.48 -22.89 23.77
CA ALA A 56 -66.45 -21.83 23.69
C ALA A 56 -66.73 -20.77 24.75
N ARG A 57 -66.83 -21.21 26.01
CA ARG A 57 -67.08 -20.32 27.17
C ARG A 57 -65.97 -19.27 27.21
N ILE A 58 -66.35 -18.01 27.50
CA ILE A 58 -65.46 -16.81 27.45
C ILE A 58 -65.04 -16.43 28.87
N GLU A 59 -63.86 -16.90 29.32
CA GLU A 59 -63.16 -16.34 30.50
C GLU A 59 -62.92 -14.86 30.20
N PRO A 60 -63.45 -13.93 31.00
CA PRO A 60 -63.26 -12.50 30.74
C PRO A 60 -61.86 -12.07 31.19
N PHE A 61 -61.16 -11.29 30.35
CA PHE A 61 -59.81 -10.76 30.62
C PHE A 61 -59.92 -9.47 31.42
N LEU A 62 -59.59 -9.55 32.71
CA LEU A 62 -59.65 -8.42 33.67
C LEU A 62 -58.23 -7.88 33.87
N ARG A 63 -58.12 -6.71 34.50
CA ARG A 63 -56.85 -6.04 34.88
C ARG A 63 -56.05 -6.93 35.82
N THR A 64 -56.66 -8.00 36.35
CA THR A 64 -56.13 -8.89 37.40
C THR A 64 -55.66 -10.23 36.81
N THR A 65 -56.21 -10.66 35.65
CA THR A 65 -56.07 -12.05 35.11
C THR A 65 -54.67 -12.32 34.55
N PRO A 66 -53.96 -11.36 33.91
CA PRO A 66 -52.67 -11.67 33.27
C PRO A 66 -51.48 -11.65 34.25
N ARG A 67 -50.73 -12.75 34.31
CA ARG A 67 -49.52 -12.88 35.17
C ARG A 67 -48.28 -12.55 34.35
N PRO A 68 -47.17 -12.12 34.98
CA PRO A 68 -45.90 -11.97 34.27
C PRO A 68 -45.42 -13.31 33.69
N LEU A 69 -44.89 -13.28 32.47
CA LEU A 69 -44.25 -14.43 31.77
C LEU A 69 -43.17 -15.02 32.68
N ARG A 70 -43.05 -16.35 32.74
CA ARG A 70 -42.00 -17.04 33.53
C ARG A 70 -40.81 -17.30 32.61
N LEU A 71 -39.68 -16.62 32.89
CA LEU A 71 -38.39 -16.76 32.16
C LEU A 71 -37.61 -17.91 32.78
N PRO A 72 -36.94 -18.75 31.96
CA PRO A 72 -36.29 -19.96 32.47
C PRO A 72 -35.13 -19.68 33.44
N ASP A 73 -34.83 -20.65 34.31
CA ASP A 73 -33.65 -20.64 35.22
C ASP A 73 -32.56 -21.54 34.63
N GLY A 74 -31.32 -21.24 34.99
CA GLY A 74 -30.11 -21.89 34.45
C GLY A 74 -28.92 -20.94 34.53
N PRO A 75 -27.73 -21.36 34.04
CA PRO A 75 -26.56 -20.49 34.06
C PRO A 75 -26.79 -19.32 33.11
N PRO A 76 -26.10 -18.17 33.29
CA PRO A 76 -26.39 -16.98 32.49
C PRO A 76 -26.06 -17.19 31.00
N CYS A 77 -26.86 -16.59 30.11
CA CYS A 77 -26.77 -16.70 28.63
C CYS A 77 -25.47 -16.06 28.14
N SER A 78 -24.96 -16.51 26.99
CA SER A 78 -23.66 -16.12 26.41
C SER A 78 -23.86 -15.30 25.12
N GLN A 79 -22.88 -14.47 24.78
CA GLN A 79 -22.82 -13.68 23.51
C GLN A 79 -22.66 -14.67 22.35
N ARG A 80 -23.53 -14.55 21.34
CA ARG A 80 -23.52 -15.43 20.14
C ARG A 80 -23.56 -14.58 18.86
N SER A 81 -23.24 -13.29 18.94
CA SER A 81 -23.10 -12.40 17.76
C SER A 81 -21.79 -12.73 17.05
N LYS A 82 -21.74 -12.54 15.71
CA LYS A 82 -20.57 -12.88 14.86
C LYS A 82 -19.35 -12.07 15.29
N PHE A 83 -19.54 -10.76 15.42
CA PHE A 83 -18.50 -9.77 15.81
C PHE A 83 -18.94 -9.07 17.09
N LEU A 84 -17.98 -8.48 17.81
CA LEU A 84 -18.22 -7.71 19.05
C LEU A 84 -19.13 -6.52 18.73
N LEU A 85 -19.91 -6.07 19.70
CA LEU A 85 -20.83 -4.91 19.53
C LEU A 85 -20.33 -3.73 20.36
N MET A 86 -20.70 -3.62 21.64
CA MET A 86 -20.33 -2.46 22.49
C MET A 86 -18.88 -2.60 22.96
N ASP A 87 -18.35 -3.82 22.99
CA ASP A 87 -16.99 -4.13 23.51
C ASP A 87 -15.95 -3.89 22.41
N ALA A 88 -16.38 -3.90 21.14
CA ALA A 88 -15.51 -3.77 19.95
C ALA A 88 -14.59 -2.57 20.12
N LEU A 89 -13.37 -2.66 19.57
CA LEU A 89 -12.37 -1.56 19.54
C LEU A 89 -11.78 -1.50 18.14
N LYS A 90 -11.39 -0.30 17.70
CA LYS A 90 -10.97 -0.05 16.30
C LYS A 90 -9.69 0.79 16.30
N LEU A 91 -8.74 0.42 15.44
CA LEU A 91 -7.56 1.24 15.07
C LEU A 91 -7.94 2.02 13.81
N SER A 92 -7.90 3.35 13.88
CA SER A 92 -8.45 4.27 12.85
C SER A 92 -7.30 5.02 12.16
N ILE A 93 -7.44 5.24 10.85
CA ILE A 93 -6.60 6.18 10.05
C ILE A 93 -7.54 7.17 9.36
N GLU A 94 -7.10 8.42 9.22
CA GLU A 94 -7.75 9.46 8.38
C GLU A 94 -7.19 9.33 6.96
N ASP A 95 -8.04 8.96 6.00
CA ASP A 95 -7.65 8.71 4.59
C ASP A 95 -8.39 9.70 3.69
N PRO A 96 -7.88 10.95 3.53
CA PRO A 96 -8.63 12.00 2.86
C PRO A 96 -8.49 11.97 1.33
N SER A 97 -7.26 12.13 0.82
CA SER A 97 -6.94 12.35 -0.62
C SER A 97 -7.46 11.19 -1.47
N HIS A 98 -7.12 9.94 -1.12
CA HIS A 98 -7.71 8.71 -1.72
C HIS A 98 -9.15 8.59 -1.26
N GLU A 99 -10.10 8.88 -2.15
CA GLU A 99 -11.54 8.58 -1.98
C GLU A 99 -11.85 7.32 -2.81
N GLY A 100 -12.97 6.64 -2.50
CA GLY A 100 -13.51 5.52 -3.30
C GLY A 100 -12.82 4.20 -2.99
N GLU A 101 -13.37 3.10 -3.54
CA GLU A 101 -12.95 1.70 -3.24
C GLU A 101 -11.44 1.54 -3.41
N GLY A 102 -10.75 1.20 -2.31
CA GLY A 102 -9.29 0.98 -2.27
C GLY A 102 -8.96 -0.51 -2.15
N ILE A 103 -8.00 -0.85 -1.29
CA ILE A 103 -7.62 -2.26 -0.95
C ILE A 103 -7.71 -2.41 0.57
N PRO A 104 -8.51 -3.37 1.08
CA PRO A 104 -8.71 -3.51 2.52
C PRO A 104 -7.44 -3.98 3.25
N LEU A 105 -6.69 -4.93 2.67
CA LEU A 105 -5.47 -5.49 3.30
C LEU A 105 -4.55 -4.36 3.79
N TYR A 106 -4.32 -3.36 2.95
CA TYR A 106 -3.38 -2.24 3.20
C TYR A 106 -3.99 -1.24 4.18
N ASP A 107 -5.30 -0.96 4.03
CA ASP A 107 -6.10 -0.13 4.97
C ASP A 107 -5.89 -0.68 6.40
N ALA A 108 -5.85 -2.01 6.56
CA ALA A 108 -5.63 -2.70 7.85
C ALA A 108 -4.19 -2.45 8.32
N ILE A 109 -3.20 -2.81 7.50
CA ILE A 109 -1.74 -2.66 7.83
C ILE A 109 -1.48 -1.21 8.23
N LYS A 110 -2.06 -0.24 7.50
CA LYS A 110 -1.94 1.20 7.79
C LYS A 110 -2.48 1.48 9.21
N CYS A 111 -3.65 0.90 9.53
CA CYS A 111 -4.27 1.01 10.87
C CYS A 111 -3.35 0.38 11.92
N MET A 112 -2.94 -0.87 11.68
CA MET A 112 -2.07 -1.64 12.60
C MET A 112 -0.86 -0.81 12.99
N LYS A 113 -0.30 -0.04 12.05
CA LYS A 113 0.98 0.70 12.24
C LYS A 113 0.74 1.97 13.07
N THR A 114 -0.50 2.33 13.36
CA THR A 114 -0.83 3.49 14.23
C THR A 114 -0.72 3.10 15.70
N PHE A 115 -0.56 1.81 16.01
CA PHE A 115 -0.47 1.29 17.40
C PHE A 115 0.92 0.68 17.63
N PHE A 116 1.62 1.19 18.64
CA PHE A 116 2.99 0.77 19.03
C PHE A 116 3.00 0.35 20.50
N GLY A 117 1.97 -0.38 20.94
CA GLY A 117 1.75 -0.78 22.34
C GLY A 117 1.57 -2.27 22.52
N TRP A 118 1.92 -3.07 21.52
CA TRP A 118 1.78 -4.55 21.55
C TRP A 118 2.66 -5.12 22.66
N LYS A 119 2.06 -5.88 23.57
CA LYS A 119 2.73 -6.61 24.68
C LYS A 119 2.98 -8.05 24.22
N GLU A 120 3.82 -8.79 24.95
CA GLU A 120 3.90 -10.26 24.81
C GLU A 120 2.52 -10.81 25.16
N PRO A 121 1.78 -11.37 24.17
CA PRO A 121 0.41 -11.82 24.42
C PRO A 121 0.34 -13.00 25.39
N ASN A 122 -0.53 -12.93 26.41
CA ASN A 122 -0.83 -14.05 27.35
C ASN A 122 -2.35 -14.19 27.45
N ILE A 123 -2.82 -15.40 27.78
CA ILE A 123 -4.26 -15.75 27.91
C ILE A 123 -4.78 -15.18 29.23
N ILE A 124 -5.96 -14.55 29.20
CA ILE A 124 -6.58 -13.87 30.39
C ILE A 124 -7.81 -14.65 30.83
N LYS A 125 -8.65 -15.09 29.88
CA LYS A 125 -9.85 -15.92 30.17
C LYS A 125 -9.99 -16.95 29.05
N PRO A 126 -9.63 -18.23 29.31
CA PRO A 126 -9.61 -19.26 28.28
C PRO A 126 -10.97 -19.84 27.90
N HIS A 127 -11.03 -20.51 26.74
CA HIS A 127 -12.22 -21.24 26.22
C HIS A 127 -12.21 -22.64 26.85
N GLU A 128 -13.13 -22.90 27.77
CA GLU A 128 -13.21 -24.16 28.56
C GLU A 128 -13.17 -25.38 27.63
N LYS A 129 -13.82 -25.28 26.47
CA LYS A 129 -14.06 -26.43 25.56
C LYS A 129 -13.12 -26.36 24.35
N GLY A 130 -11.91 -25.80 24.52
CA GLY A 130 -10.98 -25.51 23.41
C GLY A 130 -9.52 -25.59 23.83
N ILE A 131 -8.63 -25.75 22.84
CA ILE A 131 -7.14 -25.74 22.97
C ILE A 131 -6.68 -24.28 22.95
N ASN A 132 -6.46 -23.70 24.12
CA ASN A 132 -6.23 -22.24 24.29
C ASN A 132 -4.88 -21.84 23.69
N PRO A 133 -3.78 -22.61 23.88
CA PRO A 133 -2.50 -22.26 23.26
C PRO A 133 -2.58 -22.02 21.74
N ASN A 134 -3.49 -22.70 21.04
CA ASN A 134 -3.71 -22.54 19.57
C ASN A 134 -4.22 -21.13 19.25
N TYR A 135 -5.12 -20.58 20.07
CA TYR A 135 -5.69 -19.23 19.90
C TYR A 135 -4.56 -18.19 20.02
N LEU A 136 -3.60 -18.43 20.93
CA LEU A 136 -2.44 -17.52 21.12
C LEU A 136 -1.51 -17.60 19.90
N LEU A 137 -1.20 -18.81 19.43
CA LEU A 137 -0.27 -19.05 18.29
C LEU A 137 -0.85 -18.38 17.03
N THR A 138 -2.17 -18.46 16.83
CA THR A 138 -2.86 -17.90 15.64
C THR A 138 -2.64 -16.38 15.61
N TRP A 139 -2.82 -15.69 16.73
CA TRP A 139 -2.64 -14.21 16.85
C TRP A 139 -1.17 -13.85 16.55
N LYS A 140 -0.23 -14.62 17.09
CA LYS A 140 1.23 -14.44 16.86
C LYS A 140 1.50 -14.63 15.36
N GLN A 141 0.84 -15.61 14.73
CA GLN A 141 0.99 -15.94 13.29
C GLN A 141 0.53 -14.76 12.45
N VAL A 142 -0.59 -14.13 12.82
CA VAL A 142 -1.13 -12.92 12.13
C VAL A 142 -0.04 -11.84 12.15
N LEU A 143 0.30 -11.35 13.35
CA LEU A 143 1.37 -10.35 13.58
C LEU A 143 2.61 -10.73 12.75
N ALA A 144 3.00 -12.00 12.77
CA ALA A 144 4.19 -12.53 12.05
C ALA A 144 4.01 -12.34 10.54
N GLU A 145 2.98 -12.95 9.97
CA GLU A 145 2.74 -13.01 8.50
C GLU A 145 2.51 -11.59 7.94
N LEU A 146 2.01 -10.65 8.75
CA LEU A 146 1.81 -9.23 8.34
C LEU A 146 3.16 -8.54 8.13
N GLN A 147 4.17 -8.87 8.95
CA GLN A 147 5.53 -8.28 8.82
C GLN A 147 6.25 -8.95 7.65
N ASP A 148 5.90 -10.21 7.34
CA ASP A 148 6.53 -11.00 6.25
C ASP A 148 6.11 -10.46 4.87
N ILE A 149 5.07 -9.62 4.77
CA ILE A 149 4.67 -9.00 3.47
C ILE A 149 5.73 -7.98 3.10
N GLU A 150 6.33 -7.31 4.09
CA GLU A 150 7.38 -6.27 3.91
C GLU A 150 8.73 -6.96 3.68
N ASN A 151 8.73 -8.27 3.41
CA ASN A 151 9.89 -9.08 2.95
C ASN A 151 9.76 -9.35 1.44
N GLU A 152 8.52 -9.46 0.95
CA GLU A 152 8.19 -9.92 -0.43
C GLU A 152 8.60 -8.84 -1.44
N GLU A 153 9.28 -9.26 -2.52
CA GLU A 153 9.74 -8.39 -3.64
C GLU A 153 8.54 -7.57 -4.17
N LYS A 154 7.44 -8.26 -4.50
CA LYS A 154 6.17 -7.65 -4.99
C LYS A 154 5.09 -7.84 -3.91
N ILE A 155 4.40 -6.77 -3.54
CA ILE A 155 3.38 -6.74 -2.45
C ILE A 155 2.10 -7.41 -2.95
N PRO A 156 1.48 -8.31 -2.17
CA PRO A 156 0.28 -9.03 -2.63
C PRO A 156 -1.01 -8.25 -2.36
N ARG A 157 -2.07 -8.53 -3.14
CA ARG A 157 -3.41 -7.89 -3.00
C ARG A 157 -4.07 -8.36 -1.70
N THR A 158 -4.07 -9.67 -1.44
CA THR A 158 -4.60 -10.30 -0.21
C THR A 158 -3.52 -11.19 0.42
N LYS A 159 -3.72 -11.59 1.68
CA LYS A 159 -2.82 -12.54 2.41
C LYS A 159 -3.53 -13.87 2.60
N ASN A 160 -2.81 -14.99 2.38
CA ASN A 160 -3.26 -16.37 2.69
C ASN A 160 -2.37 -16.92 3.81
N MET A 161 -2.94 -17.12 5.00
CA MET A 161 -2.20 -17.64 6.19
C MET A 161 -1.67 -19.03 5.87
N LYS A 162 -0.46 -19.35 6.35
CA LYS A 162 0.17 -20.69 6.21
C LYS A 162 -0.66 -21.69 7.03
N LYS A 163 -0.96 -22.86 6.45
CA LYS A 163 -1.85 -23.87 7.06
C LYS A 163 -1.09 -24.60 8.17
N THR A 164 -0.90 -23.91 9.30
CA THR A 164 -0.26 -24.43 10.54
C THR A 164 -1.21 -25.39 11.25
N SER A 165 -0.72 -26.06 12.29
CA SER A 165 -1.50 -26.94 13.19
C SER A 165 -2.64 -26.14 13.84
N GLN A 166 -2.29 -25.02 14.48
CA GLN A 166 -3.23 -24.20 15.30
C GLN A 166 -4.37 -23.69 14.41
N LEU A 167 -4.07 -23.35 13.15
CA LEU A 167 -5.08 -22.83 12.20
C LEU A 167 -5.93 -24.00 11.70
N LYS A 168 -5.27 -25.07 11.22
CA LYS A 168 -5.92 -26.34 10.84
C LYS A 168 -6.88 -26.76 11.96
N TRP A 169 -6.45 -26.63 13.23
CA TRP A 169 -7.31 -26.95 14.40
C TRP A 169 -8.52 -26.02 14.43
N ALA A 170 -8.27 -24.72 14.60
CA ALA A 170 -9.28 -23.67 14.84
C ALA A 170 -10.34 -23.69 13.73
N LEU A 171 -9.93 -23.90 12.49
CA LEU A 171 -10.84 -23.87 11.30
C LEU A 171 -11.49 -25.24 11.08
N GLY A 172 -11.16 -26.23 11.91
CA GLY A 172 -11.84 -27.54 11.96
C GLY A 172 -11.42 -28.46 10.81
N GLU A 173 -10.24 -28.23 10.23
CA GLU A 173 -9.68 -29.08 9.14
C GLU A 173 -9.53 -30.52 9.66
N ASN A 174 -10.06 -31.49 8.92
CA ASN A 174 -10.00 -32.95 9.22
C ASN A 174 -10.73 -33.25 10.54
N MET A 175 -11.86 -32.59 10.78
CA MET A 175 -12.78 -32.89 11.91
C MET A 175 -14.18 -33.25 11.39
N ALA A 176 -14.33 -33.40 10.07
CA ALA A 176 -15.58 -33.83 9.39
C ALA A 176 -15.60 -35.35 9.31
N PRO A 177 -16.53 -36.05 10.00
CA PRO A 177 -16.50 -37.51 10.09
C PRO A 177 -16.84 -38.17 8.73
N GLU A 178 -16.42 -39.42 8.53
CA GLU A 178 -16.42 -40.09 7.20
C GLU A 178 -17.82 -40.64 6.89
N LYS A 179 -18.31 -40.40 5.68
CA LYS A 179 -19.59 -40.93 5.14
C LYS A 179 -19.42 -42.42 4.89
N VAL A 180 -20.27 -43.27 5.48
CA VAL A 180 -20.15 -44.76 5.40
C VAL A 180 -21.45 -45.36 4.83
N ASP A 181 -21.43 -45.77 3.56
CA ASP A 181 -22.49 -46.56 2.88
C ASP A 181 -23.01 -47.60 3.89
N PHE A 182 -24.32 -47.70 4.08
CA PHE A 182 -24.97 -48.60 5.08
C PHE A 182 -24.87 -50.06 4.59
N GLU A 183 -24.42 -50.29 3.36
CA GLU A 183 -24.08 -51.62 2.78
C GLU A 183 -22.80 -52.15 3.44
N ASP A 184 -21.93 -51.25 3.93
CA ASP A 184 -20.60 -51.58 4.53
C ASP A 184 -20.72 -51.62 6.06
N CYS A 185 -21.29 -50.59 6.69
CA CYS A 185 -21.39 -50.42 8.17
C CYS A 185 -22.77 -50.88 8.66
N LYS A 186 -23.30 -51.97 8.09
CA LYS A 186 -24.67 -52.50 8.35
C LYS A 186 -24.88 -52.61 9.87
N ASP A 187 -24.01 -53.36 10.55
CA ASP A 187 -24.06 -53.56 12.03
C ASP A 187 -22.89 -52.79 12.67
N VAL A 188 -23.21 -51.74 13.44
CA VAL A 188 -22.24 -51.03 14.33
C VAL A 188 -22.90 -50.86 15.70
N ASN A 189 -22.23 -51.31 16.76
CA ASN A 189 -22.81 -51.49 18.11
C ASN A 189 -22.44 -50.32 19.04
N ASP A 190 -22.39 -49.11 18.49
CA ASP A 190 -22.26 -47.83 19.26
C ASP A 190 -22.68 -46.66 18.35
N LEU A 191 -23.66 -46.90 17.47
CA LEU A 191 -24.08 -45.98 16.37
C LEU A 191 -25.48 -45.45 16.69
N LYS A 192 -25.57 -44.21 17.21
CA LYS A 192 -26.85 -43.56 17.64
C LYS A 192 -27.11 -42.30 16.81
N GLN A 193 -28.39 -41.93 16.65
CA GLN A 193 -28.88 -40.89 15.72
C GLN A 193 -28.30 -39.53 16.11
N TYR A 194 -28.38 -38.55 15.20
CA TYR A 194 -27.90 -37.15 15.40
C TYR A 194 -28.71 -36.50 16.52
N ASP A 195 -28.33 -36.77 17.77
CA ASP A 195 -29.09 -36.42 19.00
C ASP A 195 -29.39 -34.91 19.02
N SER A 196 -30.55 -34.51 18.49
CA SER A 196 -31.08 -33.13 18.55
C SER A 196 -31.51 -32.85 19.99
N ASP A 197 -30.54 -32.63 20.88
CA ASP A 197 -30.70 -32.52 22.35
C ASP A 197 -31.63 -31.34 22.68
N GLU A 198 -32.37 -31.44 23.79
CA GLU A 198 -33.09 -30.32 24.43
C GLU A 198 -32.05 -29.25 24.78
N PRO A 199 -32.03 -28.09 24.10
CA PRO A 199 -30.98 -27.09 24.33
C PRO A 199 -31.06 -26.59 25.77
N GLU A 200 -30.06 -26.92 26.58
CA GLU A 200 -30.03 -26.66 28.05
C GLU A 200 -30.42 -25.22 28.32
N PRO A 201 -31.43 -24.95 29.18
CA PRO A 201 -31.92 -23.60 29.40
C PRO A 201 -30.89 -22.67 30.04
N ARG A 202 -30.95 -21.39 29.68
CA ARG A 202 -30.08 -20.30 30.20
C ARG A 202 -30.96 -19.21 30.80
N SER A 203 -30.45 -18.50 31.81
CA SER A 203 -31.12 -17.36 32.50
C SER A 203 -30.69 -16.05 31.84
N LEU A 204 -31.56 -15.05 31.89
CA LEU A 204 -31.32 -13.70 31.30
C LEU A 204 -30.25 -12.97 32.10
N ALA A 205 -29.07 -12.77 31.51
CA ALA A 205 -27.96 -11.96 32.06
C ALA A 205 -28.22 -10.47 31.79
N CYS A 206 -27.44 -9.59 32.42
CA CYS A 206 -27.66 -8.12 32.30
C CYS A 206 -27.12 -7.61 30.96
N TRP A 207 -25.98 -8.13 30.50
CA TRP A 207 -25.19 -7.55 29.37
C TRP A 207 -26.07 -7.28 28.14
N ILE A 208 -27.01 -8.19 27.81
CA ILE A 208 -27.88 -8.06 26.59
C ILE A 208 -28.57 -6.70 26.60
N GLN A 209 -29.08 -6.25 27.76
CA GLN A 209 -29.74 -4.93 27.95
C GLN A 209 -28.68 -3.83 27.76
N SER A 210 -27.51 -4.01 28.38
CA SER A 210 -26.37 -3.06 28.26
C SER A 210 -26.02 -2.89 26.78
N GLU A 211 -25.86 -4.01 26.06
CA GLU A 211 -25.51 -4.07 24.62
C GLU A 211 -26.49 -3.24 23.81
N PHE A 212 -27.79 -3.36 24.14
CA PHE A 212 -28.92 -2.70 23.43
C PHE A 212 -28.97 -1.21 23.81
N ASN A 213 -28.79 -0.90 25.09
CA ASN A 213 -28.74 0.50 25.59
C ASN A 213 -27.69 1.26 24.77
N LYS A 214 -26.52 0.63 24.57
CA LYS A 214 -25.37 1.25 23.87
C LYS A 214 -25.66 1.35 22.37
N ALA A 215 -26.54 0.49 21.86
CA ALA A 215 -26.94 0.46 20.43
C ALA A 215 -27.79 1.68 20.10
N CYS A 216 -28.58 2.17 21.06
CA CYS A 216 -29.54 3.29 20.90
C CYS A 216 -28.83 4.65 20.96
N GLU A 217 -27.55 4.67 21.34
CA GLU A 217 -26.77 5.92 21.60
C GLU A 217 -26.35 6.54 20.27
N LEU A 218 -26.01 7.83 20.31
CA LEU A 218 -25.38 8.57 19.17
C LEU A 218 -23.87 8.37 19.25
N THR A 219 -23.17 8.59 18.13
CA THR A 219 -21.69 8.60 18.04
C THR A 219 -21.24 9.92 17.43
N ASP A 220 -19.93 10.17 17.40
CA ASP A 220 -19.32 11.39 16.80
C ASP A 220 -18.95 11.07 15.34
N SER A 221 -19.75 10.26 14.65
CA SER A 221 -19.40 9.69 13.33
C SER A 221 -20.66 9.33 12.55
N SER A 222 -20.87 10.00 11.41
CA SER A 222 -21.90 9.66 10.40
C SER A 222 -21.53 8.29 9.82
N TRP A 223 -22.38 7.28 10.01
CA TRP A 223 -22.13 5.87 9.62
C TRP A 223 -22.84 5.51 8.31
N VAL A 224 -23.69 6.40 7.80
CA VAL A 224 -24.45 6.19 6.52
C VAL A 224 -24.43 7.48 5.73
N GLU A 225 -24.16 7.38 4.42
CA GLU A 225 -24.11 8.51 3.45
C GLU A 225 -24.98 8.14 2.25
N LEU A 226 -26.25 8.56 2.23
CA LEU A 226 -27.25 8.10 1.23
C LEU A 226 -27.25 9.03 0.01
N ASP A 227 -27.53 8.45 -1.17
CA ASP A 227 -27.37 9.10 -2.49
C ASP A 227 -28.44 10.18 -2.66
N GLU A 228 -28.39 10.93 -3.76
CA GLU A 228 -29.38 12.01 -4.07
C GLU A 228 -30.69 11.38 -4.50
N ILE A 229 -31.70 12.20 -4.75
CA ILE A 229 -33.08 11.78 -5.12
C ILE A 229 -33.67 12.87 -6.03
N GLY A 230 -34.61 12.50 -6.89
CA GLY A 230 -35.36 13.46 -7.72
C GLY A 230 -35.95 14.58 -6.88
N GLU A 231 -35.87 15.83 -7.39
CA GLU A 231 -36.49 17.03 -6.78
C GLU A 231 -37.96 16.67 -6.49
N ASP A 232 -38.46 17.09 -5.32
CA ASP A 232 -39.85 16.79 -4.86
C ASP A 232 -40.83 17.68 -5.64
N VAL A 233 -41.94 17.09 -6.10
CA VAL A 233 -42.98 17.76 -6.92
C VAL A 233 -44.35 17.52 -6.25
N ALA A 234 -44.89 16.31 -6.38
CA ALA A 234 -46.20 15.91 -5.82
C ALA A 234 -46.23 16.21 -4.32
N PRO A 235 -47.42 16.40 -3.70
CA PRO A 235 -47.50 16.69 -2.28
C PRO A 235 -46.87 15.59 -1.41
N ILE A 236 -47.12 14.33 -1.77
CA ILE A 236 -46.62 13.13 -1.06
C ILE A 236 -45.09 13.17 -1.02
N GLU A 237 -44.45 13.60 -2.12
CA GLU A 237 -42.99 13.64 -2.26
C GLU A 237 -42.39 14.63 -1.26
N HIS A 238 -43.03 15.79 -1.09
CA HIS A 238 -42.63 16.82 -0.09
C HIS A 238 -42.78 16.25 1.33
N ILE A 239 -43.90 15.60 1.63
CA ILE A 239 -44.16 14.98 2.96
C ILE A 239 -43.13 13.87 3.16
N ALA A 240 -42.95 13.01 2.15
CA ALA A 240 -42.04 11.85 2.19
C ALA A 240 -40.64 12.32 2.61
N SER A 241 -40.03 13.20 1.82
CA SER A 241 -38.66 13.74 2.01
C SER A 241 -38.52 14.34 3.42
N MET A 242 -39.56 15.02 3.90
CA MET A 242 -39.59 15.60 5.27
C MET A 242 -39.41 14.46 6.29
N ARG A 243 -40.27 13.45 6.23
CA ARG A 243 -40.19 12.26 7.12
C ARG A 243 -38.78 11.67 7.05
N ARG A 244 -38.36 11.26 5.85
CA ARG A 244 -37.05 10.61 5.59
C ARG A 244 -35.94 11.45 6.25
N ASN A 245 -35.77 12.70 5.84
CA ASN A 245 -34.64 13.56 6.28
C ASN A 245 -34.61 13.68 7.80
N TYR A 246 -35.75 13.97 8.43
CA TYR A 246 -35.93 14.05 9.92
C TYR A 246 -35.36 12.78 10.56
N PHE A 247 -35.78 11.61 10.04
CA PHE A 247 -35.38 10.28 10.54
C PHE A 247 -33.90 10.04 10.21
N THR A 248 -33.55 10.11 8.92
CA THR A 248 -32.16 9.97 8.41
C THR A 248 -31.22 10.81 9.27
N ALA A 249 -31.67 11.97 9.76
CA ALA A 249 -30.89 12.90 10.61
C ALA A 249 -30.58 12.26 11.96
N GLU A 250 -31.59 11.71 12.65
CA GLU A 250 -31.46 11.18 14.04
C GLU A 250 -30.78 9.80 14.04
N VAL A 251 -30.78 9.11 12.91
CA VAL A 251 -30.25 7.72 12.75
C VAL A 251 -28.81 7.78 12.21
N SER A 252 -28.51 8.79 11.40
CA SER A 252 -27.17 9.12 10.84
C SER A 252 -26.04 8.58 11.72
N HIS A 253 -25.93 9.08 12.95
CA HIS A 253 -24.74 8.91 13.84
C HIS A 253 -25.00 7.84 14.92
N CYS A 254 -26.13 7.14 14.88
CA CYS A 254 -26.54 6.12 15.88
C CYS A 254 -25.62 4.89 15.78
N ARG A 255 -25.20 4.32 16.92
CA ARG A 255 -24.27 3.16 16.97
C ARG A 255 -24.84 2.02 16.12
N ALA A 256 -26.13 1.72 16.29
CA ALA A 256 -26.84 0.67 15.52
C ALA A 256 -26.39 0.70 14.06
N THR A 257 -26.24 1.89 13.46
CA THR A 257 -25.84 2.07 12.03
C THR A 257 -24.38 1.68 11.82
N GLU A 258 -23.50 1.90 12.81
CA GLU A 258 -22.11 1.36 12.80
C GLU A 258 -22.20 -0.17 12.68
N TYR A 259 -23.02 -0.81 13.53
CA TYR A 259 -23.22 -2.28 13.54
C TYR A 259 -23.68 -2.73 12.14
N ILE A 260 -24.59 -1.97 11.52
CA ILE A 260 -25.11 -2.25 10.14
C ILE A 260 -23.91 -2.29 9.19
N MET A 261 -23.05 -1.28 9.24
CA MET A 261 -21.85 -1.18 8.36
C MET A 261 -20.91 -2.34 8.66
N LYS A 262 -20.56 -2.55 9.93
CA LYS A 262 -19.73 -3.71 10.37
C LYS A 262 -20.31 -4.98 9.72
N GLY A 263 -21.63 -5.15 9.83
CA GLY A 263 -22.39 -6.24 9.20
C GLY A 263 -22.07 -6.37 7.72
N VAL A 264 -22.32 -5.30 6.95
CA VAL A 264 -22.19 -5.29 5.46
C VAL A 264 -20.74 -5.61 5.09
N TYR A 265 -19.80 -4.75 5.50
CA TYR A 265 -18.37 -4.83 5.09
C TYR A 265 -17.82 -6.24 5.35
N ILE A 266 -17.98 -6.75 6.57
CA ILE A 266 -17.38 -8.04 7.02
C ILE A 266 -18.01 -9.19 6.22
N ASN A 267 -19.34 -9.31 6.25
CA ASN A 267 -20.08 -10.38 5.54
C ASN A 267 -19.80 -10.27 4.04
N THR A 268 -19.72 -9.05 3.48
CA THR A 268 -19.37 -8.81 2.05
C THR A 268 -17.99 -9.41 1.79
N ALA A 269 -16.98 -8.96 2.53
CA ALA A 269 -15.55 -9.35 2.39
C ALA A 269 -15.39 -10.86 2.60
N LEU A 270 -16.20 -11.46 3.48
CA LEU A 270 -16.13 -12.90 3.82
C LEU A 270 -16.69 -13.73 2.66
N LEU A 271 -17.75 -13.25 2.02
CA LEU A 271 -18.43 -13.95 0.89
C LEU A 271 -17.54 -13.86 -0.36
N ASN A 272 -16.94 -12.69 -0.61
CA ASN A 272 -16.03 -12.47 -1.77
C ASN A 272 -14.83 -13.43 -1.66
N ALA A 273 -14.28 -13.59 -0.46
CA ALA A 273 -13.16 -14.51 -0.17
C ALA A 273 -13.64 -15.97 -0.28
N SER A 274 -14.83 -16.27 0.23
CA SER A 274 -15.40 -17.64 0.28
C SER A 274 -15.55 -18.22 -1.15
N CYS A 275 -15.67 -17.36 -2.16
CA CYS A 275 -15.88 -17.75 -3.58
C CYS A 275 -14.62 -17.52 -4.42
N ALA A 276 -13.73 -16.63 -4.00
CA ALA A 276 -12.47 -16.29 -4.71
C ALA A 276 -11.37 -17.31 -4.36
N ALA A 277 -10.87 -17.27 -3.12
CA ALA A 277 -9.81 -18.17 -2.58
C ALA A 277 -10.46 -19.30 -1.78
N MET A 278 -10.98 -20.32 -2.48
CA MET A 278 -11.89 -21.34 -1.92
C MET A 278 -11.16 -22.18 -0.87
N ASP A 279 -9.97 -22.69 -1.20
CA ASP A 279 -9.21 -23.66 -0.37
C ASP A 279 -7.96 -23.02 0.22
N ASP A 280 -7.90 -21.68 0.28
CA ASP A 280 -6.82 -20.94 0.98
C ASP A 280 -7.38 -20.43 2.32
N PHE A 281 -6.54 -20.34 3.35
CA PHE A 281 -6.89 -19.74 4.66
C PHE A 281 -6.65 -18.23 4.58
N GLN A 282 -7.55 -17.50 3.93
CA GLN A 282 -7.38 -16.05 3.65
C GLN A 282 -7.55 -15.26 4.96
N LEU A 283 -6.64 -14.32 5.21
CA LEU A 283 -6.81 -13.27 6.25
C LEU A 283 -7.78 -12.23 5.69
N ILE A 284 -8.81 -11.87 6.46
CA ILE A 284 -9.90 -10.96 6.03
C ILE A 284 -10.07 -9.86 7.08
N PRO A 285 -9.48 -8.66 6.86
CA PRO A 285 -9.55 -7.58 7.84
C PRO A 285 -10.98 -7.11 8.09
N MET A 286 -11.31 -6.83 9.36
CA MET A 286 -12.64 -6.36 9.80
C MET A 286 -12.67 -4.83 9.76
N ILE A 287 -13.19 -4.26 8.66
CA ILE A 287 -13.08 -2.81 8.31
C ILE A 287 -14.46 -2.16 8.34
N SER A 288 -14.53 -0.90 8.81
CA SER A 288 -15.64 0.04 8.55
C SER A 288 -15.06 1.39 8.19
N LYS A 289 -15.92 2.30 7.72
CA LYS A 289 -15.56 3.69 7.32
C LYS A 289 -16.65 4.64 7.83
N CYS A 290 -16.26 5.87 8.18
CA CYS A 290 -17.19 6.93 8.65
C CYS A 290 -16.59 8.31 8.37
N ARG A 291 -17.45 9.32 8.19
CA ARG A 291 -17.07 10.75 8.24
C ARG A 291 -17.10 11.17 9.71
N THR A 292 -16.06 11.87 10.16
CA THR A 292 -15.91 12.40 11.54
C THR A 292 -16.93 13.52 11.75
N LYS A 293 -17.06 14.01 12.99
CA LYS A 293 -18.02 15.08 13.36
C LYS A 293 -17.59 16.40 12.68
N GLU A 294 -16.30 16.56 12.40
CA GLU A 294 -15.77 17.70 11.59
C GLU A 294 -15.89 17.36 10.09
N GLY A 295 -15.75 16.08 9.73
CA GLY A 295 -16.09 15.55 8.39
C GLY A 295 -14.87 15.28 7.54
N ARG A 296 -14.04 14.32 7.93
CA ARG A 296 -12.95 13.72 7.10
C ARG A 296 -13.19 12.22 7.00
N ARG A 297 -12.99 11.63 5.82
CA ARG A 297 -13.16 10.17 5.58
C ARG A 297 -12.13 9.43 6.43
N LYS A 298 -12.61 8.57 7.34
CA LYS A 298 -11.82 7.83 8.36
C LYS A 298 -12.07 6.33 8.20
N THR A 299 -11.01 5.53 8.04
CA THR A 299 -11.06 4.05 7.93
C THR A 299 -10.81 3.43 9.32
N ASN A 300 -11.53 2.36 9.66
CA ASN A 300 -11.47 1.69 10.99
C ASN A 300 -11.15 0.20 10.82
N LEU A 301 -10.21 -0.33 11.59
CA LEU A 301 -9.92 -1.79 11.69
C LEU A 301 -10.32 -2.28 13.09
N TYR A 302 -11.28 -3.21 13.15
CA TYR A 302 -11.84 -3.79 14.40
C TYR A 302 -11.06 -5.03 14.84
N GLY A 303 -10.35 -5.65 13.90
CA GLY A 303 -9.62 -6.93 14.10
C GLY A 303 -9.54 -7.72 12.79
N PHE A 304 -9.32 -9.03 12.88
CA PHE A 304 -9.19 -9.93 11.70
C PHE A 304 -10.11 -11.14 11.83
N ILE A 305 -10.44 -11.72 10.67
CA ILE A 305 -11.12 -13.03 10.51
C ILE A 305 -10.26 -13.86 9.56
N ILE A 306 -9.80 -15.04 9.98
CA ILE A 306 -9.15 -16.03 9.08
C ILE A 306 -10.22 -17.02 8.65
N LYS A 307 -10.31 -17.26 7.35
CA LYS A 307 -11.33 -18.11 6.69
C LYS A 307 -10.78 -19.53 6.55
N GLY A 308 -11.65 -20.55 6.60
CA GLY A 308 -11.27 -21.96 6.36
C GLY A 308 -11.45 -22.32 4.89
N ARG A 309 -11.58 -23.62 4.59
CA ARG A 309 -11.94 -24.11 3.24
C ARG A 309 -13.40 -23.76 2.97
N SER A 310 -13.69 -23.28 1.76
CA SER A 310 -15.02 -22.73 1.36
C SER A 310 -15.39 -23.24 -0.03
N HIS A 311 -15.30 -24.56 -0.24
CA HIS A 311 -15.86 -25.26 -1.43
C HIS A 311 -17.38 -25.32 -1.25
N LEU A 312 -18.05 -24.17 -1.38
CA LEU A 312 -19.50 -24.01 -1.06
C LEU A 312 -20.36 -24.41 -2.27
N ARG A 313 -21.19 -25.43 -2.12
CA ARG A 313 -22.08 -25.96 -3.19
C ARG A 313 -23.50 -25.43 -2.98
N ASN A 314 -24.03 -25.56 -1.75
CA ASN A 314 -25.38 -25.10 -1.35
C ASN A 314 -25.29 -23.74 -0.66
N ASP A 315 -26.45 -23.13 -0.37
CA ASP A 315 -26.55 -21.86 0.40
C ASP A 315 -26.44 -22.16 1.89
N THR A 316 -26.68 -23.41 2.29
CA THR A 316 -26.62 -23.90 3.70
C THR A 316 -25.20 -24.34 4.06
N ASP A 317 -24.42 -24.78 3.07
CA ASP A 317 -23.01 -25.23 3.24
C ASP A 317 -22.24 -24.20 4.06
N VAL A 318 -21.34 -24.70 4.93
CA VAL A 318 -20.70 -23.94 6.05
C VAL A 318 -19.28 -23.51 5.65
N VAL A 319 -18.85 -22.34 6.14
CA VAL A 319 -17.43 -21.84 6.13
C VAL A 319 -17.01 -21.62 7.57
N ASN A 320 -16.05 -22.41 8.07
CA ASN A 320 -15.46 -22.19 9.41
C ASN A 320 -14.47 -21.02 9.31
N PHE A 321 -14.41 -20.18 10.34
CA PHE A 321 -13.48 -19.03 10.42
C PHE A 321 -13.10 -18.79 11.88
N VAL A 322 -11.92 -18.20 12.10
CA VAL A 322 -11.46 -17.67 13.41
C VAL A 322 -11.68 -16.15 13.39
N SER A 323 -12.05 -15.57 14.54
CA SER A 323 -12.42 -14.13 14.66
C SER A 323 -11.68 -13.51 15.84
N MET A 324 -10.53 -12.86 15.55
CA MET A 324 -9.70 -12.08 16.50
C MET A 324 -10.13 -10.61 16.47
N GLU A 325 -10.68 -10.09 17.56
CA GLU A 325 -11.28 -8.73 17.64
C GLU A 325 -10.68 -7.97 18.82
N PHE A 326 -10.14 -6.77 18.58
CA PHE A 326 -9.60 -5.88 19.65
C PHE A 326 -10.75 -5.43 20.55
N SER A 327 -10.49 -5.27 21.84
CA SER A 327 -11.43 -4.69 22.84
C SER A 327 -10.67 -4.10 24.03
N LEU A 328 -11.25 -3.10 24.70
CA LEU A 328 -10.73 -2.50 25.95
C LEU A 328 -11.39 -3.17 27.14
N THR A 329 -12.51 -3.86 26.96
CA THR A 329 -13.33 -4.44 28.07
C THR A 329 -12.62 -5.67 28.63
N ASP A 330 -12.51 -5.75 29.96
CA ASP A 330 -11.88 -6.87 30.68
C ASP A 330 -12.86 -8.04 30.70
N PRO A 331 -12.50 -9.22 30.16
CA PRO A 331 -13.45 -10.33 30.07
C PRO A 331 -13.76 -11.00 31.42
N ARG A 332 -13.05 -10.61 32.48
CA ARG A 332 -13.21 -11.19 33.84
C ARG A 332 -14.35 -10.48 34.59
N LEU A 333 -14.94 -9.44 34.02
CA LEU A 333 -16.02 -8.65 34.66
C LEU A 333 -17.37 -9.36 34.47
N GLU A 334 -17.60 -9.95 33.29
CA GLU A 334 -18.83 -10.70 32.92
C GLU A 334 -18.45 -11.95 32.14
N PRO A 335 -17.66 -12.87 32.74
CA PRO A 335 -17.17 -14.05 32.02
C PRO A 335 -18.26 -14.90 31.36
N HIS A 336 -19.44 -14.97 32.00
CA HIS A 336 -20.63 -15.74 31.54
C HIS A 336 -20.96 -15.35 30.09
N LYS A 337 -20.67 -14.12 29.70
CA LYS A 337 -20.85 -13.60 28.33
C LYS A 337 -19.94 -14.36 27.37
N TRP A 338 -18.67 -14.53 27.75
CA TRP A 338 -17.57 -14.92 26.84
C TRP A 338 -17.35 -16.44 26.86
N GLU A 339 -18.40 -17.20 27.14
CA GLU A 339 -18.44 -18.68 27.09
C GLU A 339 -17.67 -19.17 25.86
N LYS A 340 -18.03 -18.68 24.67
CA LYS A 340 -17.58 -19.23 23.36
C LYS A 340 -16.19 -18.69 23.00
N TYR A 341 -15.75 -17.62 23.65
CA TYR A 341 -14.50 -16.87 23.35
C TYR A 341 -13.35 -17.36 24.24
N CYS A 342 -12.12 -17.34 23.71
CA CYS A 342 -10.84 -17.35 24.46
C CYS A 342 -10.18 -15.97 24.30
N VAL A 343 -10.19 -15.16 25.35
CA VAL A 343 -9.71 -13.74 25.31
C VAL A 343 -8.24 -13.69 25.75
N LEU A 344 -7.39 -13.02 24.96
CA LEU A 344 -5.97 -12.75 25.28
C LEU A 344 -5.83 -11.30 25.74
N GLU A 345 -4.70 -10.95 26.36
CA GLU A 345 -4.27 -9.57 26.66
C GLU A 345 -3.03 -9.28 25.81
N ILE A 346 -3.15 -8.40 24.81
CA ILE A 346 -2.21 -8.30 23.66
C ILE A 346 -1.50 -6.96 23.60
N GLY A 347 -1.73 -6.04 24.56
CA GLY A 347 -1.09 -4.72 24.54
C GLY A 347 -1.74 -3.72 25.49
N ASP A 348 -1.16 -2.53 25.60
CA ASP A 348 -1.66 -1.42 26.47
C ASP A 348 -1.86 -0.16 25.64
N MET A 349 -3.04 0.46 25.78
CA MET A 349 -3.39 1.78 25.20
C MET A 349 -3.15 2.84 26.28
N LEU A 350 -2.72 4.03 25.87
CA LEU A 350 -2.46 5.19 26.76
C LEU A 350 -3.40 6.32 26.34
N LEU A 351 -4.13 6.90 27.29
CA LEU A 351 -5.07 8.04 27.07
C LEU A 351 -4.67 9.17 28.03
N ARG A 352 -3.97 10.20 27.54
CA ARG A 352 -3.51 11.36 28.35
C ARG A 352 -4.63 12.40 28.38
N THR A 353 -5.57 12.23 29.33
CA THR A 353 -6.84 13.00 29.41
C THR A 353 -6.67 14.23 30.31
N ALA A 354 -7.71 15.07 30.37
CA ALA A 354 -7.71 16.40 31.02
C ALA A 354 -7.31 16.26 32.49
N VAL A 355 -7.64 15.12 33.12
CA VAL A 355 -7.41 14.84 34.57
C VAL A 355 -6.21 13.90 34.73
N GLY A 356 -5.32 13.81 33.73
CA GLY A 356 -4.05 13.06 33.85
C GLY A 356 -3.94 11.90 32.86
N GLN A 357 -2.99 10.98 33.13
CA GLN A 357 -2.59 9.86 32.24
C GLN A 357 -3.36 8.60 32.65
N VAL A 358 -4.02 7.94 31.69
CA VAL A 358 -4.81 6.69 31.94
C VAL A 358 -4.33 5.60 30.98
N SER A 359 -3.49 4.69 31.45
CA SER A 359 -3.09 3.46 30.71
C SER A 359 -4.17 2.40 30.92
N ARG A 360 -4.70 1.87 29.82
CA ARG A 360 -5.72 0.78 29.82
C ARG A 360 -5.14 -0.39 29.02
N PRO A 361 -5.37 -1.64 29.44
CA PRO A 361 -4.91 -2.79 28.67
C PRO A 361 -5.83 -3.09 27.48
N MET A 362 -5.27 -3.56 26.37
CA MET A 362 -5.99 -3.97 25.13
C MET A 362 -6.06 -5.50 25.08
N PHE A 363 -7.27 -6.05 24.89
CA PHE A 363 -7.56 -7.51 24.82
C PHE A 363 -7.90 -7.92 23.38
N LEU A 364 -8.02 -9.23 23.15
CA LEU A 364 -8.31 -9.83 21.83
C LEU A 364 -9.27 -11.02 22.00
N TYR A 365 -10.56 -10.78 21.78
CA TYR A 365 -11.63 -11.79 21.89
C TYR A 365 -11.57 -12.69 20.66
N VAL A 366 -10.87 -13.83 20.79
CA VAL A 366 -10.69 -14.84 19.71
C VAL A 366 -11.70 -15.98 19.96
N ARG A 367 -12.39 -16.42 18.91
CA ARG A 367 -13.34 -17.56 18.99
C ARG A 367 -13.39 -18.26 17.63
N THR A 368 -13.63 -19.57 17.67
CA THR A 368 -14.00 -20.40 16.50
C THR A 368 -15.46 -20.08 16.19
N ASN A 369 -15.86 -20.23 14.91
CA ASN A 369 -17.16 -19.76 14.40
C ASN A 369 -17.33 -20.26 12.96
N GLY A 370 -18.55 -20.15 12.44
CA GLY A 370 -18.89 -20.56 11.06
C GLY A 370 -20.05 -19.74 10.53
N THR A 371 -20.32 -19.84 9.23
CA THR A 371 -21.37 -19.07 8.52
C THR A 371 -21.61 -19.71 7.15
N SER A 372 -22.72 -19.36 6.50
CA SER A 372 -23.15 -19.90 5.19
C SER A 372 -23.51 -18.74 4.26
N LYS A 373 -23.56 -18.98 2.95
CA LYS A 373 -23.91 -17.96 1.93
C LYS A 373 -25.19 -17.23 2.37
N ILE A 374 -26.18 -17.98 2.86
CA ILE A 374 -27.50 -17.42 3.30
C ILE A 374 -27.27 -16.43 4.46
N LYS A 375 -26.48 -16.82 5.46
CA LYS A 375 -26.25 -16.01 6.70
C LYS A 375 -25.34 -14.82 6.37
N MET A 376 -24.44 -14.97 5.40
CA MET A 376 -23.54 -13.87 4.94
C MET A 376 -24.41 -12.86 4.18
N LYS A 377 -25.19 -13.31 3.19
CA LYS A 377 -26.15 -12.46 2.44
C LYS A 377 -27.00 -11.67 3.44
N TRP A 378 -27.59 -12.36 4.42
CA TRP A 378 -28.39 -11.77 5.52
C TRP A 378 -27.67 -10.53 6.08
N GLY A 379 -26.40 -10.69 6.46
CA GLY A 379 -25.57 -9.62 7.03
C GLY A 379 -25.27 -8.53 6.01
N MET A 380 -25.13 -8.90 4.73
CA MET A 380 -24.82 -7.98 3.61
C MET A 380 -26.03 -7.07 3.35
N GLU A 381 -27.24 -7.56 3.64
CA GLU A 381 -28.50 -6.85 3.36
C GLU A 381 -29.00 -6.18 4.65
N MET A 382 -28.12 -5.89 5.60
CA MET A 382 -28.48 -5.39 6.95
C MET A 382 -28.95 -3.92 6.89
N ARG A 383 -28.72 -3.24 5.76
CA ARG A 383 -29.19 -1.85 5.56
C ARG A 383 -30.71 -1.81 5.57
N ARG A 384 -31.39 -2.94 5.31
CA ARG A 384 -32.88 -3.01 5.30
C ARG A 384 -33.40 -2.61 6.68
N CYS A 385 -32.62 -2.85 7.73
CA CYS A 385 -32.89 -2.38 9.12
C CYS A 385 -33.26 -0.88 9.10
N LEU A 386 -32.63 -0.08 8.25
CA LEU A 386 -32.93 1.37 8.12
C LEU A 386 -34.37 1.51 7.59
N LEU A 387 -34.72 0.77 6.53
CA LEU A 387 -36.06 0.81 5.90
C LEU A 387 -37.10 0.34 6.91
N GLN A 388 -36.81 -0.77 7.59
CA GLN A 388 -37.74 -1.39 8.58
C GLN A 388 -38.02 -0.36 9.68
N SER A 389 -36.99 0.36 10.09
CA SER A 389 -37.01 1.35 11.20
C SER A 389 -37.85 2.57 10.78
N LEU A 390 -37.58 3.10 9.59
CA LEU A 390 -38.31 4.26 8.98
C LEU A 390 -39.79 3.91 8.78
N GLN A 391 -40.10 2.72 8.28
CA GLN A 391 -41.48 2.27 8.00
C GLN A 391 -42.31 2.23 9.29
N GLN A 392 -41.71 1.81 10.41
CA GLN A 392 -42.38 1.76 11.74
C GLN A 392 -42.75 3.19 12.15
N ILE A 393 -41.76 4.10 12.09
CA ILE A 393 -41.93 5.55 12.37
C ILE A 393 -42.98 6.11 11.42
N GLU A 394 -42.87 5.84 10.13
CA GLU A 394 -43.77 6.38 9.07
C GLU A 394 -45.19 5.88 9.31
N SER A 395 -45.36 4.59 9.61
CA SER A 395 -46.67 3.90 9.79
C SER A 395 -47.41 4.45 11.03
N MET A 396 -46.67 4.67 12.13
CA MET A 396 -47.22 5.25 13.38
C MET A 396 -47.79 6.64 13.09
N ILE A 397 -46.99 7.51 12.49
CA ILE A 397 -47.38 8.91 12.12
C ILE A 397 -48.63 8.85 11.24
N GLU A 398 -48.59 8.06 10.16
CA GLU A 398 -49.75 7.84 9.25
C GLU A 398 -50.99 7.51 10.10
N ALA A 399 -50.84 6.65 11.10
CA ALA A 399 -51.94 6.13 11.95
C ALA A 399 -52.40 7.20 12.96
N GLU A 400 -51.48 7.82 13.70
CA GLU A 400 -51.79 8.86 14.73
C GLU A 400 -52.38 10.10 14.05
N SER A 401 -52.07 10.31 12.76
CA SER A 401 -52.59 11.42 11.92
C SER A 401 -54.02 11.10 11.46
N SER A 402 -54.36 9.83 11.21
CA SER A 402 -55.68 9.38 10.71
C SER A 402 -56.79 9.94 11.58
N VAL A 403 -56.67 9.81 12.90
CA VAL A 403 -57.72 10.21 13.89
C VAL A 403 -57.98 11.72 13.78
N LYS A 404 -56.92 12.53 13.71
CA LYS A 404 -57.01 14.02 13.57
C LYS A 404 -57.33 14.42 12.12
N GLU A 405 -56.91 13.60 11.15
CA GLU A 405 -57.07 13.79 9.68
C GLU A 405 -55.95 14.66 9.10
N LYS A 406 -55.07 15.24 9.94
CA LYS A 406 -53.95 16.10 9.49
C LYS A 406 -52.61 15.42 9.83
N ASP A 407 -51.64 15.52 8.91
CA ASP A 407 -50.28 14.91 8.99
C ASP A 407 -49.52 15.47 10.19
N LEU A 408 -49.00 14.60 11.05
CA LEU A 408 -48.34 14.98 12.33
C LEU A 408 -46.80 14.93 12.19
N THR A 409 -46.29 14.67 10.99
CA THR A 409 -44.85 14.44 10.72
C THR A 409 -44.04 15.55 11.40
N LYS A 410 -44.42 16.82 11.20
CA LYS A 410 -43.62 17.97 11.68
C LYS A 410 -43.70 18.03 13.21
N GLU A 411 -44.89 17.96 13.80
CA GLU A 411 -45.09 18.04 15.26
C GLU A 411 -44.18 17.02 15.95
N PHE A 412 -44.36 15.73 15.62
CA PHE A 412 -43.61 14.58 16.21
C PHE A 412 -42.14 14.95 16.39
N PHE A 413 -41.49 15.34 15.29
CA PHE A 413 -40.02 15.55 15.19
C PHE A 413 -39.60 16.90 15.80
N GLU A 414 -40.42 17.94 15.71
CA GLU A 414 -40.06 19.30 16.17
C GLU A 414 -40.36 19.48 17.66
N ASN A 415 -41.24 18.65 18.23
CA ASN A 415 -41.60 18.66 19.68
C ASN A 415 -40.33 18.44 20.51
N LYS A 416 -39.78 19.53 21.06
CA LYS A 416 -38.49 19.52 21.80
C LYS A 416 -38.72 19.08 23.25
N SER A 417 -39.95 18.69 23.60
CA SER A 417 -40.29 18.10 24.92
C SER A 417 -40.21 16.56 24.82
N GLU A 418 -39.55 15.90 25.78
CA GLU A 418 -39.35 14.42 25.81
C GLU A 418 -40.63 13.73 26.29
N THR A 419 -41.41 13.14 25.38
CA THR A 419 -42.84 12.77 25.61
C THR A 419 -43.11 11.29 25.34
N TRP A 420 -42.19 10.54 24.72
CA TRP A 420 -42.40 9.12 24.34
C TRP A 420 -41.83 8.20 25.41
N PRO A 421 -42.65 7.36 26.09
CA PRO A 421 -42.15 6.39 27.06
C PRO A 421 -41.37 5.29 26.33
N ILE A 422 -40.08 5.16 26.63
CA ILE A 422 -39.11 4.36 25.83
C ILE A 422 -38.17 3.55 26.73
N GLY A 423 -38.17 3.81 28.04
CA GLY A 423 -37.22 3.18 28.96
C GLY A 423 -37.70 3.20 30.40
N GLU A 424 -36.95 2.53 31.29
CA GLU A 424 -37.29 2.38 32.73
C GLU A 424 -36.08 2.75 33.58
N SER A 425 -36.32 3.24 34.79
CA SER A 425 -35.31 3.53 35.84
C SER A 425 -35.88 3.14 37.21
N PRO A 426 -35.07 3.13 38.29
CA PRO A 426 -35.57 2.82 39.63
C PRO A 426 -36.88 3.52 40.03
N LYS A 427 -37.08 4.79 39.63
CA LYS A 427 -38.33 5.56 39.80
C LYS A 427 -39.48 4.86 39.06
N GLY A 428 -39.27 4.61 37.76
CA GLY A 428 -40.24 4.00 36.85
C GLY A 428 -40.00 4.40 35.40
N VAL A 429 -41.07 4.41 34.59
CA VAL A 429 -41.01 4.61 33.11
C VAL A 429 -40.49 6.01 32.82
N GLU A 430 -39.34 6.13 32.14
CA GLU A 430 -38.74 7.43 31.73
C GLU A 430 -39.02 7.60 30.23
N GLU A 431 -39.41 8.81 29.82
CA GLU A 431 -39.77 9.15 28.42
C GLU A 431 -38.55 9.78 27.73
N GLY A 432 -38.58 9.88 26.40
CA GLY A 432 -37.48 10.41 25.58
C GLY A 432 -37.98 11.15 24.36
N SER A 433 -37.08 11.64 23.51
CA SER A 433 -37.38 12.38 22.25
C SER A 433 -37.82 11.39 21.17
N ILE A 434 -38.52 11.87 20.15
CA ILE A 434 -38.84 11.12 18.90
C ILE A 434 -37.54 10.58 18.30
N GLY A 435 -36.45 11.35 18.44
CA GLY A 435 -35.11 10.93 18.01
C GLY A 435 -34.66 9.67 18.72
N LYS A 436 -34.85 9.62 20.04
CA LYS A 436 -34.54 8.43 20.88
C LYS A 436 -35.38 7.25 20.39
N VAL A 437 -36.64 7.49 20.00
CA VAL A 437 -37.57 6.43 19.50
C VAL A 437 -37.04 5.88 18.17
N CYS A 438 -36.61 6.75 17.26
CA CYS A 438 -36.05 6.35 15.94
C CYS A 438 -34.87 5.40 16.14
N ARG A 439 -33.88 5.81 16.93
CA ARG A 439 -32.65 5.02 17.23
C ARG A 439 -33.03 3.73 17.95
N THR A 440 -33.94 3.81 18.92
CA THR A 440 -34.45 2.64 19.68
C THR A 440 -35.08 1.64 18.70
N LEU A 441 -35.94 2.10 17.80
CA LEU A 441 -36.61 1.25 16.79
C LEU A 441 -35.58 0.70 15.80
N LEU A 442 -34.49 1.43 15.55
CA LEU A 442 -33.41 0.98 14.63
C LEU A 442 -32.62 -0.14 15.30
N ALA A 443 -32.14 0.11 16.53
CA ALA A 443 -31.47 -0.88 17.39
C ALA A 443 -32.27 -2.19 17.40
N LYS A 444 -33.59 -2.09 17.55
CA LYS A 444 -34.52 -3.25 17.61
C LYS A 444 -34.41 -4.05 16.30
N SER A 445 -34.51 -3.37 15.15
CA SER A 445 -34.44 -3.97 13.79
C SER A 445 -33.09 -4.63 13.58
N VAL A 446 -32.02 -4.02 14.12
CA VAL A 446 -30.61 -4.45 13.97
C VAL A 446 -30.38 -5.71 14.80
N PHE A 447 -30.74 -5.67 16.09
CA PHE A 447 -30.67 -6.83 17.02
C PHE A 447 -31.59 -7.95 16.52
N ASN A 448 -32.78 -7.61 16.05
CA ASN A 448 -33.73 -8.58 15.42
C ASN A 448 -32.99 -9.30 14.30
N SER A 449 -32.12 -8.61 13.56
CA SER A 449 -31.27 -9.22 12.50
C SER A 449 -30.11 -9.99 13.14
N LEU A 450 -29.28 -9.31 13.94
CA LEU A 450 -28.04 -9.88 14.55
C LEU A 450 -28.36 -11.17 15.32
N TYR A 451 -29.41 -11.17 16.14
CA TYR A 451 -29.78 -12.31 17.03
C TYR A 451 -31.00 -13.05 16.46
N ALA A 452 -31.17 -13.03 15.13
CA ALA A 452 -32.30 -13.67 14.41
C ALA A 452 -32.33 -15.16 14.74
N SER A 453 -33.46 -15.64 15.26
CA SER A 453 -33.67 -17.04 15.70
C SER A 453 -35.14 -17.40 15.49
N PRO A 454 -35.49 -18.70 15.34
CA PRO A 454 -36.89 -19.10 15.32
C PRO A 454 -37.60 -18.81 16.65
N GLN A 455 -36.86 -18.90 17.77
CA GLN A 455 -37.37 -18.59 19.12
C GLN A 455 -37.96 -17.17 19.12
N LEU A 456 -37.30 -16.22 18.47
CA LEU A 456 -37.75 -14.81 18.32
C LEU A 456 -39.05 -14.79 17.50
N GLU A 457 -39.03 -15.34 16.28
CA GLU A 457 -40.21 -15.47 15.38
C GLU A 457 -41.43 -15.88 16.20
N GLY A 458 -41.34 -16.98 16.93
CA GLY A 458 -42.42 -17.52 17.79
C GLY A 458 -42.87 -16.49 18.81
N PHE A 459 -41.95 -16.05 19.67
CA PHE A 459 -42.22 -15.11 20.80
C PHE A 459 -42.86 -13.82 20.28
N SER A 460 -42.40 -13.33 19.13
CA SER A 460 -42.97 -12.15 18.44
C SER A 460 -44.45 -12.40 18.15
N ALA A 461 -44.76 -13.53 17.53
CA ALA A 461 -46.09 -13.88 16.98
C ALA A 461 -47.10 -14.09 18.12
N GLU A 462 -46.73 -14.87 19.13
CA GLU A 462 -47.64 -15.30 20.23
C GLU A 462 -47.86 -14.14 21.21
N SER A 463 -46.80 -13.41 21.56
CA SER A 463 -46.87 -12.25 22.49
C SER A 463 -47.77 -11.17 21.88
N ARG A 464 -47.68 -10.98 20.58
CA ARG A 464 -48.51 -10.01 19.81
C ARG A 464 -49.97 -10.16 20.23
N LYS A 465 -50.49 -11.39 20.26
CA LYS A 465 -51.89 -11.68 20.67
C LYS A 465 -52.13 -11.09 22.06
N LEU A 466 -51.27 -11.42 23.03
CA LEU A 466 -51.45 -10.99 24.44
C LEU A 466 -51.43 -9.45 24.50
N LEU A 467 -50.54 -8.80 23.74
CA LEU A 467 -50.45 -7.32 23.63
C LEU A 467 -51.80 -6.75 23.20
N LEU A 468 -52.32 -7.24 22.06
CA LEU A 468 -53.59 -6.78 21.44
C LEU A 468 -54.76 -6.99 22.39
N ILE A 469 -54.77 -8.09 23.14
CA ILE A 469 -55.77 -8.36 24.22
C ILE A 469 -55.65 -7.24 25.26
N VAL A 470 -54.45 -6.99 25.77
CA VAL A 470 -54.19 -5.94 26.81
C VAL A 470 -54.67 -4.59 26.27
N GLN A 471 -54.41 -4.31 24.99
CA GLN A 471 -54.82 -3.04 24.32
C GLN A 471 -56.34 -2.90 24.41
N ALA A 472 -57.08 -3.97 24.11
CA ALA A 472 -58.55 -4.05 24.21
C ALA A 472 -59.00 -3.77 25.66
N LEU A 473 -58.27 -4.26 26.66
CA LEU A 473 -58.57 -4.02 28.10
C LEU A 473 -58.42 -2.53 28.40
N ARG A 474 -57.44 -1.86 27.80
CA ARG A 474 -57.17 -0.41 28.00
C ARG A 474 -58.21 0.41 27.23
N ASP A 475 -58.72 -0.13 26.13
CA ASP A 475 -59.79 0.49 25.29
C ASP A 475 -61.17 0.26 25.94
N ASN A 476 -61.25 -0.47 27.06
CA ASN A 476 -62.51 -0.80 27.76
C ASN A 476 -63.45 -1.45 26.75
N LEU A 477 -62.96 -2.48 26.03
CA LEU A 477 -63.73 -3.24 25.01
C LEU A 477 -64.04 -4.64 25.53
N GLU A 478 -64.17 -4.79 26.86
CA GLU A 478 -64.64 -6.03 27.53
C GLU A 478 -63.97 -7.23 26.86
N PRO A 479 -62.63 -7.29 26.83
CA PRO A 479 -61.91 -8.37 26.17
C PRO A 479 -62.14 -9.70 26.89
N GLY A 480 -62.14 -10.79 26.13
CA GLY A 480 -62.32 -12.16 26.63
C GLY A 480 -61.41 -13.14 25.91
N THR A 481 -60.97 -14.18 26.61
CA THR A 481 -60.08 -15.24 26.08
C THR A 481 -60.83 -16.58 26.11
N PHE A 482 -60.28 -17.59 25.44
CA PHE A 482 -60.88 -18.95 25.34
C PHE A 482 -59.96 -19.97 26.02
N ASP A 483 -58.64 -19.81 25.89
CA ASP A 483 -57.61 -20.67 26.54
C ASP A 483 -56.37 -19.82 26.82
N LEU A 484 -56.49 -18.86 27.75
CA LEU A 484 -55.42 -17.88 28.08
C LEU A 484 -54.17 -18.62 28.59
N GLU A 485 -54.34 -19.68 29.38
CA GLU A 485 -53.22 -20.47 29.93
C GLU A 485 -52.49 -21.15 28.76
N GLY A 486 -53.23 -21.54 27.72
CA GLY A 486 -52.69 -22.13 26.47
C GLY A 486 -51.79 -21.16 25.72
N LEU A 487 -52.20 -19.90 25.63
CA LEU A 487 -51.44 -18.81 24.94
C LEU A 487 -50.10 -18.61 25.65
N TYR A 488 -50.11 -18.47 26.98
CA TYR A 488 -48.91 -18.28 27.83
C TYR A 488 -47.93 -19.42 27.58
N GLU A 489 -48.41 -20.68 27.60
CA GLU A 489 -47.57 -21.89 27.42
C GLU A 489 -46.88 -21.80 26.06
N ALA A 490 -47.57 -21.31 25.03
CA ALA A 490 -47.04 -21.12 23.66
C ALA A 490 -45.98 -20.02 23.62
N ILE A 491 -46.20 -18.91 24.32
CA ILE A 491 -45.23 -17.78 24.47
C ILE A 491 -43.99 -18.32 25.18
N GLU A 492 -44.18 -18.94 26.35
CA GLU A 492 -43.10 -19.37 27.28
C GLU A 492 -42.32 -20.53 26.64
N GLU A 493 -42.96 -21.32 25.79
CA GLU A 493 -42.34 -22.43 25.02
C GLU A 493 -41.15 -21.90 24.20
N CYS A 494 -41.16 -20.61 23.84
CA CYS A 494 -40.13 -19.95 22.99
C CYS A 494 -38.94 -19.46 23.84
N LEU A 495 -39.14 -19.28 25.16
CA LEU A 495 -38.13 -18.72 26.09
C LEU A 495 -37.26 -19.86 26.66
N ILE A 496 -36.09 -20.08 26.05
CA ILE A 496 -35.17 -21.21 26.40
C ILE A 496 -33.82 -20.65 26.85
N ASN A 497 -33.02 -20.14 25.90
CA ASN A 497 -31.59 -19.77 26.14
C ASN A 497 -31.16 -18.52 25.35
N ASP A 498 -31.95 -18.06 24.36
CA ASP A 498 -31.54 -16.93 23.47
C ASP A 498 -31.62 -15.64 24.28
N PRO A 499 -30.48 -14.93 24.46
CA PRO A 499 -30.46 -13.73 25.31
C PRO A 499 -31.42 -12.64 24.81
N TRP A 500 -31.55 -12.53 23.49
CA TRP A 500 -32.35 -11.47 22.81
C TRP A 500 -33.84 -11.72 23.08
N VAL A 501 -34.33 -12.93 22.83
CA VAL A 501 -35.75 -13.32 23.03
C VAL A 501 -36.08 -13.21 24.54
N LEU A 502 -35.11 -13.47 25.41
CA LEU A 502 -35.28 -13.42 26.90
C LEU A 502 -35.45 -11.96 27.35
N LEU A 503 -34.65 -11.04 26.81
CA LEU A 503 -34.75 -9.58 27.11
C LEU A 503 -36.13 -9.10 26.63
N ASN A 504 -36.56 -9.49 25.43
CA ASN A 504 -37.87 -9.09 24.84
C ASN A 504 -39.01 -9.52 25.78
N ALA A 505 -38.86 -10.68 26.43
CA ALA A 505 -39.84 -11.21 27.39
C ALA A 505 -39.77 -10.42 28.70
N SER A 506 -38.57 -10.06 29.16
CA SER A 506 -38.36 -9.14 30.31
C SER A 506 -39.03 -7.80 29.99
N TRP A 507 -38.82 -7.30 28.76
CA TRP A 507 -39.41 -6.04 28.24
C TRP A 507 -40.93 -6.14 28.30
N PHE A 508 -41.49 -7.30 27.96
CA PHE A 508 -42.95 -7.54 28.04
C PHE A 508 -43.42 -7.37 29.49
N ASN A 509 -42.93 -8.20 30.41
CA ASN A 509 -43.29 -8.18 31.86
C ASN A 509 -43.19 -6.73 32.36
N SER A 510 -42.12 -6.03 31.98
CA SER A 510 -41.85 -4.61 32.33
C SER A 510 -43.01 -3.72 31.87
N PHE A 511 -43.50 -3.94 30.64
CA PHE A 511 -44.65 -3.20 30.05
C PHE A 511 -45.94 -3.58 30.79
N LEU A 512 -46.17 -4.88 30.94
CA LEU A 512 -47.45 -5.45 31.43
C LEU A 512 -47.78 -4.89 32.82
N THR A 513 -46.76 -4.60 33.65
CA THR A 513 -46.96 -4.04 35.01
C THR A 513 -47.48 -2.60 34.90
N HIS A 514 -46.88 -1.78 34.04
CA HIS A 514 -47.27 -0.35 33.85
C HIS A 514 -48.57 -0.24 33.04
N ALA A 515 -48.87 -1.22 32.19
CA ALA A 515 -50.03 -1.21 31.27
C ALA A 515 -51.33 -1.42 32.05
N LEU A 516 -51.24 -1.97 33.27
CA LEU A 516 -52.41 -2.26 34.16
C LEU A 516 -52.33 -1.37 35.39
N ARG A 517 -52.81 -0.13 35.27
CA ARG A 517 -52.75 0.95 36.29
C ARG A 517 -53.87 1.96 36.02
N MET B 1 -31.46 5.22 32.62
CA MET B 1 -32.61 4.72 31.81
C MET B 1 -32.18 3.47 31.04
N ASP B 2 -32.86 2.34 31.27
CA ASP B 2 -32.80 1.11 30.43
C ASP B 2 -33.85 1.20 29.32
N VAL B 3 -33.41 1.19 28.06
CA VAL B 3 -34.29 1.33 26.88
C VAL B 3 -35.08 0.03 26.71
N ASN B 4 -36.41 0.17 26.60
CA ASN B 4 -37.40 -0.90 26.44
C ASN B 4 -38.39 -0.45 25.37
N PRO B 5 -38.27 -0.92 24.10
CA PRO B 5 -39.14 -0.44 23.02
C PRO B 5 -40.62 -0.67 23.30
N THR B 6 -40.97 -1.75 23.99
CA THR B 6 -42.36 -2.19 24.25
C THR B 6 -43.11 -1.13 25.07
N LEU B 7 -42.40 -0.28 25.82
CA LEU B 7 -43.02 0.80 26.65
C LEU B 7 -43.63 1.90 25.75
N LEU B 8 -43.34 1.91 24.45
CA LEU B 8 -44.03 2.74 23.43
C LEU B 8 -45.55 2.59 23.58
N PHE B 9 -46.02 1.36 23.78
CA PHE B 9 -47.46 0.99 23.78
C PHE B 9 -48.18 1.62 24.97
N LEU B 10 -47.46 2.25 25.90
CA LEU B 10 -48.07 3.07 26.97
C LEU B 10 -48.64 4.36 26.36
N LYS B 11 -48.01 4.87 25.30
CA LYS B 11 -48.42 6.13 24.61
C LYS B 11 -49.19 5.79 23.33
N VAL B 12 -48.59 5.00 22.44
CA VAL B 12 -49.16 4.64 21.12
C VAL B 12 -50.03 3.40 21.31
N PRO B 13 -51.24 3.32 20.72
CA PRO B 13 -51.99 2.07 20.71
C PRO B 13 -51.25 1.01 19.88
N VAL B 14 -51.47 -0.27 20.20
CA VAL B 14 -50.72 -1.43 19.63
C VAL B 14 -50.98 -1.50 18.12
N GLN B 15 -52.18 -1.17 17.65
CA GLN B 15 -52.55 -1.28 16.21
C GLN B 15 -51.74 -0.26 15.40
N ASN B 16 -51.45 0.91 15.97
CA ASN B 16 -50.72 2.02 15.28
C ASN B 16 -49.27 1.59 15.02
N ALA B 17 -48.62 1.04 16.04
CA ALA B 17 -47.20 0.60 16.01
C ALA B 17 -47.11 -0.93 15.96
N ILE B 18 -48.07 -1.59 15.31
CA ILE B 18 -48.07 -3.08 15.17
C ILE B 18 -46.89 -3.47 14.28
N SER B 19 -46.51 -2.57 13.37
CA SER B 19 -45.30 -2.63 12.52
C SER B 19 -44.06 -3.05 13.33
N THR B 20 -43.97 -2.63 14.60
CA THR B 20 -42.80 -2.86 15.49
C THR B 20 -42.82 -4.25 16.12
N THR B 21 -43.90 -5.03 15.94
CA THR B 21 -44.04 -6.38 16.54
C THR B 21 -43.68 -7.46 15.52
N PHE B 22 -43.41 -7.07 14.28
CA PHE B 22 -42.95 -7.96 13.18
C PHE B 22 -41.44 -7.85 13.09
N PRO B 23 -40.68 -8.88 13.54
CA PRO B 23 -39.26 -8.70 13.84
C PRO B 23 -38.36 -8.53 12.61
N TYR B 24 -38.68 -9.19 11.48
CA TYR B 24 -37.76 -9.39 10.34
C TYR B 24 -38.13 -8.48 9.17
N THR B 25 -39.37 -8.55 8.68
CA THR B 25 -39.80 -7.86 7.44
C THR B 25 -38.85 -8.29 6.31
N GLY B 26 -39.07 -9.48 5.78
CA GLY B 26 -38.14 -10.24 4.92
C GLY B 26 -37.98 -11.66 5.43
N ASP B 27 -37.58 -12.59 4.54
CA ASP B 27 -37.38 -14.03 4.85
C ASP B 27 -36.14 -14.18 5.71
N PRO B 28 -36.21 -14.84 6.89
CA PRO B 28 -35.03 -15.01 7.75
C PRO B 28 -34.15 -16.17 7.28
N PRO B 29 -32.91 -16.27 7.78
CA PRO B 29 -31.96 -17.30 7.32
C PRO B 29 -32.00 -18.61 8.12
N TYR B 30 -33.13 -19.33 8.10
CA TYR B 30 -33.26 -20.68 8.72
C TYR B 30 -34.49 -21.43 8.21
N SER B 31 -35.67 -20.82 8.27
CA SER B 31 -37.01 -21.44 8.06
C SER B 31 -36.97 -22.95 8.35
N HIS B 32 -36.47 -23.34 9.52
CA HIS B 32 -36.34 -24.76 9.99
C HIS B 32 -37.72 -25.31 10.37
N GLY B 33 -37.88 -26.63 10.34
CA GLY B 33 -39.09 -27.34 10.83
C GLY B 33 -39.65 -28.38 9.84
N THR B 34 -38.90 -28.72 8.78
CA THR B 34 -39.30 -29.75 7.78
C THR B 34 -38.29 -30.91 7.79
N GLY B 35 -38.15 -31.57 8.95
CA GLY B 35 -37.39 -32.83 9.10
C GLY B 35 -38.24 -34.04 8.78
N THR B 36 -37.67 -35.23 8.93
CA THR B 36 -38.39 -36.54 8.83
C THR B 36 -39.20 -36.75 10.11
N GLY B 37 -38.64 -36.35 11.27
CA GLY B 37 -39.32 -36.36 12.57
C GLY B 37 -40.58 -35.50 12.57
N TYR B 38 -40.57 -34.40 11.81
CA TYR B 38 -41.68 -33.40 11.72
C TYR B 38 -42.81 -33.96 10.86
N THR B 39 -42.48 -34.67 9.77
CA THR B 39 -43.46 -35.30 8.84
C THR B 39 -44.26 -36.38 9.58
N MET B 40 -43.59 -37.19 10.39
CA MET B 40 -44.18 -38.34 11.13
C MET B 40 -45.13 -37.83 12.22
N ASP B 41 -44.89 -36.62 12.75
CA ASP B 41 -45.76 -35.98 13.78
C ASP B 41 -47.06 -35.52 13.11
N THR B 42 -47.00 -35.01 11.87
CA THR B 42 -48.18 -34.63 11.05
C THR B 42 -49.02 -35.90 10.82
N VAL B 43 -48.39 -36.97 10.37
CA VAL B 43 -49.06 -38.26 10.03
C VAL B 43 -49.78 -38.78 11.28
N ASN B 44 -49.12 -38.73 12.44
CA ASN B 44 -49.65 -39.23 13.74
C ASN B 44 -50.84 -38.37 14.19
N ARG B 45 -50.63 -37.05 14.30
CA ARG B 45 -51.65 -36.08 14.82
C ARG B 45 -52.87 -36.08 13.89
N THR B 46 -52.66 -36.25 12.59
CA THR B 46 -53.74 -36.32 11.56
C THR B 46 -54.68 -37.49 11.90
N HIS B 47 -54.13 -38.64 12.28
CA HIS B 47 -54.88 -39.86 12.67
C HIS B 47 -55.45 -39.71 14.08
N LYS B 48 -54.73 -39.05 14.98
CA LYS B 48 -55.06 -38.93 16.42
C LYS B 48 -56.38 -38.17 16.62
N TYR B 49 -56.65 -37.16 15.78
CA TYR B 49 -57.89 -36.34 15.83
C TYR B 49 -59.04 -37.12 15.17
N SER B 50 -58.70 -38.07 14.30
CA SER B 50 -59.63 -38.82 13.42
C SER B 50 -59.65 -40.31 13.79
N GLU B 51 -59.35 -40.67 15.05
CA GLU B 51 -58.89 -42.04 15.46
C GLU B 51 -60.06 -42.97 15.80
N LYS B 52 -61.28 -42.44 15.99
CA LYS B 52 -62.48 -43.27 16.31
C LYS B 52 -63.16 -43.74 15.02
N GLY B 53 -62.73 -43.26 13.87
CA GLY B 53 -63.36 -43.53 12.55
C GLY B 53 -63.11 -44.96 12.09
N LYS B 54 -63.70 -45.33 10.94
CA LYS B 54 -63.63 -46.71 10.37
C LYS B 54 -62.28 -46.92 9.68
N TRP B 55 -61.50 -47.89 10.16
CA TRP B 55 -60.29 -48.44 9.47
C TRP B 55 -60.73 -49.38 8.34
N THR B 56 -60.19 -49.17 7.14
CA THR B 56 -60.35 -50.07 5.96
C THR B 56 -58.96 -50.44 5.45
N THR B 57 -58.84 -51.54 4.72
CA THR B 57 -57.65 -51.88 3.88
C THR B 57 -57.99 -51.52 2.43
N ASN B 58 -57.18 -50.66 1.81
CA ASN B 58 -57.35 -50.22 0.41
C ASN B 58 -57.05 -51.40 -0.51
N THR B 59 -57.94 -51.66 -1.47
CA THR B 59 -57.85 -52.76 -2.45
C THR B 59 -56.62 -52.58 -3.35
N GLU B 60 -56.41 -51.36 -3.86
CA GLU B 60 -55.37 -51.05 -4.87
C GLU B 60 -54.03 -50.77 -4.17
N THR B 61 -54.05 -49.94 -3.13
CA THR B 61 -52.85 -49.50 -2.36
C THR B 61 -52.39 -50.65 -1.45
N GLY B 62 -53.33 -51.30 -0.75
CA GLY B 62 -53.02 -52.24 0.34
C GLY B 62 -52.51 -51.48 1.56
N ALA B 63 -53.20 -50.38 1.89
CA ALA B 63 -52.78 -49.38 2.90
C ALA B 63 -53.87 -49.20 3.95
N PRO B 64 -53.55 -49.23 5.26
CA PRO B 64 -54.52 -48.87 6.30
C PRO B 64 -55.00 -47.41 6.17
N GLN B 65 -56.32 -47.21 6.13
CA GLN B 65 -56.96 -45.91 5.81
C GLN B 65 -58.05 -45.59 6.84
N LEU B 66 -57.96 -44.41 7.46
CA LEU B 66 -58.93 -43.94 8.48
C LEU B 66 -59.99 -43.05 7.83
N ASN B 67 -61.25 -43.23 8.22
CA ASN B 67 -62.40 -42.42 7.74
C ASN B 67 -63.19 -41.93 8.95
N PRO B 68 -62.88 -40.73 9.48
CA PRO B 68 -63.54 -40.21 10.68
C PRO B 68 -64.93 -39.62 10.42
N ILE B 69 -65.26 -39.34 9.15
CA ILE B 69 -66.46 -38.53 8.79
C ILE B 69 -67.71 -39.41 8.96
N ASP B 70 -68.84 -38.78 9.28
CA ASP B 70 -70.09 -39.43 9.78
C ASP B 70 -69.75 -40.25 11.04
N GLY B 71 -68.75 -39.82 11.80
CA GLY B 71 -68.25 -40.53 13.01
C GLY B 71 -68.85 -39.96 14.29
N PRO B 72 -68.29 -40.32 15.48
CA PRO B 72 -68.87 -39.92 16.76
C PRO B 72 -68.65 -38.43 17.09
N LEU B 73 -69.72 -37.73 17.47
CA LEU B 73 -69.68 -36.30 17.89
C LEU B 73 -68.67 -36.13 19.03
N PRO B 74 -67.91 -35.02 19.06
CA PRO B 74 -66.93 -34.81 20.12
C PRO B 74 -67.61 -34.55 21.47
N GLU B 75 -66.98 -34.98 22.56
CA GLU B 75 -67.44 -34.72 23.96
C GLU B 75 -66.37 -33.91 24.71
N ASP B 76 -65.25 -33.61 24.05
CA ASP B 76 -64.17 -32.72 24.55
C ASP B 76 -63.92 -31.63 23.49
N ASN B 77 -63.06 -30.67 23.79
CA ASN B 77 -62.78 -29.48 22.94
C ASN B 77 -61.51 -29.70 22.11
N GLU B 78 -60.89 -30.89 22.21
CA GLU B 78 -59.71 -31.27 21.39
C GLU B 78 -60.13 -31.33 19.93
N PRO B 79 -59.20 -31.20 18.97
CA PRO B 79 -59.55 -31.16 17.55
C PRO B 79 -60.21 -32.46 17.10
N SER B 80 -61.35 -32.36 16.42
CA SER B 80 -62.12 -33.51 15.86
C SER B 80 -62.03 -33.48 14.32
N GLY B 81 -61.71 -34.63 13.71
CA GLY B 81 -61.82 -34.86 12.26
C GLY B 81 -63.22 -35.28 11.88
N TYR B 82 -64.04 -35.64 12.89
CA TYR B 82 -65.39 -36.26 12.76
C TYR B 82 -66.38 -35.19 12.28
N ALA B 83 -66.33 -34.93 10.96
CA ALA B 83 -67.29 -34.09 10.20
C ALA B 83 -68.60 -34.87 10.05
N GLN B 84 -69.64 -34.24 9.51
CA GLN B 84 -71.00 -34.83 9.37
C GLN B 84 -71.57 -34.48 7.99
N THR B 85 -71.65 -35.46 7.09
CA THR B 85 -72.07 -35.30 5.67
C THR B 85 -73.38 -34.50 5.59
N ASP B 86 -74.39 -34.88 6.36
CA ASP B 86 -75.73 -34.22 6.37
C ASP B 86 -75.57 -32.74 6.70
N CYS B 87 -74.64 -32.39 7.60
CA CYS B 87 -74.36 -30.99 8.06
C CYS B 87 -73.64 -30.19 6.97
N VAL B 88 -72.58 -30.75 6.37
CA VAL B 88 -71.78 -30.09 5.30
C VAL B 88 -72.74 -29.70 4.17
N LEU B 89 -73.44 -30.68 3.60
CA LEU B 89 -74.35 -30.50 2.45
C LEU B 89 -75.38 -29.42 2.80
N GLU B 90 -75.92 -29.43 4.03
CA GLU B 90 -76.92 -28.44 4.53
C GLU B 90 -76.32 -27.03 4.49
N ALA B 91 -75.09 -26.88 4.98
CA ALA B 91 -74.32 -25.61 4.97
C ALA B 91 -74.16 -25.13 3.53
N MET B 92 -73.87 -26.07 2.61
CA MET B 92 -73.65 -25.79 1.15
C MET B 92 -74.99 -25.52 0.46
N ALA B 93 -76.07 -26.15 0.93
CA ALA B 93 -77.44 -25.94 0.42
C ALA B 93 -77.88 -24.51 0.73
N PHE B 94 -77.77 -24.10 2.00
CA PHE B 94 -78.18 -22.78 2.53
C PHE B 94 -77.28 -21.66 1.98
N LEU B 95 -76.06 -21.99 1.54
CA LEU B 95 -75.18 -21.03 0.81
C LEU B 95 -75.82 -20.71 -0.55
N GLU B 96 -76.15 -21.74 -1.35
CA GLU B 96 -76.76 -21.61 -2.69
C GLU B 96 -78.13 -20.92 -2.60
N GLU B 97 -78.84 -21.10 -1.48
CA GLU B 97 -80.11 -20.39 -1.20
C GLU B 97 -79.83 -18.90 -1.01
N SER B 98 -78.85 -18.58 -0.15
CA SER B 98 -78.48 -17.18 0.24
C SER B 98 -77.81 -16.46 -0.94
N HIS B 99 -77.25 -17.20 -1.90
CA HIS B 99 -76.57 -16.67 -3.11
C HIS B 99 -77.07 -17.43 -4.34
N PRO B 100 -78.34 -17.27 -4.72
CA PRO B 100 -78.96 -18.12 -5.74
C PRO B 100 -78.23 -18.07 -7.08
N GLY B 101 -77.81 -19.22 -7.59
CA GLY B 101 -77.14 -19.39 -8.89
C GLY B 101 -75.63 -19.53 -8.77
N ILE B 102 -75.07 -19.14 -7.62
CA ILE B 102 -73.60 -19.08 -7.35
C ILE B 102 -72.91 -20.30 -7.95
N PHE B 103 -73.40 -21.52 -7.69
CA PHE B 103 -72.75 -22.79 -8.09
C PHE B 103 -72.95 -23.01 -9.60
N GLU B 104 -74.20 -22.98 -10.05
CA GLU B 104 -74.59 -23.19 -11.47
C GLU B 104 -73.77 -22.27 -12.37
N ASN B 105 -73.79 -20.96 -12.08
CA ASN B 105 -73.11 -19.89 -12.87
C ASN B 105 -71.59 -20.11 -12.81
N SER B 106 -71.05 -20.32 -11.61
CA SER B 106 -69.60 -20.51 -11.37
C SER B 106 -69.10 -21.78 -12.06
N CYS B 107 -69.97 -22.78 -12.25
CA CYS B 107 -69.66 -24.02 -13.02
C CYS B 107 -69.56 -23.69 -14.51
N LEU B 108 -70.50 -22.90 -15.04
CA LEU B 108 -70.52 -22.46 -16.46
C LEU B 108 -69.20 -21.77 -16.80
N GLU B 109 -68.77 -20.82 -15.96
CA GLU B 109 -67.47 -20.08 -16.09
C GLU B 109 -66.30 -21.07 -16.10
N THR B 110 -66.35 -22.08 -15.23
CA THR B 110 -65.25 -23.06 -15.00
C THR B 110 -65.25 -24.11 -16.12
N MET B 111 -66.40 -24.39 -16.73
CA MET B 111 -66.50 -25.28 -17.92
C MET B 111 -65.82 -24.60 -19.11
N GLU B 112 -65.90 -23.27 -19.18
CA GLU B 112 -65.16 -22.43 -20.17
C GLU B 112 -63.66 -22.63 -19.94
N ILE B 113 -63.21 -22.55 -18.67
CA ILE B 113 -61.78 -22.62 -18.25
C ILE B 113 -61.21 -24.00 -18.63
N VAL B 114 -61.78 -25.06 -18.03
CA VAL B 114 -61.22 -26.45 -18.04
C VAL B 114 -60.82 -26.86 -19.46
N GLN B 115 -61.60 -26.44 -20.47
CA GLN B 115 -61.31 -26.71 -21.91
C GLN B 115 -60.11 -25.87 -22.35
N GLN B 116 -60.22 -24.54 -22.22
CA GLN B 116 -59.24 -23.53 -22.72
C GLN B 116 -57.88 -23.68 -22.02
N THR B 117 -57.85 -24.16 -20.76
CA THR B 117 -56.60 -24.29 -19.96
C THR B 117 -55.61 -25.21 -20.70
N ARG B 118 -54.32 -24.84 -20.67
CA ARG B 118 -53.23 -25.52 -21.42
C ARG B 118 -52.25 -26.17 -20.43
N VAL B 119 -51.59 -27.25 -20.85
CA VAL B 119 -50.57 -28.01 -20.07
C VAL B 119 -49.46 -27.03 -19.64
N ASP B 120 -49.16 -26.05 -20.50
CA ASP B 120 -48.19 -24.95 -20.24
C ASP B 120 -48.34 -24.43 -18.80
N LYS B 121 -49.60 -24.25 -18.37
CA LYS B 121 -49.97 -23.69 -17.03
C LYS B 121 -49.28 -24.47 -15.90
N LEU B 122 -49.11 -25.78 -16.06
CA LEU B 122 -48.66 -26.72 -15.00
C LEU B 122 -47.18 -26.51 -14.67
N THR B 123 -46.41 -25.90 -15.57
CA THR B 123 -44.95 -25.62 -15.42
C THR B 123 -44.73 -24.52 -14.36
N GLN B 124 -45.69 -23.60 -14.23
CA GLN B 124 -45.71 -22.53 -13.19
C GLN B 124 -46.10 -23.17 -11.85
N GLY B 125 -45.28 -22.96 -10.82
CA GLY B 125 -45.50 -23.54 -9.47
C GLY B 125 -44.18 -23.82 -8.77
N ARG B 126 -44.24 -24.15 -7.47
CA ARG B 126 -43.07 -24.36 -6.57
C ARG B 126 -42.41 -25.71 -6.87
N GLN B 127 -41.61 -26.23 -5.94
CA GLN B 127 -41.12 -27.63 -5.91
C GLN B 127 -42.27 -28.59 -6.25
N THR B 128 -41.96 -29.67 -6.98
CA THR B 128 -42.88 -30.79 -7.27
C THR B 128 -42.14 -32.10 -6.99
N TYR B 129 -42.85 -33.13 -6.57
CA TYR B 129 -42.36 -34.52 -6.50
C TYR B 129 -42.33 -35.08 -7.93
N ASP B 130 -41.13 -35.37 -8.44
CA ASP B 130 -40.92 -36.07 -9.74
C ASP B 130 -40.90 -37.57 -9.47
N TRP B 131 -42.00 -38.25 -9.80
CA TRP B 131 -42.18 -39.72 -9.64
C TRP B 131 -41.30 -40.47 -10.65
N THR B 132 -40.88 -39.79 -11.73
CA THR B 132 -40.02 -40.34 -12.81
C THR B 132 -38.65 -40.72 -12.24
N LEU B 133 -38.07 -39.88 -11.37
CA LEU B 133 -36.71 -40.06 -10.80
C LEU B 133 -36.77 -40.13 -9.27
N ASN B 134 -37.98 -40.23 -8.68
CA ASN B 134 -38.22 -40.45 -7.22
C ASN B 134 -37.52 -39.35 -6.41
N ARG B 135 -37.64 -38.10 -6.86
CA ARG B 135 -37.01 -36.91 -6.21
C ARG B 135 -37.98 -35.73 -6.27
N ASN B 136 -37.73 -34.72 -5.44
CA ASN B 136 -38.31 -33.36 -5.60
C ASN B 136 -37.49 -32.64 -6.70
N GLN B 137 -38.13 -31.74 -7.44
CA GLN B 137 -37.52 -31.00 -8.57
C GLN B 137 -38.30 -29.73 -8.86
N PRO B 138 -37.75 -28.82 -9.70
CA PRO B 138 -38.54 -27.75 -10.30
C PRO B 138 -39.79 -28.27 -11.04
N ALA B 139 -40.85 -27.46 -11.09
CA ALA B 139 -42.17 -27.81 -11.66
C ALA B 139 -42.03 -28.17 -13.14
N ALA B 140 -41.38 -27.32 -13.93
CA ALA B 140 -41.27 -27.44 -15.41
C ALA B 140 -40.48 -28.70 -15.78
N THR B 141 -39.44 -29.05 -15.01
CA THR B 141 -38.57 -30.24 -15.22
C THR B 141 -39.35 -31.52 -14.89
N ALA B 142 -40.15 -31.48 -13.82
CA ALA B 142 -40.98 -32.61 -13.32
C ALA B 142 -42.03 -33.00 -14.37
N LEU B 143 -42.52 -32.03 -15.15
CA LEU B 143 -43.54 -32.24 -16.22
C LEU B 143 -42.88 -32.82 -17.48
N ALA B 144 -41.73 -32.25 -17.88
CA ALA B 144 -40.93 -32.71 -19.04
C ALA B 144 -40.57 -34.19 -18.86
N ASN B 145 -40.13 -34.57 -17.65
CA ASN B 145 -39.82 -35.97 -17.23
C ASN B 145 -41.08 -36.83 -17.35
N THR B 146 -42.23 -36.33 -16.89
CA THR B 146 -43.52 -37.07 -16.80
C THR B 146 -44.08 -37.31 -18.20
N ILE B 147 -44.01 -36.31 -19.10
CA ILE B 147 -44.51 -36.43 -20.50
C ILE B 147 -43.57 -37.37 -21.29
N GLU B 148 -42.29 -37.44 -20.90
CA GLU B 148 -41.26 -38.32 -21.52
C GLU B 148 -41.62 -39.79 -21.27
N VAL B 149 -42.19 -40.10 -20.10
CA VAL B 149 -42.67 -41.47 -19.74
C VAL B 149 -43.98 -41.72 -20.51
N PHE B 150 -44.89 -40.73 -20.49
CA PHE B 150 -46.22 -40.76 -21.15
C PHE B 150 -46.05 -40.79 -22.67
N ARG B 151 -44.91 -40.30 -23.18
CA ARG B 151 -44.56 -40.39 -24.63
C ARG B 151 -44.08 -41.82 -24.92
N SER B 152 -43.25 -42.40 -24.04
CA SER B 152 -42.65 -43.75 -24.19
C SER B 152 -43.75 -44.83 -24.08
N ASN B 153 -44.66 -44.69 -23.11
CA ASN B 153 -45.88 -45.52 -22.97
C ASN B 153 -47.00 -44.87 -23.80
N GLY B 154 -47.91 -45.67 -24.35
CA GLY B 154 -48.90 -45.23 -25.36
C GLY B 154 -49.90 -44.21 -24.80
N LEU B 155 -49.42 -43.01 -24.46
CA LEU B 155 -50.19 -41.93 -23.80
C LEU B 155 -49.81 -40.58 -24.44
N THR B 156 -50.10 -40.41 -25.73
CA THR B 156 -49.65 -39.28 -26.58
C THR B 156 -50.74 -38.21 -26.72
N ALA B 157 -51.80 -38.29 -25.92
CA ALA B 157 -52.95 -37.33 -25.93
C ALA B 157 -52.51 -35.98 -25.35
N ASN B 158 -51.51 -35.98 -24.45
CA ASN B 158 -50.98 -34.76 -23.76
C ASN B 158 -50.44 -33.78 -24.81
N GLU B 159 -49.93 -34.30 -25.93
CA GLU B 159 -49.27 -33.52 -27.01
C GLU B 159 -50.31 -32.86 -27.93
N SER B 160 -51.58 -32.81 -27.51
CA SER B 160 -52.65 -32.01 -28.17
C SER B 160 -52.54 -30.55 -27.73
N GLY B 161 -52.10 -30.32 -26.48
CA GLY B 161 -51.86 -28.98 -25.91
C GLY B 161 -52.64 -28.75 -24.63
N ARG B 162 -53.97 -28.88 -24.70
CA ARG B 162 -54.93 -28.64 -23.58
C ARG B 162 -54.57 -29.55 -22.40
N LEU B 163 -54.98 -29.16 -21.18
CA LEU B 163 -54.63 -29.83 -19.90
C LEU B 163 -55.52 -31.07 -19.72
N ILE B 164 -56.83 -30.92 -19.95
CA ILE B 164 -57.86 -31.99 -19.79
C ILE B 164 -57.40 -33.27 -20.50
N ASP B 165 -56.64 -33.16 -21.60
CA ASP B 165 -56.09 -34.29 -22.37
C ASP B 165 -54.89 -34.92 -21.64
N PHE B 166 -54.06 -34.10 -20.98
CA PHE B 166 -52.92 -34.59 -20.14
C PHE B 166 -53.46 -35.40 -18.97
N LEU B 167 -54.58 -34.97 -18.39
CA LEU B 167 -55.30 -35.71 -17.30
C LEU B 167 -55.75 -37.06 -17.86
N LYS B 168 -56.40 -37.06 -19.03
CA LYS B 168 -56.91 -38.27 -19.72
C LYS B 168 -55.79 -39.31 -19.83
N ASP B 169 -54.54 -38.86 -20.00
CA ASP B 169 -53.32 -39.74 -20.02
C ASP B 169 -53.02 -40.21 -18.59
N VAL B 170 -53.10 -39.31 -17.60
CA VAL B 170 -52.84 -39.61 -16.16
C VAL B 170 -53.85 -40.66 -15.68
N MET B 171 -55.10 -40.58 -16.16
CA MET B 171 -56.18 -41.56 -15.85
C MET B 171 -55.78 -42.94 -16.40
N ASP B 172 -55.47 -43.00 -17.69
CA ASP B 172 -55.14 -44.24 -18.45
C ASP B 172 -53.86 -44.87 -17.88
N SER B 173 -52.98 -44.06 -17.27
CA SER B 173 -51.68 -44.50 -16.69
C SER B 173 -51.90 -45.41 -15.48
N MET B 174 -52.98 -45.20 -14.73
CA MET B 174 -53.32 -45.98 -13.50
C MET B 174 -53.71 -47.42 -13.89
N ASP B 175 -54.48 -47.56 -14.97
CA ASP B 175 -55.05 -48.85 -15.47
C ASP B 175 -53.92 -49.74 -16.01
N LYS B 176 -52.86 -49.16 -16.58
CA LYS B 176 -51.72 -49.89 -17.20
C LYS B 176 -50.93 -50.62 -16.12
N GLU B 177 -50.65 -51.92 -16.32
CA GLU B 177 -49.99 -52.81 -15.33
C GLU B 177 -48.48 -52.52 -15.29
N GLU B 178 -47.88 -52.28 -16.46
CA GLU B 178 -46.47 -51.85 -16.64
C GLU B 178 -46.42 -50.33 -16.66
N MET B 179 -45.31 -49.74 -16.19
CA MET B 179 -44.96 -48.32 -16.41
C MET B 179 -43.44 -48.23 -16.62
N GLU B 180 -43.02 -47.94 -17.86
CA GLU B 180 -41.60 -47.99 -18.31
C GLU B 180 -41.17 -46.57 -18.71
N ILE B 181 -39.94 -46.19 -18.35
CA ILE B 181 -39.29 -44.89 -18.74
C ILE B 181 -37.86 -45.17 -19.20
N THR B 182 -37.52 -44.69 -20.40
CA THR B 182 -36.13 -44.59 -20.93
C THR B 182 -35.41 -43.42 -20.22
N THR B 183 -34.63 -43.72 -19.18
CA THR B 183 -33.77 -42.76 -18.44
C THR B 183 -32.37 -42.78 -19.06
N HIS B 184 -32.05 -41.80 -19.91
CA HIS B 184 -30.82 -41.73 -20.75
C HIS B 184 -29.57 -41.71 -19.85
N PHE B 185 -28.79 -42.80 -19.86
CA PHE B 185 -27.55 -42.99 -19.06
C PHE B 185 -26.79 -44.22 -19.58
N LYS B 208 -30.88 -46.62 -19.88
CA LYS B 208 -31.40 -47.65 -18.92
C LYS B 208 -32.93 -47.63 -18.91
N LYS B 209 -33.57 -48.67 -19.45
CA LYS B 209 -35.05 -48.87 -19.37
C LYS B 209 -35.40 -49.21 -17.91
N GLN B 210 -36.36 -48.48 -17.34
CA GLN B 210 -36.71 -48.53 -15.88
C GLN B 210 -38.16 -48.99 -15.73
N ARG B 211 -38.39 -50.01 -14.89
CA ARG B 211 -39.63 -50.82 -14.84
C ARG B 211 -40.29 -50.71 -13.46
N LEU B 212 -41.56 -50.25 -13.40
CA LEU B 212 -42.39 -50.14 -12.18
C LEU B 212 -43.68 -50.96 -12.36
N ASN B 213 -43.95 -51.89 -11.43
CA ASN B 213 -45.22 -52.66 -11.36
C ASN B 213 -46.36 -51.72 -10.99
N LYS B 214 -47.60 -52.11 -11.27
CA LYS B 214 -48.83 -51.28 -11.14
C LYS B 214 -48.96 -50.74 -9.71
N ARG B 215 -48.60 -51.55 -8.70
CA ARG B 215 -48.75 -51.20 -7.26
C ARG B 215 -47.76 -50.10 -6.89
N SER B 216 -46.48 -50.28 -7.20
CA SER B 216 -45.37 -49.34 -6.86
C SER B 216 -45.58 -48.01 -7.60
N TYR B 217 -46.09 -48.03 -8.84
CA TYR B 217 -46.45 -46.83 -9.62
C TYR B 217 -47.52 -46.05 -8.86
N LEU B 218 -48.60 -46.74 -8.48
CA LEU B 218 -49.79 -46.15 -7.82
C LEU B 218 -49.38 -45.42 -6.53
N ILE B 219 -48.47 -46.01 -5.74
CA ILE B 219 -47.94 -45.40 -4.48
C ILE B 219 -47.35 -44.01 -4.83
N ARG B 220 -46.55 -43.93 -5.90
CA ARG B 220 -45.79 -42.71 -6.29
C ARG B 220 -46.75 -41.68 -6.91
N ALA B 221 -47.78 -42.13 -7.62
CA ALA B 221 -48.83 -41.28 -8.23
C ALA B 221 -49.67 -40.60 -7.13
N LEU B 222 -49.76 -41.22 -5.95
CA LEU B 222 -50.56 -40.73 -4.80
C LEU B 222 -49.64 -40.25 -3.67
N THR B 223 -48.39 -39.90 -3.97
CA THR B 223 -47.36 -39.56 -2.95
C THR B 223 -47.36 -38.05 -2.67
N LEU B 224 -47.11 -37.68 -1.41
CA LEU B 224 -46.69 -36.33 -0.96
C LEU B 224 -45.27 -36.44 -0.41
N ASN B 225 -44.33 -35.63 -0.91
CA ASN B 225 -42.88 -35.68 -0.52
C ASN B 225 -42.44 -34.35 0.08
N THR B 226 -41.66 -34.40 1.16
CA THR B 226 -41.17 -33.21 1.93
C THR B 226 -39.91 -32.66 1.25
N MET B 227 -39.59 -31.38 1.49
CA MET B 227 -38.54 -30.60 0.76
C MET B 227 -37.70 -29.77 1.75
N THR B 228 -36.76 -28.98 1.22
CA THR B 228 -35.87 -28.05 1.99
C THR B 228 -35.80 -26.70 1.25
N LYS B 229 -36.96 -26.14 0.87
CA LYS B 229 -37.12 -24.84 0.17
C LYS B 229 -38.43 -24.19 0.63
N ALA B 240 -44.29 -24.80 3.13
CA ALA B 240 -45.03 -26.06 2.92
C ALA B 240 -44.38 -27.20 3.72
N ILE B 241 -45.16 -28.23 4.08
CA ILE B 241 -44.70 -29.46 4.79
C ILE B 241 -44.19 -30.47 3.75
N ALA B 242 -44.95 -30.67 2.65
CA ALA B 242 -44.65 -31.63 1.57
C ALA B 242 -45.36 -31.23 0.27
N THR B 243 -44.68 -31.38 -0.88
CA THR B 243 -45.22 -31.11 -2.24
C THR B 243 -45.81 -32.39 -2.81
N PRO B 244 -46.85 -32.30 -3.68
CA PRO B 244 -47.46 -33.47 -4.31
C PRO B 244 -46.86 -33.83 -5.67
N GLY B 245 -47.22 -35.01 -6.19
CA GLY B 245 -46.80 -35.51 -7.52
C GLY B 245 -47.33 -34.64 -8.65
N MET B 246 -46.93 -34.93 -9.89
CA MET B 246 -47.36 -34.17 -11.09
C MET B 246 -48.74 -34.68 -11.57
N GLN B 247 -49.06 -35.95 -11.30
CA GLN B 247 -50.36 -36.56 -11.70
C GLN B 247 -51.49 -35.83 -10.98
N ILE B 248 -51.38 -35.70 -9.65
CA ILE B 248 -52.43 -35.15 -8.73
C ILE B 248 -52.61 -33.64 -8.96
N ARG B 249 -51.51 -32.91 -9.22
CA ARG B 249 -51.49 -31.43 -9.32
C ARG B 249 -52.50 -30.94 -10.36
N GLY B 250 -52.54 -31.57 -11.54
CA GLY B 250 -53.42 -31.18 -12.65
C GLY B 250 -54.83 -30.90 -12.18
N PHE B 251 -55.43 -31.85 -11.46
CA PHE B 251 -56.85 -31.81 -11.01
C PHE B 251 -57.02 -30.72 -9.94
N VAL B 252 -56.06 -30.62 -9.02
CA VAL B 252 -56.07 -29.64 -7.89
C VAL B 252 -56.31 -28.23 -8.46
N TYR B 253 -55.76 -27.93 -9.64
CA TYR B 253 -55.96 -26.63 -10.35
C TYR B 253 -57.45 -26.41 -10.61
N PHE B 254 -58.07 -27.32 -11.36
CA PHE B 254 -59.49 -27.18 -11.84
C PHE B 254 -60.45 -27.06 -10.65
N VAL B 255 -60.13 -27.72 -9.54
CA VAL B 255 -60.93 -27.64 -8.27
C VAL B 255 -60.80 -26.21 -7.73
N GLU B 256 -59.57 -25.77 -7.47
CA GLU B 256 -59.26 -24.40 -6.97
C GLU B 256 -59.83 -23.37 -7.95
N ALA B 257 -59.85 -23.69 -9.25
CA ALA B 257 -60.44 -22.85 -10.31
C ALA B 257 -61.94 -22.66 -10.06
N LEU B 258 -62.65 -23.77 -9.79
CA LEU B 258 -64.09 -23.75 -9.40
C LEU B 258 -64.23 -22.98 -8.08
N ALA B 259 -63.40 -23.32 -7.09
CA ALA B 259 -63.38 -22.70 -5.74
C ALA B 259 -63.12 -21.19 -5.86
N ARG B 260 -62.39 -20.76 -6.89
CA ARG B 260 -62.14 -19.32 -7.17
C ARG B 260 -63.48 -18.66 -7.53
N SER B 261 -64.09 -19.09 -8.64
CA SER B 261 -65.35 -18.53 -9.17
C SER B 261 -66.40 -18.39 -8.06
N ILE B 262 -66.38 -19.30 -7.07
CA ILE B 262 -67.31 -19.27 -5.90
C ILE B 262 -66.90 -18.10 -4.99
N CYS B 263 -65.68 -18.14 -4.47
CA CYS B 263 -65.08 -17.10 -3.59
C CYS B 263 -65.32 -15.71 -4.19
N GLU B 264 -65.11 -15.58 -5.51
CA GLU B 264 -65.31 -14.32 -6.29
C GLU B 264 -66.71 -13.77 -6.05
N LYS B 265 -67.72 -14.65 -5.91
CA LYS B 265 -69.15 -14.28 -5.83
C LYS B 265 -69.59 -14.09 -4.36
N LEU B 266 -68.69 -14.30 -3.40
CA LEU B 266 -68.98 -14.18 -1.93
C LEU B 266 -68.29 -12.93 -1.36
N GLU B 267 -69.03 -12.09 -0.63
CA GLU B 267 -68.51 -10.85 0.01
C GLU B 267 -67.56 -11.25 1.14
N GLN B 268 -67.92 -12.29 1.90
CA GLN B 268 -67.22 -12.71 3.15
C GLN B 268 -65.85 -13.29 2.83
N SER B 269 -65.68 -13.90 1.65
CA SER B 269 -64.40 -14.50 1.20
C SER B 269 -63.35 -13.42 1.04
N GLY B 270 -62.22 -13.56 1.73
CA GLY B 270 -61.08 -12.62 1.68
C GLY B 270 -60.10 -12.96 0.58
N LEU B 271 -60.41 -13.98 -0.23
CA LEU B 271 -59.60 -14.39 -1.40
C LEU B 271 -60.42 -14.21 -2.67
N PRO B 272 -59.79 -14.05 -3.87
CA PRO B 272 -58.35 -13.81 -3.98
C PRO B 272 -57.99 -12.32 -4.13
N VAL B 273 -58.83 -11.44 -3.57
CA VAL B 273 -58.87 -9.97 -3.83
C VAL B 273 -57.51 -9.32 -3.52
N GLY B 274 -57.26 -8.12 -4.07
CA GLY B 274 -55.96 -7.42 -4.05
C GLY B 274 -55.63 -6.80 -2.70
N GLY B 275 -54.70 -5.83 -2.69
CA GLY B 275 -54.11 -5.23 -1.47
C GLY B 275 -55.10 -4.31 -0.76
N ASN B 276 -55.25 -3.07 -1.25
CA ASN B 276 -56.15 -2.03 -0.67
C ASN B 276 -57.62 -2.46 -0.83
N GLU B 277 -57.92 -3.25 -1.86
CA GLU B 277 -59.28 -3.76 -2.16
C GLU B 277 -59.83 -4.58 -0.97
N LYS B 278 -58.94 -5.15 -0.15
CA LYS B 278 -59.27 -6.06 0.98
C LYS B 278 -59.55 -5.23 2.25
N LYS B 279 -58.74 -4.20 2.52
CA LYS B 279 -58.92 -3.26 3.66
C LYS B 279 -60.38 -2.78 3.73
N ALA B 280 -60.98 -2.53 2.57
CA ALA B 280 -62.41 -2.18 2.40
C ALA B 280 -63.27 -3.21 3.13
N LYS B 281 -63.11 -4.50 2.80
CA LYS B 281 -63.95 -5.62 3.32
C LYS B 281 -64.00 -5.56 4.85
N LEU B 282 -62.89 -5.18 5.50
CA LEU B 282 -62.82 -5.01 6.98
C LEU B 282 -63.78 -3.88 7.39
N ALA B 283 -63.70 -2.73 6.72
CA ALA B 283 -64.54 -1.54 6.99
C ALA B 283 -66.02 -1.91 6.81
N ASN B 284 -66.33 -2.60 5.71
CA ASN B 284 -67.72 -3.01 5.32
C ASN B 284 -68.41 -3.76 6.45
N VAL B 285 -67.84 -4.90 6.87
CA VAL B 285 -68.51 -5.88 7.80
C VAL B 285 -68.75 -5.22 9.15
N VAL B 286 -67.88 -4.30 9.59
CA VAL B 286 -68.10 -3.52 10.85
C VAL B 286 -69.28 -2.58 10.60
N ARG B 287 -69.20 -1.77 9.54
CA ARG B 287 -70.20 -0.74 9.15
C ARG B 287 -71.58 -1.39 9.00
N LYS B 288 -71.64 -2.65 8.57
CA LYS B 288 -72.86 -3.46 8.43
C LYS B 288 -73.49 -3.72 9.80
N MET B 289 -72.68 -4.17 10.77
CA MET B 289 -73.14 -4.70 12.09
C MET B 289 -73.26 -3.57 13.13
N MET B 290 -72.87 -2.34 12.79
CA MET B 290 -72.78 -1.22 13.76
C MET B 290 -73.80 -0.11 13.44
N THR B 291 -74.39 -0.10 12.24
CA THR B 291 -75.38 0.92 11.79
C THR B 291 -76.80 0.42 12.12
N ASN B 292 -77.06 -0.87 11.92
CA ASN B 292 -78.32 -1.55 12.32
C ASN B 292 -78.45 -1.49 13.85
N SER B 293 -77.39 -1.94 14.55
CA SER B 293 -77.29 -2.03 16.04
C SER B 293 -77.84 -0.76 16.70
N GLN B 294 -78.93 -0.91 17.46
CA GLN B 294 -79.61 0.19 18.19
C GLN B 294 -78.86 0.46 19.50
N ASP B 295 -79.56 1.00 20.51
CA ASP B 295 -79.02 1.28 21.87
C ASP B 295 -78.69 -0.04 22.58
N THR B 296 -79.66 -0.97 22.63
CA THR B 296 -79.60 -2.22 23.42
C THR B 296 -78.56 -3.19 22.82
N GLU B 297 -78.58 -3.40 21.51
CA GLU B 297 -77.88 -4.54 20.84
C GLU B 297 -76.37 -4.40 21.01
N LEU B 298 -75.74 -5.37 21.69
CA LEU B 298 -74.27 -5.49 21.82
C LEU B 298 -73.69 -5.98 20.50
N SER B 299 -72.40 -5.69 20.27
CA SER B 299 -71.60 -6.24 19.14
C SER B 299 -70.18 -6.53 19.64
N PHE B 300 -69.75 -7.78 19.46
CA PHE B 300 -68.36 -8.27 19.76
C PHE B 300 -67.76 -8.86 18.50
N THR B 301 -66.52 -8.47 18.19
CA THR B 301 -65.68 -9.10 17.14
C THR B 301 -64.74 -10.07 17.85
N ILE B 302 -64.58 -11.27 17.29
CA ILE B 302 -63.58 -12.26 17.77
C ILE B 302 -62.49 -12.36 16.69
N THR B 303 -61.25 -12.03 17.07
CA THR B 303 -60.04 -12.20 16.23
C THR B 303 -59.78 -13.71 16.08
N GLY B 304 -60.17 -14.26 14.93
CA GLY B 304 -60.27 -15.71 14.68
C GLY B 304 -58.99 -16.28 14.11
N ASP B 305 -58.73 -17.55 14.44
CA ASP B 305 -57.65 -18.41 13.88
C ASP B 305 -58.05 -19.85 14.19
N ASN B 306 -58.19 -20.70 13.16
CA ASN B 306 -58.63 -22.11 13.31
C ASN B 306 -57.38 -23.00 13.52
N THR B 307 -57.45 -23.95 14.46
CA THR B 307 -56.32 -24.83 14.87
C THR B 307 -56.25 -26.04 13.93
N LYS B 308 -55.03 -26.50 13.64
CA LYS B 308 -54.72 -27.71 12.85
C LYS B 308 -55.72 -27.85 11.70
N TRP B 309 -55.86 -26.80 10.89
CA TRP B 309 -56.86 -26.65 9.79
C TRP B 309 -56.76 -27.81 8.80
N ASN B 310 -55.54 -28.18 8.40
CA ASN B 310 -55.25 -29.15 7.32
C ASN B 310 -55.44 -30.58 7.81
N GLU B 311 -55.08 -30.86 9.07
CA GLU B 311 -55.04 -32.23 9.66
C GLU B 311 -56.46 -32.76 9.95
N ASN B 312 -57.46 -31.88 10.05
CA ASN B 312 -58.85 -32.25 10.48
C ASN B 312 -59.72 -32.52 9.25
N GLN B 313 -60.14 -31.46 8.53
CA GLN B 313 -61.15 -31.56 7.44
C GLN B 313 -60.64 -32.55 6.39
N ASN B 314 -61.49 -33.52 6.03
CA ASN B 314 -61.14 -34.79 5.35
C ASN B 314 -61.43 -34.67 3.86
N PRO B 315 -60.58 -35.26 2.97
CA PRO B 315 -60.81 -35.25 1.52
C PRO B 315 -62.22 -35.63 1.07
N ARG B 316 -62.80 -36.64 1.73
CA ARG B 316 -64.16 -37.18 1.41
C ARG B 316 -65.18 -36.05 1.52
N MET B 317 -64.95 -35.11 2.43
CA MET B 317 -65.83 -33.94 2.66
C MET B 317 -65.76 -32.99 1.46
N PHE B 318 -64.58 -32.80 0.88
CA PHE B 318 -64.38 -31.94 -0.32
C PHE B 318 -65.10 -32.58 -1.51
N LEU B 319 -65.03 -33.90 -1.62
CA LEU B 319 -65.78 -34.68 -2.66
C LEU B 319 -67.28 -34.40 -2.50
N ALA B 320 -67.78 -34.40 -1.26
CA ALA B 320 -69.20 -34.15 -0.92
C ALA B 320 -69.60 -32.73 -1.34
N MET B 321 -68.72 -31.75 -1.13
CA MET B 321 -68.95 -30.34 -1.53
C MET B 321 -69.00 -30.25 -3.06
N ILE B 322 -67.95 -30.71 -3.74
CA ILE B 322 -67.80 -30.63 -5.22
C ILE B 322 -69.05 -31.24 -5.89
N THR B 323 -69.46 -32.43 -5.46
CA THR B 323 -70.58 -33.20 -6.08
C THR B 323 -71.90 -32.44 -5.88
N TYR B 324 -72.06 -31.69 -4.80
CA TYR B 324 -73.28 -30.90 -4.50
C TYR B 324 -73.29 -29.62 -5.35
N ILE B 325 -72.12 -29.04 -5.60
CA ILE B 325 -71.96 -27.82 -6.47
C ILE B 325 -72.28 -28.23 -7.91
N THR B 326 -71.76 -29.37 -8.34
CA THR B 326 -71.80 -29.86 -9.76
C THR B 326 -72.99 -30.79 -9.98
N ARG B 327 -74.07 -30.65 -9.19
CA ARG B 327 -75.36 -31.34 -9.46
C ARG B 327 -76.05 -30.60 -10.62
N ASN B 328 -76.78 -31.34 -11.46
CA ASN B 328 -77.47 -30.84 -12.69
C ASN B 328 -76.45 -30.42 -13.75
N GLN B 329 -75.19 -30.87 -13.63
CA GLN B 329 -74.08 -30.51 -14.56
C GLN B 329 -73.68 -31.75 -15.36
N PRO B 330 -73.02 -31.58 -16.54
CA PRO B 330 -72.49 -32.70 -17.31
C PRO B 330 -71.52 -33.59 -16.52
N GLU B 331 -71.52 -34.89 -16.84
CA GLU B 331 -70.75 -35.94 -16.11
C GLU B 331 -69.25 -35.71 -16.27
N TRP B 332 -68.79 -35.29 -17.45
CA TRP B 332 -67.35 -35.08 -17.74
C TRP B 332 -66.77 -34.05 -16.76
N PHE B 333 -67.49 -32.95 -16.53
CA PHE B 333 -67.09 -31.82 -15.66
C PHE B 333 -67.08 -32.29 -14.20
N ARG B 334 -68.18 -32.93 -13.78
CA ARG B 334 -68.35 -33.57 -12.45
C ARG B 334 -67.12 -34.44 -12.14
N ASN B 335 -66.67 -35.24 -13.12
CA ASN B 335 -65.61 -36.26 -12.96
C ASN B 335 -64.26 -35.59 -12.69
N VAL B 336 -63.74 -34.81 -13.65
CA VAL B 336 -62.40 -34.16 -13.58
C VAL B 336 -62.22 -33.50 -12.21
N LEU B 337 -63.27 -32.84 -11.69
CA LEU B 337 -63.27 -32.12 -10.40
C LEU B 337 -63.27 -33.12 -9.23
N SER B 338 -63.96 -34.24 -9.37
CA SER B 338 -64.06 -35.32 -8.34
C SER B 338 -62.69 -36.00 -8.11
N ILE B 339 -61.81 -36.00 -9.11
CA ILE B 339 -60.56 -36.83 -9.12
C ILE B 339 -59.62 -36.38 -7.98
N ALA B 340 -59.50 -35.08 -7.74
CA ALA B 340 -58.53 -34.50 -6.80
C ALA B 340 -58.82 -35.00 -5.38
N PRO B 341 -60.03 -34.78 -4.83
CA PRO B 341 -60.38 -35.31 -3.51
C PRO B 341 -60.11 -36.82 -3.37
N ILE B 342 -60.47 -37.59 -4.40
CA ILE B 342 -60.34 -39.09 -4.43
C ILE B 342 -58.88 -39.46 -4.16
N MET B 343 -57.95 -38.89 -4.94
CA MET B 343 -56.49 -39.16 -4.82
C MET B 343 -56.01 -38.80 -3.41
N PHE B 344 -56.48 -37.66 -2.88
CA PHE B 344 -56.08 -37.12 -1.55
C PHE B 344 -56.60 -38.02 -0.42
N SER B 345 -57.68 -38.77 -0.66
CA SER B 345 -58.28 -39.69 0.33
C SER B 345 -57.53 -41.03 0.34
N ASN B 346 -56.67 -41.29 -0.66
CA ASN B 346 -55.93 -42.57 -0.84
C ASN B 346 -54.42 -42.33 -0.76
N LYS B 347 -54.00 -41.09 -0.47
CA LYS B 347 -52.61 -40.60 -0.62
C LYS B 347 -51.66 -41.27 0.38
N MET B 348 -50.35 -41.20 0.09
CA MET B 348 -49.23 -41.69 0.94
C MET B 348 -48.23 -40.55 1.13
N ALA B 349 -47.69 -40.38 2.34
CA ALA B 349 -46.71 -39.33 2.68
C ALA B 349 -45.34 -39.98 2.91
N ARG B 350 -44.42 -39.83 1.95
CA ARG B 350 -43.01 -40.27 2.06
C ARG B 350 -42.33 -39.42 3.14
N LEU B 351 -41.41 -40.04 3.91
CA LEU B 351 -40.80 -39.48 5.14
C LEU B 351 -39.46 -38.80 4.79
N GLY B 352 -39.49 -37.86 3.84
CA GLY B 352 -38.31 -37.11 3.38
C GLY B 352 -37.22 -38.03 2.86
N LYS B 353 -36.01 -37.89 3.39
CA LYS B 353 -34.84 -38.76 3.07
C LYS B 353 -34.72 -39.81 4.18
N GLY B 354 -34.49 -39.40 5.43
CA GLY B 354 -34.59 -40.28 6.60
C GLY B 354 -33.98 -39.66 7.85
N TYR B 355 -33.31 -40.48 8.67
CA TYR B 355 -32.58 -40.06 9.90
C TYR B 355 -31.07 -40.16 9.68
N MET B 356 -30.32 -39.18 10.20
CA MET B 356 -28.84 -39.11 10.17
C MET B 356 -28.30 -39.56 11.53
N PHE B 357 -27.36 -40.50 11.53
CA PHE B 357 -26.75 -41.11 12.74
C PHE B 357 -25.30 -40.64 12.86
N GLU B 358 -24.66 -40.91 14.01
CA GLU B 358 -23.28 -40.46 14.32
C GLU B 358 -22.68 -41.33 15.43
N SER B 359 -21.48 -41.88 15.19
CA SER B 359 -20.66 -42.63 16.18
C SER B 359 -19.62 -41.67 16.77
N LYS B 360 -19.50 -41.65 18.11
CA LYS B 360 -18.65 -40.69 18.86
C LYS B 360 -17.17 -41.04 18.66
N SER B 361 -16.74 -42.20 19.16
CA SER B 361 -15.34 -42.68 19.11
C SER B 361 -14.94 -43.00 17.67
N MET B 362 -15.69 -43.88 17.00
CA MET B 362 -15.42 -44.41 15.64
C MET B 362 -15.32 -43.26 14.61
N LYS B 363 -16.03 -42.14 14.85
CA LYS B 363 -15.99 -40.91 14.01
C LYS B 363 -16.68 -41.19 12.65
N LEU B 364 -17.85 -41.82 12.69
CA LEU B 364 -18.69 -42.14 11.49
C LEU B 364 -19.95 -41.26 11.49
N ARG B 365 -20.69 -41.31 10.39
CA ARG B 365 -22.10 -40.83 10.29
C ARG B 365 -22.75 -41.52 9.09
N THR B 366 -24.02 -41.90 9.22
CA THR B 366 -24.75 -42.75 8.23
C THR B 366 -26.22 -42.30 8.15
N GLN B 367 -26.78 -42.27 6.94
CA GLN B 367 -28.15 -41.80 6.65
C GLN B 367 -29.01 -43.02 6.27
N VAL B 368 -29.84 -43.51 7.21
CA VAL B 368 -30.87 -44.56 6.94
C VAL B 368 -32.02 -43.91 6.17
N PRO B 369 -32.43 -44.47 5.00
CA PRO B 369 -33.50 -43.85 4.21
C PRO B 369 -34.89 -44.07 4.81
N ALA B 370 -35.93 -43.59 4.11
CA ALA B 370 -37.35 -43.80 4.44
C ALA B 370 -37.78 -45.19 3.95
N GLU B 371 -37.41 -45.52 2.71
CA GLU B 371 -37.68 -46.84 2.05
C GLU B 371 -37.33 -47.98 3.02
N MET B 372 -36.15 -47.92 3.66
CA MET B 372 -35.66 -48.94 4.63
C MET B 372 -35.75 -48.38 6.06
N LEU B 373 -36.92 -47.82 6.44
CA LEU B 373 -37.24 -47.39 7.83
C LEU B 373 -38.24 -48.39 8.43
N ALA B 374 -38.94 -49.16 7.59
CA ALA B 374 -39.83 -50.27 7.97
C ALA B 374 -38.98 -51.50 8.32
N ASN B 375 -38.05 -51.87 7.44
CA ASN B 375 -37.09 -52.99 7.61
C ASN B 375 -35.82 -52.45 8.31
N ILE B 376 -35.96 -51.94 9.55
CA ILE B 376 -34.84 -51.38 10.37
C ILE B 376 -35.16 -51.62 11.85
N ASP B 377 -34.12 -51.67 12.69
CA ASP B 377 -34.23 -52.02 14.14
C ASP B 377 -34.67 -50.78 14.93
N LEU B 378 -35.46 -50.98 15.99
CA LEU B 378 -36.12 -49.91 16.79
C LEU B 378 -35.26 -49.51 18.00
N LYS B 379 -34.23 -50.30 18.32
CA LYS B 379 -33.48 -50.20 19.62
C LYS B 379 -32.39 -49.12 19.52
N TYR B 380 -32.09 -48.60 18.32
CA TYR B 380 -30.96 -47.66 18.06
C TYR B 380 -31.36 -46.22 18.42
N PHE B 381 -32.65 -45.90 18.39
CA PHE B 381 -33.20 -44.52 18.51
C PHE B 381 -33.32 -44.09 19.97
N ASN B 382 -33.71 -42.83 20.19
CA ASN B 382 -33.89 -42.19 21.52
C ASN B 382 -35.35 -42.39 21.99
N LYS B 383 -35.70 -41.83 23.15
CA LYS B 383 -37.00 -42.03 23.84
C LYS B 383 -38.13 -41.30 23.08
N SER B 384 -37.87 -40.10 22.59
CA SER B 384 -38.86 -39.24 21.88
C SER B 384 -39.14 -39.78 20.47
N THR B 385 -38.11 -40.33 19.80
CA THR B 385 -38.16 -40.78 18.39
C THR B 385 -38.79 -42.17 18.30
N ARG B 386 -38.55 -43.04 19.28
CA ARG B 386 -39.06 -44.45 19.31
C ARG B 386 -40.59 -44.43 19.21
N GLU B 387 -41.25 -43.75 20.15
CA GLU B 387 -42.74 -43.69 20.28
C GLU B 387 -43.35 -43.19 18.97
N LYS B 388 -42.72 -42.21 18.34
CA LYS B 388 -43.16 -41.59 17.06
C LYS B 388 -43.12 -42.64 15.93
N ILE B 389 -42.14 -43.55 15.95
CA ILE B 389 -41.96 -44.64 14.96
C ILE B 389 -42.91 -45.79 15.30
N GLU B 390 -43.08 -46.09 16.59
CA GLU B 390 -43.93 -47.22 17.08
C GLU B 390 -45.40 -46.93 16.76
N LYS B 391 -45.81 -45.67 16.72
CA LYS B 391 -47.21 -45.24 16.45
C LYS B 391 -47.52 -45.30 14.94
N ILE B 392 -46.55 -44.93 14.10
CA ILE B 392 -46.73 -44.75 12.63
C ILE B 392 -46.55 -46.08 11.89
N ARG B 393 -45.83 -47.04 12.48
CA ARG B 393 -45.39 -48.29 11.79
C ARG B 393 -46.58 -49.08 11.26
N PRO B 394 -47.73 -49.16 11.98
CA PRO B 394 -48.94 -49.75 11.41
C PRO B 394 -49.38 -49.16 10.06
N LEU B 395 -49.14 -47.86 9.84
CA LEU B 395 -49.53 -47.10 8.62
C LEU B 395 -48.49 -47.27 7.51
N LEU B 396 -47.26 -47.66 7.86
CA LEU B 396 -46.06 -47.67 6.97
C LEU B 396 -46.18 -48.81 5.94
N ILE B 397 -46.20 -48.47 4.65
CA ILE B 397 -46.42 -49.41 3.51
C ILE B 397 -45.49 -49.00 2.35
N ASP B 398 -44.35 -49.70 2.20
CA ASP B 398 -43.38 -49.54 1.08
C ASP B 398 -42.59 -48.24 1.27
N GLY B 399 -42.20 -47.94 2.52
CA GLY B 399 -41.36 -46.77 2.87
C GLY B 399 -42.14 -45.46 2.84
N THR B 400 -43.47 -45.53 2.73
CA THR B 400 -44.40 -44.38 2.76
C THR B 400 -45.48 -44.67 3.80
N ALA B 401 -45.93 -43.64 4.52
CA ALA B 401 -46.97 -43.72 5.58
C ALA B 401 -48.33 -43.35 4.98
N SER B 402 -49.31 -44.25 5.09
CA SER B 402 -50.70 -44.04 4.60
C SER B 402 -51.35 -42.89 5.39
N LEU B 403 -52.03 -41.98 4.69
CA LEU B 403 -52.63 -40.76 5.27
C LEU B 403 -53.95 -40.44 4.55
N SER B 404 -55.00 -41.23 4.81
CA SER B 404 -56.35 -41.05 4.20
C SER B 404 -57.04 -39.81 4.75
N PRO B 405 -56.92 -39.49 6.07
CA PRO B 405 -57.53 -38.28 6.62
C PRO B 405 -56.60 -37.06 6.54
N GLY B 406 -57.17 -35.86 6.62
CA GLY B 406 -56.44 -34.58 6.60
C GLY B 406 -55.85 -34.25 5.24
N MET B 407 -54.98 -33.24 5.19
CA MET B 407 -54.32 -32.74 3.96
C MET B 407 -52.94 -32.17 4.28
N MET B 408 -52.20 -31.75 3.25
CA MET B 408 -50.94 -30.98 3.37
C MET B 408 -51.25 -29.51 3.07
N MET B 409 -50.57 -28.60 3.78
CA MET B 409 -50.84 -27.14 3.87
C MET B 409 -51.04 -26.53 2.48
N GLY B 410 -51.84 -25.46 2.41
CA GLY B 410 -52.02 -24.59 1.23
C GLY B 410 -52.19 -25.37 -0.06
N MET B 411 -53.26 -26.17 -0.15
CA MET B 411 -53.56 -27.02 -1.33
C MET B 411 -54.95 -26.71 -1.87
N PHE B 412 -55.97 -26.74 -1.00
CA PHE B 412 -57.37 -26.39 -1.32
C PHE B 412 -57.76 -25.13 -0.55
N ASN B 413 -56.87 -24.13 -0.55
CA ASN B 413 -57.05 -22.84 0.17
C ASN B 413 -58.44 -22.26 -0.11
N MET B 414 -58.83 -22.21 -1.38
CA MET B 414 -60.03 -21.46 -1.85
C MET B 414 -61.29 -22.26 -1.53
N LEU B 415 -61.27 -23.58 -1.75
CA LEU B 415 -62.45 -24.46 -1.52
C LEU B 415 -62.73 -24.51 -0.01
N SER B 416 -61.68 -24.63 0.80
CA SER B 416 -61.75 -24.64 2.28
C SER B 416 -62.37 -23.32 2.78
N THR B 417 -62.15 -22.23 2.04
CA THR B 417 -62.70 -20.88 2.33
C THR B 417 -64.22 -20.92 2.12
N VAL B 418 -64.69 -21.56 1.05
CA VAL B 418 -66.15 -21.70 0.75
C VAL B 418 -66.83 -22.34 1.97
N LEU B 419 -66.30 -23.47 2.42
CA LEU B 419 -66.78 -24.23 3.61
C LEU B 419 -66.84 -23.30 4.83
N GLY B 420 -65.77 -22.55 5.08
CA GLY B 420 -65.69 -21.58 6.18
C GLY B 420 -66.80 -20.54 6.08
N VAL B 421 -67.01 -20.00 4.88
CA VAL B 421 -68.01 -18.92 4.59
C VAL B 421 -69.42 -19.48 4.80
N SER B 422 -69.64 -20.75 4.45
CA SER B 422 -70.94 -21.45 4.55
C SER B 422 -71.41 -21.49 6.01
N ILE B 423 -70.48 -21.41 6.97
CA ILE B 423 -70.76 -21.39 8.44
C ILE B 423 -71.01 -19.93 8.88
N LEU B 424 -70.28 -18.98 8.30
CA LEU B 424 -70.56 -17.53 8.47
C LEU B 424 -71.97 -17.24 7.94
N ASN B 425 -72.30 -17.81 6.78
CA ASN B 425 -73.59 -17.68 6.07
C ASN B 425 -74.76 -18.06 7.00
N LEU B 426 -74.54 -19.01 7.91
CA LEU B 426 -75.58 -19.58 8.83
C LEU B 426 -75.72 -18.69 10.07
N GLY B 427 -75.24 -17.44 10.02
CA GLY B 427 -75.34 -16.45 11.10
C GLY B 427 -76.39 -15.39 10.82
N GLN B 428 -77.10 -15.50 9.69
CA GLN B 428 -78.22 -14.59 9.31
C GLN B 428 -79.37 -14.78 10.31
N LYS B 429 -80.06 -13.70 10.66
CA LYS B 429 -81.22 -13.67 11.60
C LYS B 429 -82.13 -14.89 11.34
N LYS B 430 -82.33 -15.24 10.06
CA LYS B 430 -83.27 -16.32 9.64
C LYS B 430 -82.74 -17.70 10.08
N TYR B 431 -81.48 -18.02 9.81
CA TYR B 431 -80.89 -19.37 10.01
C TYR B 431 -80.65 -19.65 11.50
N THR B 432 -80.36 -18.59 12.28
CA THR B 432 -80.16 -18.67 13.76
C THR B 432 -81.50 -18.81 14.47
N LYS B 433 -82.54 -18.13 13.96
CA LYS B 433 -83.93 -18.13 14.48
C LYS B 433 -83.94 -17.63 15.94
N THR B 434 -83.01 -16.75 16.32
CA THR B 434 -82.81 -16.29 17.72
C THR B 434 -82.51 -14.79 17.76
N THR B 435 -82.39 -14.21 18.96
CA THR B 435 -82.10 -12.77 19.20
C THR B 435 -80.61 -12.46 18.92
N TYR B 436 -79.74 -13.47 18.91
CA TYR B 436 -78.32 -13.34 18.47
C TYR B 436 -78.22 -13.66 16.97
N TRP B 437 -77.31 -12.97 16.27
CA TRP B 437 -76.93 -13.21 14.85
C TRP B 437 -75.45 -12.86 14.65
N TRP B 438 -74.84 -13.34 13.56
CA TRP B 438 -73.39 -13.09 13.28
C TRP B 438 -73.13 -12.91 11.79
N ASP B 439 -72.00 -12.27 11.49
CA ASP B 439 -71.38 -12.14 10.14
C ASP B 439 -69.86 -12.11 10.35
N GLY B 440 -69.08 -12.01 9.27
CA GLY B 440 -67.62 -11.80 9.36
C GLY B 440 -66.90 -12.02 8.04
N LEU B 441 -65.62 -12.41 8.11
CA LEU B 441 -64.71 -12.62 6.96
C LEU B 441 -63.92 -13.92 7.18
N GLN B 442 -63.72 -14.68 6.11
CA GLN B 442 -63.00 -15.98 6.10
C GLN B 442 -62.02 -15.97 4.91
N SER B 443 -60.81 -16.50 5.11
CA SER B 443 -59.83 -16.82 4.04
C SER B 443 -58.94 -17.97 4.53
N SER B 444 -59.15 -19.17 3.97
CA SER B 444 -58.54 -20.44 4.43
C SER B 444 -58.80 -20.58 5.94
N ASP B 445 -57.74 -20.73 6.75
CA ASP B 445 -57.84 -21.07 8.19
C ASP B 445 -58.09 -19.81 9.01
N ASP B 446 -57.60 -18.64 8.55
CA ASP B 446 -57.81 -17.35 9.27
C ASP B 446 -59.25 -16.90 8.99
N PHE B 447 -59.89 -16.34 10.02
CA PHE B 447 -61.28 -15.80 9.97
C PHE B 447 -61.42 -14.66 10.99
N ALA B 448 -62.48 -13.88 10.83
CA ALA B 448 -62.92 -12.82 11.77
C ALA B 448 -64.44 -12.87 11.86
N LEU B 449 -64.98 -12.91 13.08
CA LEU B 449 -66.42 -13.14 13.36
C LEU B 449 -66.94 -12.00 14.21
N ILE B 450 -68.04 -11.39 13.77
CA ILE B 450 -68.79 -10.35 14.54
C ILE B 450 -70.15 -10.95 14.93
N VAL B 451 -70.39 -11.08 16.24
CA VAL B 451 -71.62 -11.65 16.85
C VAL B 451 -72.38 -10.49 17.50
N ASN B 452 -73.66 -10.32 17.16
CA ASN B 452 -74.55 -9.31 17.79
C ASN B 452 -75.66 -10.04 18.54
N ALA B 453 -76.13 -9.45 19.64
CA ALA B 453 -77.18 -10.01 20.54
C ALA B 453 -77.61 -8.92 21.51
N PRO B 454 -78.83 -8.99 22.08
CA PRO B 454 -79.36 -7.91 22.91
C PRO B 454 -78.69 -7.81 24.30
N ASN B 455 -78.02 -8.87 24.74
CA ASN B 455 -77.33 -8.94 26.06
C ASN B 455 -76.11 -9.85 25.96
N HIS B 456 -75.30 -9.90 27.04
CA HIS B 456 -74.04 -10.68 27.13
C HIS B 456 -74.31 -12.17 26.88
N GLU B 457 -75.20 -12.76 27.68
CA GLU B 457 -75.58 -14.20 27.58
C GLU B 457 -75.91 -14.54 26.12
N GLY B 458 -76.57 -13.60 25.41
CA GLY B 458 -76.90 -13.73 23.98
C GLY B 458 -75.67 -13.90 23.12
N ILE B 459 -74.65 -13.05 23.32
CA ILE B 459 -73.34 -13.10 22.61
C ILE B 459 -72.72 -14.47 22.86
N GLN B 460 -72.52 -14.82 24.14
CA GLN B 460 -71.93 -16.11 24.58
C GLN B 460 -72.61 -17.26 23.82
N ALA B 461 -73.94 -17.22 23.71
CA ALA B 461 -74.77 -18.22 22.99
C ALA B 461 -74.38 -18.24 21.51
N GLY B 462 -74.44 -17.09 20.84
CA GLY B 462 -74.09 -16.92 19.41
C GLY B 462 -72.71 -17.45 19.09
N VAL B 463 -71.74 -17.20 19.97
CA VAL B 463 -70.33 -17.69 19.86
C VAL B 463 -70.37 -19.22 19.87
N ASP B 464 -70.95 -19.81 20.92
CA ASP B 464 -71.05 -21.28 21.12
C ASP B 464 -71.67 -21.91 19.87
N ARG B 465 -72.76 -21.32 19.37
CA ARG B 465 -73.53 -21.85 18.21
C ARG B 465 -72.61 -21.89 16.98
N PHE B 466 -71.80 -20.85 16.76
CA PHE B 466 -70.78 -20.81 15.68
C PHE B 466 -69.72 -21.88 15.94
N TYR B 467 -69.14 -21.88 17.15
CA TYR B 467 -68.02 -22.77 17.55
C TYR B 467 -68.40 -24.22 17.31
N ARG B 468 -69.65 -24.58 17.59
CA ARG B 468 -70.17 -25.98 17.57
C ARG B 468 -70.62 -26.33 16.15
N THR B 469 -71.38 -25.45 15.49
CA THR B 469 -71.75 -25.62 14.07
C THR B 469 -70.49 -25.85 13.23
N CYS B 470 -69.37 -25.23 13.63
CA CYS B 470 -68.02 -25.38 13.00
C CYS B 470 -67.48 -26.80 13.23
N LYS B 471 -67.66 -27.35 14.44
CA LYS B 471 -67.15 -28.69 14.84
C LYS B 471 -67.78 -29.79 13.96
N LEU B 472 -69.03 -29.58 13.52
CA LEU B 472 -69.82 -30.57 12.75
C LEU B 472 -69.27 -30.72 11.34
N VAL B 473 -68.41 -29.81 10.86
CA VAL B 473 -67.84 -29.83 9.49
C VAL B 473 -66.30 -29.89 9.56
N GLY B 474 -65.74 -30.15 10.75
CA GLY B 474 -64.29 -30.39 10.96
C GLY B 474 -63.49 -29.11 11.05
N ILE B 475 -64.11 -28.04 11.57
CA ILE B 475 -63.47 -26.71 11.77
C ILE B 475 -63.34 -26.46 13.27
N ASN B 476 -62.11 -26.37 13.75
CA ASN B 476 -61.77 -26.33 15.20
C ASN B 476 -61.11 -24.99 15.51
N MET B 477 -61.92 -24.00 15.91
CA MET B 477 -61.42 -22.66 16.31
C MET B 477 -60.35 -22.88 17.39
N SER B 478 -59.21 -22.20 17.27
CA SER B 478 -58.07 -22.29 18.22
C SER B 478 -58.35 -21.37 19.41
N LYS B 479 -58.67 -21.95 20.57
CA LYS B 479 -58.93 -21.21 21.83
C LYS B 479 -57.66 -20.45 22.24
N LYS B 480 -56.48 -21.04 22.01
CA LYS B 480 -55.15 -20.43 22.31
C LYS B 480 -54.97 -19.15 21.49
N LYS B 481 -55.06 -19.28 20.15
CA LYS B 481 -54.71 -18.22 19.19
C LYS B 481 -55.78 -17.13 19.20
N SER B 482 -57.06 -17.49 19.35
CA SER B 482 -58.23 -16.59 19.21
C SER B 482 -58.47 -15.79 20.50
N TYR B 483 -59.16 -14.66 20.36
CA TYR B 483 -59.61 -13.76 21.47
C TYR B 483 -60.83 -12.97 21.00
N ILE B 484 -61.53 -12.30 21.92
CA ILE B 484 -62.79 -11.54 21.64
C ILE B 484 -62.81 -10.23 22.45
N ASN B 485 -63.33 -9.17 21.82
CA ASN B 485 -63.43 -7.80 22.37
C ASN B 485 -64.64 -7.12 21.72
N ARG B 486 -65.16 -6.04 22.33
CA ARG B 486 -66.24 -5.20 21.75
C ARG B 486 -65.81 -4.76 20.35
N THR B 487 -66.75 -4.75 19.40
CA THR B 487 -66.51 -4.36 17.98
C THR B 487 -65.93 -2.95 17.93
N GLY B 488 -64.93 -2.73 17.07
CA GLY B 488 -64.17 -1.47 17.00
C GLY B 488 -62.69 -1.70 16.73
N THR B 489 -62.16 -2.88 17.11
CA THR B 489 -60.76 -3.30 16.84
C THR B 489 -60.72 -4.82 16.64
N PHE B 490 -59.91 -5.30 15.69
CA PHE B 490 -59.61 -6.74 15.47
C PHE B 490 -58.52 -6.91 14.41
N GLU B 491 -58.11 -8.16 14.16
CA GLU B 491 -57.09 -8.55 13.15
C GLU B 491 -57.70 -9.62 12.25
N PHE B 492 -57.34 -9.58 10.96
CA PHE B 492 -57.72 -10.57 9.94
C PHE B 492 -56.69 -10.55 8.81
N THR B 493 -55.92 -11.63 8.67
CA THR B 493 -54.83 -11.79 7.67
C THR B 493 -53.79 -10.71 7.89
N SER B 494 -53.49 -10.39 9.15
CA SER B 494 -52.44 -9.44 9.58
C SER B 494 -52.76 -8.03 9.09
N PHE B 495 -54.05 -7.73 8.90
CA PHE B 495 -54.59 -6.35 8.78
C PHE B 495 -55.18 -5.96 10.13
N PHE B 496 -54.59 -4.98 10.81
CA PHE B 496 -54.94 -4.59 12.21
C PHE B 496 -55.87 -3.37 12.18
N TYR B 497 -57.18 -3.63 12.20
CA TYR B 497 -58.27 -2.62 12.19
C TYR B 497 -58.37 -1.96 13.58
N ARG B 498 -58.43 -0.63 13.60
CA ARG B 498 -58.65 0.16 14.83
C ARG B 498 -59.53 1.37 14.53
N TYR B 499 -60.83 1.27 14.83
CA TYR B 499 -61.83 2.35 14.71
C TYR B 499 -61.71 2.99 13.32
N GLY B 500 -61.71 2.15 12.28
CA GLY B 500 -61.90 2.56 10.87
C GLY B 500 -60.60 2.64 10.11
N PHE B 501 -59.46 2.66 10.79
CA PHE B 501 -58.11 2.71 10.16
C PHE B 501 -57.42 1.36 10.32
N VAL B 502 -56.82 0.86 9.23
CA VAL B 502 -55.91 -0.32 9.24
C VAL B 502 -54.50 0.20 8.98
N ALA B 503 -53.55 -0.10 9.87
CA ALA B 503 -52.14 0.36 9.82
C ALA B 503 -51.52 -0.05 8.48
N ASN B 504 -50.68 0.82 7.91
CA ASN B 504 -50.10 0.71 6.55
C ASN B 504 -48.58 0.45 6.65
N PHE B 505 -48.14 -0.77 6.33
CA PHE B 505 -46.70 -1.15 6.34
C PHE B 505 -46.49 -2.45 5.53
N SER B 506 -45.38 -2.51 4.78
CA SER B 506 -44.93 -3.68 4.00
C SER B 506 -44.30 -4.72 4.95
N MET B 507 -44.77 -5.96 4.91
CA MET B 507 -44.31 -7.05 5.81
C MET B 507 -43.17 -7.86 5.16
N GLU B 508 -42.92 -7.67 3.86
CA GLU B 508 -41.79 -8.32 3.14
C GLU B 508 -41.19 -7.31 2.16
N LEU B 509 -40.08 -6.68 2.53
CA LEU B 509 -39.31 -5.75 1.64
C LEU B 509 -38.39 -6.60 0.77
N PRO B 510 -38.25 -6.29 -0.54
CA PRO B 510 -37.45 -7.10 -1.44
C PRO B 510 -35.99 -6.62 -1.46
N SER B 511 -35.07 -7.40 -2.03
CA SER B 511 -33.68 -6.99 -2.31
C SER B 511 -33.70 -5.67 -3.10
N PHE B 512 -33.47 -4.57 -2.39
CA PHE B 512 -33.28 -3.19 -2.91
C PHE B 512 -32.04 -3.08 -3.81
N GLY B 513 -31.20 -4.12 -3.84
CA GLY B 513 -29.87 -4.08 -4.47
C GLY B 513 -29.92 -4.27 -5.98
N VAL B 514 -28.73 -4.35 -6.60
CA VAL B 514 -28.52 -4.57 -8.07
C VAL B 514 -28.98 -5.99 -8.44
N SER B 515 -29.39 -6.17 -9.69
CA SER B 515 -30.03 -7.38 -10.25
C SER B 515 -29.02 -8.23 -11.03
N GLY B 516 -27.92 -7.61 -11.50
CA GLY B 516 -26.77 -8.30 -12.10
C GLY B 516 -26.99 -8.72 -13.54
N ILE B 517 -27.78 -7.94 -14.30
CA ILE B 517 -28.02 -8.16 -15.77
C ILE B 517 -27.01 -7.29 -16.54
N ASN B 518 -27.11 -5.98 -16.37
CA ASN B 518 -26.17 -4.95 -16.90
C ASN B 518 -26.64 -3.58 -16.41
N GLU B 519 -25.91 -2.51 -16.73
CA GLU B 519 -26.22 -1.11 -16.33
C GLU B 519 -27.67 -0.78 -16.72
N SER B 520 -28.03 -1.00 -17.98
CA SER B 520 -29.33 -0.58 -18.59
C SER B 520 -30.51 -1.22 -17.85
N ALA B 521 -30.49 -2.55 -17.73
CA ALA B 521 -31.62 -3.35 -17.19
C ALA B 521 -31.81 -3.06 -15.69
N ASP B 522 -30.75 -3.32 -14.91
CA ASP B 522 -30.75 -3.28 -13.41
C ASP B 522 -31.44 -2.01 -12.92
N MET B 523 -31.16 -0.87 -13.57
CA MET B 523 -31.80 0.43 -13.25
C MET B 523 -33.33 0.25 -13.34
N SER B 524 -33.82 -0.11 -14.52
CA SER B 524 -35.26 -0.35 -14.77
C SER B 524 -35.82 -1.29 -13.72
N VAL B 525 -35.21 -2.48 -13.58
CA VAL B 525 -35.64 -3.52 -12.61
C VAL B 525 -35.73 -2.89 -11.21
N GLY B 526 -34.61 -2.36 -10.72
CA GLY B 526 -34.48 -1.79 -9.36
C GLY B 526 -35.56 -0.76 -9.06
N VAL B 527 -35.83 0.13 -10.03
CA VAL B 527 -36.82 1.23 -9.88
C VAL B 527 -38.23 0.63 -9.94
N THR B 528 -38.44 -0.34 -10.85
CA THR B 528 -39.70 -1.12 -10.99
C THR B 528 -40.02 -1.86 -9.68
N VAL B 529 -39.02 -2.52 -9.10
CA VAL B 529 -39.17 -3.36 -7.86
C VAL B 529 -39.77 -2.51 -6.73
N ILE B 530 -39.38 -1.23 -6.65
CA ILE B 530 -39.83 -0.30 -5.58
C ILE B 530 -41.28 0.11 -5.87
N LYS B 531 -41.56 0.63 -7.08
CA LYS B 531 -42.92 1.01 -7.50
C LYS B 531 -43.89 -0.14 -7.17
N ASN B 532 -43.58 -1.36 -7.63
CA ASN B 532 -44.43 -2.56 -7.45
C ASN B 532 -44.69 -2.81 -5.95
N ASN B 533 -43.68 -2.57 -5.10
CA ASN B 533 -43.81 -2.80 -3.63
C ASN B 533 -44.68 -1.70 -3.00
N MET B 534 -44.79 -0.54 -3.64
CA MET B 534 -45.67 0.58 -3.18
C MET B 534 -47.14 0.22 -3.49
N ILE B 535 -47.42 -0.20 -4.74
CA ILE B 535 -48.80 -0.44 -5.24
C ILE B 535 -49.33 -1.76 -4.65
N ASN B 536 -48.55 -2.83 -4.68
CA ASN B 536 -48.98 -4.17 -4.17
C ASN B 536 -48.82 -4.23 -2.65
N ASN B 537 -47.58 -4.11 -2.16
CA ASN B 537 -47.16 -4.52 -0.80
C ASN B 537 -47.38 -3.39 0.22
N ASP B 538 -47.99 -2.28 -0.18
CA ASP B 538 -48.46 -1.21 0.74
C ASP B 538 -47.24 -0.57 1.44
N LEU B 539 -46.13 -0.41 0.71
CA LEU B 539 -44.87 0.23 1.17
C LEU B 539 -45.06 1.75 1.19
N GLY B 540 -44.76 2.39 2.33
CA GLY B 540 -44.88 3.85 2.53
C GLY B 540 -43.92 4.65 1.65
N PRO B 541 -44.26 5.89 1.26
CA PRO B 541 -43.42 6.71 0.37
C PRO B 541 -42.02 7.01 0.91
N ALA B 542 -41.93 7.60 2.12
CA ALA B 542 -40.64 7.95 2.77
C ALA B 542 -39.71 6.74 2.72
N THR B 543 -40.24 5.54 2.97
CA THR B 543 -39.48 4.27 2.97
C THR B 543 -39.01 3.96 1.54
N ALA B 544 -39.88 4.20 0.55
CA ALA B 544 -39.59 3.99 -0.90
C ALA B 544 -38.47 4.93 -1.35
N GLN B 545 -38.50 6.19 -0.90
CA GLN B 545 -37.43 7.18 -1.21
C GLN B 545 -36.08 6.65 -0.70
N MET B 546 -36.02 6.20 0.56
CA MET B 546 -34.79 5.63 1.16
C MET B 546 -34.43 4.34 0.43
N ALA B 547 -35.42 3.50 0.11
CA ALA B 547 -35.25 2.27 -0.69
C ALA B 547 -34.56 2.62 -2.01
N LEU B 548 -35.04 3.67 -2.68
CA LEU B 548 -34.48 4.18 -3.96
C LEU B 548 -33.03 4.61 -3.74
N GLN B 549 -32.76 5.33 -2.64
CA GLN B 549 -31.40 5.83 -2.31
C GLN B 549 -30.43 4.65 -2.21
N LEU B 550 -30.81 3.60 -1.47
CA LEU B 550 -29.94 2.43 -1.16
C LEU B 550 -29.69 1.63 -2.45
N PHE B 551 -30.67 1.55 -3.35
CA PHE B 551 -30.50 0.96 -4.69
C PHE B 551 -29.43 1.74 -5.46
N ILE B 552 -29.65 3.04 -5.68
CA ILE B 552 -28.76 3.95 -6.43
C ILE B 552 -27.34 3.82 -5.88
N LYS B 553 -27.20 3.82 -4.56
CA LYS B 553 -25.88 3.71 -3.86
C LYS B 553 -25.20 2.43 -4.32
N ASP B 554 -25.92 1.30 -4.26
CA ASP B 554 -25.43 -0.03 -4.70
C ASP B 554 -25.15 -0.01 -6.20
N TYR B 555 -26.06 0.57 -6.99
CA TYR B 555 -25.98 0.67 -8.48
C TYR B 555 -24.66 1.32 -8.86
N ARG B 556 -24.36 2.49 -8.28
CA ARG B 556 -23.18 3.32 -8.64
C ARG B 556 -21.89 2.62 -8.20
N TYR B 557 -21.88 2.02 -7.01
CA TYR B 557 -20.73 1.25 -6.48
C TYR B 557 -20.44 0.09 -7.43
N THR B 558 -21.46 -0.73 -7.73
CA THR B 558 -21.35 -1.93 -8.62
C THR B 558 -20.73 -1.52 -9.96
N TYR B 559 -21.30 -0.52 -10.62
CA TYR B 559 -20.99 -0.13 -12.03
C TYR B 559 -19.99 1.03 -12.09
N ARG B 560 -19.38 1.37 -10.94
CA ARG B 560 -18.27 2.35 -10.84
C ARG B 560 -18.70 3.69 -11.43
N CYS B 561 -20.01 3.93 -11.55
CA CYS B 561 -20.58 5.07 -12.31
C CYS B 561 -21.05 6.16 -11.35
N HIS B 562 -20.18 6.52 -10.40
CA HIS B 562 -20.42 7.62 -9.41
C HIS B 562 -20.57 8.94 -10.18
N ARG B 563 -21.46 9.81 -9.71
CA ARG B 563 -21.76 11.13 -10.36
C ARG B 563 -20.46 11.78 -10.84
N GLY B 564 -20.51 12.50 -11.96
CA GLY B 564 -19.35 13.11 -12.64
C GLY B 564 -18.68 14.19 -11.79
N ASP B 565 -19.45 14.95 -11.01
CA ASP B 565 -18.94 16.11 -10.22
C ASP B 565 -18.20 15.62 -8.97
N THR B 566 -18.47 14.40 -8.49
CA THR B 566 -17.84 13.83 -7.26
C THR B 566 -16.34 13.61 -7.49
N GLN B 567 -15.59 13.36 -6.40
CA GLN B 567 -14.10 13.27 -6.38
C GLN B 567 -13.66 11.80 -6.23
N ILE B 568 -14.61 10.88 -5.99
CA ILE B 568 -14.38 9.42 -5.78
C ILE B 568 -13.47 8.91 -6.91
N GLN B 569 -12.59 7.96 -6.62
CA GLN B 569 -11.64 7.36 -7.60
C GLN B 569 -12.09 5.93 -7.93
N THR B 570 -12.25 5.64 -9.22
CA THR B 570 -12.40 4.28 -9.82
C THR B 570 -11.62 4.28 -11.14
N ARG B 571 -11.73 3.23 -11.96
CA ARG B 571 -11.20 3.25 -13.35
C ARG B 571 -12.02 4.23 -14.19
N ARG B 572 -13.34 4.26 -14.00
CA ARG B 572 -14.31 5.03 -14.80
C ARG B 572 -14.29 6.51 -14.45
N ALA B 573 -13.80 6.87 -13.25
CA ALA B 573 -13.78 8.24 -12.73
C ALA B 573 -13.36 9.22 -13.84
N PHE B 574 -12.28 8.90 -14.54
CA PHE B 574 -11.67 9.76 -15.60
C PHE B 574 -12.67 9.97 -16.73
N GLU B 575 -13.07 8.86 -17.38
CA GLU B 575 -13.99 8.85 -18.54
C GLU B 575 -15.26 9.64 -18.21
N LEU B 576 -15.85 9.37 -17.04
CA LEU B 576 -17.17 9.94 -16.62
C LEU B 576 -17.04 11.45 -16.38
N LYS B 577 -15.89 11.92 -15.91
CA LYS B 577 -15.63 13.36 -15.62
C LYS B 577 -15.38 14.10 -16.94
N LYS B 578 -14.64 13.46 -17.86
CA LYS B 578 -14.40 13.97 -19.24
C LYS B 578 -15.76 14.15 -19.93
N LEU B 579 -16.68 13.20 -19.78
CA LEU B 579 -18.05 13.26 -20.34
C LEU B 579 -18.85 14.35 -19.61
N TRP B 580 -18.72 14.43 -18.28
CA TRP B 580 -19.41 15.43 -17.43
C TRP B 580 -19.06 16.85 -17.91
N GLU B 581 -17.78 17.12 -18.17
CA GLU B 581 -17.27 18.45 -18.60
C GLU B 581 -17.81 18.79 -19.99
N GLN B 582 -17.67 17.85 -20.93
CA GLN B 582 -18.17 17.91 -22.33
C GLN B 582 -19.66 18.27 -22.36
N THR B 583 -20.47 17.63 -21.51
CA THR B 583 -21.95 17.68 -21.54
C THR B 583 -22.45 19.03 -21.01
N ARG B 584 -23.39 19.66 -21.72
CA ARG B 584 -24.02 20.95 -21.32
C ARG B 584 -25.13 20.64 -20.31
N SER B 585 -26.23 20.01 -20.76
CA SER B 585 -27.37 19.60 -19.91
C SER B 585 -27.04 18.26 -19.26
N LYS B 586 -26.62 18.30 -17.98
CA LYS B 586 -26.02 17.15 -17.25
C LYS B 586 -27.16 16.30 -16.68
N ALA B 587 -28.29 16.92 -16.34
CA ALA B 587 -29.54 16.23 -15.94
C ALA B 587 -29.95 15.26 -17.06
N GLY B 588 -29.43 15.46 -18.27
CA GLY B 588 -29.60 14.54 -19.41
C GLY B 588 -28.90 13.21 -19.17
N LEU B 589 -27.65 13.24 -18.67
CA LEU B 589 -26.80 12.05 -18.46
C LEU B 589 -27.54 11.02 -17.61
N LEU B 590 -27.47 9.74 -18.02
CA LEU B 590 -27.96 8.58 -17.23
C LEU B 590 -27.04 8.39 -16.02
N VAL B 591 -27.55 7.75 -14.96
CA VAL B 591 -26.78 7.47 -13.71
C VAL B 591 -25.52 6.67 -14.08
N SER B 592 -25.61 5.79 -15.08
CA SER B 592 -24.49 4.94 -15.56
C SER B 592 -23.50 5.75 -16.39
N ASP B 593 -23.78 7.04 -16.66
CA ASP B 593 -22.87 7.98 -17.37
C ASP B 593 -22.50 9.13 -16.43
N GLY B 594 -22.59 8.88 -15.12
CA GLY B 594 -22.19 9.85 -14.08
C GLY B 594 -23.21 10.99 -13.97
N GLY B 595 -24.45 10.73 -14.38
CA GLY B 595 -25.53 11.73 -14.32
C GLY B 595 -26.18 11.72 -12.94
N PRO B 596 -27.03 12.73 -12.63
CA PRO B 596 -27.76 12.78 -11.36
C PRO B 596 -29.00 11.88 -11.39
N ASN B 597 -29.33 11.27 -10.25
CA ASN B 597 -30.56 10.46 -10.05
C ASN B 597 -31.78 11.38 -10.02
N LEU B 598 -32.63 11.31 -11.04
CA LEU B 598 -33.83 12.18 -11.20
C LEU B 598 -35.10 11.44 -10.76
N TYR B 599 -35.00 10.16 -10.40
CA TYR B 599 -36.14 9.31 -9.98
C TYR B 599 -36.68 9.82 -8.65
N ASN B 600 -37.98 9.65 -8.44
CA ASN B 600 -38.73 9.91 -7.19
C ASN B 600 -40.05 9.16 -7.32
N ILE B 601 -40.87 9.13 -6.27
CA ILE B 601 -42.16 8.36 -6.21
C ILE B 601 -42.83 8.39 -7.59
N ARG B 602 -43.10 9.59 -8.12
CA ARG B 602 -43.91 9.81 -9.36
C ARG B 602 -43.26 9.13 -10.57
N ASN B 603 -41.92 9.22 -10.71
CA ASN B 603 -41.17 8.79 -11.93
C ASN B 603 -41.11 7.27 -12.06
N LEU B 604 -41.12 6.53 -10.95
CA LEU B 604 -40.57 5.14 -10.85
C LEU B 604 -41.08 4.24 -11.98
N HIS B 605 -42.25 4.50 -12.55
CA HIS B 605 -42.86 3.69 -13.65
C HIS B 605 -42.16 3.96 -14.99
N ILE B 606 -41.57 5.15 -15.17
CA ILE B 606 -40.90 5.56 -16.44
C ILE B 606 -39.54 4.85 -16.54
N PRO B 607 -39.15 4.34 -17.72
CA PRO B 607 -37.76 3.98 -18.00
C PRO B 607 -36.84 5.22 -18.00
N GLU B 608 -35.63 5.08 -17.47
CA GLU B 608 -34.67 6.20 -17.25
C GLU B 608 -34.42 6.93 -18.57
N VAL B 609 -34.24 6.17 -19.67
CA VAL B 609 -33.85 6.73 -21.00
C VAL B 609 -34.97 7.69 -21.44
N CYS B 610 -36.24 7.25 -21.36
CA CYS B 610 -37.43 8.08 -21.62
C CYS B 610 -37.44 9.29 -20.68
N LEU B 611 -37.31 9.05 -19.37
CA LEU B 611 -37.40 10.11 -18.32
C LEU B 611 -36.49 11.29 -18.67
N LYS B 612 -35.25 11.02 -19.08
CA LYS B 612 -34.20 12.05 -19.29
C LYS B 612 -34.11 12.45 -20.76
N TRP B 613 -35.01 11.95 -21.62
CA TRP B 613 -34.91 12.03 -23.09
C TRP B 613 -34.79 13.48 -23.56
N GLU B 614 -35.65 14.37 -23.05
CA GLU B 614 -35.71 15.79 -23.48
C GLU B 614 -34.44 16.51 -23.02
N LEU B 615 -33.89 16.15 -21.87
CA LEU B 615 -32.78 16.88 -21.21
C LEU B 615 -31.43 16.50 -21.82
N MET B 616 -31.38 15.43 -22.63
CA MET B 616 -30.12 14.91 -23.21
C MET B 616 -29.59 15.89 -24.26
N ASP B 617 -28.27 16.05 -24.37
CA ASP B 617 -27.61 16.79 -25.47
C ASP B 617 -27.80 15.98 -26.77
N GLU B 618 -27.90 16.66 -27.91
CA GLU B 618 -28.21 16.04 -29.23
C GLU B 618 -27.15 14.97 -29.54
N ASP B 619 -25.87 15.30 -29.33
CA ASP B 619 -24.73 14.41 -29.68
C ASP B 619 -24.67 13.24 -28.70
N TYR B 620 -24.82 13.50 -27.39
CA TYR B 620 -24.86 12.46 -26.33
C TYR B 620 -25.91 11.41 -26.72
N GLN B 621 -27.17 11.83 -26.84
CA GLN B 621 -28.31 10.98 -27.29
C GLN B 621 -27.92 10.26 -28.58
N GLY B 622 -27.24 10.98 -29.49
CA GLY B 622 -26.74 10.48 -30.78
C GLY B 622 -25.88 9.24 -30.61
N ARG B 623 -25.05 9.22 -29.57
CA ARG B 623 -24.09 8.11 -29.26
C ARG B 623 -24.77 7.05 -28.39
N LEU B 624 -25.48 7.48 -27.33
CA LEU B 624 -26.14 6.58 -26.35
C LEU B 624 -26.97 5.53 -27.09
N CYS B 625 -27.64 5.92 -28.18
CA CYS B 625 -28.70 5.13 -28.89
C CYS B 625 -28.25 4.66 -30.28
N ASN B 626 -27.12 5.16 -30.82
CA ASN B 626 -26.56 4.69 -32.10
C ASN B 626 -26.44 3.17 -32.08
N PRO B 627 -27.27 2.43 -32.85
CA PRO B 627 -27.27 0.97 -32.80
C PRO B 627 -26.18 0.30 -33.66
N MET B 628 -25.32 1.10 -34.30
CA MET B 628 -24.09 0.61 -34.97
C MET B 628 -23.04 0.26 -33.90
N ASN B 629 -23.29 0.62 -32.64
CA ASN B 629 -22.37 0.44 -31.48
C ASN B 629 -22.05 -1.04 -31.31
N PRO B 630 -20.82 -1.38 -30.87
CA PRO B 630 -20.38 -2.77 -30.76
C PRO B 630 -20.88 -3.54 -29.53
N PHE B 631 -21.60 -2.88 -28.60
CA PHE B 631 -21.93 -3.42 -27.26
C PHE B 631 -23.25 -4.20 -27.30
N VAL B 632 -24.28 -3.68 -27.97
CA VAL B 632 -25.63 -4.32 -28.07
C VAL B 632 -25.45 -5.63 -28.83
N SER B 633 -26.35 -6.60 -28.62
CA SER B 633 -26.23 -8.00 -29.11
C SER B 633 -27.32 -8.30 -30.14
N HIS B 634 -26.92 -8.56 -31.38
CA HIS B 634 -27.76 -8.66 -32.59
C HIS B 634 -28.35 -7.27 -32.87
N LYS B 635 -27.87 -6.61 -33.93
CA LYS B 635 -28.25 -5.24 -34.36
C LYS B 635 -29.77 -5.19 -34.62
N GLU B 636 -30.51 -4.40 -33.84
CA GLU B 636 -32.00 -4.39 -33.79
C GLU B 636 -32.53 -2.98 -34.01
N GLU B 656 -40.17 -9.27 -16.52
CA GLU B 656 -41.26 -8.33 -16.92
C GLU B 656 -40.82 -6.90 -16.60
N TYR B 657 -39.69 -6.45 -17.16
CA TYR B 657 -39.13 -5.09 -16.96
C TYR B 657 -39.00 -4.39 -18.31
N ASP B 658 -39.20 -3.07 -18.33
CA ASP B 658 -39.23 -2.22 -19.54
C ASP B 658 -37.94 -1.38 -19.61
N ALA B 659 -37.11 -1.62 -20.63
CA ALA B 659 -35.78 -0.97 -20.81
C ALA B 659 -35.55 -0.63 -22.29
N VAL B 660 -35.14 0.61 -22.58
CA VAL B 660 -34.70 1.05 -23.94
C VAL B 660 -33.30 0.49 -24.18
N ALA B 661 -33.01 0.05 -25.42
CA ALA B 661 -31.70 -0.46 -25.85
C ALA B 661 -30.74 0.70 -26.09
N THR B 662 -29.68 0.80 -25.28
CA THR B 662 -28.56 1.76 -25.41
C THR B 662 -27.24 0.99 -25.35
N THR B 663 -26.11 1.70 -25.42
CA THR B 663 -24.74 1.15 -25.29
C THR B 663 -24.59 0.45 -23.93
N HIS B 664 -25.42 0.82 -22.95
CA HIS B 664 -25.46 0.25 -21.59
C HIS B 664 -26.13 -1.14 -21.61
N SER B 665 -26.83 -1.51 -22.69
CA SER B 665 -27.48 -2.83 -22.86
C SER B 665 -26.45 -3.87 -23.30
N TRP B 666 -25.28 -3.88 -22.66
CA TRP B 666 -24.13 -4.76 -23.03
C TRP B 666 -24.30 -6.14 -22.39
N ILE B 667 -23.42 -7.08 -22.76
CA ILE B 667 -23.45 -8.49 -22.30
C ILE B 667 -22.10 -8.84 -21.65
N PRO B 668 -22.10 -9.27 -20.37
CA PRO B 668 -20.86 -9.66 -19.70
C PRO B 668 -20.37 -11.05 -20.12
N LYS B 669 -19.16 -11.41 -19.68
CA LYS B 669 -18.51 -12.72 -19.97
C LYS B 669 -19.03 -13.78 -18.98
N ARG B 670 -19.02 -15.05 -19.38
CA ARG B 670 -19.36 -16.21 -18.51
C ARG B 670 -18.17 -16.50 -17.59
N ASP B 685 -1.04 -22.47 -16.28
CA ASP B 685 -0.89 -23.07 -17.63
C ASP B 685 -1.67 -24.39 -17.70
N GLU B 686 -1.98 -24.83 -18.92
CA GLU B 686 -2.76 -26.06 -19.21
C GLU B 686 -1.85 -27.30 -19.10
N GLN B 687 -0.58 -27.15 -19.53
CA GLN B 687 0.48 -28.19 -19.44
C GLN B 687 0.85 -28.47 -17.97
N MET B 688 0.79 -27.44 -17.11
CA MET B 688 1.29 -27.50 -15.71
C MET B 688 0.18 -28.02 -14.77
N TYR B 689 -1.10 -27.90 -15.15
CA TYR B 689 -2.25 -28.48 -14.40
C TYR B 689 -2.41 -29.97 -14.75
N GLN B 690 -2.22 -30.32 -16.02
CA GLN B 690 -2.34 -31.70 -16.56
C GLN B 690 -1.09 -32.50 -16.17
N LYS B 691 0.07 -31.86 -16.02
CA LYS B 691 1.36 -32.50 -15.63
C LYS B 691 1.26 -33.05 -14.19
N CYS B 692 0.65 -32.29 -13.27
CA CYS B 692 0.44 -32.70 -11.85
C CYS B 692 -0.63 -33.79 -11.76
N CYS B 693 -1.67 -33.72 -12.60
CA CYS B 693 -2.81 -34.67 -12.63
C CYS B 693 -2.38 -36.02 -13.24
N ASN B 694 -1.41 -36.01 -14.16
CA ASN B 694 -0.88 -37.22 -14.85
C ASN B 694 0.08 -37.98 -13.92
N LEU B 695 0.86 -37.26 -13.09
CA LEU B 695 1.78 -37.85 -12.07
C LEU B 695 0.94 -38.50 -10.96
N PHE B 696 -0.26 -37.97 -10.69
CA PHE B 696 -1.22 -38.52 -9.68
C PHE B 696 -1.69 -39.91 -10.16
N GLU B 697 -1.75 -40.13 -11.48
CA GLU B 697 -2.14 -41.43 -12.11
C GLU B 697 -1.01 -42.45 -11.95
N LYS B 698 0.25 -42.00 -11.84
CA LYS B 698 1.44 -42.86 -11.58
C LYS B 698 1.41 -43.36 -10.13
N PHE B 699 0.60 -42.74 -9.26
CA PHE B 699 0.41 -43.11 -7.83
C PHE B 699 -0.90 -43.92 -7.65
N PHE B 700 -1.89 -43.74 -8.53
CA PHE B 700 -3.24 -44.38 -8.45
C PHE B 700 -3.76 -44.74 -9.85
N PRO B 701 -3.33 -45.87 -10.46
CA PRO B 701 -3.80 -46.26 -11.78
C PRO B 701 -5.29 -46.64 -11.82
N PRO B 708 -7.28 -42.46 -2.97
CA PRO B 708 -6.70 -41.49 -2.03
C PRO B 708 -7.74 -40.87 -1.09
N VAL B 709 -7.28 -40.19 -0.04
CA VAL B 709 -8.13 -39.53 1.00
C VAL B 709 -8.67 -38.20 0.44
N GLY B 710 -9.98 -37.97 0.56
CA GLY B 710 -10.73 -36.93 -0.18
C GLY B 710 -10.31 -35.53 0.23
N ILE B 711 -10.18 -35.29 1.54
CA ILE B 711 -9.96 -33.95 2.14
C ILE B 711 -8.47 -33.54 1.98
N SER B 712 -7.55 -34.51 1.97
CA SER B 712 -6.08 -34.29 1.86
C SER B 712 -5.74 -33.65 0.50
N SER B 713 -4.70 -32.79 0.48
CA SER B 713 -4.20 -32.11 -0.75
C SER B 713 -3.44 -33.12 -1.64
N MET B 714 -3.05 -32.70 -2.84
CA MET B 714 -2.40 -33.57 -3.86
C MET B 714 -1.06 -34.10 -3.34
N VAL B 715 -0.21 -33.23 -2.79
CA VAL B 715 1.22 -33.52 -2.43
C VAL B 715 1.28 -34.47 -1.22
N GLU B 716 0.39 -34.30 -0.23
CA GLU B 716 0.42 -35.08 1.05
C GLU B 716 -0.45 -36.35 0.92
N ALA B 717 -1.10 -36.55 -0.24
CA ALA B 717 -1.74 -37.83 -0.64
C ALA B 717 -0.84 -38.57 -1.65
N MET B 718 0.18 -37.89 -2.19
CA MET B 718 1.26 -38.47 -3.04
C MET B 718 2.41 -38.95 -2.14
N VAL B 719 2.81 -38.13 -1.16
CA VAL B 719 3.95 -38.40 -0.21
C VAL B 719 3.54 -39.49 0.80
N SER B 720 2.24 -39.67 1.04
CA SER B 720 1.68 -40.68 1.99
C SER B 720 1.57 -42.05 1.30
N ARG B 721 1.26 -42.08 0.00
CA ARG B 721 1.17 -43.32 -0.82
C ARG B 721 2.58 -43.89 -1.06
N ALA B 722 3.60 -43.02 -1.09
CA ALA B 722 5.02 -43.35 -1.36
C ALA B 722 5.61 -44.15 -0.19
N ARG B 723 5.37 -43.70 1.05
CA ARG B 723 5.89 -44.31 2.30
C ARG B 723 5.21 -45.67 2.55
N ILE B 724 3.95 -45.84 2.12
CA ILE B 724 3.15 -47.09 2.28
C ILE B 724 3.70 -48.16 1.32
N ASP B 725 3.95 -47.79 0.06
CA ASP B 725 4.53 -48.68 -0.99
C ASP B 725 6.00 -48.94 -0.67
N ALA B 726 6.67 -48.01 0.02
CA ALA B 726 8.10 -48.10 0.42
C ALA B 726 8.28 -49.19 1.48
N ARG B 727 7.34 -49.30 2.44
CA ARG B 727 7.43 -50.21 3.62
C ARG B 727 6.79 -51.57 3.32
N ILE B 728 5.97 -51.67 2.26
CA ILE B 728 5.32 -52.95 1.81
C ILE B 728 6.24 -53.65 0.79
N ASP B 729 7.03 -52.88 0.02
CA ASP B 729 8.04 -53.40 -0.95
C ASP B 729 9.35 -53.75 -0.23
N PHE B 730 9.53 -53.27 1.01
CA PHE B 730 10.69 -53.52 1.89
C PHE B 730 10.52 -54.86 2.64
N GLU B 731 9.26 -55.21 2.98
CA GLU B 731 8.89 -56.48 3.68
C GLU B 731 8.90 -57.65 2.69
N SER B 732 8.12 -57.55 1.60
CA SER B 732 7.96 -58.61 0.57
C SER B 732 9.25 -58.77 -0.23
N GLY B 733 10.14 -57.76 -0.21
CA GLY B 733 11.47 -57.81 -0.84
C GLY B 733 11.41 -57.54 -2.32
N ARG B 734 11.07 -56.30 -2.71
CA ARG B 734 11.09 -55.82 -4.12
C ARG B 734 12.25 -54.83 -4.29
N ILE B 735 12.34 -53.83 -3.41
CA ILE B 735 13.46 -52.85 -3.35
C ILE B 735 14.36 -53.20 -2.16
N LYS B 736 15.66 -52.89 -2.26
CA LYS B 736 16.70 -53.18 -1.25
C LYS B 736 16.61 -52.16 -0.09
N LYS B 737 17.54 -52.27 0.87
CA LYS B 737 17.72 -51.33 2.01
C LYS B 737 18.18 -49.95 1.49
N GLU B 738 18.91 -49.93 0.37
CA GLU B 738 19.46 -48.72 -0.30
C GLU B 738 18.32 -47.94 -0.97
N GLU B 739 17.40 -48.63 -1.64
CA GLU B 739 16.30 -48.05 -2.45
C GLU B 739 15.08 -47.72 -1.56
N PHE B 740 15.05 -48.20 -0.32
CA PHE B 740 14.02 -47.86 0.71
C PHE B 740 14.44 -46.61 1.48
N ALA B 741 15.74 -46.48 1.76
CA ALA B 741 16.36 -45.32 2.45
C ALA B 741 16.32 -44.08 1.55
N GLU B 742 16.38 -44.27 0.22
CA GLU B 742 16.40 -43.19 -0.79
C GLU B 742 15.00 -42.57 -0.92
N ILE B 743 13.94 -43.40 -0.87
CA ILE B 743 12.51 -42.97 -0.93
C ILE B 743 12.18 -42.14 0.32
N MET B 744 12.57 -42.63 1.50
CA MET B 744 12.30 -41.99 2.83
C MET B 744 13.05 -40.66 2.95
N LYS B 745 14.23 -40.55 2.32
CA LYS B 745 15.05 -39.31 2.28
C LYS B 745 14.34 -38.26 1.41
N ILE B 746 13.93 -38.64 0.20
CA ILE B 746 13.26 -37.74 -0.80
C ILE B 746 11.88 -37.34 -0.26
N CYS B 747 11.19 -38.24 0.46
CA CYS B 747 9.84 -38.03 1.05
C CYS B 747 9.90 -36.97 2.18
N SER B 748 11.09 -36.66 2.71
CA SER B 748 11.32 -35.65 3.77
C SER B 748 11.84 -34.33 3.18
N THR B 749 12.27 -34.33 1.91
CA THR B 749 12.68 -33.12 1.15
C THR B 749 11.44 -32.42 0.58
N ILE B 750 10.39 -33.20 0.27
CA ILE B 750 9.08 -32.70 -0.27
C ILE B 750 8.28 -32.06 0.89
N GLU B 751 8.37 -32.65 2.09
CA GLU B 751 7.64 -32.19 3.31
C GLU B 751 8.23 -30.88 3.84
N GLU B 752 9.52 -30.62 3.58
CA GLU B 752 10.25 -29.42 4.04
C GLU B 752 10.07 -28.25 3.06
N LEU B 753 9.50 -28.51 1.88
CA LEU B 753 9.10 -27.47 0.88
C LEU B 753 7.68 -26.99 1.17
N ARG B 754 6.81 -27.86 1.68
CA ARG B 754 5.37 -27.57 2.00
C ARG B 754 5.26 -26.56 3.14
N ARG B 755 5.90 -26.82 4.28
CA ARG B 755 5.73 -26.10 5.57
C ARG B 755 5.93 -24.58 5.37
N GLN B 756 6.89 -24.18 4.53
CA GLN B 756 7.22 -22.76 4.25
C GLN B 756 6.94 -22.45 2.77
N MET C 1 10.13 -45.13 -6.78
CA MET C 1 11.49 -44.53 -6.75
C MET C 1 11.56 -43.35 -7.73
N GLU C 2 11.09 -43.52 -8.98
CA GLU C 2 11.13 -42.50 -10.06
C GLU C 2 10.00 -41.47 -9.85
N ARG C 3 8.84 -41.91 -9.35
CA ARG C 3 7.61 -41.10 -9.18
C ARG C 3 7.77 -40.13 -8.00
N ILE C 4 8.55 -40.52 -6.98
CA ILE C 4 8.77 -39.75 -5.71
C ILE C 4 9.91 -38.75 -5.93
N LYS C 5 10.87 -39.08 -6.81
CA LYS C 5 11.98 -38.20 -7.25
C LYS C 5 11.42 -37.11 -8.17
N GLU C 6 10.35 -37.42 -8.92
CA GLU C 6 9.66 -36.50 -9.86
C GLU C 6 8.82 -35.48 -9.06
N LEU C 7 8.23 -35.91 -7.94
CA LEU C 7 7.39 -35.05 -7.05
C LEU C 7 8.26 -33.95 -6.42
N ARG C 8 9.55 -34.24 -6.17
CA ARG C 8 10.54 -33.28 -5.61
C ARG C 8 10.90 -32.22 -6.67
N ASP C 9 10.90 -32.62 -7.95
CA ASP C 9 11.22 -31.74 -9.11
C ASP C 9 10.10 -30.70 -9.28
N LEU C 10 8.84 -31.12 -9.18
CA LEU C 10 7.64 -30.26 -9.39
C LEU C 10 7.43 -29.32 -8.20
N MET C 11 7.98 -29.63 -7.02
CA MET C 11 7.86 -28.80 -5.79
C MET C 11 9.02 -27.78 -5.73
N SER C 12 9.96 -27.82 -6.69
CA SER C 12 11.06 -26.84 -6.87
C SER C 12 10.63 -25.72 -7.85
N GLN C 13 9.72 -26.02 -8.78
CA GLN C 13 8.99 -25.01 -9.60
C GLN C 13 7.79 -24.49 -8.77
N SER C 14 7.80 -23.19 -8.43
CA SER C 14 6.89 -22.56 -7.42
C SER C 14 5.48 -22.35 -7.97
N ARG C 15 5.23 -22.60 -9.26
CA ARG C 15 3.87 -22.52 -9.89
C ARG C 15 3.18 -23.88 -9.81
N THR C 16 3.88 -24.96 -10.16
CA THR C 16 3.44 -26.37 -10.01
C THR C 16 3.32 -26.72 -8.51
N ARG C 17 4.09 -26.04 -7.68
CA ARG C 17 4.11 -26.16 -6.19
C ARG C 17 2.76 -25.68 -5.61
N GLU C 18 2.18 -24.63 -6.20
CA GLU C 18 0.94 -23.97 -5.70
C GLU C 18 -0.30 -24.57 -6.35
N ILE C 19 -0.15 -25.63 -7.15
CA ILE C 19 -1.27 -26.46 -7.70
C ILE C 19 -1.36 -27.76 -6.89
N LEU C 20 -0.31 -28.12 -6.15
CA LEU C 20 -0.20 -29.39 -5.37
C LEU C 20 -0.64 -29.15 -3.91
N THR C 21 -0.30 -28.01 -3.32
CA THR C 21 -0.60 -27.67 -1.89
C THR C 21 -2.03 -27.09 -1.76
N LYS C 22 -2.55 -26.42 -2.79
CA LYS C 22 -3.92 -25.87 -2.83
C LYS C 22 -4.93 -26.99 -3.15
N THR C 23 -4.85 -27.55 -4.37
CA THR C 23 -5.85 -28.49 -4.95
C THR C 23 -5.99 -29.71 -4.04
N THR C 24 -7.22 -30.23 -3.91
CA THR C 24 -7.59 -31.43 -3.12
C THR C 24 -7.92 -32.58 -4.09
N VAL C 25 -7.91 -33.83 -3.58
CA VAL C 25 -8.15 -35.07 -4.37
C VAL C 25 -9.58 -35.04 -4.92
N ASP C 26 -10.53 -34.50 -4.15
CA ASP C 26 -11.96 -34.37 -4.50
C ASP C 26 -12.12 -33.37 -5.66
N HIS C 27 -11.32 -32.30 -5.66
CA HIS C 27 -11.42 -31.15 -6.60
C HIS C 27 -10.36 -31.28 -7.71
N MET C 28 -10.10 -32.51 -8.18
CA MET C 28 -9.30 -32.82 -9.40
C MET C 28 -10.25 -33.16 -10.56
N ALA C 29 -11.43 -33.72 -10.26
CA ALA C 29 -12.51 -34.04 -11.24
C ALA C 29 -13.03 -32.76 -11.89
N ILE C 30 -13.02 -31.64 -11.16
CA ILE C 30 -13.51 -30.30 -11.62
C ILE C 30 -12.50 -29.66 -12.58
N ILE C 31 -11.20 -29.94 -12.39
CA ILE C 31 -10.08 -29.52 -13.32
C ILE C 31 -10.18 -30.33 -14.61
N LYS C 32 -10.54 -31.62 -14.53
CA LYS C 32 -10.82 -32.51 -15.68
C LYS C 32 -12.33 -32.64 -15.86
N GLU C 40 -21.72 -20.04 -8.83
CA GLU C 40 -22.25 -18.76 -8.25
C GLU C 40 -23.64 -18.51 -8.84
N LYS C 41 -24.66 -19.19 -8.29
CA LYS C 41 -26.09 -19.11 -8.71
C LYS C 41 -26.60 -17.66 -8.66
N ASN C 42 -26.20 -16.91 -7.64
CA ASN C 42 -26.68 -15.53 -7.37
C ASN C 42 -26.00 -14.57 -8.32
N PRO C 43 -26.72 -13.99 -9.32
CA PRO C 43 -26.09 -13.17 -10.34
C PRO C 43 -25.59 -11.81 -9.81
N ALA C 44 -26.23 -11.31 -8.74
CA ALA C 44 -25.95 -10.01 -8.10
C ALA C 44 -24.47 -9.93 -7.72
N LEU C 45 -23.92 -10.98 -7.12
CA LEU C 45 -22.49 -11.03 -6.71
C LEU C 45 -21.65 -11.23 -7.98
N ARG C 46 -22.01 -12.22 -8.80
CA ARG C 46 -21.31 -12.58 -10.06
C ARG C 46 -21.01 -11.31 -10.86
N MET C 47 -21.94 -10.36 -10.88
CA MET C 47 -21.77 -9.03 -11.55
C MET C 47 -20.72 -8.23 -10.78
N LYS C 48 -20.94 -7.98 -9.48
CA LYS C 48 -19.98 -7.24 -8.61
C LYS C 48 -18.58 -7.85 -8.78
N TRP C 49 -18.51 -9.19 -8.79
CA TRP C 49 -17.28 -9.99 -9.01
C TRP C 49 -16.63 -9.58 -10.34
N MET C 50 -17.41 -9.57 -11.42
CA MET C 50 -16.93 -9.34 -12.81
C MET C 50 -16.51 -7.88 -13.01
N MET C 51 -17.25 -6.92 -12.42
CA MET C 51 -16.99 -5.47 -12.58
C MET C 51 -15.62 -5.13 -11.96
N ALA C 52 -15.15 -5.96 -11.02
CA ALA C 52 -13.80 -5.87 -10.42
C ALA C 52 -12.73 -6.13 -11.50
N MET C 53 -13.00 -7.04 -12.43
CA MET C 53 -12.04 -7.47 -13.49
C MET C 53 -11.77 -6.29 -14.43
N LYS C 54 -10.64 -6.36 -15.16
CA LYS C 54 -10.22 -5.33 -16.14
C LYS C 54 -11.25 -5.28 -17.28
N TYR C 55 -11.56 -6.45 -17.87
CA TYR C 55 -12.37 -6.60 -19.11
C TYR C 55 -13.47 -7.64 -18.89
N PRO C 56 -14.62 -7.26 -18.29
CA PRO C 56 -15.75 -8.19 -18.14
C PRO C 56 -16.77 -8.22 -19.31
N ILE C 57 -16.87 -7.15 -20.09
CA ILE C 57 -17.88 -6.98 -21.17
C ILE C 57 -17.32 -7.55 -22.48
N THR C 58 -18.15 -8.28 -23.23
CA THR C 58 -17.84 -8.84 -24.58
C THR C 58 -18.41 -7.93 -25.66
N ALA C 59 -17.75 -7.86 -26.82
CA ALA C 59 -18.17 -7.06 -27.99
C ALA C 59 -17.62 -7.65 -29.28
N ASP C 60 -18.17 -7.25 -30.43
CA ASP C 60 -17.69 -7.62 -31.78
C ASP C 60 -16.24 -7.10 -31.94
N LYS C 61 -15.46 -7.76 -32.80
CA LYS C 61 -14.03 -7.40 -33.09
C LYS C 61 -13.94 -6.03 -33.75
N ARG C 62 -15.03 -5.50 -34.30
CA ARG C 62 -15.07 -4.20 -35.03
C ARG C 62 -14.83 -3.04 -34.05
N ILE C 63 -15.04 -3.25 -32.75
CA ILE C 63 -14.78 -2.25 -31.67
C ILE C 63 -13.33 -1.77 -31.78
N MET C 64 -12.41 -2.69 -32.07
CA MET C 64 -10.94 -2.43 -32.15
C MET C 64 -10.65 -1.43 -33.27
N GLU C 65 -11.49 -1.39 -34.31
CA GLU C 65 -11.40 -0.44 -35.44
C GLU C 65 -12.13 0.87 -35.10
N MET C 66 -13.08 0.82 -34.16
CA MET C 66 -14.03 1.94 -33.86
C MET C 66 -13.47 2.84 -32.75
N ILE C 67 -13.13 2.26 -31.59
CA ILE C 67 -12.57 3.01 -30.41
C ILE C 67 -11.11 2.64 -30.24
N PRO C 68 -10.27 3.54 -29.67
CA PRO C 68 -8.83 3.28 -29.54
C PRO C 68 -8.55 2.27 -28.42
N GLU C 69 -7.34 1.71 -28.40
CA GLU C 69 -6.91 0.69 -27.41
C GLU C 69 -6.82 1.35 -26.03
N ARG C 70 -6.26 2.57 -25.95
CA ARG C 70 -6.11 3.36 -24.69
C ARG C 70 -6.74 4.74 -24.86
N ASN C 71 -7.15 5.37 -23.75
CA ASN C 71 -7.70 6.75 -23.71
C ASN C 71 -6.56 7.75 -23.49
N GLU C 72 -6.88 9.02 -23.23
CA GLU C 72 -5.91 10.14 -23.04
C GLU C 72 -4.97 9.85 -21.86
N GLN C 73 -5.49 9.22 -20.80
CA GLN C 73 -4.76 8.93 -19.53
C GLN C 73 -4.00 7.61 -19.64
N GLY C 74 -4.15 6.89 -20.76
CA GLY C 74 -3.43 5.65 -21.05
C GLY C 74 -4.07 4.43 -20.39
N GLN C 75 -5.40 4.47 -20.20
CA GLN C 75 -6.20 3.34 -19.66
C GLN C 75 -6.61 2.44 -20.82
N THR C 76 -6.38 1.13 -20.70
CA THR C 76 -6.71 0.13 -21.74
C THR C 76 -8.24 -0.07 -21.75
N LEU C 77 -8.85 0.09 -22.93
CA LEU C 77 -10.34 0.08 -23.11
C LEU C 77 -10.81 -1.29 -23.62
N TRP C 78 -9.96 -2.05 -24.32
CA TRP C 78 -10.23 -3.45 -24.78
C TRP C 78 -8.93 -4.24 -24.88
N SER C 79 -9.04 -5.57 -24.97
CA SER C 79 -7.91 -6.54 -25.09
C SER C 79 -8.26 -7.63 -26.10
N LYS C 80 -7.27 -8.05 -26.91
CA LYS C 80 -7.42 -9.17 -27.88
C LYS C 80 -7.44 -10.50 -27.11
N THR C 81 -8.58 -10.85 -26.51
CA THR C 81 -8.76 -12.06 -25.66
C THR C 81 -9.69 -13.05 -26.38
N ASN C 82 -9.63 -14.32 -25.98
CA ASN C 82 -10.47 -15.43 -26.50
C ASN C 82 -11.85 -15.38 -25.82
N ASP C 83 -12.92 -15.22 -26.61
CA ASP C 83 -14.34 -15.41 -26.19
C ASP C 83 -14.82 -16.76 -26.71
N ALA C 84 -15.98 -17.24 -26.22
CA ALA C 84 -16.50 -18.64 -26.31
C ALA C 84 -16.50 -19.17 -27.74
N GLY C 85 -17.54 -18.83 -28.52
CA GLY C 85 -17.90 -19.54 -29.76
C GLY C 85 -17.37 -18.87 -31.03
N SER C 86 -16.97 -17.60 -30.96
CA SER C 86 -16.66 -16.76 -32.15
C SER C 86 -15.53 -15.76 -31.86
N ASP C 87 -15.44 -14.72 -32.69
CA ASP C 87 -14.30 -13.75 -32.73
C ASP C 87 -14.70 -12.47 -31.98
N ARG C 88 -15.53 -12.58 -30.95
CA ARG C 88 -15.81 -11.47 -30.00
C ARG C 88 -14.58 -11.28 -29.10
N VAL C 89 -14.34 -10.06 -28.60
CA VAL C 89 -13.18 -9.69 -27.75
C VAL C 89 -13.70 -9.10 -26.43
N MET C 90 -12.82 -8.97 -25.44
CA MET C 90 -13.16 -8.50 -24.06
C MET C 90 -12.89 -6.99 -23.93
N VAL C 91 -13.80 -6.29 -23.24
CA VAL C 91 -13.92 -4.80 -23.21
C VAL C 91 -14.17 -4.32 -21.78
N SER C 92 -13.54 -3.21 -21.39
CA SER C 92 -13.71 -2.55 -20.07
C SER C 92 -14.88 -1.59 -20.11
N PRO C 93 -15.66 -1.44 -19.01
CA PRO C 93 -16.79 -0.52 -18.98
C PRO C 93 -16.41 0.92 -19.33
N LEU C 94 -15.11 1.22 -19.31
CA LEU C 94 -14.53 2.52 -19.75
C LEU C 94 -14.94 2.79 -21.19
N ALA C 95 -14.88 1.76 -22.04
CA ALA C 95 -15.16 1.80 -23.49
C ALA C 95 -16.59 2.33 -23.75
N VAL C 96 -17.56 1.85 -22.98
CA VAL C 96 -19.00 2.26 -23.11
C VAL C 96 -19.10 3.77 -22.87
N THR C 97 -18.51 4.25 -21.78
CA THR C 97 -18.44 5.70 -21.44
C THR C 97 -17.68 6.42 -22.55
N TRP C 98 -16.54 5.88 -22.99
CA TRP C 98 -15.71 6.46 -24.07
C TRP C 98 -16.57 6.70 -25.30
N TRP C 99 -17.33 5.68 -25.73
CA TRP C 99 -18.27 5.73 -26.89
C TRP C 99 -19.27 6.87 -26.68
N ASN C 100 -19.83 6.98 -25.47
CA ASN C 100 -20.90 7.95 -25.14
C ASN C 100 -20.33 9.38 -25.07
N ARG C 101 -19.02 9.57 -25.24
CA ARG C 101 -18.41 10.94 -25.20
C ARG C 101 -17.63 11.24 -26.49
N ASN C 102 -17.25 10.24 -27.29
CA ASN C 102 -16.44 10.44 -28.53
C ASN C 102 -16.97 9.60 -29.71
N GLY C 103 -18.06 8.85 -29.54
CA GLY C 103 -18.53 7.91 -30.58
C GLY C 103 -19.09 8.62 -31.81
N PRO C 104 -19.58 7.86 -32.81
CA PRO C 104 -20.36 8.44 -33.92
C PRO C 104 -21.80 8.82 -33.53
N THR C 105 -22.30 9.92 -34.09
CA THR C 105 -23.70 10.42 -33.90
C THR C 105 -24.55 10.07 -35.12
N THR C 106 -25.49 9.13 -34.97
CA THR C 106 -26.60 8.88 -35.93
C THR C 106 -27.83 9.67 -35.45
N SER C 107 -28.84 9.81 -36.31
CA SER C 107 -30.10 10.56 -36.03
C SER C 107 -31.05 9.67 -35.21
N THR C 108 -31.42 10.12 -34.00
CA THR C 108 -32.19 9.34 -32.99
C THR C 108 -33.64 9.83 -32.92
N VAL C 109 -34.28 10.01 -34.08
CA VAL C 109 -35.68 10.51 -34.20
C VAL C 109 -36.65 9.31 -34.10
N HIS C 110 -36.17 8.10 -34.42
CA HIS C 110 -37.02 6.88 -34.58
C HIS C 110 -37.19 6.13 -33.26
N TYR C 111 -36.46 6.49 -32.20
CA TYR C 111 -36.43 5.76 -30.90
C TYR C 111 -37.68 6.04 -30.07
N PRO C 112 -38.20 7.30 -30.04
CA PRO C 112 -39.52 7.55 -29.46
C PRO C 112 -40.67 6.79 -30.13
N LYS C 113 -40.48 6.38 -31.40
CA LYS C 113 -41.51 5.71 -32.25
C LYS C 113 -41.32 4.18 -32.25
N VAL C 114 -40.08 3.70 -32.09
CA VAL C 114 -39.75 2.24 -31.97
C VAL C 114 -40.18 1.76 -30.58
N TYR C 115 -39.86 2.52 -29.53
CA TYR C 115 -40.19 2.24 -28.11
C TYR C 115 -41.39 3.09 -27.67
N LYS C 116 -42.42 3.20 -28.53
CA LYS C 116 -43.66 3.98 -28.27
C LYS C 116 -44.38 3.40 -27.04
N THR C 117 -44.44 2.07 -26.94
CA THR C 117 -45.07 1.31 -25.84
C THR C 117 -44.49 1.75 -24.49
N TYR C 118 -43.18 2.04 -24.44
CA TYR C 118 -42.42 2.48 -23.24
C TYR C 118 -42.61 3.98 -23.01
N PHE C 119 -42.40 4.78 -24.07
CA PHE C 119 -42.40 6.28 -24.07
C PHE C 119 -43.77 6.84 -23.68
N GLU C 120 -44.86 6.08 -23.89
CA GLU C 120 -46.25 6.53 -23.63
C GLU C 120 -46.51 6.65 -22.11
N LYS C 121 -45.69 6.00 -21.27
CA LYS C 121 -45.75 6.12 -19.79
C LYS C 121 -45.36 7.54 -19.34
N VAL C 122 -44.54 8.24 -20.14
CA VAL C 122 -44.05 9.62 -19.86
C VAL C 122 -45.14 10.65 -20.22
N GLU C 123 -45.92 10.37 -21.27
CA GLU C 123 -46.96 11.30 -21.82
C GLU C 123 -48.06 11.54 -20.80
N ARG C 124 -48.43 10.53 -20.01
CA ARG C 124 -49.48 10.62 -18.94
C ARG C 124 -48.98 11.50 -17.78
N LEU C 125 -47.67 11.63 -17.61
CA LEU C 125 -47.02 12.50 -16.57
C LEU C 125 -46.28 13.65 -17.26
N GLU D 3 77.85 3.91 13.85
CA GLU D 3 78.26 4.80 12.70
C GLU D 3 77.47 4.40 11.45
N GLU D 4 76.37 5.12 11.15
CA GLU D 4 75.58 4.96 9.90
C GLU D 4 76.41 5.51 8.73
N ARG D 5 76.36 4.83 7.58
CA ARG D 5 77.11 5.21 6.36
C ARG D 5 76.29 4.86 5.11
N PHE D 6 75.79 5.89 4.42
CA PHE D 6 75.00 5.83 3.17
C PHE D 6 75.84 6.44 2.05
N GLU D 7 75.89 5.77 0.89
CA GLU D 7 76.87 6.06 -0.19
C GLU D 7 76.17 6.20 -1.54
N ILE D 8 76.67 7.12 -2.36
CA ILE D 8 76.24 7.38 -3.77
C ILE D 8 77.34 6.84 -4.69
N THR D 9 77.03 5.80 -5.47
CA THR D 9 77.97 5.15 -6.44
C THR D 9 77.19 4.66 -7.66
N GLY D 10 77.92 4.15 -8.66
CA GLY D 10 77.37 3.56 -9.88
C GLY D 10 76.41 4.51 -10.58
N THR D 11 75.23 4.01 -10.94
CA THR D 11 74.19 4.73 -11.73
C THR D 11 73.82 6.05 -11.06
N MET D 12 73.79 6.07 -9.72
CA MET D 12 73.35 7.25 -8.91
C MET D 12 74.39 8.37 -9.01
N ARG D 13 75.68 8.04 -8.87
CA ARG D 13 76.79 9.03 -8.89
C ARG D 13 76.85 9.73 -10.26
N ARG D 14 76.60 9.00 -11.35
CA ARG D 14 76.62 9.53 -12.73
C ARG D 14 75.43 10.48 -12.94
N LEU D 15 74.30 10.21 -12.27
CA LEU D 15 73.12 11.11 -12.25
C LEU D 15 73.43 12.32 -11.37
N ALA D 16 74.03 12.07 -10.19
CA ALA D 16 74.46 13.12 -9.23
C ALA D 16 75.38 14.12 -9.94
N ASP D 17 76.29 13.61 -10.78
CA ASP D 17 77.33 14.41 -11.48
C ASP D 17 76.67 15.18 -12.65
N GLN D 18 75.56 14.67 -13.18
CA GLN D 18 74.84 15.29 -14.34
C GLN D 18 73.74 16.24 -13.85
N SER D 19 73.44 16.23 -12.55
CA SER D 19 72.34 17.01 -11.93
C SER D 19 72.93 18.19 -11.14
N LEU D 20 73.91 18.89 -11.72
CA LEU D 20 74.61 20.03 -11.10
C LEU D 20 74.41 21.27 -11.96
N PRO D 21 74.87 22.47 -11.50
CA PRO D 21 75.03 23.62 -12.38
C PRO D 21 75.98 23.33 -13.55
N PRO D 22 75.95 24.13 -14.65
CA PRO D 22 76.97 24.02 -15.69
C PRO D 22 78.32 24.46 -15.11
N ASN D 23 79.42 23.99 -15.68
CA ASN D 23 80.82 24.20 -15.20
C ASN D 23 81.24 23.01 -14.34
N PHE D 24 80.35 22.54 -13.47
CA PHE D 24 80.61 21.47 -12.47
C PHE D 24 80.32 20.12 -13.12
N SER D 25 81.32 19.23 -13.15
CA SER D 25 81.27 17.91 -13.81
C SER D 25 81.28 16.79 -12.77
N SER D 26 81.18 17.12 -11.49
CA SER D 26 81.49 16.21 -10.35
C SER D 26 80.84 16.72 -9.07
N LEU D 27 79.94 15.92 -8.46
CA LEU D 27 79.23 16.27 -7.20
C LEU D 27 80.25 16.66 -6.13
N GLU D 28 81.35 15.92 -6.01
CA GLU D 28 82.43 16.13 -5.00
C GLU D 28 83.10 17.50 -5.24
N ASN D 29 83.37 17.84 -6.50
CA ASN D 29 83.94 19.17 -6.91
C ASN D 29 83.00 20.28 -6.44
N PHE D 30 81.71 20.18 -6.78
CA PHE D 30 80.63 21.13 -6.43
C PHE D 30 80.51 21.24 -4.91
N ARG D 31 80.32 20.09 -4.25
CA ARG D 31 80.28 19.97 -2.76
C ARG D 31 81.35 20.90 -2.16
N ALA D 32 82.59 20.82 -2.67
CA ALA D 32 83.76 21.59 -2.20
C ALA D 32 83.56 23.10 -2.43
N TYR D 33 82.96 23.51 -3.56
CA TYR D 33 82.67 24.94 -3.90
C TYR D 33 81.76 25.53 -2.81
N VAL D 34 80.68 24.81 -2.50
CA VAL D 34 79.62 25.20 -1.53
C VAL D 34 80.23 25.18 -0.13
N ASP D 35 80.82 24.04 0.26
CA ASP D 35 81.49 23.85 1.57
C ASP D 35 82.31 25.10 1.90
N GLY D 36 83.11 25.58 0.95
CA GLY D 36 84.00 26.74 1.13
C GLY D 36 83.48 27.99 0.44
N PHE D 37 82.16 28.15 0.37
CA PHE D 37 81.50 29.36 -0.21
C PHE D 37 81.37 30.42 0.89
N GLU D 38 81.70 31.67 0.56
CA GLU D 38 81.45 32.86 1.42
C GLU D 38 80.86 33.95 0.53
N PRO D 39 79.81 34.67 0.98
CA PRO D 39 79.13 35.66 0.14
C PRO D 39 80.00 36.88 -0.21
N ASN D 40 79.88 37.39 -1.44
CA ASN D 40 80.75 38.45 -2.00
C ASN D 40 79.90 39.41 -2.86
N GLY D 41 78.80 39.91 -2.28
CA GLY D 41 77.85 40.81 -2.97
C GLY D 41 77.49 40.32 -4.36
N CYS D 42 77.30 39.01 -4.50
CA CYS D 42 76.95 38.32 -5.78
C CYS D 42 75.60 38.86 -6.28
N ILE D 43 74.62 38.97 -5.38
CA ILE D 43 73.27 39.54 -5.65
C ILE D 43 73.44 41.00 -6.06
N GLU D 44 73.95 41.83 -5.14
CA GLU D 44 74.15 43.30 -5.32
C GLU D 44 74.80 43.53 -6.71
N GLY D 45 75.75 42.66 -7.09
CA GLY D 45 76.42 42.69 -8.39
C GLY D 45 75.47 42.40 -9.53
N LYS D 46 74.86 41.21 -9.55
CA LYS D 46 74.02 40.71 -10.66
C LYS D 46 72.74 41.56 -10.78
N LEU D 47 72.39 42.31 -9.73
CA LEU D 47 71.30 43.33 -9.76
C LEU D 47 71.66 44.40 -10.79
N SER D 48 72.86 44.99 -10.67
CA SER D 48 73.39 46.03 -11.59
C SER D 48 73.59 45.46 -13.01
N GLN D 49 73.95 44.18 -13.11
CA GLN D 49 74.13 43.48 -14.42
C GLN D 49 72.78 43.33 -15.14
N MET D 50 71.69 43.15 -14.38
CA MET D 50 70.33 42.86 -14.93
C MET D 50 69.73 44.12 -15.57
N SER D 51 68.95 43.93 -16.64
CA SER D 51 68.22 44.98 -17.40
C SER D 51 67.27 45.74 -16.48
N LYS D 52 67.13 47.06 -16.70
CA LYS D 52 66.20 47.96 -15.95
C LYS D 52 64.79 47.82 -16.54
N GLU D 53 64.67 47.18 -17.71
CA GLU D 53 63.37 46.86 -18.35
C GLU D 53 62.68 45.75 -17.53
N VAL D 54 63.46 44.99 -16.75
CA VAL D 54 62.95 44.02 -15.73
C VAL D 54 62.63 44.81 -14.45
N ASN D 55 61.35 45.17 -14.26
CA ASN D 55 60.88 46.01 -13.12
C ASN D 55 59.42 45.65 -12.80
N ALA D 56 58.89 46.22 -11.71
CA ALA D 56 57.49 46.05 -11.25
C ALA D 56 56.85 47.43 -11.06
N ARG D 57 56.90 48.27 -12.09
CA ARG D 57 56.38 49.67 -12.04
C ARG D 57 54.89 49.61 -11.66
N ILE D 58 54.44 50.54 -10.82
CA ILE D 58 53.09 50.54 -10.17
C ILE D 58 52.18 51.57 -10.87
N GLU D 59 51.39 51.13 -11.84
CA GLU D 59 50.22 51.90 -12.35
C GLU D 59 49.30 52.14 -11.17
N PRO D 60 49.01 53.41 -10.80
CA PRO D 60 48.13 53.69 -9.66
C PRO D 60 46.67 53.48 -10.06
N PHE D 61 45.89 52.82 -9.21
CA PHE D 61 44.45 52.54 -9.42
C PHE D 61 43.63 53.74 -8.94
N LEU D 62 43.09 54.51 -9.89
CA LEU D 62 42.25 55.71 -9.62
C LEU D 62 40.78 55.33 -9.82
N ARG D 63 39.86 56.20 -9.39
CA ARG D 63 38.39 56.04 -9.57
C ARG D 63 38.04 56.07 -11.07
N THR D 64 39.01 56.38 -11.93
CA THR D 64 38.85 56.54 -13.39
C THR D 64 39.35 55.31 -14.15
N THR D 65 40.30 54.54 -13.59
CA THR D 65 41.08 53.48 -14.31
C THR D 65 40.25 52.24 -14.61
N PRO D 66 39.31 51.77 -13.75
CA PRO D 66 38.60 50.52 -13.99
C PRO D 66 37.38 50.68 -14.91
N ARG D 67 37.33 49.91 -16.00
CA ARG D 67 36.20 49.92 -16.98
C ARG D 67 35.22 48.79 -16.63
N PRO D 68 33.94 48.88 -17.07
CA PRO D 68 33.02 47.76 -16.94
C PRO D 68 33.50 46.53 -17.72
N LEU D 69 33.34 45.34 -17.14
CA LEU D 69 33.64 44.03 -17.77
C LEU D 69 32.87 43.92 -19.08
N ARG D 70 33.48 43.38 -20.13
CA ARG D 70 32.83 43.17 -21.45
C ARG D 70 32.22 41.77 -21.48
N LEU D 71 30.89 41.68 -21.54
CA LEU D 71 30.11 40.41 -21.65
C LEU D 71 29.99 40.02 -23.13
N PRO D 72 30.13 38.72 -23.47
CA PRO D 72 30.19 38.30 -24.87
C PRO D 72 28.87 38.52 -25.64
N ASP D 73 28.97 38.66 -26.98
CA ASP D 73 27.83 38.75 -27.92
C ASP D 73 27.58 37.37 -28.55
N GLY D 74 26.33 37.12 -28.96
CA GLY D 74 25.90 35.83 -29.52
C GLY D 74 24.41 35.58 -29.24
N PRO D 75 23.86 34.42 -29.65
CA PRO D 75 22.47 34.10 -29.40
C PRO D 75 22.23 33.95 -27.90
N PRO D 76 20.99 34.14 -27.39
CA PRO D 76 20.75 34.14 -25.95
C PRO D 76 21.01 32.77 -25.31
N CYS D 77 21.54 32.77 -24.07
CA CYS D 77 21.93 31.56 -23.29
C CYS D 77 20.70 30.72 -22.96
N SER D 78 20.89 29.41 -22.77
CA SER D 78 19.81 28.41 -22.55
C SER D 78 19.86 27.88 -21.10
N GLN D 79 18.72 27.40 -20.60
CA GLN D 79 18.59 26.71 -19.29
C GLN D 79 19.36 25.38 -19.36
N ARG D 80 20.24 25.15 -18.39
CA ARG D 80 21.11 23.95 -18.33
C ARG D 80 21.00 23.28 -16.95
N SER D 81 20.01 23.66 -16.13
CA SER D 81 19.75 23.02 -14.81
C SER D 81 19.11 21.65 -15.05
N LYS D 82 19.34 20.69 -14.14
CA LYS D 82 18.85 19.29 -14.22
C LYS D 82 17.32 19.27 -14.30
N PHE D 83 16.69 19.97 -13.36
CA PHE D 83 15.23 20.07 -13.19
C PHE D 83 14.82 21.54 -13.32
N LEU D 84 13.54 21.78 -13.64
CA LEU D 84 12.94 23.14 -13.73
C LEU D 84 13.06 23.82 -12.38
N LEU D 85 13.13 25.16 -12.37
CA LEU D 85 13.22 25.96 -11.12
C LEU D 85 11.92 26.74 -10.91
N MET D 86 11.79 27.94 -11.49
CA MET D 86 10.60 28.82 -11.27
C MET D 86 9.41 28.32 -12.11
N ASP D 87 9.69 27.60 -13.19
CA ASP D 87 8.68 27.13 -14.17
C ASP D 87 8.05 25.82 -13.67
N ALA D 88 8.76 25.09 -12.79
CA ALA D 88 8.34 23.76 -12.27
C ALA D 88 6.90 23.84 -11.77
N LEU D 89 6.16 22.73 -11.90
CA LEU D 89 4.77 22.57 -11.40
C LEU D 89 4.67 21.21 -10.70
N LYS D 90 3.82 21.11 -9.69
CA LYS D 90 3.74 19.93 -8.80
C LYS D 90 2.28 19.52 -8.59
N LEU D 91 2.00 18.22 -8.64
CA LEU D 91 0.72 17.60 -8.18
C LEU D 91 0.92 17.17 -6.74
N SER D 92 0.12 17.71 -5.82
CA SER D 92 0.29 17.57 -4.36
C SER D 92 -0.82 16.71 -3.75
N ILE D 93 -0.47 15.88 -2.78
CA ILE D 93 -1.42 15.16 -1.88
C ILE D 93 -1.07 15.52 -0.44
N GLU D 94 -2.10 15.64 0.42
CA GLU D 94 -1.94 15.74 1.89
C GLU D 94 -1.92 14.32 2.47
N ASP D 95 -0.79 13.91 3.04
CA ASP D 95 -0.56 12.54 3.56
C ASP D 95 -0.30 12.65 5.06
N PRO D 96 -1.35 12.70 5.91
CA PRO D 96 -1.17 12.97 7.33
C PRO D 96 -0.81 11.72 8.15
N SER D 97 -1.68 10.69 8.16
CA SER D 97 -1.62 9.53 9.10
C SER D 97 -0.30 8.76 8.92
N HIS D 98 0.04 8.40 7.68
CA HIS D 98 1.38 7.84 7.31
C HIS D 98 2.42 8.96 7.41
N GLU D 99 3.24 8.92 8.46
CA GLU D 99 4.45 9.75 8.61
C GLU D 99 5.65 8.87 8.28
N GLY D 100 6.81 9.48 7.97
CA GLY D 100 8.09 8.78 7.78
C GLY D 100 8.24 8.17 6.41
N GLU D 101 9.45 7.67 6.10
CA GLU D 101 9.88 7.16 4.77
C GLU D 101 8.87 6.12 4.26
N GLY D 102 8.22 6.42 3.12
CA GLY D 102 7.20 5.57 2.47
C GLY D 102 7.74 4.89 1.23
N ILE D 103 6.92 4.84 0.18
CA ILE D 103 7.30 4.34 -1.18
C ILE D 103 7.04 5.45 -2.19
N PRO D 104 8.07 5.91 -2.95
CA PRO D 104 7.90 7.04 -3.86
C PRO D 104 6.97 6.71 -5.05
N LEU D 105 7.06 5.50 -5.62
CA LEU D 105 6.26 5.10 -6.80
C LEU D 105 4.78 5.40 -6.54
N TYR D 106 4.28 5.03 -5.36
CA TYR D 106 2.84 5.12 -4.98
C TYR D 106 2.50 6.58 -4.63
N ASP D 107 3.40 7.28 -3.93
CA ASP D 107 3.29 8.73 -3.65
C ASP D 107 3.03 9.48 -4.96
N ALA D 108 3.69 9.07 -6.05
CA ALA D 108 3.53 9.65 -7.41
C ALA D 108 2.14 9.30 -7.95
N ILE D 109 1.80 8.00 -8.03
CA ILE D 109 0.50 7.51 -8.56
C ILE D 109 -0.64 8.21 -7.81
N LYS D 110 -0.51 8.36 -6.50
CA LYS D 110 -1.51 9.04 -5.64
C LYS D 110 -1.64 10.50 -6.10
N CYS D 111 -0.52 11.17 -6.36
CA CYS D 111 -0.48 12.56 -6.89
C CYS D 111 -1.14 12.59 -8.27
N MET D 112 -0.70 11.71 -9.17
CA MET D 112 -1.22 11.61 -10.56
C MET D 112 -2.75 11.53 -10.55
N LYS D 113 -3.33 10.81 -9.58
CA LYS D 113 -4.78 10.53 -9.51
C LYS D 113 -5.56 11.76 -9.01
N THR D 114 -4.88 12.81 -8.54
CA THR D 114 -5.53 14.08 -8.11
C THR D 114 -5.82 14.95 -9.33
N PHE D 115 -5.32 14.60 -10.52
CA PHE D 115 -5.48 15.38 -11.76
C PHE D 115 -6.31 14.58 -12.77
N PHE D 116 -7.43 15.17 -13.20
CA PHE D 116 -8.40 14.60 -14.15
C PHE D 116 -8.58 15.58 -15.32
N GLY D 117 -7.47 16.12 -15.84
CA GLY D 117 -7.47 17.13 -16.91
C GLY D 117 -6.55 16.79 -18.06
N TRP D 118 -6.09 15.53 -18.16
CA TRP D 118 -5.14 15.08 -19.21
C TRP D 118 -5.81 15.21 -20.58
N LYS D 119 -5.16 15.92 -21.50
CA LYS D 119 -5.55 16.10 -22.92
C LYS D 119 -4.82 15.03 -23.75
N GLU D 120 -5.26 14.82 -24.99
CA GLU D 120 -4.47 14.08 -26.00
C GLU D 120 -3.19 14.87 -26.24
N PRO D 121 -2.01 14.35 -25.82
CA PRO D 121 -0.78 15.14 -25.84
C PRO D 121 -0.31 15.47 -27.26
N ASN D 122 0.03 16.73 -27.54
CA ASN D 122 0.63 17.18 -28.83
C ASN D 122 1.87 18.04 -28.54
N ILE D 123 2.82 18.10 -29.48
CA ILE D 123 4.09 18.86 -29.34
C ILE D 123 3.79 20.35 -29.56
N ILE D 124 4.34 21.23 -28.71
CA ILE D 124 4.07 22.69 -28.75
C ILE D 124 5.32 23.45 -29.20
N LYS D 125 6.51 23.06 -28.71
CA LYS D 125 7.82 23.65 -29.10
C LYS D 125 8.85 22.51 -29.13
N PRO D 126 9.22 22.02 -30.33
CA PRO D 126 10.09 20.86 -30.46
C PRO D 126 11.58 21.13 -30.21
N HIS D 127 12.35 20.06 -29.98
CA HIS D 127 13.82 20.06 -29.84
C HIS D 127 14.42 20.01 -31.26
N GLU D 128 14.99 21.12 -31.73
CA GLU D 128 15.48 21.28 -33.13
C GLU D 128 16.45 20.15 -33.47
N LYS D 129 17.26 19.70 -32.50
CA LYS D 129 18.37 18.74 -32.72
C LYS D 129 17.99 17.34 -32.26
N GLY D 130 16.69 16.98 -32.32
CA GLY D 130 16.17 15.73 -31.73
C GLY D 130 14.96 15.18 -32.48
N ILE D 131 14.66 13.89 -32.28
CA ILE D 131 13.48 13.15 -32.82
C ILE D 131 12.28 13.42 -31.90
N ASN D 132 11.44 14.38 -32.25
CA ASN D 132 10.37 14.91 -31.36
C ASN D 132 9.28 13.86 -31.14
N PRO D 133 8.84 13.10 -32.17
CA PRO D 133 7.85 12.03 -31.96
C PRO D 133 8.21 11.05 -30.83
N ASN D 134 9.50 10.81 -30.58
CA ASN D 134 10.00 9.89 -29.51
C ASN D 134 9.67 10.46 -28.13
N TYR D 135 9.81 11.78 -27.95
CA TYR D 135 9.51 12.48 -26.67
C TYR D 135 8.02 12.33 -26.34
N LEU D 136 7.15 12.38 -27.37
CA LEU D 136 5.68 12.22 -27.18
C LEU D 136 5.37 10.76 -26.80
N LEU D 137 5.95 9.79 -27.51
CA LEU D 137 5.70 8.35 -27.27
C LEU D 137 6.13 7.98 -25.84
N THR D 138 7.26 8.53 -25.37
CA THR D 138 7.81 8.24 -24.01
C THR D 138 6.79 8.66 -22.95
N TRP D 139 6.20 9.85 -23.07
CA TRP D 139 5.18 10.38 -22.10
C TRP D 139 3.94 9.47 -22.10
N LYS D 140 3.50 9.07 -23.29
CA LYS D 140 2.35 8.14 -23.47
C LYS D 140 2.68 6.81 -22.81
N GLN D 141 3.93 6.35 -22.94
CA GLN D 141 4.41 5.07 -22.36
C GLN D 141 4.34 5.14 -20.84
N VAL D 142 4.75 6.27 -20.24
CA VAL D 142 4.67 6.50 -18.77
C VAL D 142 3.21 6.31 -18.33
N LEU D 143 2.33 7.19 -18.79
CA LEU D 143 0.86 7.13 -18.55
C LEU D 143 0.37 5.68 -18.70
N ALA D 144 0.79 4.99 -19.77
CA ALA D 144 0.39 3.62 -20.09
C ALA D 144 0.86 2.65 -19.00
N GLU D 145 2.18 2.58 -18.78
CA GLU D 145 2.82 1.61 -17.86
C GLU D 145 2.37 1.84 -16.41
N LEU D 146 1.97 3.07 -16.05
CA LEU D 146 1.45 3.40 -14.69
C LEU D 146 0.09 2.72 -14.48
N GLN D 147 -0.75 2.63 -15.52
CA GLN D 147 -2.07 1.98 -15.43
C GLN D 147 -1.89 0.46 -15.44
N ASP D 148 -0.82 -0.03 -16.08
CA ASP D 148 -0.51 -1.48 -16.20
C ASP D 148 -0.08 -2.06 -14.85
N ILE D 149 0.26 -1.26 -13.84
CA ILE D 149 0.61 -1.78 -12.49
C ILE D 149 -0.67 -2.29 -11.84
N GLU D 150 -1.81 -1.63 -12.13
CA GLU D 150 -3.14 -1.98 -11.59
C GLU D 150 -3.74 -3.15 -12.39
N ASN D 151 -2.90 -3.81 -13.20
CA ASN D 151 -3.21 -5.07 -13.92
C ASN D 151 -2.52 -6.23 -13.21
N GLU D 152 -1.34 -5.97 -12.61
CA GLU D 152 -0.44 -6.99 -12.02
C GLU D 152 -1.08 -7.61 -10.77
N GLU D 153 -1.05 -8.93 -10.66
CA GLU D 153 -1.58 -9.71 -9.50
C GLU D 153 -1.01 -9.13 -8.21
N LYS D 154 0.32 -9.04 -8.12
CA LYS D 154 1.07 -8.45 -6.97
C LYS D 154 1.71 -7.14 -7.44
N ILE D 155 1.45 -6.05 -6.71
CA ILE D 155 1.90 -4.67 -7.10
C ILE D 155 3.40 -4.54 -6.81
N PRO D 156 4.20 -3.99 -7.73
CA PRO D 156 5.64 -3.90 -7.55
C PRO D 156 6.07 -2.65 -6.76
N ARG D 157 7.24 -2.72 -6.11
CA ARG D 157 7.86 -1.64 -5.30
C ARG D 157 8.22 -0.46 -6.23
N THR D 158 8.93 -0.75 -7.33
CA THR D 158 9.33 0.24 -8.36
C THR D 158 8.87 -0.24 -9.73
N LYS D 159 8.86 0.66 -10.71
CA LYS D 159 8.49 0.35 -12.12
C LYS D 159 9.73 0.41 -13.00
N ASN D 160 9.87 -0.57 -13.90
CA ASN D 160 10.93 -0.64 -14.94
C ASN D 160 10.26 -0.50 -16.31
N MET D 161 10.46 0.63 -16.99
CA MET D 161 9.86 0.93 -18.32
C MET D 161 10.35 -0.12 -19.32
N LYS D 162 9.47 -0.55 -20.23
CA LYS D 162 9.80 -1.50 -21.33
C LYS D 162 10.77 -0.79 -22.28
N LYS D 163 11.83 -1.49 -22.69
CA LYS D 163 12.92 -0.92 -23.53
C LYS D 163 12.42 -0.77 -24.97
N THR D 164 11.58 0.23 -25.19
CA THR D 164 11.00 0.58 -26.53
C THR D 164 12.08 1.26 -27.37
N SER D 165 11.78 1.51 -28.64
CA SER D 165 12.62 2.29 -29.59
C SER D 165 12.84 3.70 -29.03
N GLN D 166 11.76 4.41 -28.72
CA GLN D 166 11.78 5.84 -28.31
C GLN D 166 12.62 6.00 -27.03
N LEU D 167 12.56 5.03 -26.12
CA LEU D 167 13.31 5.07 -24.84
C LEU D 167 14.77 4.72 -25.12
N LYS D 168 15.00 3.61 -25.82
CA LYS D 168 16.33 3.21 -26.33
C LYS D 168 16.99 4.40 -27.01
N TRP D 169 16.24 5.16 -27.81
CA TRP D 169 16.75 6.39 -28.48
C TRP D 169 17.15 7.43 -27.43
N ALA D 170 16.18 7.89 -26.64
CA ALA D 170 16.31 9.02 -25.69
C ALA D 170 17.46 8.76 -24.71
N LEU D 171 17.63 7.51 -24.26
CA LEU D 171 18.64 7.14 -23.24
C LEU D 171 19.99 6.79 -23.91
N GLY D 172 20.05 6.86 -25.25
CA GLY D 172 21.30 6.76 -26.04
C GLY D 172 21.79 5.32 -26.19
N GLU D 173 20.91 4.33 -26.00
CA GLU D 173 21.23 2.89 -26.18
C GLU D 173 21.67 2.64 -27.63
N ASN D 174 22.84 2.00 -27.80
CA ASN D 174 23.43 1.62 -29.12
C ASN D 174 23.76 2.89 -29.92
N MET D 175 24.23 3.96 -29.26
CA MET D 175 24.75 5.18 -29.91
C MET D 175 26.22 5.40 -29.52
N ALA D 176 26.81 4.52 -28.71
CA ALA D 176 28.26 4.46 -28.42
C ALA D 176 28.92 3.56 -29.47
N PRO D 177 29.81 4.08 -30.33
CA PRO D 177 30.43 3.27 -31.39
C PRO D 177 31.42 2.25 -30.79
N GLU D 178 31.76 1.21 -31.55
CA GLU D 178 32.62 0.10 -31.10
C GLU D 178 34.10 0.52 -31.14
N LYS D 179 34.86 0.20 -30.09
CA LYS D 179 36.33 0.39 -29.96
C LYS D 179 37.03 -0.56 -30.95
N VAL D 180 37.86 0.00 -31.85
CA VAL D 180 38.58 -0.75 -32.92
C VAL D 180 40.09 -0.48 -32.78
N ASP D 181 40.84 -1.49 -32.35
CA ASP D 181 42.33 -1.52 -32.31
C ASP D 181 42.88 -0.71 -33.50
N PHE D 182 43.78 0.24 -33.26
CA PHE D 182 44.32 1.18 -34.29
C PHE D 182 45.27 0.45 -35.24
N GLU D 183 45.62 -0.82 -34.95
CA GLU D 183 46.37 -1.70 -35.86
C GLU D 183 45.46 -2.16 -37.01
N ASP D 184 44.14 -2.19 -36.79
CA ASP D 184 43.12 -2.74 -37.72
C ASP D 184 42.49 -1.62 -38.55
N CYS D 185 42.06 -0.52 -37.92
CA CYS D 185 41.49 0.68 -38.61
C CYS D 185 42.59 1.75 -38.80
N LYS D 186 43.81 1.31 -39.14
CA LYS D 186 45.02 2.19 -39.30
C LYS D 186 44.66 3.40 -40.18
N ASP D 187 44.20 3.14 -41.40
CA ASP D 187 43.83 4.17 -42.41
C ASP D 187 42.31 4.20 -42.55
N VAL D 188 41.70 5.31 -42.12
CA VAL D 188 40.26 5.64 -42.28
C VAL D 188 40.21 7.11 -42.70
N ASN D 189 39.44 7.45 -43.75
CA ASN D 189 39.53 8.75 -44.48
C ASN D 189 38.41 9.70 -44.01
N ASP D 190 38.11 9.69 -42.70
CA ASP D 190 37.24 10.70 -42.03
C ASP D 190 37.48 10.65 -40.51
N LEU D 191 38.70 10.35 -40.08
CA LEU D 191 39.07 9.96 -38.69
C LEU D 191 39.89 11.09 -38.05
N LYS D 192 39.23 11.94 -37.25
CA LYS D 192 39.84 13.08 -36.51
C LYS D 192 39.59 12.88 -35.01
N GLN D 193 40.47 13.45 -34.17
CA GLN D 193 40.40 13.36 -32.68
C GLN D 193 39.10 14.03 -32.18
N TYR D 194 38.76 13.79 -30.91
CA TYR D 194 37.56 14.33 -30.22
C TYR D 194 37.67 15.85 -30.15
N ASP D 195 37.32 16.53 -31.25
CA ASP D 195 37.49 18.00 -31.47
C ASP D 195 36.82 18.76 -30.32
N SER D 196 37.61 19.11 -29.29
CA SER D 196 37.20 19.96 -28.14
C SER D 196 36.98 21.40 -28.64
N ASP D 197 35.87 21.63 -29.35
CA ASP D 197 35.57 22.89 -30.07
C ASP D 197 35.48 24.06 -29.08
N GLU D 198 35.83 25.26 -29.56
CA GLU D 198 35.62 26.55 -28.86
C GLU D 198 34.12 26.70 -28.62
N PRO D 199 33.64 26.61 -27.35
CA PRO D 199 32.20 26.63 -27.08
C PRO D 199 31.61 27.98 -27.52
N GLU D 200 30.79 27.95 -28.57
CA GLU D 200 30.23 29.15 -29.25
C GLU D 200 29.66 30.09 -28.20
N PRO D 201 30.07 31.38 -28.17
CA PRO D 201 29.64 32.31 -27.14
C PRO D 201 28.13 32.60 -27.16
N ARG D 202 27.54 32.81 -25.98
CA ARG D 202 26.11 33.16 -25.79
C ARG D 202 26.02 34.51 -25.05
N SER D 203 24.96 35.26 -25.32
CA SER D 203 24.65 36.57 -24.68
C SER D 203 23.76 36.35 -23.46
N LEU D 204 23.87 37.23 -22.46
CA LEU D 204 23.10 37.16 -21.19
C LEU D 204 21.63 37.47 -21.46
N ALA D 205 20.76 36.46 -21.34
CA ALA D 205 19.28 36.60 -21.46
C ALA D 205 18.70 37.09 -20.14
N CYS D 206 17.43 37.46 -20.13
CA CYS D 206 16.73 38.05 -18.94
C CYS D 206 16.43 36.95 -17.91
N TRP D 207 15.97 35.78 -18.38
CA TRP D 207 15.35 34.73 -17.53
C TRP D 207 16.23 34.39 -16.32
N ILE D 208 17.55 34.31 -16.48
CA ILE D 208 18.49 33.91 -15.38
C ILE D 208 18.27 34.81 -14.16
N GLN D 209 18.08 36.12 -14.37
CA GLN D 209 17.79 37.10 -13.29
C GLN D 209 16.40 36.82 -12.72
N SER D 210 15.41 36.59 -13.58
CA SER D 210 14.02 36.23 -13.18
C SER D 210 14.08 35.00 -12.28
N GLU D 211 14.77 33.95 -12.74
CA GLU D 211 14.94 32.66 -12.01
C GLU D 211 15.46 32.91 -10.60
N PHE D 212 16.44 33.80 -10.46
CA PHE D 212 17.13 34.15 -9.19
C PHE D 212 16.22 35.00 -8.31
N ASN D 213 15.56 35.99 -8.91
CA ASN D 213 14.57 36.87 -8.20
C ASN D 213 13.55 35.97 -7.51
N LYS D 214 13.05 34.95 -8.22
CA LYS D 214 11.99 34.02 -7.73
C LYS D 214 12.57 33.09 -6.66
N ALA D 215 13.89 32.85 -6.69
CA ALA D 215 14.61 31.99 -5.72
C ALA D 215 14.66 32.67 -4.36
N CYS D 216 14.72 34.00 -4.33
CA CYS D 216 14.87 34.83 -3.10
C CYS D 216 13.52 35.01 -2.38
N GLU D 217 12.41 34.63 -3.03
CA GLU D 217 11.03 34.84 -2.53
C GLU D 217 10.70 33.83 -1.42
N LEU D 218 9.68 34.15 -0.61
CA LEU D 218 9.11 33.22 0.40
C LEU D 218 8.02 32.38 -0.26
N THR D 219 7.67 31.23 0.35
CA THR D 219 6.56 30.35 -0.08
C THR D 219 5.62 30.12 1.10
N ASP D 220 4.47 29.48 0.87
CA ASP D 220 3.49 29.12 1.92
C ASP D 220 3.78 27.71 2.44
N SER D 221 5.06 27.34 2.54
CA SER D 221 5.49 25.95 2.83
C SER D 221 6.89 25.94 3.46
N SER D 222 6.98 25.45 4.70
CA SER D 222 8.25 25.13 5.40
C SER D 222 8.93 23.99 4.65
N TRP D 223 10.10 24.25 4.08
CA TRP D 223 10.85 23.29 3.21
C TRP D 223 11.96 22.58 3.98
N VAL D 224 12.25 22.99 5.22
CA VAL D 224 13.27 22.33 6.08
C VAL D 224 12.73 22.21 7.51
N GLU D 225 12.93 21.03 8.12
CA GLU D 225 12.55 20.70 9.51
C GLU D 225 13.78 20.09 10.21
N LEU D 226 14.53 20.90 10.95
CA LEU D 226 15.85 20.53 11.52
C LEU D 226 15.67 19.90 12.90
N ASP D 227 16.54 18.95 13.25
CA ASP D 227 16.46 18.17 14.53
C ASP D 227 16.77 19.08 15.71
N GLU D 228 16.54 18.57 16.92
CA GLU D 228 16.65 19.33 18.20
C GLU D 228 18.12 19.60 18.51
N ILE D 229 18.38 20.31 19.60
CA ILE D 229 19.75 20.70 20.04
C ILE D 229 19.73 20.79 21.57
N GLY D 230 20.88 20.55 22.21
CA GLY D 230 21.06 20.73 23.66
C GLY D 230 20.57 22.09 24.12
N GLU D 231 19.88 22.13 25.27
CA GLU D 231 19.51 23.38 25.98
C GLU D 231 20.74 24.28 26.04
N ASP D 232 20.56 25.59 25.80
CA ASP D 232 21.65 26.60 25.82
C ASP D 232 22.03 26.91 27.28
N VAL D 233 23.33 26.98 27.57
CA VAL D 233 23.89 27.23 28.92
C VAL D 233 24.87 28.41 28.83
N ALA D 234 26.07 28.17 28.29
CA ALA D 234 27.14 29.18 28.13
C ALA D 234 26.59 30.40 27.39
N PRO D 235 27.19 31.59 27.56
CA PRO D 235 26.68 32.80 26.90
C PRO D 235 26.70 32.67 25.37
N ILE D 236 27.77 32.09 24.82
CA ILE D 236 27.96 31.87 23.36
C ILE D 236 26.79 31.04 22.81
N GLU D 237 26.34 30.04 23.57
CA GLU D 237 25.27 29.10 23.15
C GLU D 237 23.96 29.88 22.98
N HIS D 238 23.66 30.80 23.91
CA HIS D 238 22.47 31.69 23.84
C HIS D 238 22.57 32.60 22.61
N ILE D 239 23.73 33.22 22.39
CA ILE D 239 23.99 34.11 21.21
C ILE D 239 23.88 33.26 19.94
N ALA D 240 24.51 32.08 19.92
CA ALA D 240 24.55 31.17 18.75
C ALA D 240 23.12 30.87 18.30
N SER D 241 22.32 30.28 19.21
CA SER D 241 20.91 29.87 18.97
C SER D 241 20.09 31.05 18.47
N MET D 242 20.33 32.25 19.00
CA MET D 242 19.66 33.51 18.56
C MET D 242 19.95 33.72 17.08
N ARG D 243 21.23 33.77 16.70
CA ARG D 243 21.67 33.95 15.28
C ARG D 243 20.96 32.89 14.43
N ARG D 244 21.20 31.61 14.72
CA ARG D 244 20.67 30.44 13.98
C ARG D 244 19.16 30.60 13.77
N ASN D 245 18.39 30.68 14.87
CA ASN D 245 16.91 30.66 14.84
C ASN D 245 16.38 31.81 13.98
N TYR D 246 16.91 33.03 14.18
CA TYR D 246 16.53 34.24 13.39
C TYR D 246 16.71 33.95 11.90
N PHE D 247 17.85 33.36 11.52
CA PHE D 247 18.19 32.98 10.12
C PHE D 247 17.30 31.83 9.68
N THR D 248 17.34 30.71 10.40
CA THR D 248 16.51 29.50 10.17
C THR D 248 15.06 29.92 9.93
N ALA D 249 14.59 30.97 10.62
CA ALA D 249 13.21 31.51 10.53
C ALA D 249 12.96 32.10 9.14
N GLU D 250 13.84 32.99 8.67
CA GLU D 250 13.66 33.75 7.40
C GLU D 250 13.97 32.87 6.18
N VAL D 251 14.68 31.75 6.37
CA VAL D 251 15.11 30.82 5.29
C VAL D 251 14.12 29.66 5.18
N SER D 252 13.53 29.26 6.31
CA SER D 252 12.49 28.21 6.46
C SER D 252 11.69 28.01 5.16
N HIS D 253 10.95 29.04 4.73
CA HIS D 253 9.89 28.97 3.68
C HIS D 253 10.40 29.52 2.33
N CYS D 254 11.69 29.86 2.21
CA CYS D 254 12.30 30.46 1.00
C CYS D 254 12.34 29.44 -0.14
N ARG D 255 12.02 29.85 -1.37
CA ARG D 255 11.97 28.95 -2.56
C ARG D 255 13.31 28.20 -2.69
N ALA D 256 14.42 28.92 -2.61
CA ALA D 256 15.80 28.36 -2.66
C ALA D 256 15.83 27.02 -1.91
N THR D 257 15.20 26.94 -0.74
CA THR D 257 15.19 25.75 0.15
C THR D 257 14.36 24.61 -0.48
N GLU D 258 13.29 24.95 -1.21
CA GLU D 258 12.53 23.97 -2.04
C GLU D 258 13.50 23.36 -3.05
N TYR D 259 14.27 24.21 -3.76
CA TYR D 259 15.27 23.77 -4.78
C TYR D 259 16.28 22.83 -4.12
N ILE D 260 16.72 23.15 -2.89
CA ILE D 260 17.66 22.30 -2.10
C ILE D 260 17.02 20.91 -1.95
N MET D 261 15.75 20.86 -1.52
CA MET D 261 15.03 19.57 -1.30
C MET D 261 14.86 18.85 -2.64
N LYS D 262 14.37 19.54 -3.67
CA LYS D 262 14.28 18.96 -5.05
C LYS D 262 15.63 18.32 -5.37
N GLY D 263 16.71 19.06 -5.15
CA GLY D 263 18.11 18.59 -5.31
C GLY D 263 18.32 17.27 -4.60
N VAL D 264 18.11 17.23 -3.29
CA VAL D 264 18.41 16.06 -2.42
C VAL D 264 17.57 14.86 -2.88
N TYR D 265 16.24 14.97 -2.82
CA TYR D 265 15.28 13.86 -3.09
C TYR D 265 15.60 13.21 -4.44
N ILE D 266 15.68 14.02 -5.50
CA ILE D 266 15.84 13.54 -6.91
C ILE D 266 17.20 12.86 -7.06
N ASN D 267 18.28 13.56 -6.73
CA ASN D 267 19.67 13.02 -6.84
C ASN D 267 19.80 11.79 -5.94
N THR D 268 19.19 11.78 -4.75
CA THR D 268 19.18 10.61 -3.84
C THR D 268 18.53 9.44 -4.56
N ALA D 269 17.28 9.62 -5.01
CA ALA D 269 16.44 8.60 -5.67
C ALA D 269 17.14 8.08 -6.94
N LEU D 270 17.85 8.96 -7.65
CA LEU D 270 18.52 8.63 -8.93
C LEU D 270 19.75 7.75 -8.65
N LEU D 271 20.48 8.04 -7.58
CA LEU D 271 21.71 7.28 -7.18
C LEU D 271 21.31 5.90 -6.67
N ASN D 272 20.25 5.82 -5.85
CA ASN D 272 19.75 4.54 -5.28
C ASN D 272 19.33 3.60 -6.42
N ALA D 273 18.66 4.14 -7.44
CA ALA D 273 18.22 3.40 -8.65
C ALA D 273 19.45 3.02 -9.49
N SER D 274 20.40 3.94 -9.65
CA SER D 274 21.61 3.76 -10.49
C SER D 274 22.45 2.57 -10.00
N CYS D 275 22.32 2.19 -8.73
CA CYS D 275 23.11 1.09 -8.10
C CYS D 275 22.24 -0.14 -7.83
N ALA D 276 20.91 0.03 -7.73
CA ALA D 276 19.94 -1.05 -7.44
C ALA D 276 19.58 -1.78 -8.75
N ALA D 277 18.83 -1.13 -9.64
CA ALA D 277 18.39 -1.66 -10.95
C ALA D 277 19.31 -1.12 -12.05
N MET D 278 20.49 -1.74 -12.20
CA MET D 278 21.62 -1.20 -12.99
C MET D 278 21.24 -1.14 -14.47
N ASP D 279 20.71 -2.23 -15.02
CA ASP D 279 20.48 -2.40 -16.48
C ASP D 279 18.98 -2.43 -16.79
N ASP D 280 18.15 -1.92 -15.88
CA ASP D 280 16.69 -1.69 -16.12
C ASP D 280 16.48 -0.19 -16.38
N PHE D 281 15.50 0.17 -17.21
CA PHE D 281 15.08 1.56 -17.45
C PHE D 281 14.05 1.95 -16.39
N GLN D 282 14.50 2.22 -15.16
CA GLN D 282 13.62 2.48 -13.99
C GLN D 282 12.96 3.85 -14.15
N LEU D 283 11.65 3.91 -13.90
CA LEU D 283 10.88 5.17 -13.71
C LEU D 283 11.21 5.68 -12.31
N ILE D 284 11.59 6.96 -12.19
CA ILE D 284 12.06 7.58 -10.91
C ILE D 284 11.26 8.87 -10.68
N PRO D 285 10.20 8.84 -9.87
CA PRO D 285 9.36 10.01 -9.66
C PRO D 285 10.12 11.17 -9.00
N MET D 286 9.85 12.40 -9.45
CA MET D 286 10.49 13.64 -8.95
C MET D 286 9.64 14.19 -7.79
N ILE D 287 10.03 13.86 -6.55
CA ILE D 287 9.21 14.08 -5.32
C ILE D 287 9.90 15.11 -4.42
N SER D 288 9.10 15.95 -3.77
CA SER D 288 9.49 16.74 -2.57
C SER D 288 8.36 16.65 -1.54
N LYS D 289 8.63 17.10 -0.32
CA LYS D 289 7.67 17.13 0.81
C LYS D 289 7.84 18.44 1.57
N CYS D 290 6.75 18.95 2.15
CA CYS D 290 6.72 20.20 2.95
C CYS D 290 5.55 20.17 3.92
N ARG D 291 5.67 20.87 5.06
CA ARG D 291 4.53 21.25 5.93
C ARG D 291 3.90 22.52 5.33
N THR D 292 2.58 22.54 5.23
CA THR D 292 1.76 23.67 4.74
C THR D 292 1.86 24.83 5.75
N LYS D 293 1.31 25.99 5.40
CA LYS D 293 1.32 27.22 6.23
C LYS D 293 0.47 26.98 7.48
N GLU D 294 -0.53 26.08 7.42
CA GLU D 294 -1.32 25.61 8.59
C GLU D 294 -0.58 24.45 9.27
N GLY D 295 0.13 23.63 8.49
CA GLY D 295 1.07 22.62 9.01
C GLY D 295 0.51 21.20 8.95
N ARG D 296 0.27 20.68 7.75
CA ARG D 296 0.02 19.23 7.48
C ARG D 296 1.07 18.72 6.49
N ARG D 297 1.56 17.49 6.70
CA ARG D 297 2.58 16.87 5.84
C ARG D 297 1.99 16.67 4.43
N LYS D 298 2.62 17.30 3.43
CA LYS D 298 2.15 17.36 2.01
C LYS D 298 3.25 16.83 1.10
N THR D 299 2.94 15.83 0.27
CA THR D 299 3.85 15.24 -0.75
C THR D 299 3.60 15.93 -2.10
N ASN D 300 4.68 16.18 -2.86
CA ASN D 300 4.64 16.88 -4.18
C ASN D 300 5.30 16.00 -5.25
N LEU D 301 4.64 15.88 -6.41
CA LEU D 301 5.22 15.25 -7.64
C LEU D 301 5.43 16.34 -8.70
N TYR D 302 6.69 16.56 -9.10
CA TYR D 302 7.09 17.59 -10.10
C TYR D 302 7.07 17.02 -11.52
N GLY D 303 7.14 15.69 -11.63
CA GLY D 303 7.25 14.96 -12.90
C GLY D 303 8.00 13.65 -12.71
N PHE D 304 8.57 13.11 -13.79
CA PHE D 304 9.31 11.82 -13.78
C PHE D 304 10.67 11.96 -14.46
N ILE D 305 11.57 11.05 -14.09
CA ILE D 305 12.89 10.82 -14.74
C ILE D 305 12.96 9.33 -15.06
N ILE D 306 13.16 8.95 -16.33
CA ILE D 306 13.46 7.54 -16.72
C ILE D 306 14.98 7.43 -16.84
N LYS D 307 15.55 6.41 -16.18
CA LYS D 307 17.00 6.16 -16.06
C LYS D 307 17.42 5.21 -17.19
N GLY D 308 18.66 5.34 -17.67
CA GLY D 308 19.26 4.41 -18.67
C GLY D 308 19.98 3.26 -17.98
N ARG D 309 20.90 2.60 -18.69
CA ARG D 309 21.83 1.59 -18.10
C ARG D 309 22.81 2.35 -17.20
N SER D 310 23.11 1.78 -16.02
CA SER D 310 23.92 2.42 -14.96
C SER D 310 24.89 1.39 -14.36
N HIS D 311 25.63 0.67 -15.20
CA HIS D 311 26.78 -0.17 -14.79
C HIS D 311 27.94 0.76 -14.43
N LEU D 312 27.83 1.48 -13.30
CA LEU D 312 28.76 2.58 -12.90
C LEU D 312 29.95 1.99 -12.15
N ARG D 313 31.16 2.18 -12.69
CA ARG D 313 32.43 1.67 -12.10
C ARG D 313 33.14 2.83 -11.39
N ASN D 314 33.30 3.97 -12.09
CA ASN D 314 33.99 5.20 -11.59
C ASN D 314 32.97 6.19 -11.06
N ASP D 315 33.45 7.29 -10.46
CA ASP D 315 32.62 8.44 -10.00
C ASP D 315 32.30 9.34 -11.19
N THR D 316 33.09 9.25 -12.28
CA THR D 316 32.95 10.06 -13.51
C THR D 316 31.99 9.38 -14.49
N ASP D 317 31.87 8.05 -14.43
CA ASP D 317 31.01 7.22 -15.30
C ASP D 317 29.59 7.82 -15.33
N VAL D 318 28.95 7.80 -16.51
CA VAL D 318 27.72 8.58 -16.84
C VAL D 318 26.48 7.67 -16.76
N VAL D 319 25.35 8.25 -16.34
CA VAL D 319 23.97 7.65 -16.43
C VAL D 319 23.12 8.59 -17.29
N ASN D 320 22.72 8.16 -18.48
CA ASN D 320 21.75 8.91 -19.34
C ASN D 320 20.36 8.74 -18.72
N PHE D 321 19.55 9.80 -18.75
CA PHE D 321 18.15 9.79 -18.27
C PHE D 321 17.34 10.77 -19.09
N VAL D 322 16.03 10.52 -19.19
CA VAL D 322 15.02 11.48 -19.74
C VAL D 322 14.32 12.13 -18.55
N SER D 323 13.94 13.41 -18.68
CA SER D 323 13.34 14.22 -17.60
C SER D 323 12.07 14.92 -18.10
N MET D 324 10.91 14.31 -17.83
CA MET D 324 9.55 14.85 -18.10
C MET D 324 9.05 15.62 -16.87
N GLU D 325 8.87 16.94 -16.96
CA GLU D 325 8.54 17.83 -15.81
C GLU D 325 7.31 18.68 -16.16
N PHE D 326 6.27 18.65 -15.33
CA PHE D 326 5.04 19.48 -15.48
C PHE D 326 5.42 20.96 -15.34
N SER D 327 4.75 21.84 -16.10
CA SER D 327 4.87 23.32 -15.97
C SER D 327 3.61 24.01 -16.51
N LEU D 328 3.30 25.21 -15.99
CA LEU D 328 2.20 26.06 -16.49
C LEU D 328 2.75 27.07 -17.50
N THR D 329 4.08 27.31 -17.50
CA THR D 329 4.74 28.38 -18.30
C THR D 329 4.75 27.97 -19.77
N ASP D 330 4.35 28.88 -20.65
CA ASP D 330 4.28 28.65 -22.12
C ASP D 330 5.70 28.77 -22.67
N PRO D 331 6.24 27.70 -23.32
CA PRO D 331 7.63 27.73 -23.78
C PRO D 331 7.85 28.65 -24.99
N ARG D 332 6.80 29.20 -25.57
CA ARG D 332 6.86 30.08 -26.77
C ARG D 332 7.13 31.53 -26.35
N LEU D 333 7.15 31.83 -25.05
CA LEU D 333 7.37 33.20 -24.52
C LEU D 333 8.87 33.51 -24.49
N GLU D 334 9.70 32.53 -24.14
CA GLU D 334 11.19 32.65 -24.08
C GLU D 334 11.82 31.39 -24.65
N PRO D 335 11.58 31.07 -25.94
CA PRO D 335 12.05 29.81 -26.53
C PRO D 335 13.57 29.61 -26.41
N HIS D 336 14.34 30.70 -26.48
CA HIS D 336 15.83 30.71 -26.37
C HIS D 336 16.27 29.95 -25.11
N LYS D 337 15.44 29.98 -24.06
CA LYS D 337 15.67 29.25 -22.78
C LYS D 337 15.66 27.75 -23.04
N TRP D 338 14.66 27.28 -23.80
CA TRP D 338 14.28 25.85 -23.90
C TRP D 338 14.94 25.18 -25.11
N GLU D 339 16.12 25.67 -25.49
CA GLU D 339 16.99 25.09 -26.54
C GLU D 339 17.01 23.56 -26.40
N LYS D 340 17.35 23.05 -25.21
CA LYS D 340 17.68 21.63 -24.96
C LYS D 340 16.39 20.80 -24.80
N TYR D 341 15.26 21.46 -24.53
CA TYR D 341 13.96 20.83 -24.18
C TYR D 341 13.09 20.69 -25.44
N CYS D 342 12.30 19.61 -25.48
CA CYS D 342 11.10 19.44 -26.35
C CYS D 342 9.85 19.47 -25.46
N VAL D 343 9.08 20.56 -25.51
CA VAL D 343 7.92 20.80 -24.60
C VAL D 343 6.64 20.31 -25.30
N LEU D 344 5.84 19.50 -24.60
CA LEU D 344 4.49 19.03 -25.04
C LEU D 344 3.42 19.84 -24.30
N GLU D 345 2.19 19.80 -24.78
CA GLU D 345 0.97 20.32 -24.09
C GLU D 345 0.09 19.11 -23.75
N ILE D 346 -0.03 18.77 -22.46
CA ILE D 346 -0.48 17.42 -22.01
C ILE D 346 -1.78 17.48 -21.20
N GLY D 347 -2.39 18.66 -21.04
CA GLY D 347 -3.66 18.81 -20.28
C GLY D 347 -3.94 20.24 -19.89
N ASP D 348 -5.09 20.46 -19.24
CA ASP D 348 -5.57 21.81 -18.80
C ASP D 348 -5.84 21.79 -17.28
N MET D 349 -5.26 22.75 -16.57
CA MET D 349 -5.46 23.00 -15.12
C MET D 349 -6.51 24.09 -14.95
N LEU D 350 -7.19 24.09 -13.80
CA LEU D 350 -8.02 25.19 -13.29
C LEU D 350 -7.33 25.78 -12.05
N LEU D 351 -7.16 27.11 -12.01
CA LEU D 351 -6.39 27.83 -10.96
C LEU D 351 -7.29 28.88 -10.31
N ARG D 352 -7.61 28.69 -9.02
CA ARG D 352 -8.49 29.58 -8.21
C ARG D 352 -7.66 30.74 -7.64
N THR D 353 -7.41 31.76 -8.48
CA THR D 353 -6.52 32.92 -8.20
C THR D 353 -7.34 34.09 -7.69
N ALA D 354 -6.71 35.26 -7.50
CA ALA D 354 -7.33 36.55 -7.11
C ALA D 354 -8.50 36.90 -8.04
N VAL D 355 -8.44 36.46 -9.31
CA VAL D 355 -9.46 36.75 -10.38
C VAL D 355 -10.43 35.55 -10.51
N GLY D 356 -11.13 35.23 -9.42
CA GLY D 356 -12.06 34.09 -9.32
C GLY D 356 -11.33 32.77 -9.52
N GLN D 357 -11.43 32.19 -10.72
CA GLN D 357 -10.72 30.95 -11.15
C GLN D 357 -10.51 30.99 -12.68
N VAL D 358 -9.33 30.60 -13.16
CA VAL D 358 -8.93 30.67 -14.60
C VAL D 358 -8.40 29.30 -15.04
N SER D 359 -8.82 28.84 -16.22
CA SER D 359 -8.31 27.62 -16.91
C SER D 359 -7.01 27.98 -17.64
N ARG D 360 -5.95 27.23 -17.34
CA ARG D 360 -4.61 27.37 -17.99
C ARG D 360 -4.23 26.01 -18.56
N PRO D 361 -3.46 25.96 -19.68
CA PRO D 361 -2.93 24.69 -20.17
C PRO D 361 -1.71 24.23 -19.36
N MET D 362 -1.56 22.91 -19.21
CA MET D 362 -0.42 22.24 -18.53
C MET D 362 0.53 21.67 -19.60
N PHE D 363 1.82 22.00 -19.49
CA PHE D 363 2.90 21.57 -20.43
C PHE D 363 3.80 20.52 -19.76
N LEU D 364 4.71 19.94 -20.54
CA LEU D 364 5.66 18.89 -20.10
C LEU D 364 7.02 19.13 -20.75
N TYR D 365 7.94 19.77 -20.05
CA TYR D 365 9.32 20.07 -20.52
C TYR D 365 10.14 18.77 -20.44
N VAL D 366 10.21 18.05 -21.57
CA VAL D 366 10.99 16.78 -21.72
C VAL D 366 12.33 17.10 -22.38
N ARG D 367 13.42 16.56 -21.84
CA ARG D 367 14.79 16.70 -22.42
C ARG D 367 15.61 15.45 -22.09
N THR D 368 16.53 15.11 -22.99
CA THR D 368 17.60 14.11 -22.76
C THR D 368 18.67 14.79 -21.91
N ASN D 369 19.44 13.99 -21.15
CA ASN D 369 20.34 14.49 -20.07
C ASN D 369 21.14 13.32 -19.50
N GLY D 370 22.16 13.62 -18.70
CA GLY D 370 23.02 12.63 -18.04
C GLY D 370 23.56 13.16 -16.72
N THR D 371 24.22 12.30 -15.93
CA THR D 371 24.80 12.65 -14.60
C THR D 371 25.73 11.51 -14.16
N SER D 372 26.56 11.77 -13.16
CA SER D 372 27.57 10.83 -12.61
C SER D 372 27.44 10.78 -11.09
N LYS D 373 27.99 9.73 -10.46
CA LYS D 373 27.96 9.55 -8.97
C LYS D 373 28.40 10.85 -8.30
N ILE D 374 29.45 11.49 -8.81
CA ILE D 374 30.02 12.75 -8.23
C ILE D 374 28.97 13.86 -8.29
N LYS D 375 28.30 14.03 -9.44
CA LYS D 375 27.31 15.12 -9.66
C LYS D 375 26.02 14.83 -8.90
N MET D 376 25.67 13.55 -8.72
CA MET D 376 24.50 13.13 -7.91
C MET D 376 24.79 13.43 -6.44
N LYS D 377 25.92 12.94 -5.92
CA LYS D 377 26.39 13.22 -4.54
C LYS D 377 26.32 14.74 -4.29
N TRP D 378 26.90 15.53 -5.20
CA TRP D 378 26.87 17.02 -5.17
C TRP D 378 25.47 17.51 -4.83
N GLY D 379 24.47 17.04 -5.58
CA GLY D 379 23.06 17.43 -5.41
C GLY D 379 22.49 16.91 -4.09
N MET D 380 22.95 15.74 -3.65
CA MET D 380 22.52 15.09 -2.37
C MET D 380 23.02 15.90 -1.17
N GLU D 381 24.16 16.60 -1.32
CA GLU D 381 24.83 17.34 -0.22
C GLU D 381 24.46 18.83 -0.32
N MET D 382 23.35 19.17 -0.98
CA MET D 382 22.95 20.57 -1.30
C MET D 382 22.49 21.31 -0.04
N ARG D 383 22.22 20.60 1.06
CA ARG D 383 21.82 21.21 2.35
C ARG D 383 22.96 22.10 2.88
N ARG D 384 24.20 21.85 2.44
CA ARG D 384 25.39 22.62 2.90
C ARG D 384 25.18 24.10 2.53
N CYS D 385 24.44 24.37 1.44
CA CYS D 385 24.00 25.73 1.04
C CYS D 385 23.43 26.49 2.24
N LEU D 386 22.70 25.80 3.13
CA LEU D 386 22.13 26.42 4.36
C LEU D 386 23.30 26.86 5.26
N LEU D 387 24.28 25.97 5.49
CA LEU D 387 25.46 26.24 6.35
C LEU D 387 26.25 27.41 5.74
N GLN D 388 26.50 27.35 4.44
CA GLN D 388 27.30 28.35 3.69
C GLN D 388 26.62 29.72 3.87
N SER D 389 25.29 29.74 3.80
CA SER D 389 24.44 30.95 3.85
C SER D 389 24.49 31.56 5.26
N LEU D 390 24.31 30.71 6.28
CA LEU D 390 24.35 31.08 7.73
C LEU D 390 25.74 31.62 8.08
N GLN D 391 26.80 30.96 7.62
CA GLN D 391 28.21 31.33 7.94
C GLN D 391 28.54 32.72 7.40
N GLN D 392 28.02 33.08 6.22
CA GLN D 392 28.20 34.43 5.63
C GLN D 392 27.57 35.47 6.56
N ILE D 393 26.31 35.25 6.94
CA ILE D 393 25.56 36.11 7.90
C ILE D 393 26.33 36.15 9.23
N GLU D 394 26.73 34.99 9.75
CA GLU D 394 27.41 34.86 11.07
C GLU D 394 28.75 35.59 11.02
N SER D 395 29.52 35.42 9.93
CA SER D 395 30.88 35.99 9.75
C SER D 395 30.83 37.52 9.68
N MET D 396 29.84 38.07 8.98
CA MET D 396 29.62 39.54 8.88
C MET D 396 29.40 40.12 10.28
N ILE D 397 28.45 39.56 11.04
CA ILE D 397 28.11 39.96 12.43
C ILE D 397 29.39 39.94 13.28
N GLU D 398 30.07 38.78 13.30
CA GLU D 398 31.36 38.59 14.02
C GLU D 398 32.29 39.75 13.68
N ALA D 399 32.38 40.13 12.40
CA ALA D 399 33.32 41.15 11.87
C ALA D 399 32.87 42.56 12.25
N GLU D 400 31.60 42.90 12.00
CA GLU D 400 31.03 44.25 12.27
C GLU D 400 31.00 44.50 13.78
N SER D 401 30.98 43.43 14.58
CA SER D 401 31.03 43.48 16.07
C SER D 401 32.46 43.74 16.56
N SER D 402 33.48 43.21 15.86
CA SER D 402 34.91 43.33 16.24
C SER D 402 35.27 44.80 16.48
N VAL D 403 34.91 45.68 15.54
CA VAL D 403 35.26 47.14 15.54
C VAL D 403 34.65 47.80 16.78
N LYS D 404 33.38 47.52 17.09
CA LYS D 404 32.66 48.07 18.26
C LYS D 404 33.07 47.34 19.56
N GLU D 405 33.46 46.06 19.45
CA GLU D 405 33.91 45.17 20.57
C GLU D 405 32.71 44.48 21.24
N LYS D 406 31.48 44.85 20.88
CA LYS D 406 30.23 44.24 21.45
C LYS D 406 29.47 43.51 20.33
N ASP D 407 28.88 42.35 20.66
CA ASP D 407 28.13 41.46 19.74
C ASP D 407 26.90 42.20 19.20
N LEU D 408 26.73 42.23 17.88
CA LEU D 408 25.67 42.99 17.17
C LEU D 408 24.55 42.06 16.72
N THR D 409 24.56 40.79 17.13
CA THR D 409 23.56 39.77 16.73
C THR D 409 22.15 40.35 16.87
N LYS D 410 21.86 40.98 18.02
CA LYS D 410 20.52 41.52 18.36
C LYS D 410 20.18 42.67 17.41
N GLU D 411 21.05 43.67 17.29
CA GLU D 411 20.84 44.89 16.46
C GLU D 411 20.47 44.44 15.05
N PHE D 412 21.36 43.71 14.38
CA PHE D 412 21.22 43.25 12.98
C PHE D 412 19.77 42.80 12.72
N PHE D 413 19.30 41.83 13.51
CA PHE D 413 18.02 41.11 13.26
C PHE D 413 16.82 41.95 13.74
N GLU D 414 16.97 42.72 14.83
CA GLU D 414 15.81 43.30 15.56
C GLU D 414 15.57 44.75 15.13
N ASN D 415 16.62 45.53 14.83
CA ASN D 415 16.47 46.89 14.24
C ASN D 415 15.78 46.73 12.88
N LYS D 416 14.46 46.91 12.83
CA LYS D 416 13.64 46.74 11.60
C LYS D 416 13.75 47.98 10.72
N SER D 417 14.52 48.98 11.16
CA SER D 417 14.88 50.19 10.38
C SER D 417 16.21 49.94 9.65
N GLU D 418 17.03 48.98 10.14
CA GLU D 418 18.38 48.68 9.62
C GLU D 418 18.26 47.87 8.32
N THR D 419 18.52 48.50 7.18
CA THR D 419 18.17 47.99 5.82
C THR D 419 19.43 47.92 4.94
N TRP D 420 19.69 46.76 4.35
CA TRP D 420 20.90 46.43 3.56
C TRP D 420 20.65 46.63 2.07
N PRO D 421 21.60 47.27 1.33
CA PRO D 421 21.50 47.37 -0.12
C PRO D 421 21.74 45.99 -0.76
N ILE D 422 20.74 45.45 -1.47
CA ILE D 422 20.83 44.10 -2.09
C ILE D 422 20.15 44.05 -3.47
N GLY D 423 19.73 45.18 -4.03
CA GLY D 423 18.98 45.17 -5.30
C GLY D 423 19.00 46.51 -6.01
N GLU D 424 18.57 46.52 -7.27
CA GLU D 424 18.42 47.72 -8.13
C GLU D 424 17.02 47.70 -8.75
N SER D 425 16.46 48.89 -9.03
CA SER D 425 15.15 49.08 -9.72
C SER D 425 15.26 50.31 -10.63
N PRO D 426 14.26 50.57 -11.49
CA PRO D 426 14.30 51.73 -12.39
C PRO D 426 14.77 53.05 -11.74
N LYS D 427 14.33 53.32 -10.50
CA LYS D 427 14.74 54.54 -9.75
C LYS D 427 16.22 54.42 -9.36
N GLY D 428 16.66 53.26 -8.84
CA GLY D 428 18.06 53.01 -8.48
C GLY D 428 18.22 51.93 -7.43
N VAL D 429 19.33 51.95 -6.68
CA VAL D 429 19.72 50.91 -5.68
C VAL D 429 18.68 50.87 -4.57
N GLU D 430 18.00 49.73 -4.39
CA GLU D 430 17.00 49.49 -3.33
C GLU D 430 17.64 48.67 -2.21
N GLU D 431 17.38 49.03 -0.95
CA GLU D 431 17.77 48.24 0.25
C GLU D 431 16.62 47.32 0.64
N GLY D 432 16.89 46.35 1.53
CA GLY D 432 15.89 45.39 2.04
C GLY D 432 16.15 45.03 3.50
N SER D 433 15.34 44.13 4.05
CA SER D 433 15.47 43.60 5.44
C SER D 433 16.61 42.61 5.50
N ILE D 434 17.14 42.38 6.71
CA ILE D 434 18.15 41.30 6.98
C ILE D 434 17.60 39.96 6.50
N GLY D 435 16.28 39.77 6.59
CA GLY D 435 15.58 38.58 6.08
C GLY D 435 15.78 38.42 4.57
N LYS D 436 15.61 39.51 3.83
CA LYS D 436 15.83 39.54 2.36
C LYS D 436 17.29 39.18 2.06
N VAL D 437 18.23 39.64 2.90
CA VAL D 437 19.69 39.38 2.73
C VAL D 437 19.95 37.88 2.94
N CYS D 438 19.35 37.27 3.97
CA CYS D 438 19.51 35.83 4.29
C CYS D 438 19.11 34.99 3.08
N ARG D 439 17.88 35.20 2.57
CA ARG D 439 17.32 34.46 1.41
C ARG D 439 18.18 34.73 0.16
N THR D 440 18.56 35.99 -0.05
CA THR D 440 19.43 36.41 -1.19
C THR D 440 20.75 35.63 -1.13
N LEU D 441 21.38 35.59 0.05
CA LEU D 441 22.68 34.89 0.25
C LEU D 441 22.47 33.37 0.10
N LEU D 442 21.28 32.86 0.43
CA LEU D 442 20.96 31.41 0.30
C LEU D 442 20.82 31.07 -1.18
N ALA D 443 19.96 31.81 -1.89
CA ALA D 443 19.77 31.71 -3.35
C ALA D 443 21.13 31.66 -4.04
N LYS D 444 22.06 32.53 -3.64
CA LYS D 444 23.44 32.63 -4.21
C LYS D 444 24.16 31.29 -4.04
N SER D 445 24.16 30.74 -2.83
CA SER D 445 24.83 29.46 -2.47
C SER D 445 24.20 28.31 -3.26
N VAL D 446 22.88 28.38 -3.48
CA VAL D 446 22.07 27.32 -4.15
C VAL D 446 22.36 27.36 -5.66
N PHE D 447 22.26 28.53 -6.28
CA PHE D 447 22.59 28.75 -7.72
C PHE D 447 24.07 28.43 -7.96
N ASN D 448 24.94 28.85 -7.04
CA ASN D 448 26.39 28.51 -7.07
C ASN D 448 26.53 26.99 -7.18
N SER D 449 25.66 26.23 -6.49
CA SER D 449 25.61 24.75 -6.57
C SER D 449 24.97 24.30 -7.89
N LEU D 450 23.72 24.73 -8.13
CA LEU D 450 22.90 24.30 -9.30
C LEU D 450 23.64 24.55 -10.61
N TYR D 451 24.25 25.72 -10.78
CA TYR D 451 24.94 26.14 -12.04
C TYR D 451 26.46 26.07 -11.86
N ALA D 452 26.94 25.16 -10.99
CA ALA D 452 28.38 24.97 -10.69
C ALA D 452 29.13 24.63 -11.98
N SER D 453 30.15 25.41 -12.31
CA SER D 453 30.97 25.29 -13.54
C SER D 453 32.39 25.74 -13.25
N PRO D 454 33.41 25.32 -14.02
CA PRO D 454 34.76 25.88 -13.89
C PRO D 454 34.78 27.38 -14.22
N GLN D 455 33.96 27.82 -15.17
CA GLN D 455 33.81 29.25 -15.56
C GLN D 455 33.51 30.08 -14.31
N LEU D 456 32.62 29.58 -13.44
CA LEU D 456 32.25 30.24 -12.16
C LEU D 456 33.48 30.31 -11.24
N GLU D 457 34.09 29.15 -10.94
CA GLU D 457 35.34 29.02 -10.14
C GLU D 457 36.28 30.17 -10.49
N GLY D 458 36.63 30.27 -11.78
CA GLY D 458 37.56 31.30 -12.31
C GLY D 458 37.05 32.70 -12.00
N PHE D 459 35.86 33.04 -12.50
CA PHE D 459 35.25 34.38 -12.37
C PHE D 459 35.16 34.81 -10.90
N SER D 460 34.82 33.87 -10.02
CA SER D 460 34.77 34.09 -8.54
C SER D 460 36.15 34.55 -8.04
N ALA D 461 37.19 33.80 -8.41
CA ALA D 461 38.56 33.94 -7.87
C ALA D 461 39.20 35.25 -8.36
N GLU D 462 39.09 35.53 -9.67
CA GLU D 462 39.80 36.66 -10.33
C GLU D 462 39.06 37.97 -10.02
N SER D 463 37.72 37.96 -10.05
CA SER D 463 36.89 39.16 -9.74
C SER D 463 37.12 39.59 -8.29
N ARG D 464 37.29 38.61 -7.39
CA ARG D 464 37.59 38.85 -5.95
C ARG D 464 38.72 39.87 -5.84
N LYS D 465 39.81 39.67 -6.59
CA LYS D 465 40.98 40.59 -6.60
C LYS D 465 40.50 41.99 -6.95
N LEU D 466 39.76 42.15 -8.05
CA LEU D 466 39.29 43.48 -8.53
C LEU D 466 38.43 44.13 -7.46
N LEU D 467 37.56 43.37 -6.80
CA LEU D 467 36.71 43.85 -5.67
C LEU D 467 37.60 44.44 -4.57
N LEU D 468 38.54 43.65 -4.08
CA LEU D 468 39.46 44.01 -2.96
C LEU D 468 40.28 45.25 -3.32
N ILE D 469 40.70 45.37 -4.58
CA ILE D 469 41.39 46.60 -5.11
C ILE D 469 40.42 47.78 -4.96
N VAL D 470 39.20 47.65 -5.48
CA VAL D 470 38.16 48.72 -5.42
C VAL D 470 37.92 49.10 -3.96
N GLN D 471 37.87 48.13 -3.05
CA GLN D 471 37.66 48.34 -1.59
C GLN D 471 38.76 49.25 -1.06
N ALA D 472 40.02 48.97 -1.43
CA ALA D 472 41.21 49.76 -1.05
C ALA D 472 41.07 51.20 -1.59
N LEU D 473 40.52 51.38 -2.80
CA LEU D 473 40.28 52.71 -3.40
C LEU D 473 39.25 53.48 -2.56
N ARG D 474 38.24 52.79 -2.03
CA ARG D 474 37.17 53.41 -1.21
C ARG D 474 37.73 53.70 0.20
N ASP D 475 38.69 52.90 0.65
CA ASP D 475 39.40 53.10 1.95
C ASP D 475 40.46 54.19 1.83
N ASN D 476 40.65 54.77 0.64
CA ASN D 476 41.68 55.82 0.37
C ASN D 476 43.04 55.29 0.83
N LEU D 477 43.40 54.08 0.39
CA LEU D 477 44.67 53.39 0.74
C LEU D 477 45.58 53.34 -0.49
N GLU D 478 45.49 54.35 -1.37
CA GLU D 478 46.41 54.55 -2.54
C GLU D 478 46.69 53.20 -3.19
N PRO D 479 45.64 52.50 -3.69
CA PRO D 479 45.83 51.20 -4.33
C PRO D 479 46.60 51.34 -5.65
N GLY D 480 47.39 50.32 -5.98
CA GLY D 480 48.19 50.25 -7.22
C GLY D 480 48.17 48.84 -7.79
N THR D 481 48.21 48.72 -9.12
CA THR D 481 48.22 47.43 -9.86
C THR D 481 49.55 47.28 -10.61
N PHE D 482 49.82 46.09 -11.14
CA PHE D 482 51.06 45.76 -11.88
C PHE D 482 50.72 45.42 -13.34
N ASP D 483 49.61 44.72 -13.57
CA ASP D 483 49.10 44.35 -14.92
C ASP D 483 47.57 44.27 -14.85
N LEU D 484 46.91 45.41 -14.64
CA LEU D 484 45.44 45.52 -14.48
C LEU D 484 44.74 44.99 -15.74
N GLU D 485 45.28 45.27 -16.93
CA GLU D 485 44.71 44.80 -18.22
C GLU D 485 44.76 43.27 -18.25
N GLY D 486 45.81 42.68 -17.65
CA GLY D 486 46.00 41.23 -17.52
C GLY D 486 44.93 40.59 -16.65
N LEU D 487 44.58 41.23 -15.53
CA LEU D 487 43.53 40.76 -14.58
C LEU D 487 42.19 40.69 -15.30
N TYR D 488 41.80 41.77 -16.01
CA TYR D 488 40.53 41.87 -16.78
C TYR D 488 40.45 40.73 -17.80
N GLU D 489 41.53 40.50 -18.55
CA GLU D 489 41.61 39.43 -19.58
C GLU D 489 41.32 38.08 -18.93
N ALA D 490 41.84 37.85 -17.72
CA ALA D 490 41.65 36.60 -16.93
C ALA D 490 40.19 36.48 -16.47
N ILE D 491 39.59 37.57 -16.00
CA ILE D 491 38.15 37.63 -15.58
C ILE D 491 37.29 37.32 -16.81
N GLU D 492 37.50 38.07 -17.90
CA GLU D 492 36.65 38.05 -19.12
C GLU D 492 36.83 36.72 -19.86
N GLU D 493 37.99 36.08 -19.72
CA GLU D 493 38.30 34.74 -20.27
C GLU D 493 37.26 33.71 -19.79
N CYS D 494 36.64 33.95 -18.63
CA CYS D 494 35.64 33.05 -17.97
C CYS D 494 34.23 33.30 -18.51
N LEU D 495 33.97 34.47 -19.11
CA LEU D 495 32.62 34.90 -19.59
C LEU D 495 32.44 34.42 -21.04
N ILE D 496 31.81 33.26 -21.24
CA ILE D 496 31.61 32.62 -22.57
C ILE D 496 30.11 32.47 -22.84
N ASN D 497 29.45 31.52 -22.15
CA ASN D 497 28.06 31.08 -22.47
C ASN D 497 27.26 30.72 -21.22
N ASP D 498 27.89 30.56 -20.05
CA ASP D 498 27.20 30.13 -18.80
C ASP D 498 26.31 31.28 -18.30
N PRO D 499 24.97 31.09 -18.25
CA PRO D 499 24.06 32.18 -17.89
C PRO D 499 24.33 32.73 -16.48
N TRP D 500 24.73 31.85 -15.56
CA TRP D 500 24.93 32.18 -14.12
C TRP D 500 26.16 33.07 -13.99
N VAL D 501 27.29 32.66 -14.57
CA VAL D 501 28.58 33.43 -14.53
C VAL D 501 28.38 34.77 -15.22
N LEU D 502 27.53 34.82 -16.26
CA LEU D 502 27.25 36.06 -17.05
C LEU D 502 26.45 37.05 -16.20
N LEU D 503 25.44 36.58 -15.46
CA LEU D 503 24.63 37.41 -14.53
C LEU D 503 25.56 37.98 -13.45
N ASN D 504 26.44 37.15 -12.87
CA ASN D 504 27.39 37.55 -11.80
C ASN D 504 28.28 38.68 -12.30
N ALA D 505 28.66 38.65 -13.59
CA ALA D 505 29.49 39.69 -14.24
C ALA D 505 28.66 40.94 -14.46
N SER D 506 27.40 40.80 -14.87
CA SER D 506 26.42 41.91 -14.96
C SER D 506 26.26 42.55 -13.58
N TRP D 507 26.11 41.71 -12.54
CA TRP D 507 26.01 42.11 -11.11
C TRP D 507 27.25 42.93 -10.72
N PHE D 508 28.44 42.52 -11.18
CA PHE D 508 29.70 43.23 -10.92
C PHE D 508 29.62 44.65 -11.53
N ASN D 509 29.47 44.74 -12.85
CA ASN D 509 29.38 46.04 -13.59
C ASN D 509 28.36 46.95 -12.89
N SER D 510 27.22 46.38 -12.49
CA SER D 510 26.12 47.06 -11.76
C SER D 510 26.65 47.67 -10.46
N PHE D 511 27.47 46.91 -9.70
CA PHE D 511 28.11 47.36 -8.44
C PHE D 511 29.15 48.44 -8.76
N LEU D 512 30.03 48.17 -9.72
CA LEU D 512 31.23 48.99 -10.01
C LEU D 512 30.82 50.43 -10.34
N THR D 513 29.66 50.63 -10.96
CA THR D 513 29.13 51.99 -11.31
C THR D 513 28.78 52.74 -10.01
N HIS D 514 28.06 52.10 -9.09
CA HIS D 514 27.60 52.70 -7.81
C HIS D 514 28.76 52.85 -6.82
N ALA D 515 29.77 51.97 -6.92
CA ALA D 515 30.92 51.88 -5.97
C ALA D 515 31.82 53.11 -6.12
N LEU D 516 31.63 53.89 -7.19
CA LEU D 516 32.41 55.12 -7.51
C LEU D 516 31.45 56.31 -7.63
N MET E 1 12.04 45.10 -8.44
CA MET E 1 13.39 45.16 -7.80
C MET E 1 14.18 43.88 -8.15
N ASP E 2 15.32 44.05 -8.85
CA ASP E 2 16.21 42.95 -9.30
C ASP E 2 17.29 42.71 -8.25
N VAL E 3 17.34 41.51 -7.68
CA VAL E 3 18.28 41.15 -6.58
C VAL E 3 19.69 41.03 -7.19
N ASN E 4 20.65 41.71 -6.58
CA ASN E 4 22.10 41.68 -6.91
C ASN E 4 22.88 41.58 -5.60
N PRO E 5 23.37 40.39 -5.20
CA PRO E 5 24.04 40.22 -3.91
C PRO E 5 25.27 41.13 -3.75
N THR E 6 25.99 41.39 -4.85
CA THR E 6 27.26 42.14 -4.87
C THR E 6 27.05 43.58 -4.35
N LEU E 7 25.83 44.12 -4.44
CA LEU E 7 25.49 45.49 -3.98
C LEU E 7 25.60 45.60 -2.45
N LEU E 8 25.71 44.47 -1.73
CA LEU E 8 26.01 44.43 -0.27
C LEU E 8 27.28 45.25 0.03
N PHE E 9 28.30 45.13 -0.84
CA PHE E 9 29.64 45.73 -0.67
C PHE E 9 29.57 47.26 -0.71
N LEU E 10 28.43 47.85 -1.08
CA LEU E 10 28.19 49.30 -0.97
C LEU E 10 28.09 49.69 0.51
N LYS E 11 27.58 48.79 1.36
CA LYS E 11 27.43 49.02 2.83
C LYS E 11 28.56 48.32 3.58
N VAL E 12 28.72 47.01 3.37
CA VAL E 12 29.71 46.15 4.11
C VAL E 12 31.04 46.21 3.36
N PRO E 13 32.19 46.36 4.06
CA PRO E 13 33.49 46.23 3.39
C PRO E 13 33.69 44.79 2.90
N VAL E 14 34.49 44.63 1.84
CA VAL E 14 34.67 43.34 1.11
C VAL E 14 35.30 42.30 2.05
N GLN E 15 36.20 42.70 2.95
CA GLN E 15 36.89 41.77 3.88
C GLN E 15 35.87 41.15 4.86
N ASN E 16 34.85 41.91 5.27
CA ASN E 16 33.83 41.46 6.25
C ASN E 16 32.98 40.34 5.63
N ALA E 17 32.51 40.55 4.40
CA ALA E 17 31.64 39.61 3.66
C ALA E 17 32.42 38.90 2.55
N ILE E 18 33.72 38.64 2.76
CA ILE E 18 34.58 37.94 1.76
C ILE E 18 34.10 36.50 1.64
N SER E 19 33.52 35.98 2.73
CA SER E 19 32.83 34.66 2.81
C SER E 19 31.88 34.46 1.62
N THR E 20 31.26 35.54 1.10
CA THR E 20 30.24 35.50 0.02
C THR E 20 30.89 35.42 -1.37
N THR E 21 32.22 35.53 -1.46
CA THR E 21 32.96 35.52 -2.76
C THR E 21 33.54 34.12 -3.02
N PHE E 22 33.38 33.19 -2.08
CA PHE E 22 33.77 31.76 -2.22
C PHE E 22 32.53 30.96 -2.59
N PRO E 23 32.39 30.50 -3.85
CA PRO E 23 31.11 30.01 -4.35
C PRO E 23 30.66 28.65 -3.79
N TYR E 24 31.61 27.75 -3.49
CA TYR E 24 31.33 26.32 -3.26
C TYR E 24 31.41 25.96 -1.77
N THR E 25 32.56 26.21 -1.14
CA THR E 25 32.88 25.72 0.23
C THR E 25 32.69 24.19 0.23
N GLY E 26 33.69 23.49 -0.32
CA GLY E 26 33.64 22.06 -0.68
C GLY E 26 34.16 21.82 -2.09
N ASP E 27 34.66 20.62 -2.38
CA ASP E 27 35.24 20.23 -3.69
C ASP E 27 34.10 20.11 -4.70
N PRO E 28 34.18 20.80 -5.87
CA PRO E 28 33.09 20.78 -6.85
C PRO E 28 33.10 19.53 -7.72
N PRO E 29 32.01 19.23 -8.46
CA PRO E 29 31.87 17.97 -9.19
C PRO E 29 32.39 17.99 -10.63
N TYR E 30 33.69 18.23 -10.81
CA TYR E 30 34.38 18.20 -12.13
C TYR E 30 35.90 18.11 -11.96
N SER E 31 36.51 19.02 -11.18
CA SER E 31 37.97 19.26 -11.07
C SER E 31 38.69 18.84 -12.37
N HIS E 32 38.20 19.31 -13.52
CA HIS E 32 38.75 19.03 -14.88
C HIS E 32 40.05 19.81 -15.06
N GLY E 33 40.94 19.33 -15.94
CA GLY E 33 42.22 19.98 -16.27
C GLY E 33 43.42 19.04 -16.26
N THR E 34 43.22 17.73 -16.12
CA THR E 34 44.30 16.71 -16.09
C THR E 34 44.13 15.73 -17.26
N GLY E 35 44.14 16.25 -18.50
CA GLY E 35 44.20 15.45 -19.74
C GLY E 35 45.64 15.11 -20.12
N THR E 36 45.83 14.43 -21.25
CA THR E 36 47.16 14.18 -21.88
C THR E 36 47.62 15.47 -22.56
N GLY E 37 46.69 16.22 -23.16
CA GLY E 37 46.93 17.55 -23.75
C GLY E 37 47.44 18.55 -22.72
N TYR E 38 47.00 18.42 -21.47
CA TYR E 38 47.33 19.34 -20.34
C TYR E 38 48.74 19.02 -19.83
N THR E 39 49.13 17.74 -19.77
CA THR E 39 50.47 17.28 -19.31
C THR E 39 51.54 17.81 -20.28
N MET E 40 51.28 17.73 -21.59
CA MET E 40 52.24 18.13 -22.66
C MET E 40 52.44 19.65 -22.65
N ASP E 41 51.44 20.41 -22.20
CA ASP E 41 51.53 21.90 -22.08
C ASP E 41 52.45 22.27 -20.91
N THR E 42 52.39 21.52 -19.80
CA THR E 42 53.31 21.66 -18.63
C THR E 42 54.73 21.39 -19.11
N VAL E 43 54.95 20.28 -19.82
CA VAL E 43 56.29 19.84 -20.31
C VAL E 43 56.86 20.94 -21.21
N ASN E 44 56.04 21.50 -22.11
CA ASN E 44 56.43 22.54 -23.09
C ASN E 44 56.79 23.84 -22.37
N ARG E 45 55.85 24.37 -21.56
CA ARG E 45 55.98 25.68 -20.85
C ARG E 45 57.17 25.62 -19.88
N THR E 46 57.41 24.45 -19.25
CA THR E 46 58.55 24.22 -18.32
C THR E 46 59.87 24.48 -19.05
N HIS E 47 59.99 24.00 -20.30
CA HIS E 47 61.17 24.17 -21.17
C HIS E 47 61.21 25.59 -21.75
N LYS E 48 60.04 26.17 -22.05
CA LYS E 48 59.90 27.49 -22.76
C LYS E 48 60.46 28.62 -21.89
N TYR E 49 60.30 28.54 -20.57
CA TYR E 49 60.82 29.54 -19.60
C TYR E 49 62.32 29.33 -19.39
N SER E 50 62.80 28.10 -19.65
CA SER E 50 64.17 27.62 -19.35
C SER E 50 64.94 27.30 -20.64
N GLU E 51 64.59 27.94 -21.77
CA GLU E 51 64.91 27.46 -23.15
C GLU E 51 66.28 27.95 -23.66
N LYS E 52 66.91 28.92 -22.99
CA LYS E 52 68.25 29.45 -23.38
C LYS E 52 69.36 28.63 -22.71
N GLY E 53 69.02 27.72 -21.80
CA GLY E 53 69.97 26.94 -20.98
C GLY E 53 70.71 25.89 -21.79
N LYS E 54 71.66 25.19 -21.16
CA LYS E 54 72.52 24.16 -21.81
C LYS E 54 71.74 22.85 -21.96
N TRP E 55 71.57 22.38 -23.20
CA TRP E 55 71.09 21.01 -23.53
C TRP E 55 72.25 20.02 -23.34
N THR E 56 72.01 18.94 -22.59
CA THR E 56 72.93 17.78 -22.41
C THR E 56 72.18 16.52 -22.81
N THR E 57 72.91 15.45 -23.16
CA THR E 57 72.38 14.08 -23.31
C THR E 57 72.75 13.31 -22.04
N ASN E 58 71.75 12.76 -21.34
CA ASN E 58 71.95 11.97 -20.10
C ASN E 58 72.60 10.64 -20.48
N THR E 59 73.66 10.24 -19.79
CA THR E 59 74.42 8.99 -20.02
C THR E 59 73.53 7.77 -19.74
N GLU E 60 72.81 7.79 -18.61
CA GLU E 60 72.04 6.63 -18.08
C GLU E 60 70.64 6.59 -18.71
N THR E 61 69.97 7.74 -18.76
CA THR E 61 68.60 7.90 -19.34
C THR E 61 68.68 7.86 -20.88
N GLY E 62 69.64 8.58 -21.46
CA GLY E 62 69.69 8.86 -22.91
C GLY E 62 68.58 9.82 -23.30
N ALA E 63 68.41 10.87 -22.50
CA ALA E 63 67.28 11.84 -22.57
C ALA E 63 67.82 13.25 -22.74
N PRO E 64 67.26 14.06 -23.68
CA PRO E 64 67.56 15.49 -23.76
C PRO E 64 67.14 16.22 -22.47
N GLN E 65 68.08 16.96 -21.86
CA GLN E 65 67.92 17.60 -20.53
C GLN E 65 68.33 19.07 -20.60
N LEU E 66 67.44 19.97 -20.18
CA LEU E 66 67.68 21.44 -20.17
C LEU E 66 68.18 21.87 -18.78
N ASN E 67 69.19 22.73 -18.75
CA ASN E 67 69.77 23.31 -17.50
C ASN E 67 69.83 24.82 -17.66
N PRO E 68 68.78 25.55 -17.23
CA PRO E 68 68.73 27.01 -17.38
C PRO E 68 69.56 27.77 -16.34
N ILE E 69 69.94 27.09 -15.24
CA ILE E 69 70.54 27.76 -14.05
C ILE E 69 71.99 28.15 -14.39
N ASP E 70 72.47 29.24 -13.77
CA ASP E 70 73.72 29.96 -14.13
C ASP E 70 73.64 30.39 -15.60
N GLY E 71 72.42 30.62 -16.11
CA GLY E 71 72.15 30.96 -17.53
C GLY E 71 72.02 32.46 -17.74
N PRO E 72 71.55 32.91 -18.93
CA PRO E 72 71.45 34.34 -19.24
C PRO E 72 70.29 35.04 -18.50
N LEU E 73 70.60 36.17 -17.84
CA LEU E 73 69.61 37.01 -17.11
C LEU E 73 68.47 37.39 -18.06
N PRO E 74 67.22 37.46 -17.56
CA PRO E 74 66.09 37.90 -18.40
C PRO E 74 66.23 39.38 -18.76
N GLU E 75 65.77 39.76 -19.95
CA GLU E 75 65.67 41.17 -20.43
C GLU E 75 64.20 41.52 -20.70
N ASP E 76 63.28 40.59 -20.41
CA ASP E 76 61.80 40.79 -20.45
C ASP E 76 61.23 40.36 -19.08
N ASN E 77 59.92 40.54 -18.89
CA ASN E 77 59.24 40.26 -17.60
C ASN E 77 58.56 38.88 -17.63
N GLU E 78 58.71 38.14 -18.72
CA GLU E 78 58.17 36.76 -18.87
C GLU E 78 58.87 35.86 -17.86
N PRO E 79 58.26 34.72 -17.45
CA PRO E 79 58.84 33.86 -16.42
C PRO E 79 60.20 33.31 -16.85
N SER E 80 61.20 33.42 -15.99
CA SER E 80 62.58 32.92 -16.20
C SER E 80 62.84 31.73 -15.27
N GLY E 81 63.37 30.63 -15.83
CA GLY E 81 63.92 29.49 -15.06
C GLY E 81 65.37 29.75 -14.69
N TYR E 82 65.99 30.77 -15.29
CA TYR E 82 67.43 31.12 -15.21
C TYR E 82 67.73 31.68 -13.82
N ALA E 83 67.86 30.77 -12.85
CA ALA E 83 68.34 31.04 -11.48
C ALA E 83 69.85 31.27 -11.53
N GLN E 84 70.46 31.66 -10.41
CA GLN E 84 71.90 32.01 -10.31
C GLN E 84 72.48 31.42 -9.02
N THR E 85 73.30 30.38 -9.14
CA THR E 85 73.89 29.61 -8.01
C THR E 85 74.49 30.57 -6.98
N ASP E 86 75.33 31.51 -7.41
CA ASP E 86 76.03 32.48 -6.53
C ASP E 86 75.00 33.27 -5.71
N CYS E 87 73.84 33.60 -6.31
CA CYS E 87 72.74 34.38 -5.69
C CYS E 87 71.99 33.54 -4.65
N VAL E 88 71.60 32.33 -5.01
CA VAL E 88 70.86 31.38 -4.12
C VAL E 88 71.69 31.20 -2.84
N LEU E 89 72.94 30.72 -2.99
CA LEU E 89 73.85 30.42 -1.85
C LEU E 89 73.98 31.66 -0.96
N GLU E 90 74.10 32.85 -1.56
CA GLU E 90 74.23 34.15 -0.85
C GLU E 90 72.98 34.40 0.00
N ALA E 91 71.79 34.18 -0.58
CA ALA E 91 70.48 34.30 0.09
C ALA E 91 70.44 33.34 1.28
N MET E 92 70.94 32.12 1.09
CA MET E 92 70.97 31.02 2.11
C MET E 92 72.05 31.30 3.15
N ALA E 93 73.15 31.97 2.76
CA ALA E 93 74.25 32.38 3.67
C ALA E 93 73.72 33.43 4.65
N PHE E 94 73.09 34.49 4.11
CA PHE E 94 72.55 35.64 4.87
C PHE E 94 71.35 35.23 5.73
N LEU E 95 70.68 34.13 5.37
CA LEU E 95 69.61 33.53 6.22
C LEU E 95 70.26 32.97 7.50
N GLU E 96 71.29 32.12 7.35
CA GLU E 96 72.01 31.47 8.47
C GLU E 96 72.70 32.55 9.35
N GLU E 97 73.10 33.66 8.75
CA GLU E 97 73.65 34.83 9.50
C GLU E 97 72.54 35.45 10.36
N SER E 98 71.37 35.73 9.74
CA SER E 98 70.20 36.40 10.39
C SER E 98 69.54 35.48 11.42
N HIS E 99 69.75 34.16 11.31
CA HIS E 99 69.20 33.11 12.21
C HIS E 99 70.31 32.12 12.58
N PRO E 100 71.33 32.56 13.35
CA PRO E 100 72.54 31.77 13.56
C PRO E 100 72.24 30.40 14.21
N GLY E 101 72.67 29.32 13.55
CA GLY E 101 72.53 27.92 14.04
C GLY E 101 71.39 27.19 13.37
N ILE E 102 70.45 27.93 12.77
CA ILE E 102 69.19 27.40 12.17
C ILE E 102 69.46 26.08 11.43
N PHE E 103 70.47 26.03 10.55
CA PHE E 103 70.77 24.86 9.68
C PHE E 103 71.41 23.75 10.52
N GLU E 104 72.48 24.07 11.24
CA GLU E 104 73.24 23.10 12.08
C GLU E 104 72.27 22.38 13.04
N ASN E 105 71.49 23.15 13.79
CA ASN E 105 70.53 22.64 14.81
C ASN E 105 69.44 21.82 14.12
N SER E 106 68.85 22.37 13.06
CA SER E 106 67.75 21.73 12.29
C SER E 106 68.23 20.42 11.64
N CYS E 107 69.52 20.32 11.34
CA CYS E 107 70.17 19.08 10.83
C CYS E 107 70.26 18.04 11.96
N LEU E 108 70.67 18.46 13.15
CA LEU E 108 70.80 17.59 14.35
C LEU E 108 69.45 16.92 14.62
N GLU E 109 68.37 17.70 14.65
CA GLU E 109 67.00 17.17 14.93
C GLU E 109 66.57 16.26 13.78
N THR E 110 66.97 16.52 12.53
CA THR E 110 66.59 15.71 11.33
C THR E 110 67.44 14.44 11.26
N MET E 111 68.66 14.46 11.81
CA MET E 111 69.53 13.26 11.93
C MET E 111 68.88 12.28 12.93
N GLU E 112 68.21 12.82 13.96
CA GLU E 112 67.37 12.05 14.93
C GLU E 112 66.26 11.35 14.15
N ILE E 113 65.57 12.09 13.29
CA ILE E 113 64.37 11.63 12.50
C ILE E 113 64.80 10.49 11.57
N VAL E 114 65.70 10.80 10.62
CA VAL E 114 66.05 9.94 9.45
C VAL E 114 66.33 8.49 9.90
N GLN E 115 66.93 8.32 11.07
CA GLN E 115 67.23 6.98 11.67
C GLN E 115 65.92 6.36 12.16
N GLN E 116 65.22 7.06 13.08
CA GLN E 116 64.01 6.56 13.79
C GLN E 116 62.86 6.30 12.81
N THR E 117 62.78 7.03 11.69
CA THR E 117 61.67 6.92 10.70
C THR E 117 61.61 5.48 10.18
N ARG E 118 60.39 4.95 10.01
CA ARG E 118 60.11 3.55 9.62
C ARG E 118 59.45 3.52 8.23
N VAL E 119 59.64 2.42 7.50
CA VAL E 119 59.07 2.17 6.14
C VAL E 119 57.53 2.31 6.23
N ASP E 120 56.96 1.92 7.37
CA ASP E 120 55.51 2.06 7.70
C ASP E 120 55.00 3.43 7.22
N LYS E 121 55.78 4.49 7.46
CA LYS E 121 55.44 5.91 7.16
C LYS E 121 55.06 6.08 5.69
N LEU E 122 55.69 5.31 4.79
CA LEU E 122 55.60 5.48 3.32
C LEU E 122 54.23 5.03 2.79
N THR E 123 53.50 4.20 3.56
CA THR E 123 52.15 3.66 3.20
C THR E 123 51.11 4.79 3.29
N GLN E 124 51.32 5.76 4.18
CA GLN E 124 50.49 7.00 4.29
C GLN E 124 50.80 7.93 3.11
N GLY E 125 49.78 8.34 2.36
CA GLY E 125 49.92 9.23 1.19
C GLY E 125 48.87 8.95 0.14
N ARG E 126 48.79 9.80 -0.88
CA ARG E 126 47.73 9.79 -1.94
C ARG E 126 48.05 8.68 -2.95
N GLN E 127 47.45 8.76 -4.15
CA GLN E 127 47.83 7.95 -5.34
C GLN E 127 49.35 7.97 -5.49
N THR E 128 49.93 6.85 -5.92
CA THR E 128 51.38 6.70 -6.26
C THR E 128 51.49 5.94 -7.59
N TYR E 129 52.54 6.22 -8.36
CA TYR E 129 52.92 5.43 -9.55
C TYR E 129 53.58 4.12 -9.08
N ASP E 130 52.93 2.99 -9.36
CA ASP E 130 53.49 1.64 -9.13
C ASP E 130 54.25 1.20 -10.39
N TRP E 131 55.58 1.27 -10.31
CA TRP E 131 56.51 0.88 -11.42
C TRP E 131 56.50 -0.63 -11.61
N THR E 132 56.05 -1.39 -10.61
CA THR E 132 55.94 -2.87 -10.62
C THR E 132 54.95 -3.32 -11.69
N LEU E 133 53.81 -2.64 -11.80
CA LEU E 133 52.70 -2.99 -12.74
C LEU E 133 52.42 -1.84 -13.72
N ASN E 134 53.28 -0.81 -13.75
CA ASN E 134 53.22 0.33 -14.72
C ASN E 134 51.83 1.00 -14.63
N ARG E 135 51.33 1.22 -13.42
CA ARG E 135 50.00 1.83 -13.16
C ARG E 135 50.10 2.77 -11.96
N ASN E 136 49.13 3.68 -11.82
CA ASN E 136 48.85 4.41 -10.55
C ASN E 136 48.09 3.46 -9.62
N GLN E 137 48.28 3.61 -8.30
CA GLN E 137 47.66 2.73 -7.28
C GLN E 137 47.65 3.43 -5.92
N PRO E 138 46.90 2.89 -4.94
CA PRO E 138 47.05 3.29 -3.53
C PRO E 138 48.50 3.15 -3.04
N ALA E 139 48.89 4.00 -2.08
CA ALA E 139 50.27 4.14 -1.56
C ALA E 139 50.74 2.81 -0.96
N ALA E 140 49.95 2.21 -0.07
CA ALA E 140 50.29 0.99 0.70
C ALA E 140 50.47 -0.21 -0.24
N THR E 141 49.65 -0.31 -1.30
CA THR E 141 49.69 -1.41 -2.30
C THR E 141 50.94 -1.26 -3.18
N ALA E 142 51.30 -0.02 -3.55
CA ALA E 142 52.45 0.32 -4.42
C ALA E 142 53.76 -0.06 -3.72
N LEU E 143 53.79 -0.01 -2.38
CA LEU E 143 54.98 -0.35 -1.55
C LEU E 143 55.10 -1.87 -1.41
N ALA E 144 53.99 -2.55 -1.12
CA ALA E 144 53.89 -4.03 -1.01
C ALA E 144 54.41 -4.67 -2.30
N ASN E 145 53.97 -4.15 -3.46
CA ASN E 145 54.42 -4.56 -4.82
C ASN E 145 55.93 -4.34 -4.97
N THR E 146 56.42 -3.18 -4.52
CA THR E 146 57.85 -2.73 -4.68
C THR E 146 58.76 -3.59 -3.81
N ILE E 147 58.37 -3.89 -2.57
CA ILE E 147 59.18 -4.73 -1.63
C ILE E 147 59.17 -6.19 -2.12
N GLU E 148 58.11 -6.60 -2.83
CA GLU E 148 57.96 -7.97 -3.40
C GLU E 148 58.99 -8.18 -4.51
N VAL E 149 59.32 -7.13 -5.27
CA VAL E 149 60.39 -7.16 -6.31
C VAL E 149 61.76 -7.15 -5.60
N PHE E 150 61.90 -6.27 -4.61
CA PHE E 150 63.14 -6.07 -3.79
C PHE E 150 63.39 -7.31 -2.93
N ARG E 151 62.35 -8.09 -2.63
CA ARG E 151 62.47 -9.40 -1.93
C ARG E 151 62.98 -10.45 -2.93
N SER E 152 62.42 -10.46 -4.15
CA SER E 152 62.76 -11.42 -5.24
C SER E 152 64.19 -11.21 -5.72
N ASN E 153 64.60 -9.95 -5.91
CA ASN E 153 66.00 -9.55 -6.21
C ASN E 153 66.72 -9.31 -4.88
N GLY E 154 68.03 -9.56 -4.82
CA GLY E 154 68.83 -9.60 -3.57
C GLY E 154 68.88 -8.26 -2.85
N LEU E 155 67.74 -7.78 -2.36
CA LEU E 155 67.56 -6.43 -1.73
C LEU E 155 66.66 -6.57 -0.49
N THR E 156 67.12 -7.32 0.52
CA THR E 156 66.32 -7.73 1.71
C THR E 156 66.62 -6.84 2.92
N ALA E 157 67.31 -5.71 2.71
CA ALA E 157 67.67 -4.75 3.79
C ALA E 157 66.43 -3.99 4.25
N ASN E 158 65.42 -3.83 3.38
CA ASN E 158 64.15 -3.11 3.67
C ASN E 158 63.43 -3.78 4.84
N GLU E 159 63.59 -5.10 4.99
CA GLU E 159 62.90 -5.94 6.01
C GLU E 159 63.59 -5.83 7.37
N SER E 160 64.45 -4.82 7.57
CA SER E 160 65.00 -4.45 8.90
C SER E 160 63.98 -3.57 9.64
N GLY E 161 63.20 -2.78 8.90
CA GLY E 161 62.10 -1.94 9.44
C GLY E 161 62.26 -0.48 9.07
N ARG E 162 63.40 0.12 9.45
CA ARG E 162 63.73 1.56 9.25
C ARG E 162 63.66 1.90 7.75
N LEU E 163 63.46 3.19 7.42
CA LEU E 163 63.25 3.69 6.04
C LEU E 163 64.60 3.80 5.33
N ILE E 164 65.61 4.37 5.99
CA ILE E 164 66.98 4.60 5.46
C ILE E 164 67.52 3.31 4.82
N ASP E 165 67.12 2.14 5.33
CA ASP E 165 67.52 0.80 4.81
C ASP E 165 66.76 0.48 3.52
N PHE E 166 65.48 0.85 3.43
CA PHE E 166 64.65 0.70 2.21
C PHE E 166 65.25 1.54 1.07
N LEU E 167 65.74 2.74 1.39
CA LEU E 167 66.45 3.62 0.43
C LEU E 167 67.71 2.91 -0.06
N LYS E 168 68.51 2.37 0.87
CA LYS E 168 69.77 1.63 0.59
C LYS E 168 69.50 0.54 -0.45
N ASP E 169 68.31 -0.06 -0.43
CA ASP E 169 67.85 -1.07 -1.44
C ASP E 169 67.52 -0.35 -2.76
N VAL E 170 66.82 0.79 -2.69
CA VAL E 170 66.43 1.62 -3.88
C VAL E 170 67.70 2.08 -4.60
N MET E 171 68.75 2.42 -3.85
CA MET E 171 70.08 2.83 -4.40
C MET E 171 70.68 1.65 -5.17
N ASP E 172 70.80 0.48 -4.51
CA ASP E 172 71.43 -0.75 -5.05
C ASP E 172 70.65 -1.27 -6.26
N SER E 173 69.35 -0.95 -6.35
CA SER E 173 68.42 -1.38 -7.43
C SER E 173 68.82 -0.73 -8.77
N MET E 174 69.36 0.49 -8.72
CA MET E 174 69.75 1.28 -9.91
C MET E 174 70.96 0.63 -10.60
N ASP E 175 71.93 0.18 -9.79
CA ASP E 175 73.23 -0.41 -10.23
C ASP E 175 72.99 -1.77 -10.91
N LYS E 176 71.98 -2.52 -10.47
CA LYS E 176 71.66 -3.89 -10.99
C LYS E 176 71.17 -3.78 -12.45
N GLU E 177 71.74 -4.58 -13.35
CA GLU E 177 71.49 -4.52 -14.82
C GLU E 177 70.12 -5.17 -15.12
N GLU E 178 69.81 -6.29 -14.47
CA GLU E 178 68.48 -6.95 -14.56
C GLU E 178 67.61 -6.47 -13.40
N MET E 179 66.29 -6.45 -13.60
CA MET E 179 65.28 -6.23 -12.54
C MET E 179 64.07 -7.14 -12.84
N GLU E 180 63.88 -8.18 -12.03
CA GLU E 180 62.89 -9.27 -12.24
C GLU E 180 61.84 -9.22 -11.12
N ILE E 181 60.57 -9.43 -11.48
CA ILE E 181 59.43 -9.55 -10.52
C ILE E 181 58.55 -10.75 -10.91
N THR E 182 58.33 -11.66 -9.96
CA THR E 182 57.31 -12.74 -10.01
C THR E 182 55.93 -12.13 -9.73
N THR E 183 55.16 -11.83 -10.77
CA THR E 183 53.80 -11.24 -10.72
C THR E 183 52.75 -12.36 -10.62
N LYS E 209 57.51 -14.76 -14.72
CA LYS E 209 58.57 -13.81 -14.32
C LYS E 209 58.66 -12.69 -15.37
N GLN E 210 58.78 -11.43 -14.91
CA GLN E 210 58.75 -10.20 -15.73
C GLN E 210 60.11 -9.50 -15.66
N ARG E 211 60.69 -9.18 -16.83
CA ARG E 211 62.11 -8.80 -17.02
C ARG E 211 62.21 -7.38 -17.58
N LEU E 212 62.92 -6.49 -16.86
CA LEU E 212 63.22 -5.09 -17.28
C LEU E 212 64.73 -4.87 -17.34
N ASN E 213 65.24 -4.42 -18.49
CA ASN E 213 66.66 -4.02 -18.70
C ASN E 213 66.92 -2.76 -17.87
N LYS E 214 68.20 -2.48 -17.58
CA LYS E 214 68.64 -1.39 -16.66
C LYS E 214 68.08 -0.03 -17.11
N ARG E 215 68.00 0.21 -18.43
CA ARG E 215 67.56 1.50 -19.01
C ARG E 215 66.06 1.70 -18.75
N SER E 216 65.24 0.70 -19.11
CA SER E 216 63.75 0.74 -18.99
C SER E 216 63.34 0.84 -17.52
N TYR E 217 64.06 0.17 -16.62
CA TYR E 217 63.86 0.24 -15.15
C TYR E 217 64.06 1.70 -14.70
N LEU E 218 65.20 2.28 -15.07
CA LEU E 218 65.64 3.63 -14.66
C LEU E 218 64.60 4.67 -15.06
N ILE E 219 64.02 4.55 -16.26
CA ILE E 219 62.94 5.46 -16.78
C ILE E 219 61.79 5.46 -15.77
N ARG E 220 61.36 4.27 -15.32
CA ARG E 220 60.18 4.08 -14.44
C ARG E 220 60.48 4.54 -13.02
N ALA E 221 61.72 4.35 -12.57
CA ALA E 221 62.21 4.79 -11.23
C ALA E 221 62.20 6.33 -11.15
N LEU E 222 62.35 7.02 -12.28
CA LEU E 222 62.42 8.50 -12.38
C LEU E 222 61.15 9.06 -13.03
N THR E 223 60.05 8.32 -13.02
CA THR E 223 58.79 8.69 -13.75
C THR E 223 57.87 9.50 -12.84
N LEU E 224 57.16 10.47 -13.43
CA LEU E 224 55.96 11.14 -12.87
C LEU E 224 54.76 10.77 -13.75
N ASN E 225 53.69 10.23 -13.17
CA ASN E 225 52.49 9.73 -13.91
C ASN E 225 51.24 10.50 -13.46
N THR E 226 50.41 10.91 -14.43
CA THR E 226 49.23 11.79 -14.25
C THR E 226 48.03 10.97 -13.77
N ILE E 241 48.75 17.28 -10.62
CA ILE E 241 49.09 17.18 -12.07
C ILE E 241 49.52 15.73 -12.36
N ALA E 242 50.47 15.22 -11.57
CA ALA E 242 51.07 13.86 -11.71
C ALA E 242 51.74 13.43 -10.38
N THR E 243 51.56 12.16 -10.01
CA THR E 243 52.15 11.52 -8.80
C THR E 243 53.49 10.89 -9.18
N PRO E 244 54.45 10.81 -8.23
CA PRO E 244 55.77 10.21 -8.50
C PRO E 244 55.85 8.72 -8.11
N GLY E 245 56.94 8.05 -8.52
CA GLY E 245 57.23 6.64 -8.21
C GLY E 245 57.43 6.42 -6.72
N MET E 246 57.59 5.16 -6.30
CA MET E 246 57.78 4.78 -4.87
C MET E 246 59.26 4.93 -4.48
N GLN E 247 60.18 4.80 -5.45
CA GLN E 247 61.64 4.91 -5.22
C GLN E 247 61.96 6.35 -4.77
N ILE E 248 61.47 7.34 -5.52
CA ILE E 248 61.76 8.80 -5.35
C ILE E 248 61.10 9.33 -4.07
N ARG E 249 59.89 8.86 -3.75
CA ARG E 249 59.04 9.37 -2.62
C ARG E 249 59.82 9.32 -1.30
N GLY E 250 60.50 8.20 -1.02
CA GLY E 250 61.26 7.97 0.23
C GLY E 250 62.10 9.18 0.60
N PHE E 251 62.92 9.65 -0.33
CA PHE E 251 63.91 10.74 -0.12
C PHE E 251 63.18 12.07 0.07
N VAL E 252 62.14 12.30 -0.74
CA VAL E 252 61.33 13.56 -0.74
C VAL E 252 60.87 13.85 0.70
N TYR E 253 60.54 12.80 1.47
CA TYR E 253 60.13 12.91 2.89
C TYR E 253 61.25 13.58 3.70
N PHE E 254 62.44 12.98 3.72
CA PHE E 254 63.59 13.39 4.56
C PHE E 254 64.00 14.83 4.23
N VAL E 255 63.87 15.24 2.96
CA VAL E 255 64.15 16.62 2.48
C VAL E 255 63.12 17.56 3.11
N GLU E 256 61.83 17.30 2.88
CA GLU E 256 60.69 18.09 3.44
C GLU E 256 60.80 18.09 4.96
N ALA E 257 61.29 16.99 5.55
CA ALA E 257 61.53 16.84 7.01
C ALA E 257 62.57 17.88 7.46
N LEU E 258 63.69 17.99 6.73
CA LEU E 258 64.73 19.03 6.97
C LEU E 258 64.10 20.41 6.75
N ALA E 259 63.38 20.59 5.63
CA ALA E 259 62.71 21.84 5.23
C ALA E 259 61.68 22.25 6.29
N ARG E 260 61.11 21.27 7.00
CA ARG E 260 60.16 21.54 8.13
C ARG E 260 60.95 22.21 9.25
N SER E 261 61.93 21.52 9.82
CA SER E 261 62.75 22.00 10.97
C SER E 261 63.24 23.44 10.72
N ILE E 262 63.50 23.80 9.46
CA ILE E 262 63.94 25.18 9.06
C ILE E 262 62.75 26.12 9.22
N CYS E 263 61.67 25.88 8.46
CA CYS E 263 60.40 26.66 8.48
C CYS E 263 59.95 26.88 9.93
N GLU E 264 60.02 25.83 10.76
CA GLU E 264 59.65 25.85 12.20
C GLU E 264 60.40 26.98 12.92
N LYS E 265 61.66 27.24 12.53
CA LYS E 265 62.56 28.20 13.23
C LYS E 265 62.45 29.60 12.61
N LEU E 266 61.63 29.79 11.57
CA LEU E 266 61.44 31.08 10.85
C LEU E 266 60.05 31.67 11.17
N GLU E 267 60.01 32.94 11.58
CA GLU E 267 58.75 33.69 11.88
C GLU E 267 57.97 33.89 10.58
N GLN E 268 58.67 34.20 9.49
CA GLN E 268 58.08 34.62 8.19
C GLN E 268 57.37 33.43 7.51
N SER E 269 57.85 32.20 7.75
CA SER E 269 57.28 30.96 7.18
C SER E 269 55.86 30.75 7.70
N GLY E 270 54.88 30.62 6.80
CA GLY E 270 53.47 30.40 7.15
C GLY E 270 53.14 28.91 7.26
N LEU E 271 54.15 28.04 7.12
CA LEU E 271 54.02 26.57 7.29
C LEU E 271 54.88 26.11 8.46
N PRO E 272 54.59 24.95 9.09
CA PRO E 272 53.35 24.21 8.86
C PRO E 272 52.25 24.51 9.90
N VAL E 273 52.29 25.73 10.48
CA VAL E 273 51.57 26.14 11.72
C VAL E 273 50.05 25.94 11.56
N GLY E 274 49.33 25.86 12.69
CA GLY E 274 47.89 25.51 12.77
C GLY E 274 46.97 26.65 12.34
N GLY E 275 45.71 26.59 12.74
CA GLY E 275 44.63 27.51 12.32
C GLY E 275 44.79 28.90 12.89
N ASN E 276 44.40 29.09 14.16
CA ASN E 276 44.43 30.39 14.89
C ASN E 276 45.88 30.85 15.08
N GLU E 277 46.80 29.90 15.18
CA GLU E 277 48.26 30.14 15.38
C GLU E 277 48.83 31.01 14.24
N LYS E 278 48.21 30.95 13.06
CA LYS E 278 48.66 31.64 11.81
C LYS E 278 48.13 33.08 11.77
N LYS E 279 46.86 33.30 12.14
CA LYS E 279 46.22 34.64 12.20
C LYS E 279 47.13 35.62 12.95
N ALA E 280 47.78 35.14 14.01
CA ALA E 280 48.78 35.88 14.81
C ALA E 280 49.85 36.48 13.88
N LYS E 281 50.48 35.62 13.06
CA LYS E 281 51.63 35.97 12.19
C LYS E 281 51.26 37.17 11.32
N LEU E 282 50.01 37.27 10.86
CA LEU E 282 49.49 38.42 10.08
C LEU E 282 49.56 39.69 10.95
N ALA E 283 49.04 39.62 12.17
CA ALA E 283 49.00 40.74 13.13
C ALA E 283 50.44 41.19 13.43
N ASN E 284 51.34 40.24 13.69
CA ASN E 284 52.77 40.48 14.06
C ASN E 284 53.45 41.38 13.02
N VAL E 285 53.52 40.95 11.77
CA VAL E 285 54.34 41.59 10.70
C VAL E 285 53.85 43.02 10.44
N VAL E 286 52.54 43.27 10.57
CA VAL E 286 51.98 44.65 10.44
C VAL E 286 52.48 45.47 11.65
N ARG E 287 52.24 44.94 12.86
CA ARG E 287 52.57 45.58 14.17
C ARG E 287 54.07 45.90 14.22
N LYS E 288 54.90 45.09 13.57
CA LYS E 288 56.38 45.28 13.45
C LYS E 288 56.68 46.54 12.63
N MET E 289 56.04 46.68 11.46
CA MET E 289 56.37 47.69 10.42
C MET E 289 55.60 49.00 10.65
N MET E 290 54.68 49.04 11.63
CA MET E 290 53.75 50.18 11.83
C MET E 290 54.02 50.91 13.15
N THR E 291 54.78 50.31 14.07
CA THR E 291 55.14 50.90 15.39
C THR E 291 56.45 51.68 15.27
N ASN E 292 57.43 51.14 14.54
CA ASN E 292 58.70 51.82 14.19
C ASN E 292 58.39 53.05 13.34
N SER E 293 57.61 52.85 12.26
CA SER E 293 57.21 53.87 11.27
C SER E 293 56.77 55.17 11.97
N GLN E 294 57.49 56.26 11.74
CA GLN E 294 57.20 57.61 12.30
C GLN E 294 56.11 58.27 11.43
N ASP E 295 56.04 59.60 11.42
CA ASP E 295 55.04 60.37 10.62
C ASP E 295 55.37 60.26 9.13
N THR E 296 56.65 60.50 8.75
CA THR E 296 57.11 60.60 7.35
C THR E 296 57.07 59.23 6.66
N GLU E 297 57.58 58.18 7.31
CA GLU E 297 57.86 56.85 6.67
C GLU E 297 56.55 56.22 6.19
N LEU E 298 56.42 56.01 4.88
CA LEU E 298 55.27 55.31 4.23
C LEU E 298 55.40 53.81 4.50
N SER E 299 54.28 53.10 4.43
CA SER E 299 54.20 51.61 4.48
C SER E 299 53.10 51.15 3.51
N PHE E 300 53.48 50.27 2.58
CA PHE E 300 52.57 49.59 1.62
C PHE E 300 52.72 48.07 1.77
N THR E 301 51.58 47.36 1.85
CA THR E 301 51.52 45.89 1.77
C THR E 301 51.12 45.51 0.34
N ILE E 302 51.80 44.53 -0.24
CA ILE E 302 51.44 43.97 -1.58
C ILE E 302 50.90 42.55 -1.36
N THR E 303 49.63 42.34 -1.74
CA THR E 303 48.94 41.04 -1.73
C THR E 303 49.59 40.16 -2.81
N GLY E 304 50.47 39.25 -2.39
CA GLY E 304 51.39 38.52 -3.27
C GLY E 304 50.83 37.20 -3.75
N ASP E 305 51.26 36.79 -4.95
CA ASP E 305 51.02 35.46 -5.58
C ASP E 305 52.06 35.30 -6.70
N ASN E 306 52.89 34.26 -6.63
CA ASN E 306 53.99 34.01 -7.60
C ASN E 306 53.44 33.16 -8.77
N THR E 307 53.81 33.49 -10.01
CA THR E 307 53.31 32.84 -11.26
C THR E 307 54.16 31.60 -11.58
N LYS E 308 53.51 30.56 -12.12
CA LYS E 308 54.13 29.29 -12.61
C LYS E 308 55.28 28.88 -11.68
N TRP E 309 54.99 28.77 -10.38
CA TRP E 309 55.95 28.53 -9.28
C TRP E 309 56.76 27.24 -9.52
N ASN E 310 56.09 26.16 -9.94
CA ASN E 310 56.68 24.80 -10.05
C ASN E 310 57.52 24.68 -11.33
N GLU E 311 57.10 25.32 -12.42
CA GLU E 311 57.70 25.17 -13.77
C GLU E 311 59.04 25.89 -13.88
N ASN E 312 59.31 26.85 -12.99
CA ASN E 312 60.52 27.73 -13.07
C ASN E 312 61.66 27.15 -12.22
N GLN E 313 61.57 27.27 -10.89
CA GLN E 313 62.69 26.92 -9.96
C GLN E 313 63.11 25.47 -10.18
N ASN E 314 64.42 25.25 -10.36
CA ASN E 314 65.03 24.03 -10.96
C ASN E 314 65.56 23.12 -9.86
N PRO E 315 65.42 21.78 -10.00
CA PRO E 315 65.94 20.82 -9.01
C PRO E 315 67.40 21.06 -8.57
N ARG E 316 68.27 21.42 -9.51
CA ARG E 316 69.72 21.65 -9.28
C ARG E 316 69.89 22.72 -8.20
N MET E 317 68.97 23.69 -8.16
CA MET E 317 68.97 24.81 -7.19
C MET E 317 68.68 24.27 -5.78
N PHE E 318 67.75 23.31 -5.66
CA PHE E 318 67.40 22.67 -4.36
C PHE E 318 68.62 21.89 -3.85
N LEU E 319 69.32 21.21 -4.75
CA LEU E 319 70.59 20.49 -4.43
C LEU E 319 71.60 21.48 -3.86
N ALA E 320 71.69 22.68 -4.46
CA ALA E 320 72.61 23.77 -4.03
C ALA E 320 72.24 24.25 -2.62
N MET E 321 70.94 24.34 -2.33
CA MET E 321 70.41 24.73 -0.99
C MET E 321 70.78 23.65 0.03
N ILE E 322 70.38 22.40 -0.22
CA ILE E 322 70.58 21.24 0.70
C ILE E 322 72.06 21.14 1.07
N THR E 323 72.96 21.20 0.09
CA THR E 323 74.42 20.99 0.28
C THR E 323 75.00 22.13 1.13
N TYR E 324 74.43 23.34 1.06
CA TYR E 324 74.88 24.51 1.86
C TYR E 324 74.36 24.41 3.30
N ILE E 325 73.17 23.85 3.48
CA ILE E 325 72.57 23.60 4.83
C ILE E 325 73.40 22.53 5.54
N THR E 326 73.74 21.45 4.82
CA THR E 326 74.38 20.22 5.36
C THR E 326 75.92 20.29 5.23
N ARG E 327 76.48 21.50 5.20
CA ARG E 327 77.96 21.69 5.29
C ARG E 327 78.35 21.49 6.77
N ASN E 328 79.55 20.93 7.01
CA ASN E 328 80.09 20.56 8.35
C ASN E 328 79.31 19.39 8.95
N GLN E 329 78.54 18.65 8.13
CA GLN E 329 77.70 17.51 8.60
C GLN E 329 78.27 16.19 8.09
N PRO E 330 77.93 15.05 8.72
CA PRO E 330 78.36 13.73 8.23
C PRO E 330 77.90 13.44 6.78
N GLU E 331 78.70 12.65 6.05
CA GLU E 331 78.53 12.36 4.60
C GLU E 331 77.23 11.60 4.36
N TRP E 332 76.90 10.63 5.23
CA TRP E 332 75.69 9.77 5.08
C TRP E 332 74.43 10.64 5.03
N PHE E 333 74.33 11.64 5.92
CA PHE E 333 73.16 12.55 6.06
C PHE E 333 73.09 13.46 4.83
N ARG E 334 74.22 14.06 4.47
CA ARG E 334 74.42 14.90 3.25
C ARG E 334 73.85 14.15 2.04
N ASN E 335 74.18 12.87 1.92
CA ASN E 335 73.88 12.02 0.73
C ASN E 335 72.37 11.80 0.61
N VAL E 336 71.75 11.12 1.58
CA VAL E 336 70.30 10.74 1.57
C VAL E 336 69.45 11.94 1.16
N LEU E 337 69.79 13.14 1.65
CA LEU E 337 69.06 14.40 1.39
C LEU E 337 69.33 14.88 -0.04
N SER E 338 70.54 14.69 -0.54
CA SER E 338 70.96 15.08 -1.91
C SER E 338 70.21 14.28 -2.98
N ILE E 339 69.75 13.06 -2.66
CA ILE E 339 69.22 12.07 -3.66
C ILE E 339 67.96 12.62 -4.34
N ALA E 340 67.08 13.27 -3.58
CA ALA E 340 65.74 13.69 -4.06
C ALA E 340 65.90 14.70 -5.20
N PRO E 341 66.59 15.85 -4.98
CA PRO E 341 66.85 16.80 -6.07
C PRO E 341 67.44 16.16 -7.33
N ILE E 342 68.41 15.27 -7.14
CA ILE E 342 69.15 14.56 -8.22
C ILE E 342 68.14 13.84 -9.13
N MET E 343 67.29 13.01 -8.55
CA MET E 343 66.26 12.22 -9.28
C MET E 343 65.33 13.16 -10.05
N PHE E 344 64.94 14.28 -9.42
CA PHE E 344 63.99 15.28 -9.98
C PHE E 344 64.63 16.01 -11.16
N SER E 345 65.97 16.10 -11.19
CA SER E 345 66.72 16.77 -12.29
C SER E 345 66.88 15.82 -13.48
N ASN E 346 66.59 14.53 -13.31
CA ASN E 346 66.76 13.47 -14.35
C ASN E 346 65.41 12.84 -14.72
N LYS E 347 64.32 13.37 -14.16
CA LYS E 347 62.97 12.73 -14.17
C LYS E 347 62.35 12.74 -15.58
N MET E 348 61.35 11.88 -15.78
CA MET E 348 60.55 11.73 -17.02
C MET E 348 59.06 11.81 -16.65
N ALA E 349 58.25 12.51 -17.46
CA ALA E 349 56.80 12.70 -17.25
C ALA E 349 56.02 11.90 -18.31
N ARG E 350 55.44 10.76 -17.91
CA ARG E 350 54.55 9.94 -18.78
C ARG E 350 53.28 10.74 -19.09
N LEU E 351 52.75 10.59 -20.31
CA LEU E 351 51.65 11.43 -20.86
C LEU E 351 50.31 10.69 -20.67
N GLY E 352 50.06 10.20 -19.46
CA GLY E 352 48.85 9.43 -19.08
C GLY E 352 48.63 8.24 -19.98
N LYS E 353 47.44 8.15 -20.60
CA LYS E 353 47.03 7.06 -21.53
C LYS E 353 47.26 7.53 -22.97
N GLY E 354 46.55 8.58 -23.41
CA GLY E 354 46.67 9.13 -24.77
C GLY E 354 45.40 9.84 -25.24
N TYR E 355 45.16 9.82 -26.56
CA TYR E 355 44.11 10.59 -27.27
C TYR E 355 43.06 9.64 -27.86
N MET E 356 41.80 10.09 -27.91
CA MET E 356 40.63 9.34 -28.46
C MET E 356 40.30 9.91 -29.85
N PHE E 357 40.15 9.02 -30.85
CA PHE E 357 39.79 9.36 -32.25
C PHE E 357 38.35 8.92 -32.54
N GLU E 358 37.79 9.36 -33.68
CA GLU E 358 36.38 9.09 -34.07
C GLU E 358 36.20 9.28 -35.58
N SER E 359 35.62 8.27 -36.24
CA SER E 359 35.18 8.31 -37.67
C SER E 359 33.68 8.68 -37.72
N LYS E 360 33.32 9.66 -38.56
CA LYS E 360 31.95 10.22 -38.66
C LYS E 360 31.03 9.18 -39.31
N SER E 361 31.26 8.87 -40.59
CA SER E 361 30.45 7.94 -41.42
C SER E 361 30.59 6.51 -40.90
N MET E 362 31.82 5.99 -40.82
CA MET E 362 32.15 4.59 -40.47
C MET E 362 31.62 4.24 -39.07
N LYS E 363 31.51 5.23 -38.18
CA LYS E 363 30.93 5.09 -36.81
C LYS E 363 31.88 4.27 -35.93
N LEU E 364 33.18 4.59 -35.97
CA LEU E 364 34.26 3.94 -35.18
C LEU E 364 34.79 4.93 -34.13
N ARG E 365 35.65 4.44 -33.23
CA ARG E 365 36.48 5.27 -32.30
C ARG E 365 37.64 4.40 -31.80
N THR E 366 38.84 4.99 -31.64
CA THR E 366 40.09 4.28 -31.28
C THR E 366 40.94 5.14 -30.33
N GLN E 367 41.58 4.49 -29.35
CA GLN E 367 42.41 5.13 -28.30
C GLN E 367 43.90 4.84 -28.58
N VAL E 368 44.61 5.80 -29.16
CA VAL E 368 46.09 5.73 -29.41
C VAL E 368 46.78 5.98 -28.07
N PRO E 369 47.73 5.11 -27.64
CA PRO E 369 48.46 5.32 -26.40
C PRO E 369 49.50 6.45 -26.51
N ALA E 370 50.25 6.68 -25.43
CA ALA E 370 51.36 7.65 -25.34
C ALA E 370 52.62 7.05 -25.98
N GLU E 371 52.92 5.78 -25.67
CA GLU E 371 54.14 5.06 -26.08
C GLU E 371 54.42 5.30 -27.57
N MET E 372 53.42 5.06 -28.43
CA MET E 372 53.50 5.26 -29.90
C MET E 372 52.67 6.49 -30.29
N LEU E 373 52.97 7.63 -29.67
CA LEU E 373 52.48 8.98 -30.05
C LEU E 373 53.60 9.76 -30.74
N ALA E 374 54.85 9.32 -30.58
CA ALA E 374 56.04 9.84 -31.31
C ALA E 374 56.07 9.27 -32.72
N ASN E 375 55.96 7.94 -32.84
CA ASN E 375 55.94 7.18 -34.12
C ASN E 375 54.49 7.06 -34.62
N ILE E 376 53.85 8.19 -34.92
CA ILE E 376 52.43 8.27 -35.36
C ILE E 376 52.27 9.47 -36.30
N ASP E 377 51.26 9.43 -37.17
CA ASP E 377 51.00 10.47 -38.22
C ASP E 377 50.29 11.67 -37.56
N LEU E 378 50.61 12.88 -38.02
CA LEU E 378 50.18 14.18 -37.41
C LEU E 378 48.89 14.69 -38.07
N LYS E 379 48.47 14.12 -39.20
CA LYS E 379 47.30 14.57 -40.01
C LYS E 379 45.99 14.00 -39.43
N TYR E 380 46.06 13.06 -38.47
CA TYR E 380 44.92 12.57 -37.66
C TYR E 380 44.46 13.63 -36.65
N PHE E 381 45.41 14.42 -36.13
CA PHE E 381 45.18 15.43 -35.07
C PHE E 381 44.71 16.75 -35.70
N ASN E 382 44.33 17.71 -34.86
CA ASN E 382 43.85 19.07 -35.26
C ASN E 382 45.04 20.04 -35.27
N LYS E 383 44.78 21.33 -35.51
CA LYS E 383 45.81 22.38 -35.70
C LYS E 383 46.49 22.71 -34.36
N SER E 384 45.71 22.79 -33.27
CA SER E 384 46.19 23.15 -31.90
C SER E 384 46.98 21.99 -31.29
N THR E 385 46.60 20.74 -31.57
CA THR E 385 47.18 19.51 -30.97
C THR E 385 48.49 19.14 -31.67
N ARG E 386 48.58 19.35 -33.00
CA ARG E 386 49.78 19.01 -33.81
C ARG E 386 51.01 19.73 -33.24
N GLU E 387 50.95 21.06 -33.14
CA GLU E 387 52.05 21.96 -32.69
C GLU E 387 52.54 21.51 -31.31
N LYS E 388 51.62 21.13 -30.41
CA LYS E 388 51.89 20.70 -29.02
C LYS E 388 52.71 19.40 -29.05
N ILE E 389 52.44 18.51 -30.02
CA ILE E 389 53.15 17.21 -30.20
C ILE E 389 54.48 17.46 -30.92
N GLU E 390 54.50 18.38 -31.89
CA GLU E 390 55.70 18.69 -32.72
C GLU E 390 56.78 19.36 -31.84
N LYS E 391 56.38 20.08 -30.78
CA LYS E 391 57.31 20.79 -29.85
C LYS E 391 57.94 19.80 -28.86
N ILE E 392 57.16 18.83 -28.37
CA ILE E 392 57.55 17.90 -27.27
C ILE E 392 58.32 16.69 -27.83
N ARG E 393 58.15 16.37 -29.12
CA ARG E 393 58.68 15.11 -29.74
C ARG E 393 60.19 15.00 -29.57
N PRO E 394 60.98 16.09 -29.69
CA PRO E 394 62.41 16.05 -29.36
C PRO E 394 62.73 15.50 -27.95
N LEU E 395 61.85 15.76 -26.98
CA LEU E 395 62.02 15.37 -25.54
C LEU E 395 61.55 13.93 -25.31
N LEU E 396 60.72 13.39 -26.21
CA LEU E 396 60.02 12.08 -26.07
C LEU E 396 61.02 10.93 -26.19
N ILE E 397 61.15 10.12 -25.13
CA ILE E 397 62.14 9.00 -25.01
C ILE E 397 61.46 7.82 -24.29
N ASP E 398 61.03 6.81 -25.05
CA ASP E 398 60.46 5.53 -24.53
C ASP E 398 59.02 5.79 -24.02
N GLY E 399 58.26 6.63 -24.74
CA GLY E 399 56.85 6.93 -24.43
C GLY E 399 56.68 7.86 -23.24
N THR E 400 57.79 8.45 -22.76
CA THR E 400 57.82 9.45 -21.65
C THR E 400 58.60 10.68 -22.15
N ALA E 401 58.19 11.87 -21.71
CA ALA E 401 58.82 13.18 -22.08
C ALA E 401 59.83 13.59 -21.01
N SER E 402 61.10 13.80 -21.39
CA SER E 402 62.19 14.23 -20.49
C SER E 402 61.88 15.63 -19.95
N LEU E 403 62.05 15.84 -18.64
CA LEU E 403 61.70 17.11 -17.94
C LEU E 403 62.72 17.36 -16.82
N SER E 404 63.93 17.77 -17.19
CA SER E 404 65.05 18.09 -16.26
C SER E 404 64.76 19.39 -15.49
N PRO E 405 64.17 20.44 -16.12
CA PRO E 405 63.83 21.66 -15.41
C PRO E 405 62.43 21.63 -14.79
N GLY E 406 62.17 22.48 -13.79
CA GLY E 406 60.87 22.63 -13.13
C GLY E 406 60.53 21.44 -12.25
N MET E 407 59.27 21.36 -11.80
CA MET E 407 58.74 20.31 -10.88
C MET E 407 57.25 20.07 -11.16
N MET E 408 56.69 19.07 -10.48
CA MET E 408 55.23 18.81 -10.39
C MET E 408 54.73 19.33 -9.03
N MET E 409 53.52 19.89 -9.02
CA MET E 409 52.93 20.71 -7.93
C MET E 409 53.12 20.04 -6.57
N GLY E 410 53.20 20.86 -5.52
CA GLY E 410 53.15 20.45 -4.10
C GLY E 410 54.04 19.26 -3.80
N MET E 411 55.34 19.39 -4.01
CA MET E 411 56.33 18.30 -3.77
C MET E 411 57.41 18.76 -2.78
N PHE E 412 58.02 19.93 -3.02
CA PHE E 412 58.98 20.58 -2.09
C PHE E 412 58.37 21.87 -1.54
N ASN E 413 57.10 21.81 -1.11
CA ASN E 413 56.34 22.98 -0.58
C ASN E 413 57.18 23.73 0.47
N MET E 414 57.78 23.00 1.42
CA MET E 414 58.42 23.56 2.62
C MET E 414 59.78 24.14 2.27
N LEU E 415 60.57 23.42 1.45
CA LEU E 415 61.93 23.84 1.05
C LEU E 415 61.83 25.10 0.17
N SER E 416 60.87 25.12 -0.76
CA SER E 416 60.56 26.27 -1.65
C SER E 416 60.20 27.50 -0.81
N THR E 417 59.59 27.27 0.37
CA THR E 417 59.20 28.34 1.33
C THR E 417 60.48 28.94 1.93
N VAL E 418 61.46 28.11 2.28
CA VAL E 418 62.77 28.58 2.84
C VAL E 418 63.39 29.58 1.86
N LEU E 419 63.48 29.18 0.58
CA LEU E 419 64.01 30.01 -0.53
C LEU E 419 63.26 31.35 -0.59
N GLY E 420 61.92 31.29 -0.55
CA GLY E 420 61.05 32.48 -0.55
C GLY E 420 61.38 33.40 0.61
N VAL E 421 61.53 32.83 1.81
CA VAL E 421 61.80 33.55 3.09
C VAL E 421 63.19 34.21 3.01
N SER E 422 64.15 33.53 2.40
CA SER E 422 65.56 33.99 2.25
C SER E 422 65.60 35.32 1.47
N ILE E 423 64.59 35.59 0.63
CA ILE E 423 64.45 36.84 -0.15
C ILE E 423 63.73 37.90 0.69
N LEU E 424 62.75 37.49 1.50
CA LEU E 424 62.12 38.36 2.54
C LEU E 424 63.20 38.80 3.52
N ASN E 425 64.07 37.86 3.93
CA ASN E 425 65.21 38.06 4.87
C ASN E 425 66.12 39.20 4.39
N LEU E 426 66.26 39.35 3.07
CA LEU E 426 67.17 40.35 2.43
C LEU E 426 66.50 41.73 2.33
N GLY E 427 65.43 41.95 3.11
CA GLY E 427 64.72 43.24 3.18
C GLY E 427 65.04 44.02 4.46
N GLN E 428 65.93 43.49 5.30
CA GLN E 428 66.42 44.15 6.54
C GLN E 428 67.20 45.42 6.15
N LYS E 429 67.07 46.49 6.93
CA LYS E 429 67.77 47.79 6.73
C LYS E 429 69.23 47.55 6.30
N LYS E 430 69.89 46.54 6.90
CA LYS E 430 71.33 46.25 6.68
C LYS E 430 71.56 45.73 5.25
N TYR E 431 70.79 44.75 4.79
CA TYR E 431 71.02 44.03 3.51
C TYR E 431 70.62 44.90 2.31
N THR E 432 69.63 45.79 2.50
CA THR E 432 69.16 46.75 1.47
C THR E 432 70.15 47.90 1.34
N LYS E 433 70.73 48.34 2.47
CA LYS E 433 71.72 49.44 2.58
C LYS E 433 71.12 50.75 2.03
N THR E 434 69.80 50.93 2.15
CA THR E 434 69.04 52.07 1.55
C THR E 434 67.98 52.58 2.54
N THR E 435 67.27 53.65 2.17
CA THR E 435 66.20 54.29 2.97
C THR E 435 64.91 53.46 2.93
N TYR E 436 64.75 52.58 1.93
CA TYR E 436 63.64 51.60 1.86
C TYR E 436 64.09 50.28 2.51
N TRP E 437 63.14 49.58 3.14
CA TRP E 437 63.32 48.23 3.74
C TRP E 437 61.99 47.46 3.66
N TRP E 438 62.02 46.12 3.77
CA TRP E 438 60.80 45.27 3.66
C TRP E 438 60.84 44.09 4.64
N ASP E 439 59.65 43.56 4.93
CA ASP E 439 59.41 42.27 5.65
C ASP E 439 58.12 41.68 5.08
N GLY E 440 57.69 40.52 5.58
CA GLY E 440 56.46 39.86 5.10
C GLY E 440 56.34 38.40 5.53
N LEU E 441 55.50 37.66 4.81
CA LEU E 441 55.15 36.24 5.09
C LEU E 441 55.16 35.46 3.76
N GLN E 442 55.67 34.23 3.80
CA GLN E 442 55.81 33.33 2.63
C GLN E 442 55.31 31.93 3.06
N SER E 443 54.59 31.25 2.17
CA SER E 443 54.24 29.80 2.27
C SER E 443 54.06 29.24 0.87
N SER E 444 55.02 28.44 0.41
CA SER E 444 55.15 27.97 -1.00
C SER E 444 55.04 29.18 -1.93
N ASP E 445 54.08 29.18 -2.86
CA ASP E 445 53.99 30.17 -3.96
C ASP E 445 53.29 31.44 -3.46
N ASP E 446 52.36 31.33 -2.50
CA ASP E 446 51.66 32.51 -1.93
C ASP E 446 52.63 33.22 -0.98
N PHE E 447 52.58 34.56 -1.00
CA PHE E 447 53.41 35.45 -0.14
C PHE E 447 52.64 36.75 0.12
N ALA E 448 53.10 37.50 1.12
CA ALA E 448 52.64 38.87 1.45
C ALA E 448 53.86 39.70 1.86
N LEU E 449 54.02 40.88 1.26
CA LEU E 449 55.22 41.74 1.38
C LEU E 449 54.82 43.13 1.85
N ILE E 450 55.47 43.63 2.91
CA ILE E 450 55.32 45.01 3.43
C ILE E 450 56.63 45.75 3.18
N VAL E 451 56.58 46.80 2.36
CA VAL E 451 57.74 47.67 1.98
C VAL E 451 57.55 49.02 2.66
N ASN E 452 58.56 49.49 3.39
CA ASN E 452 58.57 50.84 4.02
C ASN E 452 59.69 51.67 3.38
N ALA E 453 59.48 52.99 3.29
CA ALA E 453 60.41 53.96 2.66
C ALA E 453 59.94 55.37 3.01
N PRO E 454 60.83 56.38 3.00
CA PRO E 454 60.47 57.73 3.43
C PRO E 454 59.56 58.48 2.45
N ASN E 455 59.49 58.03 1.19
CA ASN E 455 58.67 58.65 0.12
C ASN E 455 58.19 57.58 -0.86
N HIS E 456 57.32 57.97 -1.80
CA HIS E 456 56.69 57.09 -2.82
C HIS E 456 57.75 56.41 -3.68
N GLU E 457 58.61 57.20 -4.32
CA GLU E 457 59.70 56.69 -5.20
C GLU E 457 60.51 55.63 -4.46
N GLY E 458 60.72 55.81 -3.14
CA GLY E 458 61.40 54.85 -2.25
C GLY E 458 60.70 53.51 -2.22
N ILE E 459 59.37 53.51 -2.05
CA ILE E 459 58.51 52.27 -2.06
C ILE E 459 58.70 51.58 -3.40
N GLN E 460 58.44 52.30 -4.50
CA GLN E 460 58.56 51.80 -5.90
C GLN E 460 59.92 51.08 -6.05
N ALA E 461 60.99 51.69 -5.53
CA ALA E 461 62.37 51.16 -5.55
C ALA E 461 62.43 49.83 -4.80
N GLY E 462 62.01 49.84 -3.52
CA GLY E 462 61.98 48.66 -2.63
C GLY E 462 61.24 47.48 -3.26
N VAL E 463 60.10 47.75 -3.92
CA VAL E 463 59.28 46.74 -4.65
C VAL E 463 60.15 46.14 -5.77
N ASP E 464 60.69 46.99 -6.65
CA ASP E 464 61.54 46.59 -7.81
C ASP E 464 62.68 45.71 -7.30
N ARG E 465 63.35 46.12 -6.21
CA ARG E 465 64.53 45.41 -5.65
C ARG E 465 64.12 44.00 -5.21
N PHE E 466 62.95 43.86 -4.59
CA PHE E 466 62.37 42.54 -4.23
C PHE E 466 62.05 41.75 -5.51
N TYR E 467 61.30 42.35 -6.43
CA TYR E 467 60.83 41.72 -7.69
C TYR E 467 62.01 41.13 -8.47
N ARG E 468 63.14 41.85 -8.48
CA ARG E 468 64.34 41.52 -9.30
C ARG E 468 65.22 40.53 -8.54
N THR E 469 65.48 40.77 -7.25
CA THR E 469 66.20 39.83 -6.36
C THR E 469 65.52 38.46 -6.43
N CYS E 470 64.19 38.43 -6.60
CA CYS E 470 63.36 37.21 -6.75
C CYS E 470 63.68 36.51 -8.08
N LYS E 471 63.85 37.27 -9.17
CA LYS E 471 64.10 36.75 -10.54
C LYS E 471 65.42 35.96 -10.57
N LEU E 472 66.40 36.35 -9.75
CA LEU E 472 67.77 35.76 -9.73
C LEU E 472 67.74 34.33 -9.15
N VAL E 473 66.66 33.93 -8.47
CA VAL E 473 66.54 32.59 -7.83
C VAL E 473 65.32 31.84 -8.40
N GLY E 474 64.74 32.33 -9.51
CA GLY E 474 63.68 31.64 -10.27
C GLY E 474 62.30 31.86 -9.67
N ILE E 475 62.07 33.01 -9.03
CA ILE E 475 60.77 33.38 -8.40
C ILE E 475 60.18 34.55 -9.20
N ASN E 476 59.03 34.32 -9.82
CA ASN E 476 58.40 35.25 -10.80
C ASN E 476 57.06 35.71 -10.23
N MET E 477 57.04 36.83 -9.51
CA MET E 477 55.79 37.46 -8.98
C MET E 477 54.80 37.62 -10.13
N SER E 478 53.55 37.21 -9.93
CA SER E 478 52.46 37.32 -10.92
C SER E 478 51.88 38.74 -10.90
N LYS E 479 52.17 39.54 -11.92
CA LYS E 479 51.70 40.93 -12.07
C LYS E 479 50.17 40.95 -12.15
N LYS E 480 49.59 39.94 -12.81
CA LYS E 480 48.12 39.79 -13.00
C LYS E 480 47.46 39.56 -11.63
N LYS E 481 47.92 38.54 -10.91
CA LYS E 481 47.28 38.05 -9.65
C LYS E 481 47.53 39.05 -8.52
N SER E 482 48.71 39.66 -8.46
CA SER E 482 49.16 40.53 -7.33
C SER E 482 48.59 41.96 -7.45
N TYR E 483 48.55 42.67 -6.32
CA TYR E 483 48.20 44.12 -6.22
C TYR E 483 48.87 44.71 -4.97
N ILE E 484 48.83 46.03 -4.79
CA ILE E 484 49.47 46.77 -3.66
C ILE E 484 48.56 47.91 -3.19
N ASN E 485 48.55 48.13 -1.88
CA ASN E 485 47.75 49.19 -1.19
C ASN E 485 48.49 49.61 0.09
N ARG E 486 48.18 50.77 0.64
CA ARG E 486 48.72 51.24 1.94
C ARG E 486 48.47 50.17 3.00
N THR E 487 49.44 49.94 3.89
CA THR E 487 49.39 48.91 4.96
C THR E 487 48.15 49.16 5.83
N GLY E 488 47.43 48.10 6.20
CA GLY E 488 46.15 48.17 6.93
C GLY E 488 45.15 47.13 6.46
N THR E 489 45.26 46.68 5.19
CA THR E 489 44.45 45.57 4.61
C THR E 489 45.31 44.78 3.63
N PHE E 490 45.15 43.46 3.60
CA PHE E 490 45.76 42.54 2.60
C PHE E 490 45.23 41.11 2.77
N GLU E 491 45.65 40.21 1.89
CA GLU E 491 45.30 38.77 1.90
C GLU E 491 46.59 37.94 1.88
N PHE E 492 46.60 36.81 2.58
CA PHE E 492 47.70 35.82 2.59
C PHE E 492 47.14 34.44 2.97
N THR E 493 47.14 33.51 2.02
CA THR E 493 46.60 32.13 2.19
C THR E 493 45.09 32.23 2.52
N SER E 494 44.40 33.17 1.89
CA SER E 494 42.93 33.37 1.99
C SER E 494 42.53 33.73 3.43
N PHE E 495 43.45 34.36 4.17
CA PHE E 495 43.15 35.09 5.43
C PHE E 495 43.08 36.58 5.08
N PHE E 496 41.91 37.19 5.20
CA PHE E 496 41.65 38.59 4.73
C PHE E 496 41.73 39.55 5.92
N TYR E 497 42.91 40.13 6.13
CA TYR E 497 43.22 41.11 7.20
C TYR E 497 42.61 42.48 6.86
N ARG E 498 41.91 43.08 7.83
CA ARG E 498 41.34 44.44 7.71
C ARG E 498 41.47 45.17 9.05
N TYR E 499 42.50 46.01 9.17
CA TYR E 499 42.75 46.90 10.34
C TYR E 499 42.67 46.08 11.62
N GLY E 500 43.39 44.96 11.66
CA GLY E 500 43.66 44.20 12.90
C GLY E 500 42.79 42.97 13.05
N PHE E 501 41.70 42.89 12.28
CA PHE E 501 40.76 41.73 12.31
C PHE E 501 40.92 40.94 11.01
N VAL E 502 40.98 39.61 11.13
CA VAL E 502 40.89 38.66 9.97
C VAL E 502 39.53 37.96 10.06
N ALA E 503 38.75 38.05 8.99
CA ALA E 503 37.37 37.53 8.86
C ALA E 503 37.33 36.06 9.30
N ASN E 504 36.23 35.68 9.97
CA ASN E 504 36.05 34.36 10.62
C ASN E 504 35.02 33.54 9.85
N PHE E 505 35.49 32.56 9.08
CA PHE E 505 34.67 31.57 8.33
C PHE E 505 35.57 30.39 7.92
N SER E 506 35.05 29.17 8.03
CA SER E 506 35.69 27.92 7.54
C SER E 506 35.52 27.83 6.02
N MET E 507 36.63 27.68 5.28
CA MET E 507 36.69 27.79 3.79
C MET E 507 36.42 26.42 3.15
N GLU E 508 36.63 25.34 3.91
CA GLU E 508 36.27 23.96 3.53
C GLU E 508 35.65 23.26 4.74
N LEU E 509 34.32 23.13 4.73
CA LEU E 509 33.55 22.32 5.71
C LEU E 509 33.63 20.86 5.29
N PRO E 510 33.80 19.92 6.24
CA PRO E 510 33.79 18.50 5.92
C PRO E 510 32.35 17.99 5.89
N SER E 511 32.12 16.84 5.24
CA SER E 511 30.80 16.14 5.23
C SER E 511 30.37 15.94 6.68
N PHE E 512 29.46 16.80 7.17
CA PHE E 512 28.87 16.73 8.53
C PHE E 512 27.90 15.54 8.65
N GLY E 513 27.80 14.70 7.62
CA GLY E 513 26.98 13.48 7.63
C GLY E 513 27.62 12.34 8.41
N VAL E 514 27.04 11.16 8.28
CA VAL E 514 27.44 9.91 8.97
C VAL E 514 28.78 9.42 8.42
N SER E 515 29.54 8.69 9.24
CA SER E 515 30.94 8.25 8.97
C SER E 515 30.96 6.78 8.51
N GLY E 516 29.92 6.01 8.83
CA GLY E 516 29.68 4.66 8.29
C GLY E 516 30.49 3.58 9.00
N ILE E 517 30.78 3.76 10.29
CA ILE E 517 31.45 2.73 11.14
C ILE E 517 30.38 1.90 11.84
N ASN E 518 29.59 2.56 12.69
CA ASN E 518 28.42 1.98 13.41
C ASN E 518 27.76 3.11 14.22
N GLU E 519 26.65 2.82 14.90
CA GLU E 519 25.89 3.80 15.74
C GLU E 519 26.84 4.47 16.74
N SER E 520 27.59 3.67 17.51
CA SER E 520 28.44 4.12 18.64
C SER E 520 29.50 5.11 18.17
N ALA E 521 30.28 4.72 17.16
CA ALA E 521 31.46 5.46 16.68
C ALA E 521 31.02 6.76 16.01
N ASP E 522 30.20 6.64 14.95
CA ASP E 522 29.78 7.76 14.06
C ASP E 522 29.34 8.97 14.89
N MET E 523 28.60 8.75 15.98
CA MET E 523 28.16 9.81 16.93
C MET E 523 29.41 10.52 17.42
N SER E 524 30.32 9.80 18.08
CA SER E 524 31.59 10.34 18.62
C SER E 524 32.33 11.11 17.51
N VAL E 525 32.57 10.44 16.37
CA VAL E 525 33.28 11.04 15.19
C VAL E 525 32.57 12.35 14.83
N GLY E 526 31.29 12.27 14.46
CA GLY E 526 30.48 13.40 13.98
C GLY E 526 30.54 14.58 14.92
N VAL E 527 30.46 14.34 16.23
CA VAL E 527 30.45 15.40 17.29
C VAL E 527 31.88 15.95 17.42
N THR E 528 32.88 15.06 17.37
CA THR E 528 34.33 15.39 17.38
C THR E 528 34.68 16.27 16.18
N VAL E 529 34.21 15.87 14.98
CA VAL E 529 34.48 16.57 13.68
C VAL E 529 34.09 18.05 13.80
N ILE E 530 32.97 18.35 14.49
CA ILE E 530 32.43 19.73 14.62
C ILE E 530 33.31 20.50 15.59
N LYS E 531 33.52 19.98 16.80
CA LYS E 531 34.40 20.60 17.83
C LYS E 531 35.72 20.99 17.16
N ASN E 532 36.38 20.02 16.53
CA ASN E 532 37.72 20.18 15.90
C ASN E 532 37.65 21.28 14.84
N ASN E 533 36.55 21.37 14.09
CA ASN E 533 36.38 22.38 13.01
C ASN E 533 36.16 23.77 13.61
N MET E 534 35.71 23.86 14.88
CA MET E 534 35.56 25.15 15.59
C MET E 534 36.93 25.65 16.03
N ILE E 535 37.73 24.79 16.68
CA ILE E 535 39.04 25.17 17.30
C ILE E 535 40.09 25.35 16.20
N ASN E 536 40.19 24.42 15.23
CA ASN E 536 41.18 24.48 14.12
C ASN E 536 40.68 25.42 13.02
N ASN E 537 39.56 25.06 12.38
CA ASN E 537 39.15 25.56 11.04
C ASN E 537 38.34 26.86 11.16
N ASP E 538 38.23 27.43 12.37
CA ASP E 538 37.68 28.79 12.60
C ASP E 538 36.19 28.81 12.22
N LEU E 539 35.46 27.73 12.50
CA LEU E 539 34.01 27.58 12.24
C LEU E 539 33.21 28.34 13.31
N GLY E 540 32.31 29.24 12.90
CA GLY E 540 31.45 30.04 13.79
C GLY E 540 30.46 29.18 14.56
N PRO E 541 30.03 29.60 15.78
CA PRO E 541 29.17 28.77 16.64
C PRO E 541 27.79 28.45 16.03
N ALA E 542 27.04 29.48 15.65
CA ALA E 542 25.69 29.34 15.04
C ALA E 542 25.75 28.31 13.91
N THR E 543 26.82 28.35 13.11
CA THR E 543 27.04 27.40 11.97
C THR E 543 27.27 25.99 12.54
N ALA E 544 28.03 25.87 13.63
CA ALA E 544 28.32 24.58 14.30
C ALA E 544 27.03 23.98 14.86
N GLN E 545 26.14 24.80 15.42
CA GLN E 545 24.83 24.34 15.95
C GLN E 545 24.02 23.73 14.79
N MET E 546 23.92 24.44 13.67
CA MET E 546 23.20 23.95 12.46
C MET E 546 23.93 22.73 11.91
N ALA E 547 25.27 22.74 11.88
CA ALA E 547 26.11 21.60 11.49
C ALA E 547 25.74 20.39 12.34
N LEU E 548 25.61 20.57 13.66
CA LEU E 548 25.22 19.51 14.63
C LEU E 548 23.81 19.00 14.27
N GLN E 549 22.88 19.90 13.95
CA GLN E 549 21.48 19.55 13.60
C GLN E 549 21.49 18.63 12.37
N LEU E 550 22.22 19.00 11.32
CA LEU E 550 22.24 18.28 10.02
C LEU E 550 22.91 16.92 10.19
N PHE E 551 23.91 16.80 11.07
CA PHE E 551 24.53 15.51 11.46
C PHE E 551 23.45 14.62 12.08
N ILE E 552 22.85 15.07 13.18
CA ILE E 552 21.83 14.32 13.96
C ILE E 552 20.72 13.86 12.99
N LYS E 553 20.27 14.75 12.10
CA LYS E 553 19.20 14.46 11.12
C LYS E 553 19.63 13.26 10.28
N ASP E 554 20.85 13.31 9.72
CA ASP E 554 21.46 12.24 8.90
C ASP E 554 21.65 10.98 9.76
N TYR E 555 22.15 11.15 10.98
CA TYR E 555 22.45 10.06 11.94
C TYR E 555 21.18 9.23 12.17
N ARG E 556 20.07 9.90 12.49
CA ARG E 556 18.79 9.25 12.86
C ARG E 556 18.16 8.58 11.64
N TYR E 557 18.21 9.24 10.48
CA TYR E 557 17.71 8.70 9.20
C TYR E 557 18.49 7.42 8.86
N THR E 558 19.82 7.47 8.88
CA THR E 558 20.73 6.33 8.57
C THR E 558 20.38 5.14 9.45
N TYR E 559 20.34 5.34 10.78
CA TYR E 559 20.26 4.26 11.79
C TYR E 559 18.82 4.07 12.27
N ARG E 560 17.86 4.69 11.57
CA ARG E 560 16.39 4.50 11.78
C ARG E 560 16.04 4.78 13.25
N CYS E 561 16.89 5.54 13.96
CA CYS E 561 16.83 5.72 15.44
C CYS E 561 16.21 7.08 15.76
N HIS E 562 15.10 7.43 15.09
CA HIS E 562 14.33 8.68 15.35
C HIS E 562 13.82 8.67 16.80
N ARG E 563 13.82 9.84 17.45
CA ARG E 563 13.40 10.02 18.86
C ARG E 563 12.14 9.18 19.13
N GLY E 564 12.02 8.64 20.33
CA GLY E 564 10.95 7.72 20.76
C GLY E 564 9.58 8.39 20.75
N ASP E 565 9.49 9.68 21.08
CA ASP E 565 8.22 10.42 21.22
C ASP E 565 7.64 10.78 19.84
N THR E 566 8.48 10.85 18.79
CA THR E 566 8.06 11.22 17.41
C THR E 566 7.18 10.10 16.83
N GLN E 567 6.50 10.37 15.71
CA GLN E 567 5.45 9.51 15.12
C GLN E 567 5.98 8.79 13.88
N ILE E 568 7.14 9.19 13.37
CA ILE E 568 7.80 8.64 12.14
C ILE E 568 7.78 7.11 12.20
N GLN E 569 7.61 6.45 11.05
CA GLN E 569 7.55 4.97 10.94
C GLN E 569 8.82 4.46 10.26
N THR E 570 9.49 3.48 10.88
CA THR E 570 10.61 2.67 10.36
C THR E 570 10.40 1.24 10.89
N ARG E 571 11.37 0.34 10.68
CA ARG E 571 11.35 -1.00 11.32
C ARG E 571 11.58 -0.82 12.84
N ARG E 572 12.48 0.10 13.21
CA ARG E 572 12.92 0.31 14.62
C ARG E 572 11.87 1.08 15.42
N ALA E 573 10.98 1.83 14.75
CA ALA E 573 9.97 2.70 15.41
C ALA E 573 9.34 1.96 16.59
N PHE E 574 8.94 0.70 16.40
CA PHE E 574 8.23 -0.11 17.43
C PHE E 574 9.15 -0.32 18.62
N GLU E 575 10.31 -0.97 18.39
CA GLU E 575 11.31 -1.31 19.43
C GLU E 575 11.68 -0.07 20.25
N LEU E 576 11.97 1.05 19.56
CA LEU E 576 12.46 2.31 20.17
C LEU E 576 11.37 2.94 21.04
N LYS E 577 10.11 2.79 20.65
CA LYS E 577 8.94 3.37 21.39
C LYS E 577 8.64 2.50 22.60
N LYS E 578 8.74 1.17 22.46
CA LYS E 578 8.62 0.19 23.57
C LYS E 578 9.68 0.51 24.64
N LEU E 579 10.91 0.83 24.21
CA LEU E 579 12.02 1.22 25.11
C LEU E 579 11.72 2.60 25.72
N TRP E 580 11.23 3.53 24.90
CA TRP E 580 10.87 4.92 25.32
C TRP E 580 9.83 4.86 26.46
N GLU E 581 8.81 4.03 26.33
CA GLU E 581 7.69 3.89 27.30
C GLU E 581 8.22 3.27 28.60
N GLN E 582 8.95 2.16 28.48
CA GLN E 582 9.64 1.43 29.59
C GLN E 582 10.47 2.40 30.44
N THR E 583 11.25 3.25 29.78
CA THR E 583 12.30 4.10 30.40
C THR E 583 11.68 5.26 31.18
N ARG E 584 12.13 5.49 32.42
CA ARG E 584 11.68 6.61 33.28
C ARG E 584 12.41 7.88 32.87
N SER E 585 13.73 7.96 33.12
CA SER E 585 14.59 9.08 32.71
C SER E 585 15.02 8.90 31.26
N LYS E 586 14.36 9.62 30.34
CA LYS E 586 14.46 9.43 28.88
C LYS E 586 15.65 10.22 28.35
N ALA E 587 15.98 11.34 29.01
CA ALA E 587 17.22 12.12 28.75
C ALA E 587 18.43 11.21 28.90
N GLY E 588 18.27 10.08 29.60
CA GLY E 588 19.28 9.00 29.73
C GLY E 588 19.55 8.32 28.40
N LEU E 589 18.49 7.99 27.66
CA LEU E 589 18.56 7.22 26.37
C LEU E 589 19.54 7.90 25.41
N LEU E 590 20.39 7.11 24.76
CA LEU E 590 21.29 7.57 23.66
C LEU E 590 20.44 7.86 22.42
N VAL E 591 20.93 8.71 21.52
CA VAL E 591 20.23 9.10 20.27
C VAL E 591 19.90 7.83 19.46
N SER E 592 20.79 6.83 19.51
CA SER E 592 20.63 5.53 18.80
C SER E 592 19.62 4.63 19.51
N ASP E 593 19.09 5.04 20.67
CA ASP E 593 18.03 4.32 21.42
C ASP E 593 16.79 5.22 21.50
N GLY E 594 16.65 6.15 20.55
CA GLY E 594 15.47 7.03 20.45
C GLY E 594 15.47 8.08 21.53
N GLY E 595 16.65 8.40 22.07
CA GLY E 595 16.79 9.44 23.11
C GLY E 595 16.89 10.83 22.50
N PRO E 596 16.79 11.89 23.32
CA PRO E 596 16.95 13.26 22.83
C PRO E 596 18.42 13.65 22.67
N ASN E 597 18.72 14.47 21.66
CA ASN E 597 20.07 15.04 21.41
C ASN E 597 20.36 16.09 22.47
N LEU E 598 21.30 15.80 23.37
CA LEU E 598 21.69 16.69 24.51
C LEU E 598 22.95 17.48 24.17
N TYR E 599 23.60 17.20 23.03
CA TYR E 599 24.85 17.85 22.60
C TYR E 599 24.58 19.33 22.27
N ASN E 600 25.59 20.16 22.52
CA ASN E 600 25.64 21.59 22.13
C ASN E 600 27.12 21.99 22.18
N ILE E 601 27.48 23.20 21.72
CA ILE E 601 28.87 23.74 21.68
C ILE E 601 29.68 23.14 22.85
N ARG E 602 29.24 23.35 24.10
CA ARG E 602 30.00 23.02 25.34
C ARG E 602 30.29 21.51 25.42
N ASN E 603 29.31 20.66 25.09
CA ASN E 603 29.35 19.18 25.32
C ASN E 603 30.32 18.49 24.35
N LEU E 604 30.51 19.02 23.14
CA LEU E 604 30.96 18.26 21.93
C LEU E 604 32.19 17.39 22.23
N HIS E 605 33.02 17.75 23.21
CA HIS E 605 34.26 17.01 23.59
C HIS E 605 33.93 15.74 24.39
N ILE E 606 32.79 15.72 25.09
CA ILE E 606 32.35 14.57 25.94
C ILE E 606 31.85 13.44 25.04
N PRO E 607 32.21 12.16 25.31
CA PRO E 607 31.50 11.02 24.74
C PRO E 607 30.04 10.95 25.22
N GLU E 608 29.12 10.58 24.33
CA GLU E 608 27.66 10.58 24.59
C GLU E 608 27.36 9.73 25.83
N VAL E 609 27.99 8.56 25.94
CA VAL E 609 27.71 7.57 27.01
C VAL E 609 28.04 8.21 28.36
N CYS E 610 29.21 8.85 28.48
CA CYS E 610 29.62 9.66 29.66
C CYS E 610 28.59 10.76 29.91
N LEU E 611 28.30 11.58 28.89
CA LEU E 611 27.43 12.78 28.97
C LEU E 611 26.11 12.41 29.66
N LYS E 612 25.50 11.30 29.27
CA LYS E 612 24.13 10.91 29.72
C LYS E 612 24.21 9.91 30.88
N TRP E 613 25.40 9.62 31.41
CA TRP E 613 25.66 8.48 32.34
C TRP E 613 24.78 8.59 33.60
N GLU E 614 24.71 9.77 34.21
CA GLU E 614 23.94 10.00 35.46
C GLU E 614 22.44 9.83 35.19
N LEU E 615 21.98 10.23 34.01
CA LEU E 615 20.54 10.34 33.67
C LEU E 615 19.98 8.97 33.27
N MET E 616 20.83 7.97 33.04
CA MET E 616 20.41 6.61 32.57
C MET E 616 19.69 5.89 33.70
N ASP E 617 18.66 5.10 33.38
CA ASP E 617 18.01 4.16 34.34
C ASP E 617 19.00 3.03 34.65
N GLU E 618 18.94 2.48 35.86
CA GLU E 618 19.90 1.45 36.36
C GLU E 618 19.87 0.25 35.42
N ASP E 619 18.69 -0.22 35.02
CA ASP E 619 18.51 -1.45 34.21
C ASP E 619 18.95 -1.17 32.76
N TYR E 620 18.57 -0.01 32.20
CA TYR E 620 18.98 0.43 30.84
C TYR E 620 20.51 0.37 30.76
N GLN E 621 21.19 1.16 31.59
CA GLN E 621 22.67 1.19 31.72
C GLN E 621 23.19 -0.24 31.89
N GLY E 622 22.49 -1.05 32.69
CA GLY E 622 22.78 -2.47 32.96
C GLY E 622 22.89 -3.29 31.68
N ARG E 623 22.04 -2.99 30.70
CA ARG E 623 21.98 -3.70 29.39
C ARG E 623 22.90 -3.03 28.37
N LEU E 624 22.85 -1.70 28.28
CA LEU E 624 23.64 -0.90 27.31
C LEU E 624 25.10 -1.33 27.34
N CYS E 625 25.63 -1.60 28.55
CA CYS E 625 27.08 -1.80 28.84
C CYS E 625 27.42 -3.26 29.16
N ASN E 626 26.43 -4.12 29.45
CA ASN E 626 26.65 -5.57 29.72
C ASN E 626 27.50 -6.15 28.59
N PRO E 627 28.77 -6.51 28.86
CA PRO E 627 29.66 -7.00 27.81
C PRO E 627 29.50 -8.50 27.50
N MET E 628 28.54 -9.17 28.15
CA MET E 628 28.08 -10.55 27.77
C MET E 628 27.29 -10.49 26.46
N ASN E 629 26.92 -9.28 26.02
CA ASN E 629 26.08 -9.04 24.80
C ASN E 629 26.77 -9.61 23.56
N PRO E 630 26.00 -10.11 22.57
CA PRO E 630 26.58 -10.75 21.39
C PRO E 630 27.11 -9.81 20.30
N PHE E 631 26.95 -8.48 20.47
CA PHE E 631 27.24 -7.46 19.42
C PHE E 631 28.71 -7.01 19.48
N VAL E 632 29.25 -6.75 20.67
CA VAL E 632 30.66 -6.30 20.88
C VAL E 632 31.58 -7.47 20.48
N SER E 633 32.84 -7.20 20.17
CA SER E 633 33.91 -8.22 19.97
C SER E 633 35.28 -7.60 20.24
N HIS E 634 35.95 -8.04 21.32
CA HIS E 634 37.23 -7.52 21.90
C HIS E 634 36.99 -7.16 23.37
N LYS E 635 36.16 -6.14 23.62
CA LYS E 635 35.84 -5.54 24.95
C LYS E 635 37.06 -5.63 25.89
N GLU E 636 38.14 -4.92 25.57
CA GLU E 636 39.43 -4.90 26.32
C GLU E 636 39.78 -3.45 26.69
N GLU E 656 40.72 9.02 15.22
CA GLU E 656 41.13 9.60 16.52
C GLU E 656 39.89 10.09 17.28
N TYR E 657 39.01 9.15 17.63
CA TYR E 657 37.70 9.41 18.28
C TYR E 657 37.61 8.63 19.60
N ASP E 658 36.92 9.21 20.59
CA ASP E 658 36.77 8.69 21.97
C ASP E 658 35.35 8.11 22.15
N ALA E 659 35.22 6.79 22.35
CA ALA E 659 33.91 6.10 22.45
C ALA E 659 33.93 5.01 23.53
N VAL E 660 32.92 4.98 24.39
CA VAL E 660 32.66 3.86 25.36
C VAL E 660 32.08 2.69 24.57
N ALA E 661 32.47 1.46 24.91
CA ALA E 661 31.99 0.21 24.29
C ALA E 661 30.60 -0.13 24.84
N THR E 662 29.57 -0.10 23.98
CA THR E 662 28.18 -0.50 24.30
C THR E 662 27.71 -1.49 23.23
N THR E 663 26.45 -1.94 23.34
CA THR E 663 25.75 -2.82 22.36
C THR E 663 25.75 -2.15 20.98
N HIS E 664 25.87 -0.81 20.93
CA HIS E 664 25.91 0.02 19.70
C HIS E 664 27.28 -0.12 19.00
N SER E 665 28.29 -0.64 19.69
CA SER E 665 29.66 -0.86 19.14
C SER E 665 29.69 -2.15 18.29
N TRP E 666 28.68 -2.36 17.45
CA TRP E 666 28.50 -3.60 16.66
C TRP E 666 29.32 -3.52 15.37
N ILE E 667 29.38 -4.62 14.62
CA ILE E 667 30.17 -4.76 13.36
C ILE E 667 29.24 -5.24 12.25
N PRO E 668 29.10 -4.48 11.14
CA PRO E 668 28.26 -4.90 10.01
C PRO E 668 28.95 -5.96 9.13
N LYS E 669 28.26 -6.45 8.09
CA LYS E 669 28.80 -7.44 7.10
C LYS E 669 30.08 -6.88 6.46
N ARG E 670 30.99 -7.78 6.07
CA ARG E 670 32.36 -7.48 5.57
C ARG E 670 32.42 -6.04 5.05
N GLU E 686 34.64 -12.21 -5.78
CA GLU E 686 35.49 -13.36 -6.21
C GLU E 686 34.98 -13.89 -7.56
N GLN E 687 35.85 -14.57 -8.32
CA GLN E 687 35.53 -15.10 -9.68
C GLN E 687 34.76 -16.42 -9.57
N MET E 688 34.74 -17.07 -8.39
CA MET E 688 34.03 -18.34 -8.11
C MET E 688 32.54 -18.10 -7.82
N TYR E 689 32.19 -16.89 -7.35
CA TYR E 689 30.80 -16.44 -7.06
C TYR E 689 30.09 -16.04 -8.36
N GLN E 690 30.82 -15.39 -9.29
CA GLN E 690 30.31 -14.87 -10.60
C GLN E 690 30.02 -16.04 -11.55
N LYS E 691 30.86 -17.09 -11.49
CA LYS E 691 30.78 -18.30 -12.37
C LYS E 691 29.48 -19.06 -12.10
N CYS E 692 29.11 -19.21 -10.82
CA CYS E 692 27.88 -19.91 -10.35
C CYS E 692 26.63 -19.08 -10.70
N CYS E 693 26.71 -17.75 -10.58
CA CYS E 693 25.61 -16.79 -10.83
C CYS E 693 25.30 -16.68 -12.33
N ASN E 694 26.33 -16.82 -13.18
CA ASN E 694 26.20 -16.70 -14.66
C ASN E 694 25.57 -17.97 -15.24
N LEU E 695 25.91 -19.14 -14.67
CA LEU E 695 25.34 -20.46 -15.06
C LEU E 695 23.86 -20.52 -14.67
N PHE E 696 23.47 -19.84 -13.58
CA PHE E 696 22.07 -19.76 -13.09
C PHE E 696 21.21 -19.02 -14.12
N GLU E 697 21.82 -18.09 -14.88
CA GLU E 697 21.15 -17.29 -15.95
C GLU E 697 20.90 -18.19 -17.18
N LYS E 698 21.74 -19.21 -17.39
CA LYS E 698 21.58 -20.21 -18.48
C LYS E 698 20.40 -21.14 -18.19
N PHE E 699 19.92 -21.17 -16.93
CA PHE E 699 18.76 -21.98 -16.47
C PHE E 699 17.50 -21.12 -16.34
N PHE E 700 17.64 -19.80 -16.14
CA PHE E 700 16.52 -18.83 -15.94
C PHE E 700 16.84 -17.50 -16.60
N PRO E 701 16.63 -17.34 -17.94
CA PRO E 701 16.88 -16.07 -18.62
C PRO E 701 15.89 -14.97 -18.19
N PRO E 708 12.36 -20.78 -9.76
CA PRO E 708 13.10 -21.48 -8.70
C PRO E 708 12.52 -21.15 -7.31
N VAL E 709 12.50 -22.14 -6.41
CA VAL E 709 11.93 -22.02 -5.03
C VAL E 709 12.96 -21.35 -4.12
N GLY E 710 12.48 -20.49 -3.22
CA GLY E 710 13.28 -19.64 -2.32
C GLY E 710 14.19 -20.42 -1.40
N ILE E 711 13.69 -21.47 -0.74
CA ILE E 711 14.40 -22.24 0.33
C ILE E 711 15.46 -23.16 -0.29
N SER E 712 15.21 -23.69 -1.50
CA SER E 712 16.09 -24.64 -2.22
C SER E 712 17.43 -23.98 -2.54
N SER E 713 18.53 -24.75 -2.49
CA SER E 713 19.91 -24.30 -2.81
C SER E 713 20.05 -24.13 -4.34
N MET E 714 21.20 -23.59 -4.79
CA MET E 714 21.46 -23.26 -6.21
C MET E 714 21.46 -24.54 -7.06
N VAL E 715 22.16 -25.59 -6.61
CA VAL E 715 22.43 -26.84 -7.39
C VAL E 715 21.14 -27.66 -7.57
N GLU E 716 20.27 -27.73 -6.55
CA GLU E 716 19.05 -28.58 -6.57
C GLU E 716 17.84 -27.78 -7.10
N ALA E 717 18.04 -26.51 -7.45
CA ALA E 717 17.10 -25.68 -8.24
C ALA E 717 17.58 -25.57 -9.70
N MET E 718 18.84 -25.97 -9.95
CA MET E 718 19.44 -26.11 -11.31
C MET E 718 19.16 -27.52 -11.85
N VAL E 719 19.37 -28.55 -11.02
CA VAL E 719 19.22 -30.00 -11.36
C VAL E 719 17.72 -30.34 -11.49
N SER E 720 16.84 -29.56 -10.85
CA SER E 720 15.36 -29.73 -10.90
C SER E 720 14.77 -29.12 -12.16
N ARG E 721 15.33 -27.99 -12.63
CA ARG E 721 14.92 -27.29 -13.88
C ARG E 721 15.35 -28.11 -15.11
N ALA E 722 16.45 -28.87 -14.99
CA ALA E 722 17.06 -29.68 -16.07
C ALA E 722 16.17 -30.87 -16.41
N ARG E 723 15.68 -31.59 -15.39
CA ARG E 723 14.82 -32.80 -15.53
C ARG E 723 13.43 -32.41 -16.05
N ILE E 724 12.96 -31.20 -15.75
CA ILE E 724 11.63 -30.67 -16.19
C ILE E 724 11.70 -30.32 -17.68
N ASP E 725 12.77 -29.64 -18.12
CA ASP E 725 13.02 -29.30 -19.55
C ASP E 725 13.37 -30.57 -20.34
N ALA E 726 13.94 -31.59 -19.66
CA ALA E 726 14.32 -32.89 -20.26
C ALA E 726 13.07 -33.69 -20.66
N ARG E 727 12.03 -33.65 -19.82
CA ARG E 727 10.79 -34.47 -19.97
C ARG E 727 9.71 -33.71 -20.76
N ILE E 728 9.85 -32.39 -20.93
CA ILE E 728 8.95 -31.52 -21.74
C ILE E 728 9.46 -31.47 -23.19
N ASP E 729 10.78 -31.57 -23.39
CA ASP E 729 11.44 -31.61 -24.73
C ASP E 729 11.40 -33.04 -25.29
N PHE E 730 11.11 -34.05 -24.45
CA PHE E 730 10.99 -35.48 -24.81
C PHE E 730 9.57 -35.76 -25.33
N GLU E 731 8.56 -35.06 -24.79
CA GLU E 731 7.12 -35.20 -25.17
C GLU E 731 6.86 -34.45 -26.49
N SER E 732 7.17 -33.15 -26.55
CA SER E 732 6.94 -32.26 -27.72
C SER E 732 7.90 -32.65 -28.88
N GLY E 733 8.98 -33.36 -28.56
CA GLY E 733 9.92 -33.93 -29.55
C GLY E 733 10.91 -32.89 -30.05
N ARG E 734 11.82 -32.46 -29.17
CA ARG E 734 12.93 -31.52 -29.49
C ARG E 734 14.25 -32.28 -29.43
N ILE E 735 14.51 -33.02 -28.35
CA ILE E 735 15.69 -33.92 -28.18
C ILE E 735 15.22 -35.38 -28.34
N LYS E 736 16.11 -36.25 -28.80
CA LYS E 736 15.84 -37.70 -29.05
C LYS E 736 15.86 -38.47 -27.73
N LYS E 737 15.68 -39.79 -27.80
CA LYS E 737 15.77 -40.76 -26.66
C LYS E 737 17.22 -40.82 -26.14
N GLU E 738 18.19 -40.59 -27.03
CA GLU E 738 19.66 -40.60 -26.73
C GLU E 738 20.05 -39.35 -25.91
N GLU E 739 19.50 -38.18 -26.27
CA GLU E 739 19.84 -36.86 -25.67
C GLU E 739 18.99 -36.60 -24.41
N PHE E 740 17.94 -37.40 -24.17
CA PHE E 740 17.11 -37.38 -22.93
C PHE E 740 17.74 -38.28 -21.86
N ALA E 741 18.29 -39.42 -22.28
CA ALA E 741 18.97 -40.40 -21.40
C ALA E 741 20.30 -39.82 -20.90
N GLU E 742 20.95 -38.96 -21.69
CA GLU E 742 22.26 -38.33 -21.38
C GLU E 742 22.08 -37.27 -20.28
N ILE E 743 20.99 -36.48 -20.35
CA ILE E 743 20.65 -35.42 -19.35
C ILE E 743 20.34 -36.08 -18.00
N MET E 744 19.53 -37.14 -18.01
CA MET E 744 19.06 -37.86 -16.78
C MET E 744 20.24 -38.59 -16.12
N LYS E 745 21.23 -39.03 -16.91
CA LYS E 745 22.47 -39.69 -16.41
C LYS E 745 23.35 -38.65 -15.69
N ILE E 746 23.60 -37.50 -16.33
CA ILE E 746 24.46 -36.39 -15.80
C ILE E 746 23.76 -35.78 -14.57
N CYS E 747 22.43 -35.71 -14.57
CA CYS E 747 21.60 -35.14 -13.46
C CYS E 747 21.69 -36.01 -12.19
N SER E 748 22.15 -37.26 -12.31
CA SER E 748 22.32 -38.22 -11.18
C SER E 748 23.79 -38.30 -10.75
N THR E 749 24.72 -37.74 -11.54
CA THR E 749 26.17 -37.61 -11.20
C THR E 749 26.37 -36.36 -10.33
N ILE E 750 25.53 -35.33 -10.52
CA ILE E 750 25.54 -34.05 -9.74
C ILE E 750 24.94 -34.31 -8.35
N GLU E 751 23.90 -35.15 -8.28
CA GLU E 751 23.16 -35.50 -7.03
C GLU E 751 24.03 -36.39 -6.13
N GLU E 752 24.97 -37.15 -6.70
CA GLU E 752 25.87 -38.09 -5.97
C GLU E 752 27.12 -37.36 -5.46
N LEU E 753 27.35 -36.11 -5.90
CA LEU E 753 28.42 -35.22 -5.38
C LEU E 753 27.89 -34.42 -4.18
N ARG E 754 26.59 -34.10 -4.17
CA ARG E 754 25.88 -33.44 -3.03
C ARG E 754 25.78 -34.44 -1.89
N MET F 1 21.71 -29.53 -22.70
CA MET F 1 22.83 -30.50 -22.92
C MET F 1 24.14 -29.89 -22.38
N GLU F 2 24.48 -28.67 -22.79
CA GLU F 2 25.78 -28.00 -22.48
C GLU F 2 25.75 -27.41 -21.07
N ARG F 3 24.59 -26.91 -20.62
CA ARG F 3 24.41 -26.20 -19.31
C ARG F 3 24.46 -27.19 -18.15
N ILE F 4 24.02 -28.44 -18.37
CA ILE F 4 23.94 -29.51 -17.33
C ILE F 4 25.28 -30.25 -17.26
N LYS F 5 26.02 -30.30 -18.37
CA LYS F 5 27.42 -30.81 -18.46
C LYS F 5 28.37 -29.83 -17.76
N GLU F 6 28.05 -28.54 -17.79
CA GLU F 6 28.84 -27.43 -17.17
C GLU F 6 28.66 -27.46 -15.64
N LEU F 7 27.46 -27.80 -15.17
CA LEU F 7 27.11 -27.88 -13.73
C LEU F 7 27.92 -29.00 -13.06
N ARG F 8 28.22 -30.08 -13.80
CA ARG F 8 29.03 -31.24 -13.33
C ARG F 8 30.50 -30.83 -13.21
N ASP F 9 30.95 -29.91 -14.07
CA ASP F 9 32.35 -29.37 -14.07
C ASP F 9 32.59 -28.54 -12.81
N LEU F 10 31.63 -27.68 -12.43
CA LEU F 10 31.74 -26.75 -11.28
C LEU F 10 31.61 -27.49 -9.95
N MET F 11 31.00 -28.70 -9.95
CA MET F 11 30.80 -29.56 -8.75
C MET F 11 32.00 -30.50 -8.57
N SER F 12 32.97 -30.47 -9.49
CA SER F 12 34.27 -31.21 -9.41
C SER F 12 35.34 -30.32 -8.76
N GLN F 13 35.22 -29.00 -8.90
CA GLN F 13 36.00 -27.99 -8.11
C GLN F 13 35.30 -27.78 -6.77
N SER F 14 35.96 -28.14 -5.66
CA SER F 14 35.34 -28.31 -4.32
C SER F 14 35.09 -26.98 -3.62
N ARG F 15 35.53 -25.85 -4.19
CA ARG F 15 35.30 -24.48 -3.67
C ARG F 15 34.00 -23.92 -4.27
N THR F 16 33.84 -24.04 -5.60
CA THR F 16 32.62 -23.69 -6.38
C THR F 16 31.48 -24.64 -5.97
N ARG F 17 31.83 -25.86 -5.54
CA ARG F 17 30.91 -26.92 -5.05
C ARG F 17 30.21 -26.47 -3.76
N GLU F 18 30.94 -25.77 -2.89
CA GLU F 18 30.49 -25.37 -1.52
C GLU F 18 29.85 -23.98 -1.55
N ILE F 19 29.70 -23.37 -2.74
CA ILE F 19 28.90 -22.13 -2.97
C ILE F 19 27.55 -22.50 -3.58
N LEU F 20 27.41 -23.71 -4.15
CA LEU F 20 26.20 -24.20 -4.86
C LEU F 20 25.29 -24.98 -3.91
N THR F 21 25.85 -25.77 -2.99
CA THR F 21 25.10 -26.63 -2.04
C THR F 21 24.69 -25.83 -0.80
N LYS F 22 25.47 -24.81 -0.41
CA LYS F 22 25.19 -23.93 0.76
C LYS F 22 24.16 -22.86 0.37
N THR F 23 24.53 -21.97 -0.54
CA THR F 23 23.73 -20.78 -0.96
C THR F 23 22.35 -21.23 -1.46
N THR F 24 21.31 -20.45 -1.15
CA THR F 24 19.90 -20.69 -1.57
C THR F 24 19.52 -19.62 -2.61
N VAL F 25 18.43 -19.87 -3.36
CA VAL F 25 17.92 -18.96 -4.44
C VAL F 25 17.50 -17.62 -3.82
N ASP F 26 16.94 -17.64 -2.61
CA ASP F 26 16.50 -16.44 -1.84
C ASP F 26 17.72 -15.60 -1.43
N HIS F 27 18.84 -16.26 -1.10
CA HIS F 27 20.08 -15.63 -0.55
C HIS F 27 21.14 -15.49 -1.65
N MET F 28 20.71 -15.19 -2.88
CA MET F 28 21.59 -14.76 -4.01
C MET F 28 21.49 -13.24 -4.16
N ALA F 29 20.27 -12.69 -3.99
CA ALA F 29 19.96 -11.25 -4.05
C ALA F 29 20.65 -10.51 -2.89
N ILE F 30 20.80 -11.18 -1.75
CA ILE F 30 21.40 -10.61 -0.50
C ILE F 30 22.93 -10.59 -0.66
N ILE F 31 23.50 -11.56 -1.39
CA ILE F 31 24.96 -11.63 -1.71
C ILE F 31 25.32 -10.54 -2.73
N LYS F 32 24.39 -10.22 -3.65
CA LYS F 32 24.59 -9.26 -4.77
C LYS F 32 24.39 -7.82 -4.28
N LYS F 33 23.47 -7.60 -3.34
CA LYS F 33 23.06 -6.25 -2.86
C LYS F 33 24.27 -5.46 -2.35
N TYR F 34 25.00 -5.99 -1.37
CA TYR F 34 26.03 -5.25 -0.59
C TYR F 34 27.32 -5.07 -1.40
N THR F 35 27.44 -5.74 -2.56
CA THR F 35 28.57 -5.57 -3.52
C THR F 35 28.30 -4.37 -4.44
N SER F 36 27.03 -3.94 -4.54
CA SER F 36 26.59 -2.74 -5.30
C SER F 36 26.91 -1.46 -4.51
N GLY F 37 27.12 -1.60 -3.19
CA GLY F 37 27.54 -0.52 -2.26
C GLY F 37 29.05 -0.45 -2.08
N ARG F 38 29.78 -1.51 -2.45
CA ARG F 38 31.27 -1.56 -2.43
C ARG F 38 31.81 -0.84 -3.67
N GLN F 39 31.01 -0.76 -4.74
CA GLN F 39 31.27 0.08 -5.94
C GLN F 39 31.22 1.57 -5.54
N GLU F 40 30.36 1.92 -4.58
CA GLU F 40 30.15 3.31 -4.08
C GLU F 40 31.40 3.79 -3.33
N LYS F 41 32.05 2.91 -2.56
CA LYS F 41 33.39 3.14 -1.94
C LYS F 41 33.31 4.23 -0.87
N ASN F 42 32.37 5.18 -0.98
CA ASN F 42 32.00 6.14 0.09
C ASN F 42 31.30 5.39 1.22
N PRO F 43 31.92 5.25 2.41
CA PRO F 43 31.41 4.40 3.49
C PRO F 43 30.09 4.91 4.09
N ALA F 44 29.88 6.22 4.07
CA ALA F 44 28.63 6.91 4.52
C ALA F 44 27.42 6.30 3.79
N LEU F 45 27.53 6.12 2.47
CA LEU F 45 26.45 5.49 1.65
C LEU F 45 26.40 3.99 1.96
N ARG F 46 27.55 3.30 1.89
CA ARG F 46 27.67 1.83 2.13
C ARG F 46 26.90 1.45 3.40
N MET F 47 26.94 2.31 4.44
CA MET F 47 26.17 2.12 5.69
C MET F 47 24.68 2.29 5.39
N LYS F 48 24.28 3.45 4.86
CA LYS F 48 22.86 3.73 4.46
C LYS F 48 22.34 2.58 3.62
N TRP F 49 23.16 2.10 2.68
CA TRP F 49 22.88 0.93 1.79
C TRP F 49 22.56 -0.30 2.65
N MET F 50 23.43 -0.62 3.62
CA MET F 50 23.33 -1.85 4.47
C MET F 50 22.15 -1.75 5.44
N MET F 51 21.89 -0.57 6.00
CA MET F 51 20.81 -0.36 7.01
C MET F 51 19.45 -0.58 6.36
N ALA F 52 19.38 -0.46 5.02
CA ALA F 52 18.19 -0.80 4.19
C ALA F 52 17.90 -2.30 4.29
N MET F 53 18.93 -3.14 4.37
CA MET F 53 18.81 -4.62 4.37
C MET F 53 18.13 -5.06 5.68
N LYS F 54 17.57 -6.27 5.68
CA LYS F 54 16.83 -6.87 6.84
C LYS F 54 17.82 -7.06 7.99
N TYR F 55 18.96 -7.73 7.71
CA TYR F 55 19.96 -8.20 8.70
C TYR F 55 21.37 -7.78 8.25
N PRO F 56 21.80 -6.53 8.53
CA PRO F 56 23.15 -6.09 8.20
C PRO F 56 24.23 -6.31 9.28
N ILE F 57 23.84 -6.42 10.55
CA ILE F 57 24.77 -6.52 11.72
C ILE F 57 25.09 -8.00 11.99
N THR F 58 26.36 -8.31 12.28
CA THR F 58 26.87 -9.64 12.66
C THR F 58 26.96 -9.75 14.19
N ALA F 59 26.76 -10.96 14.72
CA ALA F 59 26.83 -11.26 16.18
C ALA F 59 27.19 -12.74 16.39
N ASP F 60 27.60 -13.09 17.61
CA ASP F 60 27.86 -14.50 18.05
C ASP F 60 26.57 -15.31 17.91
N LYS F 61 26.68 -16.63 17.67
CA LYS F 61 25.51 -17.55 17.51
C LYS F 61 24.73 -17.66 18.83
N ARG F 62 25.31 -17.26 19.96
CA ARG F 62 24.68 -17.39 21.30
C ARG F 62 23.50 -16.42 21.43
N ILE F 63 23.44 -15.39 20.58
CA ILE F 63 22.30 -14.42 20.50
C ILE F 63 20.99 -15.19 20.34
N MET F 64 21.01 -16.26 19.53
CA MET F 64 19.81 -17.08 19.19
C MET F 64 19.26 -17.75 20.45
N GLU F 65 20.12 -18.03 21.44
CA GLU F 65 19.74 -18.59 22.76
C GLU F 65 19.31 -17.46 23.72
N MET F 66 19.79 -16.24 23.49
CA MET F 66 19.68 -15.10 24.44
C MET F 66 18.43 -14.25 24.16
N ILE F 67 18.24 -13.80 22.91
CA ILE F 67 17.07 -12.98 22.48
C ILE F 67 16.19 -13.83 21.56
N PRO F 68 14.86 -13.56 21.51
CA PRO F 68 13.94 -14.37 20.72
C PRO F 68 14.09 -14.08 19.23
N GLU F 69 13.55 -14.97 18.39
CA GLU F 69 13.62 -14.86 16.91
C GLU F 69 12.77 -13.66 16.45
N ARG F 70 11.57 -13.52 17.02
CA ARG F 70 10.63 -12.40 16.73
C ARG F 70 10.27 -11.67 18.03
N ASN F 71 9.91 -10.39 17.92
CA ASN F 71 9.47 -9.54 19.05
C ASN F 71 7.95 -9.67 19.22
N GLU F 72 7.34 -8.83 20.06
CA GLU F 72 5.89 -8.87 20.40
C GLU F 72 5.04 -8.61 19.14
N GLN F 73 5.53 -7.74 18.23
CA GLN F 73 4.83 -7.32 16.98
C GLN F 73 5.08 -8.33 15.85
N GLY F 74 5.93 -9.34 16.09
CA GLY F 74 6.24 -10.42 15.14
C GLY F 74 7.29 -10.00 14.12
N GLN F 75 8.19 -9.09 14.48
CA GLN F 75 9.34 -8.66 13.64
C GLN F 75 10.51 -9.62 13.88
N THR F 76 11.13 -10.13 12.82
CA THR F 76 12.31 -11.04 12.90
C THR F 76 13.53 -10.22 13.32
N LEU F 77 14.21 -10.66 14.38
CA LEU F 77 15.33 -9.93 15.04
C LEU F 77 16.68 -10.49 14.56
N TRP F 78 16.75 -11.76 14.19
CA TRP F 78 17.96 -12.43 13.63
C TRP F 78 17.56 -13.55 12.66
N SER F 79 18.53 -14.02 11.86
CA SER F 79 18.37 -15.11 10.86
C SER F 79 19.59 -16.04 10.90
N LYS F 80 19.37 -17.35 10.78
CA LYS F 80 20.44 -18.37 10.69
C LYS F 80 21.09 -18.29 9.30
N THR F 81 21.99 -17.30 9.12
CA THR F 81 22.67 -17.01 7.83
C THR F 81 24.16 -17.35 7.95
N ASN F 82 24.80 -17.62 6.82
CA ASN F 82 26.26 -17.88 6.71
C ASN F 82 27.01 -16.54 6.75
N ASP F 83 27.89 -16.36 7.75
CA ASP F 83 28.87 -15.24 7.84
C ASP F 83 30.24 -15.76 7.38
N ALA F 84 31.15 -14.84 7.05
CA ALA F 84 32.42 -15.12 6.32
C ALA F 84 33.29 -16.12 7.08
N GLY F 85 33.94 -15.67 8.18
CA GLY F 85 35.07 -16.35 8.83
C GLY F 85 34.67 -17.54 9.71
N SER F 86 33.53 -17.45 10.42
CA SER F 86 33.14 -18.41 11.49
C SER F 86 31.61 -18.58 11.56
N ASP F 87 31.10 -19.02 12.71
CA ASP F 87 29.67 -19.37 12.95
C ASP F 87 28.94 -18.19 13.62
N ARG F 88 29.34 -16.95 13.28
CA ARG F 88 28.56 -15.71 13.58
C ARG F 88 27.32 -15.70 12.67
N VAL F 89 26.23 -15.07 13.11
CA VAL F 89 24.93 -15.00 12.39
C VAL F 89 24.55 -13.54 12.15
N MET F 90 23.58 -13.31 11.26
CA MET F 90 23.14 -11.97 10.82
C MET F 90 21.94 -11.49 11.66
N VAL F 91 21.95 -10.21 12.02
CA VAL F 91 21.07 -9.60 13.07
C VAL F 91 20.56 -8.25 12.58
N SER F 92 19.30 -7.92 12.86
CA SER F 92 18.65 -6.63 12.54
C SER F 92 18.91 -5.64 13.67
N PRO F 93 19.12 -4.34 13.38
CA PRO F 93 19.36 -3.35 14.44
C PRO F 93 18.24 -3.30 15.48
N LEU F 94 17.09 -3.92 15.19
CA LEU F 94 15.96 -4.13 16.13
C LEU F 94 16.48 -4.85 17.39
N ALA F 95 17.32 -5.88 17.18
CA ALA F 95 17.87 -6.77 18.22
C ALA F 95 18.67 -5.96 19.25
N VAL F 96 19.47 -5.00 18.79
CA VAL F 96 20.31 -4.12 19.66
C VAL F 96 19.38 -3.34 20.60
N THR F 97 18.35 -2.71 20.05
CA THR F 97 17.32 -1.97 20.82
C THR F 97 16.59 -2.96 21.74
N TRP F 98 16.22 -4.13 21.21
CA TRP F 98 15.54 -5.20 22.00
C TRP F 98 16.38 -5.53 23.24
N TRP F 99 17.68 -5.76 23.06
CA TRP F 99 18.65 -6.06 24.15
C TRP F 99 18.63 -4.92 25.17
N ASN F 100 18.63 -3.68 24.70
CA ASN F 100 18.72 -2.46 25.56
C ASN F 100 17.40 -2.24 26.33
N ARG F 101 16.36 -3.05 26.08
CA ARG F 101 15.07 -2.89 26.80
C ARG F 101 14.66 -4.18 27.52
N ASN F 102 15.21 -5.34 27.16
CA ASN F 102 14.84 -6.65 27.78
C ASN F 102 16.07 -7.51 28.13
N GLY F 103 17.29 -7.02 27.89
CA GLY F 103 18.52 -7.84 28.03
C GLY F 103 18.82 -8.17 29.49
N PRO F 104 19.92 -8.91 29.77
CA PRO F 104 20.45 -9.08 31.12
C PRO F 104 21.17 -7.83 31.66
N THR F 105 21.02 -7.55 32.96
CA THR F 105 21.63 -6.40 33.67
C THR F 105 22.83 -6.89 34.49
N THR F 106 24.04 -6.51 34.07
CA THR F 106 25.29 -6.63 34.87
C THR F 106 25.47 -5.33 35.68
N SER F 107 26.25 -5.39 36.77
CA SER F 107 26.50 -4.24 37.67
C SER F 107 27.61 -3.37 37.09
N THR F 108 27.30 -2.09 36.80
CA THR F 108 28.20 -1.12 36.11
C THR F 108 28.72 -0.09 37.10
N VAL F 109 29.27 -0.56 38.23
CA VAL F 109 29.89 0.30 39.28
C VAL F 109 31.35 0.59 38.91
N HIS F 110 31.97 -0.30 38.11
CA HIS F 110 33.40 -0.27 37.73
C HIS F 110 33.65 0.60 36.49
N TYR F 111 32.59 1.08 35.83
CA TYR F 111 32.65 1.74 34.50
C TYR F 111 33.11 3.19 34.59
N PRO F 112 32.73 3.96 35.64
CA PRO F 112 33.37 5.25 35.90
C PRO F 112 34.88 5.18 36.16
N LYS F 113 35.38 4.01 36.61
CA LYS F 113 36.79 3.77 37.00
C LYS F 113 37.57 3.08 35.87
N VAL F 114 36.90 2.29 35.02
CA VAL F 114 37.50 1.66 33.81
C VAL F 114 37.71 2.73 32.73
N TYR F 115 36.71 3.59 32.51
CA TYR F 115 36.73 4.70 31.54
C TYR F 115 36.99 6.03 32.27
N LYS F 116 37.91 6.04 33.23
CA LYS F 116 38.27 7.24 34.05
C LYS F 116 38.83 8.34 33.13
N THR F 117 39.67 7.95 32.17
CA THR F 117 40.31 8.82 31.13
C THR F 117 39.23 9.64 30.40
N TYR F 118 38.06 9.03 30.12
CA TYR F 118 36.91 9.64 29.42
C TYR F 118 36.07 10.48 30.40
N PHE F 119 35.71 9.88 31.54
CA PHE F 119 34.79 10.42 32.59
C PHE F 119 35.34 11.72 33.19
N GLU F 120 36.67 11.89 33.20
CA GLU F 120 37.36 13.06 33.85
C GLU F 120 37.09 14.34 33.06
N LYS F 121 36.70 14.23 31.79
CA LYS F 121 36.36 15.40 30.92
C LYS F 121 35.05 16.02 31.40
N VAL F 122 34.19 15.25 32.07
CA VAL F 122 32.87 15.70 32.60
C VAL F 122 33.08 16.47 33.91
N GLU F 123 34.06 16.06 34.72
CA GLU F 123 34.33 16.60 36.08
C GLU F 123 34.72 18.09 36.00
N ARG F 124 35.49 18.48 34.97
CA ARG F 124 35.96 19.86 34.76
C ARG F 124 34.79 20.77 34.35
N LEU F 125 33.72 20.19 33.79
CA LEU F 125 32.48 20.91 33.38
C LEU F 125 31.32 20.46 34.28
#